data_1MV3
#
_entry.id   1MV3
#
_entity_poly.entity_id   1
_entity_poly.type   'polypeptide(L)'
_entity_poly.pdbx_seq_one_letter_code
;DGSPAATPEIRVNHEPEPAGGATPGATLPKSPSQLRKGPPVPPPPKHTPSKEVKQEQILSLFEDTFVPEISVTTPSQPAE
ASEVAGGTQPAAGAQEPGETAASEAASSSLPAVVVETFPATVNGTVEGGSGAGRLDLPPGFMFKVQAQHDYTATDTDELQ
LKAGDVVLVIPFQNPEEQDEGWLMGVKESDWNQHKKLEKCRGVFPENFTERVP
;
_entity_poly.pdbx_strand_id   A
#
# COMPACT_ATOMS: atom_id res chain seq x y z
N ASP A 1 -14.21 -38.12 -16.16
CA ASP A 1 -14.63 -39.46 -16.53
C ASP A 1 -16.07 -39.41 -17.05
N GLY A 2 -16.94 -38.79 -16.25
CA GLY A 2 -18.34 -38.66 -16.62
C GLY A 2 -19.08 -37.75 -15.65
N SER A 3 -19.20 -36.48 -16.05
CA SER A 3 -19.89 -35.50 -15.22
C SER A 3 -20.26 -34.30 -16.08
N PRO A 4 -21.60 -34.08 -16.21
CA PRO A 4 -22.11 -32.97 -16.99
C PRO A 4 -21.96 -31.66 -16.23
N ALA A 5 -22.40 -30.58 -16.87
CA ALA A 5 -22.31 -29.26 -16.27
C ALA A 5 -23.42 -28.37 -16.83
N ALA A 6 -23.54 -27.19 -16.26
CA ALA A 6 -24.55 -26.25 -16.69
C ALA A 6 -24.22 -24.85 -16.14
N THR A 7 -24.85 -23.85 -16.74
CA THR A 7 -24.63 -22.48 -16.32
C THR A 7 -25.95 -21.71 -16.26
N PRO A 8 -26.38 -21.40 -15.01
CA PRO A 8 -27.62 -20.68 -14.80
C PRO A 8 -27.47 -19.21 -15.15
N GLU A 9 -28.60 -18.51 -15.19
CA GLU A 9 -28.59 -17.09 -15.51
C GLU A 9 -29.74 -16.39 -14.79
N ILE A 10 -29.78 -15.07 -14.94
CA ILE A 10 -30.82 -14.27 -14.31
C ILE A 10 -30.81 -12.86 -14.91
N ARG A 11 -31.89 -12.15 -14.67
CA ARG A 11 -32.01 -10.79 -15.18
C ARG A 11 -33.03 -10.00 -14.35
N VAL A 12 -33.03 -8.69 -14.55
CA VAL A 12 -33.94 -7.82 -13.84
C VAL A 12 -34.24 -6.59 -14.68
N ASN A 13 -35.47 -6.11 -14.58
CA ASN A 13 -35.89 -4.94 -15.33
C ASN A 13 -36.96 -4.19 -14.54
N HIS A 14 -37.04 -2.89 -14.81
CA HIS A 14 -38.01 -2.05 -14.13
C HIS A 14 -38.09 -0.69 -14.83
N GLU A 15 -39.12 0.06 -14.48
CA GLU A 15 -39.32 1.38 -15.08
C GLU A 15 -40.15 2.26 -14.13
N PRO A 16 -39.55 3.41 -13.74
CA PRO A 16 -40.20 4.34 -12.85
C PRO A 16 -41.30 5.12 -13.58
N GLU A 17 -42.05 5.88 -12.82
CA GLU A 17 -43.13 6.68 -13.38
C GLU A 17 -43.22 8.04 -12.66
N PRO A 18 -42.93 9.11 -13.43
CA PRO A 18 -42.98 10.46 -12.88
C PRO A 18 -44.42 10.93 -12.69
N ALA A 19 -44.56 12.16 -12.22
CA ALA A 19 -45.87 12.73 -12.00
C ALA A 19 -45.77 14.26 -12.01
N GLY A 20 -46.88 14.90 -11.67
CA GLY A 20 -46.92 16.35 -11.65
C GLY A 20 -48.15 16.84 -10.88
N GLY A 21 -48.27 18.16 -10.81
CA GLY A 21 -49.39 18.78 -10.11
C GLY A 21 -49.57 20.23 -10.54
N ALA A 22 -50.38 20.95 -9.78
CA ALA A 22 -50.65 22.35 -10.07
C ALA A 22 -50.64 23.15 -8.76
N THR A 23 -50.26 24.41 -8.88
CA THR A 23 -50.21 25.29 -7.72
C THR A 23 -50.96 26.59 -8.00
N PRO A 24 -52.29 26.57 -7.69
CA PRO A 24 -53.12 27.73 -7.90
C PRO A 24 -52.86 28.80 -6.84
N GLY A 25 -53.22 30.03 -7.19
CA GLY A 25 -53.02 31.14 -6.27
C GLY A 25 -54.36 31.80 -5.91
N ALA A 26 -54.33 33.11 -5.80
CA ALA A 26 -55.53 33.87 -5.47
C ALA A 26 -55.35 35.33 -5.88
N THR A 27 -56.46 36.04 -5.96
CA THR A 27 -56.43 37.43 -6.35
C THR A 27 -57.23 38.28 -5.35
N LEU A 28 -57.03 39.59 -5.43
CA LEU A 28 -57.72 40.50 -4.54
C LEU A 28 -57.90 41.86 -5.24
N PRO A 29 -58.79 41.87 -6.26
CA PRO A 29 -59.05 43.07 -7.01
C PRO A 29 -59.91 44.05 -6.21
N LYS A 30 -59.70 45.33 -6.46
CA LYS A 30 -60.44 46.37 -5.76
C LYS A 30 -61.23 47.19 -6.78
N SER A 31 -62.15 47.99 -6.26
CA SER A 31 -62.97 48.84 -7.11
C SER A 31 -62.66 50.31 -6.84
N PRO A 32 -62.24 51.01 -7.93
CA PRO A 32 -61.90 52.42 -7.83
C PRO A 32 -63.17 53.27 -7.74
N SER A 33 -63.00 54.44 -7.14
CA SER A 33 -64.12 55.37 -6.98
C SER A 33 -64.44 56.03 -8.32
N GLN A 34 -65.57 55.63 -8.90
CA GLN A 34 -65.99 56.18 -10.17
C GLN A 34 -67.03 57.28 -9.95
N LEU A 35 -66.87 58.35 -10.71
CA LEU A 35 -67.78 59.49 -10.61
C LEU A 35 -67.65 60.12 -9.22
N ARG A 36 -66.42 60.36 -8.82
CA ARG A 36 -66.14 60.95 -7.53
C ARG A 36 -66.55 62.42 -7.53
N LYS A 37 -66.94 62.89 -6.35
CA LYS A 37 -67.35 64.28 -6.21
C LYS A 37 -66.79 64.83 -4.89
N GLY A 38 -66.88 66.15 -4.77
CA GLY A 38 -66.39 66.82 -3.57
C GLY A 38 -67.32 67.97 -3.17
N PRO A 39 -66.97 68.60 -2.01
CA PRO A 39 -67.76 69.72 -1.50
C PRO A 39 -67.51 70.98 -2.32
N PRO A 40 -68.54 71.87 -2.34
CA PRO A 40 -68.44 73.12 -3.07
C PRO A 40 -67.56 74.12 -2.33
N VAL A 41 -67.07 75.09 -3.08
CA VAL A 41 -66.21 76.12 -2.52
C VAL A 41 -66.97 77.46 -2.50
N PRO A 42 -67.41 77.85 -1.27
CA PRO A 42 -68.14 79.10 -1.11
C PRO A 42 -67.19 80.30 -1.19
N PRO A 43 -67.55 81.25 -2.10
CA PRO A 43 -66.74 82.44 -2.29
C PRO A 43 -66.93 83.42 -1.13
N PRO A 44 -66.04 84.44 -1.08
CA PRO A 44 -66.10 85.45 -0.03
C PRO A 44 -67.25 86.43 -0.29
N PRO A 45 -67.61 87.17 0.80
CA PRO A 45 -68.69 88.14 0.69
C PRO A 45 -68.23 89.40 -0.06
N LYS A 46 -67.12 89.95 0.39
CA LYS A 46 -66.56 91.14 -0.23
C LYS A 46 -65.06 90.95 -0.45
N HIS A 47 -64.57 91.54 -1.52
CA HIS A 47 -63.16 91.45 -1.85
C HIS A 47 -62.58 92.85 -2.03
N THR A 48 -62.98 93.50 -3.11
CA THR A 48 -62.51 94.84 -3.40
C THR A 48 -63.35 95.48 -4.50
N PRO A 49 -64.12 96.54 -4.10
CA PRO A 49 -64.97 97.23 -5.04
C PRO A 49 -64.15 98.14 -5.96
N SER A 50 -64.79 98.57 -7.04
CA SER A 50 -64.13 99.44 -8.01
C SER A 50 -65.18 100.23 -8.80
N LYS A 51 -64.69 101.12 -9.64
CA LYS A 51 -65.56 101.94 -10.46
C LYS A 51 -64.72 102.67 -11.52
N GLU A 52 -65.42 103.39 -12.39
CA GLU A 52 -64.76 104.14 -13.44
C GLU A 52 -65.53 105.43 -13.75
N VAL A 53 -64.82 106.54 -13.66
CA VAL A 53 -65.42 107.83 -13.92
C VAL A 53 -64.50 108.66 -14.82
N LYS A 54 -64.99 108.98 -16.00
CA LYS A 54 -64.22 109.75 -16.95
C LYS A 54 -64.94 111.07 -17.25
N GLN A 55 -64.16 112.09 -17.52
CA GLN A 55 -64.72 113.41 -17.81
C GLN A 55 -63.84 114.14 -18.83
N GLU A 56 -64.28 115.33 -19.20
CA GLU A 56 -63.56 116.14 -20.16
C GLU A 56 -63.97 117.60 -20.05
N GLN A 57 -63.31 118.44 -20.83
CA GLN A 57 -63.61 119.86 -20.83
C GLN A 57 -62.80 120.57 -21.93
N ILE A 58 -63.39 121.64 -22.44
CA ILE A 58 -62.74 122.41 -23.49
C ILE A 58 -62.61 123.88 -23.04
N LEU A 59 -61.60 124.53 -23.56
CA LEU A 59 -61.35 125.93 -23.22
C LEU A 59 -60.91 126.68 -24.49
N SER A 60 -60.77 127.99 -24.33
CA SER A 60 -60.37 128.84 -25.44
C SER A 60 -59.22 129.75 -24.99
N LEU A 61 -58.82 130.61 -25.91
CA LEU A 61 -57.73 131.55 -25.64
C LEU A 61 -57.95 132.83 -26.44
N PHE A 62 -57.06 133.79 -26.21
CA PHE A 62 -57.15 135.07 -26.90
C PHE A 62 -55.98 135.97 -26.51
N GLU A 63 -55.93 137.13 -27.17
CA GLU A 63 -54.88 138.09 -26.90
C GLU A 63 -55.09 139.36 -27.74
N ASP A 64 -54.23 140.33 -27.52
CA ASP A 64 -54.31 141.59 -28.23
C ASP A 64 -53.28 142.58 -27.66
N THR A 65 -53.05 143.64 -28.42
CA THR A 65 -52.11 144.66 -28.00
C THR A 65 -52.16 145.86 -28.94
N PHE A 66 -51.96 147.03 -28.36
CA PHE A 66 -51.99 148.26 -29.13
C PHE A 66 -51.67 149.47 -28.25
N VAL A 67 -51.79 150.65 -28.84
CA VAL A 67 -51.52 151.88 -28.12
C VAL A 67 -50.10 151.84 -27.57
N PRO A 68 -49.18 152.52 -28.30
CA PRO A 68 -47.78 152.56 -27.89
C PRO A 68 -47.59 153.51 -26.71
N GLU A 69 -46.38 153.50 -26.17
CA GLU A 69 -46.05 154.35 -25.04
C GLU A 69 -44.86 155.25 -25.37
N ILE A 70 -45.18 156.47 -25.75
CA ILE A 70 -44.14 157.44 -26.11
C ILE A 70 -44.25 158.66 -25.19
N SER A 71 -43.16 159.39 -25.09
CA SER A 71 -43.11 160.58 -24.26
C SER A 71 -41.70 161.17 -24.25
N VAL A 72 -41.63 162.44 -24.62
CA VAL A 72 -40.35 163.13 -24.67
C VAL A 72 -40.40 164.34 -23.74
N THR A 73 -39.22 164.81 -23.37
CA THR A 73 -39.10 165.96 -22.48
C THR A 73 -37.88 166.79 -22.85
N THR A 74 -38.06 168.10 -22.77
CA THR A 74 -36.99 169.03 -23.08
C THR A 74 -37.00 170.21 -22.11
N PRO A 75 -36.18 170.08 -21.03
CA PRO A 75 -36.09 171.11 -20.02
C PRO A 75 -35.26 172.30 -20.53
N SER A 76 -35.37 173.40 -19.82
CA SER A 76 -34.64 174.60 -20.18
C SER A 76 -34.78 175.66 -19.08
N GLN A 77 -33.78 176.54 -19.02
CA GLN A 77 -33.79 177.60 -18.02
C GLN A 77 -32.56 178.49 -18.21
N PRO A 78 -32.84 179.77 -18.58
CA PRO A 78 -31.77 180.74 -18.79
C PRO A 78 -31.20 181.22 -17.46
N ALA A 79 -30.49 182.34 -17.52
CA ALA A 79 -29.89 182.92 -16.33
C ALA A 79 -29.40 184.33 -16.64
N GLU A 80 -28.95 185.00 -15.60
CA GLU A 80 -28.45 186.37 -15.74
C GLU A 80 -28.00 186.91 -14.40
N ALA A 81 -27.40 188.10 -14.44
CA ALA A 81 -26.92 188.74 -13.23
C ALA A 81 -26.37 190.12 -13.58
N SER A 82 -25.97 190.85 -12.54
CA SER A 82 -25.43 192.18 -12.73
C SER A 82 -25.02 192.77 -11.37
N GLU A 83 -24.32 193.90 -11.44
CA GLU A 83 -23.86 194.56 -10.24
C GLU A 83 -23.71 196.07 -10.49
N VAL A 84 -23.43 196.79 -9.42
CA VAL A 84 -23.25 198.23 -9.51
C VAL A 84 -22.05 198.65 -8.65
N ALA A 85 -22.19 198.45 -7.35
CA ALA A 85 -21.14 198.80 -6.42
C ALA A 85 -20.93 200.32 -6.43
N GLY A 86 -20.23 200.79 -5.42
CA GLY A 86 -19.96 202.22 -5.29
C GLY A 86 -18.65 202.46 -4.54
N GLY A 87 -17.56 201.98 -5.12
CA GLY A 87 -16.25 202.14 -4.52
C GLY A 87 -16.30 201.84 -3.02
N THR A 88 -15.20 202.16 -2.35
CA THR A 88 -15.10 201.93 -0.92
C THR A 88 -15.74 200.59 -0.55
N GLN A 89 -15.14 199.52 -1.07
CA GLN A 89 -15.63 198.18 -0.80
C GLN A 89 -14.75 197.14 -1.49
N PRO A 90 -13.74 196.65 -0.72
CA PRO A 90 -12.82 195.66 -1.25
C PRO A 90 -13.48 194.28 -1.33
N ALA A 91 -12.98 193.47 -2.24
CA ALA A 91 -13.50 192.13 -2.42
C ALA A 91 -12.45 191.10 -1.98
N ALA A 92 -12.93 189.90 -1.70
CA ALA A 92 -12.06 188.83 -1.27
C ALA A 92 -12.71 187.48 -1.59
N GLY A 93 -13.86 187.26 -0.97
CA GLY A 93 -14.59 186.02 -1.19
C GLY A 93 -14.68 185.68 -2.67
N ALA A 94 -15.00 184.42 -2.94
CA ALA A 94 -15.12 183.96 -4.31
C ALA A 94 -16.11 182.79 -4.36
N GLN A 95 -16.42 182.37 -5.58
CA GLN A 95 -17.35 181.27 -5.78
C GLN A 95 -16.67 179.94 -5.50
N GLU A 96 -17.48 178.90 -5.39
CA GLU A 96 -16.97 177.57 -5.12
C GLU A 96 -17.39 176.60 -6.23
N PRO A 97 -16.47 175.67 -6.56
CA PRO A 97 -16.74 174.69 -7.60
C PRO A 97 -17.70 173.61 -7.10
N GLY A 98 -17.88 172.59 -7.93
CA GLY A 98 -18.77 171.49 -7.60
C GLY A 98 -18.31 170.20 -8.25
N GLU A 99 -18.65 170.07 -9.53
CA GLU A 99 -18.29 168.88 -10.28
C GLU A 99 -18.92 167.64 -9.66
N THR A 100 -19.36 166.73 -10.53
CA THR A 100 -19.98 165.51 -10.08
C THR A 100 -19.42 164.31 -10.85
N ALA A 101 -20.01 163.16 -10.59
CA ALA A 101 -19.58 161.93 -11.25
C ALA A 101 -20.80 161.04 -11.51
N ALA A 102 -20.53 159.86 -12.04
CA ALA A 102 -21.59 158.91 -12.33
C ALA A 102 -20.97 157.53 -12.61
N SER A 103 -21.84 156.58 -12.89
CA SER A 103 -21.40 155.22 -13.17
C SER A 103 -22.55 154.41 -13.77
N GLU A 104 -22.21 153.23 -14.25
CA GLU A 104 -23.19 152.34 -14.86
C GLU A 104 -22.73 150.89 -14.76
N ALA A 105 -23.58 150.00 -15.27
CA ALA A 105 -23.28 148.58 -15.25
C ALA A 105 -24.34 147.82 -16.05
N ALA A 106 -24.12 146.52 -16.16
CA ALA A 106 -25.05 145.67 -16.90
C ALA A 106 -24.56 144.22 -16.85
N SER A 107 -25.42 143.33 -17.31
CA SER A 107 -25.09 141.91 -17.33
C SER A 107 -26.30 141.10 -17.79
N SER A 108 -26.03 139.85 -18.13
CA SER A 108 -27.09 138.95 -18.59
C SER A 108 -26.48 137.62 -19.04
N SER A 109 -27.36 136.71 -19.42
CA SER A 109 -26.93 135.39 -19.88
C SER A 109 -28.08 134.70 -20.63
N LEU A 110 -27.80 133.48 -21.06
CA LEU A 110 -28.79 132.70 -21.78
C LEU A 110 -28.28 131.27 -21.96
N PRO A 111 -28.64 130.41 -20.97
CA PRO A 111 -28.22 129.02 -21.00
C PRO A 111 -29.04 128.23 -22.03
N ALA A 112 -28.88 126.91 -21.97
CA ALA A 112 -29.59 126.04 -22.89
C ALA A 112 -29.63 124.63 -22.31
N VAL A 113 -30.45 123.79 -22.92
CA VAL A 113 -30.59 122.41 -22.48
C VAL A 113 -31.19 121.58 -23.61
N VAL A 114 -30.57 120.43 -23.86
CA VAL A 114 -31.04 119.53 -24.90
C VAL A 114 -31.74 118.34 -24.27
N VAL A 115 -32.62 117.71 -25.05
CA VAL A 115 -33.35 116.56 -24.57
C VAL A 115 -33.93 115.80 -25.76
N GLU A 116 -33.58 114.52 -25.83
CA GLU A 116 -34.05 113.68 -26.92
C GLU A 116 -34.76 112.44 -26.36
N THR A 117 -35.36 111.68 -27.27
CA THR A 117 -36.07 110.47 -26.87
C THR A 117 -36.29 109.57 -28.09
N PHE A 118 -35.80 108.35 -27.98
CA PHE A 118 -35.94 107.38 -29.06
C PHE A 118 -36.75 106.17 -28.61
N PRO A 119 -37.83 105.88 -29.38
CA PRO A 119 -38.70 104.75 -29.07
C PRO A 119 -38.03 103.43 -29.44
N ALA A 120 -38.84 102.38 -29.47
CA ALA A 120 -38.35 101.05 -29.80
C ALA A 120 -39.48 100.05 -29.69
N THR A 121 -39.57 99.18 -30.69
CA THR A 121 -40.61 98.17 -30.72
C THR A 121 -40.05 96.86 -31.30
N VAL A 122 -40.83 95.80 -31.12
CA VAL A 122 -40.44 94.50 -31.63
C VAL A 122 -41.60 93.52 -31.49
N ASN A 123 -41.82 92.75 -32.54
CA ASN A 123 -42.90 91.78 -32.55
C ASN A 123 -42.59 90.69 -33.58
N GLY A 124 -43.17 89.52 -33.36
CA GLY A 124 -42.97 88.39 -34.25
C GLY A 124 -42.29 87.24 -33.52
N THR A 125 -43.07 86.55 -32.70
CA THR A 125 -42.56 85.42 -31.95
C THR A 125 -43.21 84.12 -32.43
N VAL A 126 -44.52 84.13 -32.47
CA VAL A 126 -45.27 82.96 -32.91
C VAL A 126 -44.63 82.39 -34.18
N GLU A 127 -44.47 81.08 -34.19
CA GLU A 127 -43.88 80.40 -35.32
C GLU A 127 -43.87 78.89 -35.10
N GLY A 128 -45.00 78.27 -35.40
CA GLY A 128 -45.13 76.84 -35.24
C GLY A 128 -46.57 76.46 -34.87
N GLY A 129 -46.73 75.87 -33.70
CA GLY A 129 -48.03 75.45 -33.24
C GLY A 129 -48.35 74.03 -33.68
N SER A 130 -48.57 73.89 -34.98
CA SER A 130 -48.89 72.59 -35.55
C SER A 130 -50.11 71.98 -34.85
N GLY A 131 -51.28 72.35 -35.37
CA GLY A 131 -52.53 71.85 -34.81
C GLY A 131 -53.72 72.29 -35.66
N ALA A 132 -54.90 72.16 -35.07
CA ALA A 132 -56.12 72.53 -35.77
C ALA A 132 -57.30 72.46 -34.78
N GLY A 133 -58.09 73.53 -34.79
CA GLY A 133 -59.25 73.60 -33.91
C GLY A 133 -60.49 73.08 -34.61
N ARG A 134 -61.62 73.20 -33.92
CA ARG A 134 -62.89 72.73 -34.45
C ARG A 134 -63.34 73.64 -35.60
N LEU A 135 -64.53 73.35 -36.12
CA LEU A 135 -65.08 74.13 -37.21
C LEU A 135 -66.40 74.76 -36.76
N ASP A 136 -67.19 73.98 -36.03
CA ASP A 136 -68.46 74.46 -35.53
C ASP A 136 -68.41 74.58 -34.02
N LEU A 137 -69.25 75.45 -33.49
CA LEU A 137 -69.31 75.67 -32.05
C LEU A 137 -70.22 74.63 -31.41
N PRO A 138 -70.03 74.44 -30.08
CA PRO A 138 -70.83 73.48 -29.34
C PRO A 138 -72.25 74.00 -29.11
N PRO A 139 -73.23 73.09 -29.36
CA PRO A 139 -74.64 73.45 -29.18
C PRO A 139 -75.01 73.51 -27.70
N GLY A 140 -75.87 74.45 -27.38
CA GLY A 140 -76.32 74.63 -26.01
C GLY A 140 -75.38 75.56 -25.25
N PHE A 141 -74.15 75.64 -25.72
CA PHE A 141 -73.16 76.49 -25.09
C PHE A 141 -73.78 77.78 -24.58
N MET A 142 -73.24 78.28 -23.49
CA MET A 142 -73.73 79.51 -22.88
C MET A 142 -72.73 80.65 -23.06
N PHE A 143 -71.60 80.51 -22.38
CA PHE A 143 -70.56 81.51 -22.45
C PHE A 143 -69.20 80.94 -22.01
N LYS A 144 -68.18 81.77 -22.14
CA LYS A 144 -66.84 81.35 -21.75
C LYS A 144 -66.53 81.86 -20.34
N VAL A 145 -65.81 81.05 -19.60
CA VAL A 145 -65.44 81.41 -18.23
C VAL A 145 -63.92 81.33 -18.08
N GLN A 146 -63.44 81.87 -16.97
CA GLN A 146 -62.02 81.86 -16.68
C GLN A 146 -61.77 81.44 -15.23
N ALA A 147 -60.93 80.42 -15.09
CA ALA A 147 -60.60 79.91 -13.77
C ALA A 147 -59.76 80.95 -13.02
N GLN A 148 -59.81 80.86 -11.70
CA GLN A 148 -59.07 81.78 -10.86
C GLN A 148 -58.14 81.02 -9.92
N HIS A 149 -58.21 79.70 -10.01
CA HIS A 149 -57.39 78.84 -9.17
C HIS A 149 -57.05 77.56 -9.93
N ASP A 150 -56.13 76.80 -9.35
CA ASP A 150 -55.71 75.54 -9.96
C ASP A 150 -56.26 74.38 -9.15
N TYR A 151 -57.33 73.77 -9.68
CA TYR A 151 -57.97 72.65 -9.02
C TYR A 151 -57.83 71.38 -9.85
N THR A 152 -57.00 70.47 -9.38
CA THR A 152 -56.78 69.22 -10.06
C THR A 152 -57.98 68.28 -9.86
N ALA A 153 -58.67 68.02 -10.95
CA ALA A 153 -59.84 67.15 -10.91
C ALA A 153 -59.53 65.85 -11.67
N THR A 154 -59.52 64.75 -10.94
CA THR A 154 -59.25 63.46 -11.54
C THR A 154 -60.42 62.51 -11.31
N ASP A 155 -61.31 62.46 -12.30
CA ASP A 155 -62.47 61.59 -12.21
C ASP A 155 -62.74 60.97 -13.58
N THR A 156 -63.82 60.21 -13.65
CA THR A 156 -64.20 59.55 -14.89
C THR A 156 -64.86 60.55 -15.85
N ASP A 157 -64.99 61.78 -15.37
CA ASP A 157 -65.59 62.83 -16.18
C ASP A 157 -65.40 64.18 -15.47
N GLU A 158 -64.20 64.36 -14.94
CA GLU A 158 -63.88 65.60 -14.25
C GLU A 158 -63.25 66.60 -15.22
N LEU A 159 -63.20 67.85 -14.77
CA LEU A 159 -62.64 68.91 -15.58
C LEU A 159 -61.52 69.61 -14.80
N GLN A 160 -60.31 69.46 -15.29
CA GLN A 160 -59.15 70.06 -14.67
C GLN A 160 -59.09 71.55 -14.99
N LEU A 161 -58.86 72.34 -13.95
CA LEU A 161 -58.77 73.79 -14.11
C LEU A 161 -57.45 74.28 -13.53
N LYS A 162 -56.89 75.30 -14.18
CA LYS A 162 -55.63 75.87 -13.75
C LYS A 162 -55.80 77.38 -13.58
N ALA A 163 -55.34 77.86 -12.43
CA ALA A 163 -55.43 79.28 -12.13
C ALA A 163 -55.16 80.09 -13.40
N GLY A 164 -56.24 80.51 -14.04
CA GLY A 164 -56.14 81.28 -15.27
C GLY A 164 -56.36 80.40 -16.49
N ASP A 165 -57.43 79.62 -16.44
CA ASP A 165 -57.76 78.73 -17.54
C ASP A 165 -59.02 79.23 -18.23
N VAL A 166 -59.31 78.64 -19.38
CA VAL A 166 -60.48 79.02 -20.16
C VAL A 166 -61.42 77.82 -20.28
N VAL A 167 -62.66 78.03 -19.89
CA VAL A 167 -63.66 76.97 -19.95
C VAL A 167 -64.96 77.56 -20.50
N LEU A 168 -65.65 76.75 -21.31
CA LEU A 168 -66.91 77.17 -21.89
C LEU A 168 -68.05 76.50 -21.14
N VAL A 169 -69.02 77.32 -20.74
CA VAL A 169 -70.17 76.83 -20.02
C VAL A 169 -71.18 76.23 -21.01
N ILE A 170 -71.35 74.92 -20.91
CA ILE A 170 -72.28 74.23 -21.79
C ILE A 170 -73.30 73.46 -20.94
N PRO A 171 -74.51 73.27 -21.55
CA PRO A 171 -75.58 72.56 -20.86
C PRO A 171 -75.31 71.07 -20.82
N PHE A 172 -75.16 70.55 -19.61
CA PHE A 172 -74.91 69.14 -19.42
C PHE A 172 -76.02 68.29 -20.02
N GLN A 173 -75.91 66.98 -19.82
CA GLN A 173 -76.90 66.05 -20.33
C GLN A 173 -78.13 66.04 -19.42
N ASN A 174 -77.92 66.45 -18.17
CA ASN A 174 -78.99 66.49 -17.20
C ASN A 174 -78.53 67.27 -15.97
N PRO A 175 -79.52 67.96 -15.33
CA PRO A 175 -79.22 68.75 -14.14
C PRO A 175 -79.01 67.84 -12.92
N GLU A 176 -79.57 66.65 -13.01
CA GLU A 176 -79.45 65.68 -11.93
C GLU A 176 -78.02 65.13 -11.87
N GLU A 177 -77.32 65.26 -12.99
CA GLU A 177 -75.96 64.78 -13.08
C GLU A 177 -74.98 65.86 -12.60
N GLN A 178 -75.52 67.05 -12.40
CA GLN A 178 -74.72 68.18 -11.95
C GLN A 178 -74.63 68.17 -10.42
N ASP A 179 -73.50 68.67 -9.93
CA ASP A 179 -73.27 68.74 -8.50
C ASP A 179 -73.66 70.12 -7.98
N GLU A 180 -73.61 70.28 -6.67
CA GLU A 180 -73.96 71.54 -6.04
C GLU A 180 -72.75 72.46 -6.01
N GLY A 181 -72.80 73.49 -6.85
CA GLY A 181 -71.71 74.45 -6.90
C GLY A 181 -70.79 74.16 -8.09
N TRP A 182 -71.09 73.06 -8.78
CA TRP A 182 -70.30 72.65 -9.93
C TRP A 182 -71.24 72.55 -11.14
N LEU A 183 -70.68 72.86 -12.31
CA LEU A 183 -71.45 72.80 -13.53
C LEU A 183 -70.64 72.09 -14.61
N MET A 184 -71.31 71.78 -15.71
CA MET A 184 -70.66 71.09 -16.81
C MET A 184 -70.11 72.09 -17.83
N GLY A 185 -68.79 72.13 -17.92
CA GLY A 185 -68.12 73.03 -18.84
C GLY A 185 -67.06 72.29 -19.67
N VAL A 186 -66.46 73.03 -20.59
CA VAL A 186 -65.43 72.46 -21.44
C VAL A 186 -64.28 73.47 -21.59
N LYS A 187 -63.07 72.93 -21.52
CA LYS A 187 -61.89 73.76 -21.64
C LYS A 187 -61.74 74.23 -23.09
N GLU A 188 -60.99 75.31 -23.25
CA GLU A 188 -60.77 75.87 -24.57
C GLU A 188 -60.12 74.83 -25.49
N SER A 189 -59.19 74.09 -24.92
CA SER A 189 -58.49 73.05 -25.67
C SER A 189 -59.48 71.99 -26.14
N ASP A 190 -60.44 71.69 -25.27
CA ASP A 190 -61.45 70.70 -25.59
C ASP A 190 -62.28 71.19 -26.76
N TRP A 191 -62.45 72.51 -26.83
CA TRP A 191 -63.23 73.12 -27.89
C TRP A 191 -62.70 72.57 -29.23
N ASN A 192 -61.39 72.57 -29.36
CA ASN A 192 -60.75 72.09 -30.57
C ASN A 192 -61.20 70.64 -30.82
N GLN A 193 -61.55 69.96 -29.74
CA GLN A 193 -62.00 68.59 -29.84
C GLN A 193 -63.52 68.52 -29.90
N HIS A 194 -64.12 69.67 -30.22
CA HIS A 194 -65.56 69.75 -30.33
C HIS A 194 -66.10 68.55 -31.11
N LYS A 195 -65.23 67.99 -31.93
CA LYS A 195 -65.59 66.83 -32.73
C LYS A 195 -66.10 65.72 -31.82
N LYS A 196 -65.55 65.70 -30.61
CA LYS A 196 -65.93 64.69 -29.63
C LYS A 196 -66.03 65.33 -28.25
N LEU A 197 -66.63 66.51 -28.22
CA LEU A 197 -66.80 67.24 -26.97
C LEU A 197 -67.58 66.38 -25.99
N GLU A 198 -68.55 65.65 -26.53
CA GLU A 198 -69.38 64.79 -25.71
C GLU A 198 -68.51 63.79 -24.94
N LYS A 199 -67.29 63.65 -25.40
CA LYS A 199 -66.34 62.73 -24.77
C LYS A 199 -65.26 63.53 -24.07
N CYS A 200 -65.46 64.84 -24.03
CA CYS A 200 -64.50 65.73 -23.39
C CYS A 200 -65.23 66.50 -22.30
N ARG A 201 -66.51 66.20 -22.15
CA ARG A 201 -67.33 66.87 -21.14
C ARG A 201 -66.74 66.63 -19.75
N GLY A 202 -66.97 67.60 -18.88
CA GLY A 202 -66.48 67.51 -17.51
C GLY A 202 -67.25 68.46 -16.58
N VAL A 203 -66.87 68.42 -15.32
CA VAL A 203 -67.51 69.27 -14.32
C VAL A 203 -66.45 70.12 -13.62
N PHE A 204 -66.88 71.28 -13.14
CA PHE A 204 -65.99 72.19 -12.44
C PHE A 204 -66.77 73.14 -11.55
N PRO A 205 -66.10 73.58 -10.46
CA PRO A 205 -66.71 74.51 -9.52
C PRO A 205 -66.77 75.93 -10.09
N GLU A 206 -67.98 76.43 -10.21
CA GLU A 206 -68.19 77.77 -10.74
C GLU A 206 -67.65 78.82 -9.76
N ASN A 207 -67.78 78.50 -8.48
CA ASN A 207 -67.32 79.40 -7.44
C ASN A 207 -65.80 79.55 -7.53
N PHE A 208 -65.18 78.50 -8.03
CA PHE A 208 -63.73 78.51 -8.18
C PHE A 208 -63.31 79.07 -9.54
N THR A 209 -64.31 79.52 -10.29
CA THR A 209 -64.07 80.08 -11.60
C THR A 209 -64.79 81.43 -11.75
N GLU A 210 -64.54 82.07 -12.88
CA GLU A 210 -65.15 83.36 -13.15
C GLU A 210 -65.74 83.38 -14.56
N ARG A 211 -66.85 84.09 -14.70
CA ARG A 211 -67.52 84.20 -15.99
C ARG A 211 -66.83 85.26 -16.85
N VAL A 212 -66.68 84.93 -18.12
CA VAL A 212 -66.05 85.83 -19.06
C VAL A 212 -67.10 86.35 -20.04
N PRO A 213 -67.31 87.70 -19.99
CA PRO A 213 -68.27 88.34 -20.88
C PRO A 213 -67.74 88.44 -22.31
N ASP A 1 -14.21 -38.12 -16.16
CA ASP A 1 -14.63 -39.46 -16.53
C ASP A 1 -14.34 -40.42 -15.38
N GLY A 2 -13.13 -40.28 -14.83
CA GLY A 2 -12.71 -41.13 -13.74
C GLY A 2 -11.22 -40.93 -13.43
N SER A 3 -10.96 -40.28 -12.30
CA SER A 3 -9.60 -40.01 -11.88
C SER A 3 -9.57 -39.66 -10.39
N PRO A 4 -8.57 -40.25 -9.68
CA PRO A 4 -8.41 -39.99 -8.26
C PRO A 4 -7.83 -38.59 -8.01
N ALA A 5 -7.51 -38.35 -6.74
CA ALA A 5 -6.94 -37.06 -6.36
C ALA A 5 -5.92 -37.27 -5.24
N ALA A 6 -5.37 -36.16 -4.78
CA ALA A 6 -4.38 -36.22 -3.71
C ALA A 6 -4.40 -34.89 -2.94
N THR A 7 -3.50 -34.79 -1.97
CA THR A 7 -3.40 -33.59 -1.15
C THR A 7 -1.96 -33.36 -0.72
N PRO A 8 -1.59 -32.06 -0.63
CA PRO A 8 -0.24 -31.69 -0.21
C PRO A 8 -0.05 -31.90 1.29
N GLU A 9 1.09 -31.41 1.78
CA GLU A 9 1.41 -31.54 3.20
C GLU A 9 2.11 -30.27 3.69
N ILE A 10 2.26 -30.19 5.00
CA ILE A 10 2.91 -29.05 5.62
C ILE A 10 3.73 -29.52 6.83
N ARG A 11 5.01 -29.22 6.80
CA ARG A 11 5.89 -29.60 7.88
C ARG A 11 6.24 -28.38 8.74
N VAL A 12 7.01 -28.63 9.79
CA VAL A 12 7.42 -27.57 10.69
C VAL A 12 8.61 -28.04 11.52
N ASN A 13 9.57 -27.13 11.67
CA ASN A 13 10.77 -27.44 12.44
C ASN A 13 11.20 -26.19 13.23
N HIS A 14 12.16 -26.41 14.11
CA HIS A 14 12.66 -25.32 14.93
C HIS A 14 14.09 -25.64 15.38
N GLU A 15 14.64 -24.73 16.19
CA GLU A 15 15.98 -24.91 16.71
C GLU A 15 16.24 -23.94 17.87
N PRO A 16 16.60 -24.54 19.03
CA PRO A 16 16.87 -23.76 20.22
C PRO A 16 18.23 -23.05 20.12
N GLU A 17 18.69 -22.55 21.25
CA GLU A 17 19.97 -21.86 21.30
C GLU A 17 20.57 -21.96 22.71
N PRO A 18 21.83 -22.47 22.76
CA PRO A 18 22.53 -22.63 24.03
C PRO A 18 23.02 -21.28 24.54
N ALA A 19 23.80 -21.34 25.61
CA ALA A 19 24.34 -20.13 26.22
C ALA A 19 25.43 -20.50 27.22
N GLY A 20 26.04 -19.49 27.79
CA GLY A 20 27.10 -19.70 28.76
C GLY A 20 27.58 -18.37 29.36
N GLY A 21 28.55 -18.47 30.25
CA GLY A 21 29.10 -17.29 30.89
C GLY A 21 30.48 -17.59 31.50
N ALA A 22 30.95 -16.65 32.31
CA ALA A 22 32.24 -16.79 32.95
C ALA A 22 32.37 -15.76 34.07
N THR A 23 33.46 -15.87 34.81
CA THR A 23 33.71 -14.95 35.91
C THR A 23 35.18 -15.00 36.31
N PRO A 24 35.90 -13.87 36.03
CA PRO A 24 37.31 -13.77 36.37
C PRO A 24 37.51 -13.56 37.87
N GLY A 25 38.77 -13.51 38.27
CA GLY A 25 39.11 -13.32 39.66
C GLY A 25 39.52 -11.87 39.93
N ALA A 26 39.85 -11.61 41.19
CA ALA A 26 40.26 -10.26 41.59
C ALA A 26 40.57 -10.26 43.09
N THR A 27 41.07 -9.12 43.55
CA THR A 27 41.41 -8.98 44.96
C THR A 27 42.52 -9.97 45.34
N LEU A 28 43.21 -9.64 46.42
CA LEU A 28 44.30 -10.48 46.90
C LEU A 28 45.46 -10.41 45.91
N PRO A 29 46.11 -9.23 45.86
CA PRO A 29 47.24 -9.03 44.97
C PRO A 29 48.49 -9.73 45.49
N LYS A 30 49.00 -9.20 46.60
CA LYS A 30 50.19 -9.77 47.22
C LYS A 30 50.33 -9.21 48.64
N SER A 31 50.73 -10.09 49.54
CA SER A 31 50.91 -9.72 50.93
C SER A 31 52.35 -9.97 51.37
N PRO A 32 52.96 -8.92 51.97
CA PRO A 32 54.34 -9.02 52.43
C PRO A 32 54.44 -9.85 53.71
N SER A 33 55.60 -10.42 53.92
CA SER A 33 55.84 -11.25 55.10
C SER A 33 56.74 -10.49 56.09
N GLN A 34 56.18 -9.44 56.67
CA GLN A 34 56.92 -8.64 57.63
C GLN A 34 56.55 -9.04 59.06
N LEU A 35 57.51 -8.90 59.94
CA LEU A 35 57.31 -9.25 61.34
C LEU A 35 58.49 -8.77 62.18
N ARG A 36 58.38 -7.53 62.64
CA ARG A 36 59.44 -6.94 63.45
C ARG A 36 59.07 -7.00 64.93
N LYS A 37 60.12 -7.08 65.76
CA LYS A 37 59.91 -7.15 67.20
C LYS A 37 59.44 -8.55 67.57
N GLY A 38 59.78 -8.95 68.79
CA GLY A 38 59.40 -10.26 69.29
C GLY A 38 59.94 -10.49 70.70
N PRO A 39 59.24 -11.40 71.44
CA PRO A 39 59.62 -11.72 72.80
C PRO A 39 60.87 -12.61 72.82
N PRO A 40 61.79 -12.30 73.77
CA PRO A 40 63.01 -13.07 73.91
C PRO A 40 62.74 -14.43 74.55
N VAL A 41 63.65 -15.35 74.31
CA VAL A 41 63.52 -16.69 74.86
C VAL A 41 64.59 -16.90 75.94
N PRO A 42 64.13 -16.85 77.22
CA PRO A 42 65.02 -17.04 78.35
C PRO A 42 65.43 -18.51 78.50
N PRO A 43 66.74 -18.72 78.73
CA PRO A 43 67.27 -20.07 78.90
C PRO A 43 66.91 -20.63 80.27
N PRO A 44 66.98 -21.99 80.37
CA PRO A 44 66.67 -22.65 81.62
C PRO A 44 67.80 -22.48 82.64
N PRO A 45 67.51 -22.90 83.90
CA PRO A 45 68.48 -22.79 84.97
C PRO A 45 69.57 -23.86 84.82
N LYS A 46 70.78 -23.41 84.57
CA LYS A 46 71.90 -24.31 84.41
C LYS A 46 71.87 -25.37 85.52
N HIS A 47 71.96 -26.62 85.10
CA HIS A 47 71.93 -27.73 86.05
C HIS A 47 73.36 -28.24 86.28
N THR A 48 73.49 -29.09 87.28
CA THR A 48 74.78 -29.66 87.61
C THR A 48 75.76 -28.55 88.01
N PRO A 49 76.17 -28.59 89.31
CA PRO A 49 77.10 -27.60 89.83
C PRO A 49 78.52 -27.88 89.33
N SER A 50 78.81 -27.37 88.15
CA SER A 50 80.12 -27.55 87.55
C SER A 50 80.97 -26.29 87.75
N LYS A 51 82.15 -26.31 87.16
CA LYS A 51 83.06 -25.18 87.27
C LYS A 51 84.26 -25.39 86.34
N GLU A 52 84.88 -24.29 85.97
CA GLU A 52 86.03 -24.35 85.07
C GLU A 52 86.83 -23.05 85.16
N VAL A 53 88.05 -23.17 85.66
CA VAL A 53 88.93 -22.02 85.82
C VAL A 53 89.08 -21.34 84.45
N LYS A 54 89.55 -20.10 84.50
CA LYS A 54 89.75 -19.32 83.28
C LYS A 54 90.87 -18.30 83.51
N GLN A 55 92.07 -18.82 83.66
CA GLN A 55 93.23 -17.97 83.89
C GLN A 55 94.52 -18.79 83.78
N GLU A 56 95.61 -18.09 83.54
CA GLU A 56 96.91 -18.74 83.40
C GLU A 56 98.00 -17.86 84.02
N GLN A 57 98.81 -18.48 84.88
CA GLN A 57 99.89 -17.78 85.53
C GLN A 57 100.83 -18.77 86.21
N ILE A 58 101.84 -19.20 85.46
CA ILE A 58 102.80 -20.14 85.97
C ILE A 58 104.13 -19.96 85.23
N LEU A 59 105.21 -20.05 85.98
CA LEU A 59 106.54 -19.89 85.41
C LEU A 59 107.59 -20.41 86.40
N SER A 60 108.34 -21.40 85.94
CA SER A 60 109.38 -22.01 86.77
C SER A 60 110.69 -22.09 85.99
N LEU A 61 111.78 -22.02 86.73
CA LEU A 61 113.10 -22.09 86.13
C LEU A 61 113.97 -23.08 86.91
N PHE A 62 114.57 -23.99 86.17
CA PHE A 62 115.42 -25.00 86.77
C PHE A 62 116.89 -24.79 86.39
N GLU A 63 117.75 -25.58 87.00
CA GLU A 63 119.18 -25.49 86.72
C GLU A 63 119.82 -26.87 86.80
N ASP A 64 121.06 -26.94 86.34
CA ASP A 64 121.80 -28.20 86.34
C ASP A 64 123.29 -27.91 86.20
N THR A 65 124.10 -28.89 86.56
CA THR A 65 125.54 -28.76 86.48
C THR A 65 126.17 -30.05 85.94
N PHE A 66 127.48 -30.00 85.78
CA PHE A 66 128.21 -31.15 85.27
C PHE A 66 129.66 -31.14 85.75
N VAL A 67 130.21 -32.33 85.92
CA VAL A 67 131.59 -32.46 86.37
C VAL A 67 132.35 -33.38 85.41
N PRO A 68 133.48 -32.84 84.87
CA PRO A 68 134.31 -33.60 83.95
C PRO A 68 135.11 -34.68 84.68
N GLU A 69 135.73 -35.55 83.89
CA GLU A 69 136.53 -36.62 84.45
C GLU A 69 137.65 -36.06 85.34
N ILE A 70 138.59 -36.93 85.69
CA ILE A 70 139.69 -36.52 86.54
C ILE A 70 140.92 -37.35 86.17
N SER A 71 140.72 -38.65 86.10
CA SER A 71 141.80 -39.57 85.76
C SER A 71 142.86 -39.55 86.86
N VAL A 72 142.88 -40.62 87.65
CA VAL A 72 143.84 -40.74 88.73
C VAL A 72 144.60 -42.05 88.59
N THR A 73 145.47 -42.30 89.56
CA THR A 73 146.27 -43.52 89.57
C THR A 73 146.74 -43.84 88.15
N THR A 74 147.80 -43.16 87.74
CA THR A 74 148.36 -43.35 86.42
C THR A 74 149.66 -44.17 86.51
N PRO A 75 149.55 -45.45 86.08
CA PRO A 75 150.70 -46.35 86.11
C PRO A 75 151.69 -46.01 84.98
N SER A 76 152.82 -46.69 85.02
CA SER A 76 153.85 -46.48 84.01
C SER A 76 154.12 -47.77 83.25
N GLN A 77 155.22 -47.77 82.51
CA GLN A 77 155.60 -48.94 81.73
C GLN A 77 156.85 -49.59 82.33
N PRO A 78 156.77 -50.94 82.47
CA PRO A 78 157.89 -51.70 83.03
C PRO A 78 159.04 -51.82 82.01
N ALA A 79 160.25 -51.88 82.54
CA ALA A 79 161.43 -52.00 81.70
C ALA A 79 162.53 -52.70 82.48
N GLU A 80 163.71 -52.76 81.87
CA GLU A 80 164.85 -53.40 82.49
C GLU A 80 164.65 -54.91 82.53
N ALA A 81 165.74 -55.61 82.83
CA ALA A 81 165.70 -57.06 82.92
C ALA A 81 165.40 -57.63 81.52
N SER A 82 166.47 -57.91 80.80
CA SER A 82 166.34 -58.46 79.45
C SER A 82 166.08 -59.96 79.53
N GLU A 83 165.68 -60.52 78.39
CA GLU A 83 165.39 -61.94 78.32
C GLU A 83 166.35 -62.62 77.34
N VAL A 84 167.39 -63.23 77.90
CA VAL A 84 168.37 -63.93 77.09
C VAL A 84 169.09 -62.92 76.19
N ALA A 85 170.36 -63.19 75.93
CA ALA A 85 171.16 -62.32 75.09
C ALA A 85 172.38 -63.09 74.57
N GLY A 86 172.12 -64.01 73.66
CA GLY A 86 173.18 -64.82 73.09
C GLY A 86 172.84 -66.31 73.15
N GLY A 87 173.60 -67.09 72.40
CA GLY A 87 173.38 -68.53 72.37
C GLY A 87 174.07 -69.16 71.16
N THR A 88 174.22 -70.47 71.22
CA THR A 88 174.86 -71.20 70.14
C THR A 88 174.11 -72.50 69.85
N GLN A 89 174.08 -73.36 70.86
CA GLN A 89 173.40 -74.64 70.75
C GLN A 89 172.01 -74.45 70.13
N PRO A 90 171.91 -74.83 68.83
CA PRO A 90 170.65 -74.71 68.12
C PRO A 90 169.66 -75.79 68.55
N ALA A 91 168.46 -75.70 68.01
CA ALA A 91 167.41 -76.66 68.34
C ALA A 91 167.79 -78.03 67.77
N ALA A 92 167.11 -79.06 68.27
CA ALA A 92 167.37 -80.41 67.82
C ALA A 92 166.34 -80.81 66.78
N GLY A 93 165.08 -80.61 67.13
CA GLY A 93 163.98 -80.94 66.24
C GLY A 93 162.85 -79.90 66.36
N ALA A 94 161.63 -80.39 66.18
CA ALA A 94 160.46 -79.53 66.26
C ALA A 94 159.20 -80.39 66.21
N GLN A 95 158.49 -80.39 67.33
CA GLN A 95 157.25 -81.16 67.42
C GLN A 95 156.63 -80.99 68.81
N GLU A 96 155.32 -80.83 68.81
CA GLU A 96 154.58 -80.66 70.05
C GLU A 96 153.13 -80.26 69.76
N PRO A 97 152.98 -79.15 68.99
CA PRO A 97 151.65 -78.67 68.64
C PRO A 97 151.02 -79.55 67.56
N GLY A 98 151.75 -79.71 66.47
CA GLY A 98 151.27 -80.52 65.37
C GLY A 98 149.86 -80.09 64.93
N GLU A 99 149.75 -78.82 64.55
CA GLU A 99 148.48 -78.28 64.11
C GLU A 99 147.46 -78.35 65.25
N THR A 100 147.16 -77.18 65.81
CA THR A 100 146.21 -77.11 66.90
C THR A 100 145.45 -75.78 66.85
N ALA A 101 144.87 -75.50 65.69
CA ALA A 101 144.12 -74.27 65.50
C ALA A 101 142.88 -74.58 64.66
N ALA A 102 141.91 -73.67 64.75
CA ALA A 102 140.67 -73.82 64.01
C ALA A 102 139.96 -72.46 63.92
N SER A 103 139.56 -71.96 65.08
CA SER A 103 138.88 -70.69 65.15
C SER A 103 137.52 -70.78 64.45
N GLU A 104 136.53 -70.18 65.08
CA GLU A 104 135.19 -70.18 64.53
C GLU A 104 134.38 -68.98 65.07
N ALA A 105 133.21 -68.79 64.48
CA ALA A 105 132.35 -67.69 64.89
C ALA A 105 130.98 -67.87 64.23
N ALA A 106 130.03 -67.08 64.70
CA ALA A 106 128.68 -67.12 64.18
C ALA A 106 128.01 -65.76 64.36
N SER A 107 126.88 -65.60 63.70
CA SER A 107 126.13 -64.35 63.77
C SER A 107 124.63 -64.64 63.79
N SER A 108 123.88 -63.63 64.21
CA SER A 108 122.43 -63.76 64.28
C SER A 108 121.82 -62.45 64.78
N SER A 109 120.51 -62.35 64.58
CA SER A 109 119.78 -61.15 65.00
C SER A 109 118.29 -61.32 64.72
N LEU A 110 117.51 -60.53 65.43
CA LEU A 110 116.05 -60.58 65.27
C LEU A 110 115.42 -59.41 66.03
N PRO A 111 115.17 -58.30 65.28
CA PRO A 111 114.57 -57.12 65.88
C PRO A 111 113.07 -57.33 66.13
N ALA A 112 112.43 -56.29 66.65
CA ALA A 112 111.01 -56.36 66.93
C ALA A 112 110.33 -55.09 66.39
N VAL A 113 109.15 -55.30 65.83
CA VAL A 113 108.39 -54.18 65.27
C VAL A 113 106.95 -54.26 65.78
N VAL A 114 106.16 -53.28 65.35
CA VAL A 114 104.76 -53.23 65.75
C VAL A 114 103.98 -52.39 64.74
N VAL A 115 102.70 -52.70 64.62
CA VAL A 115 101.84 -51.97 63.70
C VAL A 115 100.80 -51.18 64.49
N GLU A 116 100.41 -51.75 65.62
CA GLU A 116 99.42 -51.12 66.48
C GLU A 116 98.31 -50.50 65.63
N THR A 117 97.45 -51.37 65.13
CA THR A 117 96.33 -50.92 64.30
C THR A 117 95.23 -50.31 65.18
N PHE A 118 94.54 -49.35 64.61
CA PHE A 118 93.45 -48.68 65.32
C PHE A 118 92.19 -48.60 64.46
N PRO A 119 91.04 -48.34 65.14
CA PRO A 119 89.77 -48.24 64.46
C PRO A 119 89.67 -46.90 63.70
N ALA A 120 88.95 -46.95 62.58
CA ALA A 120 88.76 -45.77 61.76
C ALA A 120 87.26 -45.52 61.56
N THR A 121 86.92 -44.25 61.47
CA THR A 121 85.53 -43.86 61.27
C THR A 121 85.41 -42.88 60.11
N VAL A 122 84.32 -43.03 59.37
CA VAL A 122 84.07 -42.17 58.22
C VAL A 122 82.77 -41.39 58.45
N ASN A 123 82.78 -40.13 58.02
CA ASN A 123 81.62 -39.28 58.17
C ASN A 123 81.42 -38.47 56.89
N GLY A 124 80.21 -37.96 56.74
CA GLY A 124 79.87 -37.17 55.56
C GLY A 124 79.13 -38.03 54.52
N THR A 125 77.91 -37.60 54.21
CA THR A 125 77.10 -38.32 53.25
C THR A 125 76.97 -37.50 51.95
N VAL A 126 76.96 -38.22 50.84
CA VAL A 126 76.84 -37.57 49.54
C VAL A 126 78.08 -36.72 49.29
N GLU A 127 78.31 -36.42 48.02
CA GLU A 127 79.46 -35.62 47.63
C GLU A 127 79.25 -35.05 46.22
N GLY A 128 79.48 -33.75 46.10
CA GLY A 128 79.31 -33.07 44.83
C GLY A 128 79.10 -31.58 45.03
N GLY A 129 80.16 -30.81 44.81
CA GLY A 129 80.09 -29.37 44.96
C GLY A 129 80.89 -28.66 43.87
N SER A 130 80.50 -27.43 43.60
CA SER A 130 81.18 -26.63 42.58
C SER A 130 82.21 -25.72 43.23
N GLY A 131 81.71 -24.85 44.11
CA GLY A 131 82.57 -23.91 44.79
C GLY A 131 82.15 -22.46 44.52
N ALA A 132 81.30 -21.95 45.41
CA ALA A 132 80.81 -20.60 45.27
C ALA A 132 80.73 -19.94 46.66
N GLY A 133 81.71 -19.11 46.95
CA GLY A 133 81.77 -18.42 48.22
C GLY A 133 82.47 -17.07 48.09
N ARG A 134 82.49 -16.34 49.20
CA ARG A 134 83.12 -15.03 49.22
C ARG A 134 84.65 -15.18 49.22
N LEU A 135 85.32 -14.05 49.28
CA LEU A 135 86.78 -14.04 49.28
C LEU A 135 87.27 -13.34 50.54
N ASP A 136 86.57 -12.27 50.90
CA ASP A 136 86.93 -11.51 52.09
C ASP A 136 85.87 -11.73 53.17
N LEU A 137 86.31 -11.57 54.41
CA LEU A 137 85.40 -11.74 55.55
C LEU A 137 84.68 -10.42 55.82
N PRO A 138 83.54 -10.54 56.57
CA PRO A 138 82.76 -9.37 56.90
C PRO A 138 83.44 -8.55 58.01
N PRO A 139 83.46 -7.21 57.81
CA PRO A 139 84.07 -6.32 58.78
C PRO A 139 83.18 -6.15 60.01
N GLY A 140 83.82 -6.04 61.15
CA GLY A 140 83.10 -5.88 62.41
C GLY A 140 82.75 -7.23 63.02
N PHE A 141 82.68 -8.24 62.15
CA PHE A 141 82.36 -9.58 62.60
C PHE A 141 82.99 -9.88 63.96
N MET A 142 82.29 -10.70 64.73
CA MET A 142 82.77 -11.08 66.05
C MET A 142 83.20 -12.54 66.09
N PHE A 143 82.24 -13.42 65.90
CA PHE A 143 82.51 -14.85 65.91
C PHE A 143 81.36 -15.63 65.27
N LYS A 144 81.54 -16.94 65.20
CA LYS A 144 80.53 -17.81 64.62
C LYS A 144 79.71 -18.45 65.73
N VAL A 145 78.43 -18.65 65.45
CA VAL A 145 77.53 -19.24 66.42
C VAL A 145 76.85 -20.46 65.79
N GLN A 146 76.21 -21.24 66.64
CA GLN A 146 75.51 -22.44 66.18
C GLN A 146 74.13 -22.53 66.82
N ALA A 147 73.11 -22.51 65.96
CA ALA A 147 71.74 -22.58 66.43
C ALA A 147 71.53 -23.92 67.14
N GLN A 148 70.59 -23.92 68.07
CA GLN A 148 70.26 -25.12 68.82
C GLN A 148 68.79 -25.48 68.64
N HIS A 149 68.09 -24.64 67.90
CA HIS A 149 66.67 -24.86 67.64
C HIS A 149 66.31 -24.29 66.27
N ASP A 150 65.10 -24.61 65.82
CA ASP A 150 64.63 -24.15 64.54
C ASP A 150 63.55 -23.07 64.76
N TYR A 151 63.96 -21.83 64.57
CA TYR A 151 63.05 -20.71 64.76
C TYR A 151 62.78 -20.01 63.42
N THR A 152 61.53 -20.15 62.96
CA THR A 152 61.13 -19.54 61.71
C THR A 152 60.90 -18.03 61.90
N ALA A 153 61.75 -17.25 61.25
CA ALA A 153 61.65 -15.80 61.34
C ALA A 153 61.23 -15.25 59.99
N THR A 154 60.06 -14.62 59.99
CA THR A 154 59.52 -14.03 58.77
C THR A 154 59.33 -12.52 58.93
N ASP A 155 60.35 -11.79 58.51
CA ASP A 155 60.30 -10.33 58.60
C ASP A 155 60.95 -9.72 57.35
N THR A 156 60.99 -8.41 57.34
CA THR A 156 61.57 -7.68 56.21
C THR A 156 63.09 -7.57 56.38
N ASP A 157 63.59 -8.29 57.38
CA ASP A 157 65.03 -8.27 57.65
C ASP A 157 65.32 -9.20 58.83
N GLU A 158 64.62 -10.33 58.84
CA GLU A 158 64.80 -11.31 59.90
C GLU A 158 65.86 -12.35 59.50
N LEU A 159 66.23 -13.17 60.47
CA LEU A 159 67.22 -14.19 60.23
C LEU A 159 66.66 -15.56 60.67
N GLN A 160 66.46 -16.42 59.70
CA GLN A 160 65.93 -17.75 59.96
C GLN A 160 67.04 -18.67 60.49
N LEU A 161 66.70 -19.45 61.49
CA LEU A 161 67.65 -20.38 62.08
C LEU A 161 67.02 -21.78 62.15
N LYS A 162 67.87 -22.78 61.98
CA LYS A 162 67.42 -24.16 62.02
C LYS A 162 68.25 -24.93 63.04
N ALA A 163 67.55 -25.71 63.85
CA ALA A 163 68.21 -26.51 64.88
C ALA A 163 69.50 -27.11 64.30
N GLY A 164 70.60 -26.45 64.59
CA GLY A 164 71.90 -26.90 64.12
C GLY A 164 72.34 -26.11 62.88
N ASP A 165 72.22 -24.80 62.99
CA ASP A 165 72.60 -23.92 61.89
C ASP A 165 73.87 -23.16 62.26
N VAL A 166 74.45 -22.49 61.27
CA VAL A 166 75.65 -21.72 61.48
C VAL A 166 75.38 -20.25 61.17
N VAL A 167 75.66 -19.40 62.15
CA VAL A 167 75.45 -17.98 61.98
C VAL A 167 76.66 -17.22 62.54
N LEU A 168 76.98 -16.12 61.86
CA LEU A 168 78.11 -15.30 62.28
C LEU A 168 77.60 -14.05 62.98
N VAL A 169 78.18 -13.77 64.14
CA VAL A 169 77.79 -12.60 64.90
C VAL A 169 78.53 -11.37 64.38
N ILE A 170 77.76 -10.46 63.80
CA ILE A 170 78.31 -9.24 63.25
C ILE A 170 77.66 -8.03 63.92
N PRO A 171 78.43 -6.91 63.96
CA PRO A 171 77.94 -5.68 64.57
C PRO A 171 76.92 -4.99 63.66
N PHE A 172 75.69 -4.90 64.16
CA PHE A 172 74.63 -4.27 63.41
C PHE A 172 74.98 -2.82 63.07
N GLN A 173 74.02 -2.13 62.49
CA GLN A 173 74.20 -0.74 62.11
C GLN A 173 74.00 0.17 63.33
N ASN A 174 73.17 -0.30 64.26
CA ASN A 174 72.88 0.46 65.45
C ASN A 174 72.25 -0.48 66.50
N PRO A 175 72.53 -0.16 67.79
CA PRO A 175 72.00 -0.96 68.88
C PRO A 175 70.52 -0.67 69.10
N GLU A 176 70.09 0.49 68.63
CA GLU A 176 68.71 0.89 68.76
C GLU A 176 67.82 0.05 67.85
N GLU A 177 68.46 -0.59 66.89
CA GLU A 177 67.75 -1.44 65.95
C GLU A 177 67.67 -2.88 66.46
N GLN A 178 68.58 -3.19 67.38
CA GLN A 178 68.61 -4.52 67.96
C GLN A 178 67.50 -4.68 68.99
N ASP A 179 67.03 -5.91 69.13
CA ASP A 179 65.97 -6.22 70.08
C ASP A 179 66.58 -6.80 71.36
N GLU A 180 65.73 -6.93 72.37
CA GLU A 180 66.17 -7.46 73.65
C GLU A 180 66.23 -8.99 73.59
N GLY A 181 67.46 -9.50 73.59
CA GLY A 181 67.67 -10.94 73.53
C GLY A 181 67.97 -11.39 72.09
N TRP A 182 68.01 -10.42 71.20
CA TRP A 182 68.28 -10.71 69.80
C TRP A 182 69.44 -9.83 69.35
N LEU A 183 70.15 -10.31 68.35
CA LEU A 183 71.29 -9.59 67.81
C LEU A 183 71.33 -9.74 66.29
N MET A 184 72.19 -8.95 65.67
CA MET A 184 72.33 -9.00 64.21
C MET A 184 73.43 -9.97 63.81
N GLY A 185 73.01 -11.05 63.15
CA GLY A 185 73.94 -12.07 62.70
C GLY A 185 73.68 -12.44 61.23
N VAL A 186 74.55 -13.28 60.71
CA VAL A 186 74.43 -13.72 59.33
C VAL A 186 74.70 -15.23 59.26
N LYS A 187 73.94 -15.89 58.40
CA LYS A 187 74.07 -17.32 58.22
C LYS A 187 75.33 -17.61 57.40
N GLU A 188 75.81 -18.84 57.51
CA GLU A 188 76.99 -19.25 56.77
C GLU A 188 76.79 -19.06 55.27
N SER A 189 75.59 -19.41 54.82
CA SER A 189 75.25 -19.28 53.42
C SER A 189 75.35 -17.82 52.99
N ASP A 190 74.90 -16.95 53.87
CA ASP A 190 74.94 -15.51 53.60
C ASP A 190 76.39 -15.07 53.46
N TRP A 191 77.25 -15.71 54.22
CA TRP A 191 78.67 -15.38 54.19
C TRP A 191 79.13 -15.40 52.73
N ASN A 192 78.74 -16.45 52.02
CA ASN A 192 79.10 -16.60 50.63
C ASN A 192 78.57 -15.39 49.84
N GLN A 193 77.51 -14.81 50.36
CA GLN A 193 76.91 -13.65 49.73
C GLN A 193 77.49 -12.36 50.30
N HIS A 194 78.64 -12.51 50.95
CA HIS A 194 79.32 -11.37 51.54
C HIS A 194 79.33 -10.20 50.55
N LYS A 195 79.20 -10.55 49.28
CA LYS A 195 79.19 -9.55 48.22
C LYS A 195 78.07 -8.54 48.49
N LYS A 196 77.03 -9.03 49.14
CA LYS A 196 75.89 -8.18 49.47
C LYS A 196 75.29 -8.63 50.81
N LEU A 197 76.17 -8.80 51.78
CA LEU A 197 75.75 -9.23 53.10
C LEU A 197 74.86 -8.14 53.72
N GLU A 198 75.22 -6.90 53.43
CA GLU A 198 74.46 -5.77 53.94
C GLU A 198 72.99 -5.90 53.58
N LYS A 199 72.73 -6.75 52.58
CA LYS A 199 71.37 -6.97 52.13
C LYS A 199 70.91 -8.36 52.56
N CYS A 200 71.74 -8.99 53.37
CA CYS A 200 71.43 -10.33 53.86
C CYS A 200 71.41 -10.29 55.39
N ARG A 201 71.64 -9.10 55.92
CA ARG A 201 71.64 -8.92 57.36
C ARG A 201 70.28 -9.29 57.95
N GLY A 202 70.31 -9.73 59.20
CA GLY A 202 69.09 -10.11 59.89
C GLY A 202 69.31 -10.15 61.40
N VAL A 203 68.24 -10.50 62.11
CA VAL A 203 68.30 -10.58 63.56
C VAL A 203 67.90 -12.00 64.00
N PHE A 204 68.39 -12.37 65.18
CA PHE A 204 68.10 -13.69 65.72
C PHE A 204 68.33 -13.72 67.23
N PRO A 205 67.57 -14.62 67.92
CA PRO A 205 67.68 -14.75 69.36
C PRO A 205 68.97 -15.50 69.74
N GLU A 206 69.81 -14.82 70.50
CA GLU A 206 71.06 -15.40 70.93
C GLU A 206 70.80 -16.54 71.92
N ASN A 207 69.79 -16.36 72.74
CA ASN A 207 69.42 -17.36 73.73
C ASN A 207 69.03 -18.66 73.02
N PHE A 208 68.48 -18.49 71.82
CA PHE A 208 68.07 -19.63 71.04
C PHE A 208 69.22 -20.19 70.20
N THR A 209 70.38 -19.56 70.38
CA THR A 209 71.57 -19.98 69.67
C THR A 209 72.73 -20.20 70.63
N GLU A 210 73.82 -20.75 70.10
CA GLU A 210 75.00 -21.01 70.91
C GLU A 210 76.24 -20.47 70.21
N ARG A 211 77.21 -20.06 71.02
CA ARG A 211 78.45 -19.52 70.49
C ARG A 211 79.38 -20.66 70.06
N VAL A 212 80.03 -20.45 68.93
CA VAL A 212 80.95 -21.44 68.39
C VAL A 212 82.38 -20.92 68.50
N PRO A 213 83.20 -21.64 69.32
CA PRO A 213 84.58 -21.25 69.51
C PRO A 213 85.43 -21.62 68.29
N ASP A 1 -14.21 -38.12 -16.16
CA ASP A 1 -14.63 -39.46 -16.53
C ASP A 1 -13.55 -40.46 -16.13
N GLY A 2 -12.34 -40.16 -16.56
CA GLY A 2 -11.20 -41.02 -16.25
C GLY A 2 -9.95 -40.57 -17.02
N SER A 3 -9.13 -39.79 -16.33
CA SER A 3 -7.91 -39.29 -16.92
C SER A 3 -7.08 -38.56 -15.86
N PRO A 4 -5.75 -38.84 -15.87
CA PRO A 4 -4.84 -38.22 -14.93
C PRO A 4 -4.56 -36.76 -15.30
N ALA A 5 -4.24 -35.97 -14.28
CA ALA A 5 -3.95 -34.57 -14.50
C ALA A 5 -2.49 -34.29 -14.15
N ALA A 6 -2.11 -33.03 -14.29
CA ALA A 6 -0.75 -32.61 -14.00
C ALA A 6 -0.71 -31.10 -13.76
N THR A 7 0.30 -30.68 -13.02
CA THR A 7 0.46 -29.27 -12.73
C THR A 7 1.84 -29.01 -12.12
N PRO A 8 2.88 -29.06 -13.00
CA PRO A 8 4.24 -28.83 -12.57
C PRO A 8 4.49 -27.34 -12.31
N GLU A 9 5.46 -27.07 -11.45
CA GLU A 9 5.82 -25.71 -11.11
C GLU A 9 7.34 -25.52 -11.16
N ILE A 10 7.74 -24.32 -11.56
CA ILE A 10 9.16 -24.01 -11.65
C ILE A 10 9.49 -22.87 -10.68
N ARG A 11 10.76 -22.75 -10.36
CA ARG A 11 11.21 -21.70 -9.45
C ARG A 11 12.46 -21.02 -10.01
N VAL A 12 12.50 -19.71 -9.81
CA VAL A 12 13.62 -18.92 -10.29
C VAL A 12 14.03 -17.89 -9.21
N ASN A 13 15.29 -17.93 -8.86
CA ASN A 13 15.82 -17.02 -7.85
C ASN A 13 17.03 -16.28 -8.42
N HIS A 14 17.31 -15.12 -7.83
CA HIS A 14 18.43 -14.31 -8.26
C HIS A 14 18.58 -13.10 -7.34
N GLU A 15 19.62 -12.33 -7.59
CA GLU A 15 19.89 -11.14 -6.79
C GLU A 15 20.75 -10.15 -7.58
N PRO A 16 20.52 -8.84 -7.30
CA PRO A 16 21.26 -7.79 -7.97
C PRO A 16 22.69 -7.69 -7.43
N GLU A 17 23.39 -6.67 -7.89
CA GLU A 17 24.76 -6.46 -7.46
C GLU A 17 25.24 -5.07 -7.90
N PRO A 18 25.47 -4.19 -6.88
CA PRO A 18 25.93 -2.83 -7.14
C PRO A 18 27.41 -2.82 -7.53
N ALA A 19 27.87 -1.65 -7.93
CA ALA A 19 29.26 -1.49 -8.32
C ALA A 19 29.52 -0.02 -8.69
N GLY A 20 30.50 0.56 -8.02
CA GLY A 20 30.86 1.95 -8.27
C GLY A 20 31.98 2.40 -7.35
N GLY A 21 32.33 3.67 -7.47
CA GLY A 21 33.40 4.25 -6.65
C GLY A 21 34.55 4.73 -7.52
N ALA A 22 35.23 5.76 -7.02
CA ALA A 22 36.36 6.33 -7.74
C ALA A 22 37.00 7.42 -6.88
N THR A 23 38.16 7.86 -7.33
CA THR A 23 38.89 8.91 -6.62
C THR A 23 40.08 9.39 -7.45
N PRO A 24 39.75 10.00 -8.62
CA PRO A 24 40.78 10.51 -9.50
C PRO A 24 41.38 11.81 -8.96
N GLY A 25 42.67 11.74 -8.66
CA GLY A 25 43.38 12.89 -8.13
C GLY A 25 44.06 12.56 -6.80
N ALA A 26 45.38 12.62 -6.82
CA ALA A 26 46.15 12.33 -5.62
C ALA A 26 47.40 13.22 -5.59
N THR A 27 47.17 14.50 -5.84
CA THR A 27 48.26 15.46 -5.84
C THR A 27 48.06 16.49 -4.73
N LEU A 28 48.82 16.32 -3.67
CA LEU A 28 48.75 17.22 -2.52
C LEU A 28 50.16 17.44 -1.97
N PRO A 29 50.75 18.59 -2.37
CA PRO A 29 52.10 18.94 -1.92
C PRO A 29 52.07 19.42 -0.47
N LYS A 30 53.05 18.95 0.30
CA LYS A 30 53.15 19.32 1.70
C LYS A 30 53.81 20.69 1.81
N SER A 31 53.12 21.69 1.27
CA SER A 31 53.61 23.05 1.29
C SER A 31 52.61 23.96 2.02
N PRO A 32 52.86 24.15 3.34
CA PRO A 32 51.99 24.98 4.16
C PRO A 32 52.22 26.47 3.86
N SER A 33 51.18 27.26 4.07
CA SER A 33 51.26 28.69 3.84
C SER A 33 50.21 29.42 4.68
N GLN A 34 50.32 29.25 5.99
CA GLN A 34 49.40 29.88 6.90
C GLN A 34 50.01 31.17 7.48
N LEU A 35 49.21 32.23 7.44
CA LEU A 35 49.66 33.52 7.96
C LEU A 35 50.76 34.06 7.04
N ARG A 36 50.33 34.66 5.95
CA ARG A 36 51.27 35.24 4.99
C ARG A 36 51.35 36.75 5.17
N LYS A 37 52.51 37.30 4.85
CA LYS A 37 52.73 38.73 4.96
C LYS A 37 53.66 39.19 3.83
N GLY A 38 53.40 40.41 3.36
CA GLY A 38 54.19 40.97 2.29
C GLY A 38 54.59 42.41 2.61
N PRO A 39 55.21 43.08 1.59
CA PRO A 39 55.63 44.47 1.75
C PRO A 39 54.44 45.42 1.72
N PRO A 40 54.57 46.52 2.51
CA PRO A 40 53.52 47.52 2.58
C PRO A 40 53.49 48.38 1.31
N VAL A 41 52.36 49.03 1.10
CA VAL A 41 52.19 49.88 -0.06
C VAL A 41 52.21 51.35 0.38
N PRO A 42 53.36 52.02 0.12
CA PRO A 42 53.52 53.42 0.48
C PRO A 42 52.72 54.32 -0.47
N PRO A 43 52.39 55.53 0.05
CA PRO A 43 51.64 56.50 -0.74
C PRO A 43 52.53 57.16 -1.80
N PRO A 44 51.86 57.68 -2.86
CA PRO A 44 52.57 58.34 -3.94
C PRO A 44 53.06 59.72 -3.52
N PRO A 45 54.29 60.07 -3.98
CA PRO A 45 54.87 61.36 -3.67
C PRO A 45 54.21 62.48 -4.48
N LYS A 46 52.98 62.79 -4.09
CA LYS A 46 52.23 63.83 -4.77
C LYS A 46 51.62 64.77 -3.73
N HIS A 47 52.46 65.67 -3.23
CA HIS A 47 52.02 66.63 -2.23
C HIS A 47 52.04 68.04 -2.82
N THR A 48 50.88 68.68 -2.78
CA THR A 48 50.75 70.02 -3.32
C THR A 48 51.90 70.91 -2.83
N PRO A 49 52.80 71.27 -3.78
CA PRO A 49 53.94 72.10 -3.46
C PRO A 49 53.52 73.56 -3.26
N SER A 50 52.66 73.76 -2.27
CA SER A 50 52.17 75.09 -1.97
C SER A 50 51.37 75.63 -3.15
N LYS A 51 50.51 76.60 -2.84
CA LYS A 51 49.67 77.21 -3.86
C LYS A 51 50.53 78.09 -4.76
N GLU A 52 50.20 78.09 -6.04
CA GLU A 52 50.94 78.88 -7.01
C GLU A 52 50.58 80.36 -6.87
N VAL A 53 51.57 81.20 -7.14
CA VAL A 53 51.38 82.64 -7.05
C VAL A 53 50.59 82.96 -5.77
N LYS A 54 50.01 84.16 -5.76
CA LYS A 54 49.24 84.60 -4.61
C LYS A 54 48.44 85.85 -4.99
N GLN A 55 49.18 86.91 -5.30
CA GLN A 55 48.57 88.16 -5.69
C GLN A 55 48.86 88.47 -7.15
N GLU A 56 48.12 89.45 -7.67
CA GLU A 56 48.29 89.84 -9.06
C GLU A 56 48.12 91.36 -9.20
N GLN A 57 49.24 92.06 -9.06
CA GLN A 57 49.23 93.51 -9.16
C GLN A 57 48.00 94.09 -8.47
N ILE A 58 48.15 94.33 -7.17
CA ILE A 58 47.06 94.89 -6.39
C ILE A 58 46.79 96.32 -6.85
N LEU A 59 45.51 96.67 -6.87
CA LEU A 59 45.10 97.99 -7.28
C LEU A 59 43.70 98.29 -6.74
N SER A 60 43.32 99.55 -6.83
CA SER A 60 42.02 99.97 -6.35
C SER A 60 41.67 101.35 -6.92
N LEU A 61 40.39 101.53 -7.22
CA LEU A 61 39.91 102.78 -7.77
C LEU A 61 38.38 102.85 -7.62
N PHE A 62 37.88 104.08 -7.59
CA PHE A 62 36.46 104.29 -7.45
C PHE A 62 36.10 105.75 -7.76
N GLU A 63 34.80 105.99 -7.89
CA GLU A 63 34.31 107.34 -8.18
C GLU A 63 32.81 107.42 -7.87
N ASP A 64 32.41 108.59 -7.41
CA ASP A 64 31.01 108.83 -7.08
C ASP A 64 30.72 110.33 -7.09
N THR A 65 29.44 110.66 -7.09
CA THR A 65 29.03 112.06 -7.10
C THR A 65 29.49 112.74 -8.39
N PHE A 66 28.53 113.32 -9.10
CA PHE A 66 28.82 114.00 -10.34
C PHE A 66 27.55 114.63 -10.93
N VAL A 67 27.73 115.27 -12.08
CA VAL A 67 26.62 115.91 -12.75
C VAL A 67 25.63 116.43 -11.71
N PRO A 68 25.94 117.63 -11.15
CA PRO A 68 25.08 118.24 -10.15
C PRO A 68 23.82 118.82 -10.79
N GLU A 69 24.03 119.64 -11.81
CA GLU A 69 22.92 120.27 -12.51
C GLU A 69 23.44 121.10 -13.68
N ILE A 70 22.50 121.53 -14.52
CA ILE A 70 22.85 122.32 -15.69
C ILE A 70 22.22 123.71 -15.55
N SER A 71 22.62 124.59 -16.46
CA SER A 71 22.11 125.95 -16.45
C SER A 71 21.73 126.38 -17.87
N VAL A 72 20.93 127.43 -17.94
CA VAL A 72 20.48 127.95 -19.23
C VAL A 72 20.47 129.48 -19.19
N THR A 73 20.27 130.06 -20.35
CA THR A 73 20.22 131.52 -20.46
C THR A 73 19.09 131.94 -21.40
N THR A 74 18.61 133.16 -21.17
CA THR A 74 17.54 133.70 -21.98
C THR A 74 17.82 135.16 -22.34
N PRO A 75 18.54 135.33 -23.49
CA PRO A 75 18.88 136.67 -23.95
C PRO A 75 17.68 137.37 -24.57
N SER A 76 17.61 138.68 -24.36
CA SER A 76 16.51 139.47 -24.88
C SER A 76 16.66 140.93 -24.44
N GLN A 77 16.61 141.81 -25.43
CA GLN A 77 16.74 143.24 -25.16
C GLN A 77 16.38 144.04 -26.41
N PRO A 78 15.68 145.18 -26.18
CA PRO A 78 15.27 146.06 -27.27
C PRO A 78 16.46 146.86 -27.79
N ALA A 79 16.26 147.47 -28.95
CA ALA A 79 17.30 148.28 -29.56
C ALA A 79 16.75 148.92 -30.84
N GLU A 80 16.62 150.23 -30.79
CA GLU A 80 16.11 150.98 -31.93
C GLU A 80 16.74 152.37 -31.99
N ALA A 81 16.76 152.93 -33.19
CA ALA A 81 17.34 154.25 -33.38
C ALA A 81 16.33 155.13 -34.13
N SER A 82 15.67 155.99 -33.36
CA SER A 82 14.68 156.89 -33.92
C SER A 82 14.06 157.75 -32.82
N GLU A 83 14.03 159.04 -33.07
CA GLU A 83 13.47 159.99 -32.12
C GLU A 83 13.49 161.41 -32.68
N VAL A 84 14.70 161.86 -32.99
CA VAL A 84 14.88 163.20 -33.54
C VAL A 84 13.80 163.46 -34.60
N ALA A 85 13.57 162.44 -35.41
CA ALA A 85 12.57 162.54 -36.46
C ALA A 85 11.18 162.66 -35.84
N GLY A 86 10.83 161.65 -35.06
CA GLY A 86 9.53 161.63 -34.40
C GLY A 86 8.87 160.26 -34.52
N GLY A 87 8.23 159.85 -33.43
CA GLY A 87 7.55 158.55 -33.40
C GLY A 87 6.26 158.63 -32.59
N THR A 88 5.79 157.47 -32.18
CA THR A 88 4.58 157.38 -31.39
C THR A 88 4.75 156.41 -30.22
N GLN A 89 4.06 156.69 -29.14
CA GLN A 89 4.13 155.85 -27.96
C GLN A 89 5.54 155.90 -27.35
N PRO A 90 5.60 155.68 -26.02
CA PRO A 90 6.87 155.70 -25.31
C PRO A 90 7.67 154.43 -25.59
N ALA A 91 7.07 153.30 -25.24
CA ALA A 91 7.72 152.01 -25.45
C ALA A 91 6.70 150.90 -25.24
N ALA A 92 5.94 150.62 -26.28
CA ALA A 92 4.92 149.58 -26.22
C ALA A 92 3.95 149.88 -25.07
N GLY A 93 2.93 149.05 -24.98
CA GLY A 93 1.94 149.22 -23.93
C GLY A 93 0.98 148.02 -23.89
N ALA A 94 1.41 147.00 -23.15
CA ALA A 94 0.61 145.79 -23.01
C ALA A 94 1.15 144.96 -21.84
N GLN A 95 0.22 144.39 -21.10
CA GLN A 95 0.58 143.57 -19.95
C GLN A 95 -0.68 143.01 -19.28
N GLU A 96 -0.64 141.70 -19.03
CA GLU A 96 -1.77 141.04 -18.40
C GLU A 96 -1.36 139.64 -17.94
N PRO A 97 -1.26 139.48 -16.60
CA PRO A 97 -0.88 138.21 -16.01
C PRO A 97 -2.04 137.21 -16.06
N GLY A 98 -1.77 136.00 -15.60
CA GLY A 98 -2.77 134.95 -15.60
C GLY A 98 -2.41 133.86 -14.60
N GLU A 99 -1.64 132.89 -15.09
CA GLU A 99 -1.21 131.77 -14.25
C GLU A 99 -2.42 130.92 -13.87
N THR A 100 -2.24 129.61 -14.02
CA THR A 100 -3.30 128.67 -13.69
C THR A 100 -2.75 127.25 -13.60
N ALA A 101 -3.23 126.51 -12.62
CA ALA A 101 -2.80 125.15 -12.41
C ALA A 101 -3.59 124.52 -11.26
N ALA A 102 -3.44 123.22 -11.12
CA ALA A 102 -4.13 122.49 -10.07
C ALA A 102 -3.69 121.02 -10.10
N SER A 103 -4.10 120.31 -9.05
CA SER A 103 -3.76 118.90 -8.94
C SER A 103 -4.97 118.10 -8.44
N GLU A 104 -5.31 117.08 -9.20
CA GLU A 104 -6.44 116.24 -8.85
C GLU A 104 -6.34 114.88 -9.55
N ALA A 105 -7.20 113.96 -9.13
CA ALA A 105 -7.21 112.63 -9.72
C ALA A 105 -5.86 111.96 -9.46
N ALA A 106 -5.79 110.69 -9.83
CA ALA A 106 -4.57 109.93 -9.65
C ALA A 106 -4.29 109.77 -8.16
N SER A 107 -5.10 108.96 -7.51
CA SER A 107 -4.95 108.71 -6.09
C SER A 107 -5.95 107.65 -5.63
N SER A 108 -5.41 106.56 -5.12
CA SER A 108 -6.24 105.45 -4.65
C SER A 108 -5.44 104.58 -3.68
N SER A 109 -4.39 103.97 -4.22
CA SER A 109 -3.54 103.10 -3.41
C SER A 109 -4.32 101.86 -2.99
N LEU A 110 -3.64 100.73 -3.03
CA LEU A 110 -4.26 99.47 -2.64
C LEU A 110 -3.19 98.37 -2.62
N PRO A 111 -2.58 98.19 -1.42
CA PRO A 111 -1.54 97.19 -1.25
C PRO A 111 -2.15 95.78 -1.19
N ALA A 112 -1.30 94.79 -1.43
CA ALA A 112 -1.74 93.41 -1.39
C ALA A 112 -1.17 92.72 -0.15
N VAL A 113 -1.97 91.85 0.42
CA VAL A 113 -1.56 91.11 1.61
C VAL A 113 -1.91 89.63 1.45
N VAL A 114 -1.42 88.83 2.38
CA VAL A 114 -1.67 87.41 2.35
C VAL A 114 -1.03 86.81 1.10
N VAL A 115 -0.08 85.92 1.32
CA VAL A 115 0.62 85.27 0.23
C VAL A 115 0.20 83.80 0.16
N GLU A 116 -0.11 83.25 1.32
CA GLU A 116 -0.52 81.87 1.42
C GLU A 116 0.60 80.94 0.93
N THR A 117 1.18 80.20 1.87
CA THR A 117 2.26 79.29 1.56
C THR A 117 1.99 77.92 2.16
N PHE A 118 2.52 76.89 1.51
CA PHE A 118 2.35 75.53 1.99
C PHE A 118 3.70 74.83 2.12
N PRO A 119 3.78 73.94 3.15
CA PRO A 119 5.00 73.20 3.40
C PRO A 119 5.19 72.07 2.38
N ALA A 120 6.34 71.43 2.44
CA ALA A 120 6.64 70.34 1.53
C ALA A 120 7.98 69.71 1.92
N THR A 121 7.95 68.40 2.10
CA THR A 121 9.14 67.66 2.47
C THR A 121 9.02 66.19 2.05
N VAL A 122 10.15 65.64 1.63
CA VAL A 122 10.19 64.26 1.19
C VAL A 122 11.65 63.80 1.08
N ASN A 123 12.38 63.98 2.18
CA ASN A 123 13.77 63.60 2.22
C ASN A 123 14.03 62.79 3.50
N GLY A 124 14.58 61.60 3.30
CA GLY A 124 14.89 60.72 4.42
C GLY A 124 15.65 59.49 3.95
N THR A 125 15.56 58.43 4.75
CA THR A 125 16.24 57.19 4.43
C THR A 125 15.38 55.99 4.85
N VAL A 126 15.40 54.97 4.01
CA VAL A 126 14.63 53.76 4.28
C VAL A 126 14.88 53.32 5.71
N GLU A 127 13.83 52.80 6.33
CA GLU A 127 13.93 52.33 7.70
C GLU A 127 12.91 51.20 7.95
N GLY A 128 13.45 50.00 8.13
CA GLY A 128 12.61 48.83 8.37
C GLY A 128 13.23 47.58 7.75
N GLY A 129 14.23 47.05 8.44
CA GLY A 129 14.91 45.86 7.96
C GLY A 129 14.79 44.72 8.99
N SER A 130 15.60 44.82 10.03
CA SER A 130 15.60 43.81 11.07
C SER A 130 16.00 42.45 10.50
N GLY A 131 16.93 41.81 11.18
CA GLY A 131 17.41 40.51 10.75
C GLY A 131 18.54 40.65 9.73
N ALA A 132 19.19 39.53 9.45
CA ALA A 132 20.29 39.52 8.49
C ALA A 132 21.53 40.14 9.15
N GLY A 133 21.50 41.45 9.29
CA GLY A 133 22.61 42.18 9.88
C GLY A 133 22.69 41.88 11.38
N ARG A 134 23.76 42.39 11.99
CA ARG A 134 23.98 42.20 13.41
C ARG A 134 23.03 43.07 14.23
N LEU A 135 23.25 43.08 15.53
CA LEU A 135 22.41 43.86 16.42
C LEU A 135 23.30 44.80 17.25
N ASP A 136 24.43 44.25 17.69
CA ASP A 136 25.37 45.02 18.49
C ASP A 136 26.62 45.29 17.66
N LEU A 137 27.32 46.36 18.03
CA LEU A 137 28.53 46.74 17.33
C LEU A 137 29.71 45.97 17.92
N PRO A 138 30.82 45.90 17.12
CA PRO A 138 32.01 45.19 17.56
C PRO A 138 32.78 46.01 18.60
N PRO A 139 33.19 45.29 19.69
CA PRO A 139 33.94 45.94 20.76
C PRO A 139 35.38 46.22 20.34
N GLY A 140 35.89 47.35 20.79
CA GLY A 140 37.25 47.75 20.47
C GLY A 140 37.29 48.54 19.16
N PHE A 141 36.28 48.33 18.34
CA PHE A 141 36.19 49.00 17.06
C PHE A 141 36.72 50.44 17.16
N MET A 142 37.22 50.93 16.03
CA MET A 142 37.76 52.27 15.99
C MET A 142 36.91 53.17 15.10
N PHE A 143 36.95 52.88 13.80
CA PHE A 143 36.18 53.65 12.83
C PHE A 143 35.99 52.87 11.53
N LYS A 144 35.30 53.50 10.60
CA LYS A 144 35.04 52.88 9.31
C LYS A 144 36.03 53.41 8.28
N VAL A 145 36.41 52.53 7.36
CA VAL A 145 37.35 52.90 6.31
C VAL A 145 36.73 52.58 4.94
N GLN A 146 37.37 53.13 3.91
CA GLN A 146 36.89 52.92 2.55
C GLN A 146 38.06 52.58 1.63
N ALA A 147 38.00 51.38 1.05
CA ALA A 147 39.03 50.93 0.15
C ALA A 147 39.08 51.84 -1.08
N GLN A 148 40.26 51.95 -1.65
CA GLN A 148 40.46 52.78 -2.83
C GLN A 148 40.98 51.95 -3.99
N HIS A 149 41.23 50.67 -3.70
CA HIS A 149 41.73 49.76 -4.71
C HIS A 149 41.19 48.36 -4.45
N ASP A 150 41.40 47.47 -5.42
CA ASP A 150 40.95 46.11 -5.30
C ASP A 150 42.15 45.19 -5.08
N TYR A 151 42.32 44.77 -3.83
CA TYR A 151 43.42 43.89 -3.48
C TYR A 151 42.91 42.54 -2.99
N THR A 152 43.13 41.52 -3.81
CA THR A 152 42.70 40.18 -3.48
C THR A 152 43.64 39.55 -2.45
N ALA A 153 43.10 39.31 -1.27
CA ALA A 153 43.88 38.73 -0.19
C ALA A 153 43.34 37.33 0.11
N THR A 154 44.19 36.33 -0.14
CA THR A 154 43.83 34.95 0.10
C THR A 154 44.78 34.31 1.11
N ASP A 155 44.37 34.35 2.37
CA ASP A 155 45.17 33.78 3.44
C ASP A 155 44.25 33.08 4.44
N THR A 156 44.87 32.60 5.52
CA THR A 156 44.12 31.91 6.55
C THR A 156 43.41 32.92 7.46
N ASP A 157 43.69 34.19 7.21
CA ASP A 157 43.08 35.26 7.99
C ASP A 157 43.31 36.60 7.27
N GLU A 158 43.14 36.57 5.97
CA GLU A 158 43.32 37.76 5.16
C GLU A 158 41.99 38.51 5.01
N LEU A 159 42.09 39.75 4.57
CA LEU A 159 40.91 40.57 4.37
C LEU A 159 40.88 41.09 2.93
N GLN A 160 39.91 40.61 2.17
CA GLN A 160 39.76 41.02 0.79
C GLN A 160 39.13 42.41 0.70
N LEU A 161 39.68 43.22 -0.19
CA LEU A 161 39.18 44.58 -0.37
C LEU A 161 38.96 44.83 -1.86
N LYS A 162 37.91 45.59 -2.15
CA LYS A 162 37.57 45.92 -3.52
C LYS A 162 37.47 47.43 -3.67
N ALA A 163 38.16 47.95 -4.68
CA ALA A 163 38.16 49.38 -4.94
C ALA A 163 36.77 49.94 -4.65
N GLY A 164 36.66 50.61 -3.52
CA GLY A 164 35.39 51.21 -3.11
C GLY A 164 34.62 50.27 -2.18
N ASP A 165 35.34 49.74 -1.20
CA ASP A 165 34.74 48.84 -0.23
C ASP A 165 34.65 49.52 1.13
N VAL A 166 33.94 48.89 2.04
CA VAL A 166 33.77 49.43 3.38
C VAL A 166 34.34 48.44 4.39
N VAL A 167 35.24 48.96 5.23
CA VAL A 167 35.86 48.13 6.24
C VAL A 167 35.93 48.92 7.56
N LEU A 168 35.79 48.19 8.66
CA LEU A 168 35.84 48.80 9.97
C LEU A 168 37.14 48.41 10.67
N VAL A 169 37.82 49.43 11.17
CA VAL A 169 39.09 49.21 11.87
C VAL A 169 38.80 48.73 13.29
N ILE A 170 39.29 47.54 13.59
CA ILE A 170 39.10 46.96 14.91
C ILE A 170 40.45 46.54 15.49
N PRO A 171 40.52 46.52 16.84
CA PRO A 171 41.75 46.14 17.52
C PRO A 171 41.96 44.62 17.46
N PHE A 172 43.04 44.23 16.80
CA PHE A 172 43.38 42.83 16.67
C PHE A 172 43.54 42.17 18.03
N GLN A 173 43.90 40.89 18.00
CA GLN A 173 44.10 40.14 19.23
C GLN A 173 45.49 40.41 19.80
N ASN A 174 46.42 40.67 18.90
CA ASN A 174 47.79 40.95 19.31
C ASN A 174 48.48 41.78 18.23
N PRO A 175 49.40 42.68 18.67
CA PRO A 175 50.12 43.53 17.76
C PRO A 175 51.21 42.74 17.03
N GLU A 176 51.60 41.63 17.62
CA GLU A 176 52.62 40.77 17.04
C GLU A 176 52.09 40.09 15.78
N GLU A 177 50.78 39.95 15.74
CA GLU A 177 50.13 39.31 14.59
C GLU A 177 49.89 40.33 13.49
N GLN A 178 49.99 41.60 13.87
CA GLN A 178 49.77 42.69 12.92
C GLN A 178 51.01 42.86 12.04
N ASP A 179 50.76 43.24 10.79
CA ASP A 179 51.83 43.45 9.83
C ASP A 179 52.15 44.94 9.75
N GLU A 180 53.25 45.24 9.08
CA GLU A 180 53.67 46.62 8.91
C GLU A 180 52.94 47.27 7.73
N GLY A 181 52.00 48.14 8.07
CA GLY A 181 51.21 48.83 7.06
C GLY A 181 49.84 48.19 6.90
N TRP A 182 49.68 47.03 7.53
CA TRP A 182 48.42 46.31 7.47
C TRP A 182 47.91 46.14 8.90
N LEU A 183 46.61 46.36 9.05
CA LEU A 183 45.97 46.23 10.35
C LEU A 183 44.78 45.28 10.26
N MET A 184 44.25 44.93 11.41
CA MET A 184 43.10 44.03 11.47
C MET A 184 41.79 44.81 11.36
N GLY A 185 41.10 44.59 10.26
CA GLY A 185 39.83 45.25 10.02
C GLY A 185 38.75 44.25 9.63
N VAL A 186 37.53 44.77 9.48
CA VAL A 186 36.40 43.93 9.12
C VAL A 186 35.56 44.65 8.07
N LYS A 187 35.09 43.87 7.10
CA LYS A 187 34.28 44.42 6.02
C LYS A 187 32.85 44.66 6.55
N GLU A 188 32.14 45.52 5.83
CA GLU A 188 30.77 45.84 6.21
C GLU A 188 29.92 44.58 6.25
N SER A 189 30.19 43.69 5.31
CA SER A 189 29.46 42.43 5.23
C SER A 189 29.76 41.57 6.46
N ASP A 190 31.04 41.54 6.82
CA ASP A 190 31.47 40.76 7.97
C ASP A 190 30.80 41.31 9.23
N TRP A 191 30.57 42.61 9.22
CA TRP A 191 29.95 43.27 10.36
C TRP A 191 28.67 42.51 10.70
N ASN A 192 27.90 42.22 9.67
CA ASN A 192 26.65 41.50 9.84
C ASN A 192 26.93 40.19 10.60
N GLN A 193 28.16 39.71 10.45
CA GLN A 193 28.55 38.48 11.11
C GLN A 193 29.11 38.78 12.50
N HIS A 194 28.81 39.99 12.98
CA HIS A 194 29.28 40.40 14.29
C HIS A 194 29.04 39.28 15.30
N LYS A 195 28.09 38.42 14.96
CA LYS A 195 27.76 37.31 15.84
C LYS A 195 29.01 36.45 16.06
N LYS A 196 29.78 36.29 15.00
CA LYS A 196 31.00 35.50 15.06
C LYS A 196 32.03 36.07 14.09
N LEU A 197 32.24 37.38 14.21
CA LEU A 197 33.20 38.05 13.34
C LEU A 197 34.61 37.62 13.73
N GLU A 198 34.79 37.31 15.00
CA GLU A 198 36.07 36.87 15.49
C GLU A 198 36.59 35.68 14.69
N LYS A 199 35.66 35.04 13.98
CA LYS A 199 36.01 33.89 13.17
C LYS A 199 36.05 34.30 11.70
N CYS A 200 35.94 35.60 11.48
CA CYS A 200 35.96 36.15 10.13
C CYS A 200 36.95 37.31 10.10
N ARG A 201 37.71 37.44 11.18
CA ARG A 201 38.69 38.51 11.28
C ARG A 201 39.73 38.38 10.17
N GLY A 202 40.33 39.52 9.83
CA GLY A 202 41.33 39.56 8.79
C GLY A 202 42.18 40.83 8.89
N VAL A 203 43.11 40.94 7.96
CA VAL A 203 43.99 42.11 7.92
C VAL A 203 43.99 42.70 6.52
N PHE A 204 44.41 43.96 6.43
CA PHE A 204 44.46 44.65 5.16
C PHE A 204 45.36 45.88 5.24
N PRO A 205 45.88 46.30 4.05
CA PRO A 205 46.76 47.46 3.98
C PRO A 205 45.96 48.75 4.13
N GLU A 206 46.28 49.49 5.18
CA GLU A 206 45.60 50.75 5.45
C GLU A 206 45.97 51.79 4.38
N ASN A 207 47.20 51.68 3.90
CA ASN A 207 47.68 52.59 2.88
C ASN A 207 46.88 52.40 1.60
N PHE A 208 46.45 51.16 1.39
CA PHE A 208 45.67 50.82 0.20
C PHE A 208 44.19 51.17 0.41
N THR A 209 43.90 51.72 1.58
CA THR A 209 42.54 52.10 1.91
C THR A 209 42.50 53.54 2.45
N GLU A 210 41.28 54.01 2.70
CA GLU A 210 41.09 55.35 3.21
C GLU A 210 40.18 55.33 4.44
N ARG A 211 40.35 56.34 5.28
CA ARG A 211 39.55 56.44 6.49
C ARG A 211 38.27 57.23 6.22
N VAL A 212 37.19 56.78 6.82
CA VAL A 212 35.90 57.42 6.65
C VAL A 212 35.48 58.06 7.97
N PRO A 213 35.37 59.42 7.95
CA PRO A 213 34.98 60.16 9.14
C PRO A 213 33.47 60.02 9.41
N ASP A 1 -14.21 -38.12 -16.16
CA ASP A 1 -14.63 -39.46 -16.53
C ASP A 1 -14.34 -39.69 -18.01
N GLY A 2 -14.64 -38.68 -18.81
CA GLY A 2 -14.40 -38.76 -20.24
C GLY A 2 -14.81 -37.46 -20.93
N SER A 3 -13.82 -36.82 -21.53
CA SER A 3 -14.06 -35.57 -22.24
C SER A 3 -12.81 -35.16 -23.03
N PRO A 4 -12.98 -35.13 -24.38
CA PRO A 4 -11.88 -34.77 -25.26
C PRO A 4 -11.62 -33.26 -25.22
N ALA A 5 -10.69 -32.83 -26.05
CA ALA A 5 -10.33 -31.42 -26.12
C ALA A 5 -10.38 -30.97 -27.57
N ALA A 6 -9.98 -29.72 -27.78
CA ALA A 6 -9.97 -29.14 -29.12
C ALA A 6 -8.84 -28.11 -29.22
N THR A 7 -8.76 -27.49 -30.38
CA THR A 7 -7.74 -26.48 -30.62
C THR A 7 -8.20 -25.51 -31.72
N PRO A 8 -8.01 -24.19 -31.43
CA PRO A 8 -8.40 -23.16 -32.37
C PRO A 8 -7.41 -23.07 -33.52
N GLU A 9 -7.50 -21.97 -34.26
CA GLU A 9 -6.61 -21.75 -35.39
C GLU A 9 -6.25 -20.27 -35.51
N ILE A 10 -5.06 -20.02 -36.04
CA ILE A 10 -4.59 -18.66 -36.21
C ILE A 10 -4.16 -18.46 -37.67
N ARG A 11 -4.58 -17.32 -38.21
CA ARG A 11 -4.25 -16.99 -39.59
C ARG A 11 -3.52 -15.65 -39.66
N VAL A 12 -2.95 -15.38 -40.82
CA VAL A 12 -2.23 -14.14 -41.03
C VAL A 12 -2.10 -13.87 -42.53
N ASN A 13 -2.51 -12.67 -42.92
CA ASN A 13 -2.44 -12.28 -44.31
C ASN A 13 -1.51 -11.07 -44.46
N HIS A 14 -1.20 -10.75 -45.72
CA HIS A 14 -0.32 -9.64 -46.01
C HIS A 14 -1.03 -8.66 -46.95
N GLU A 15 -0.37 -7.53 -47.19
CA GLU A 15 -0.92 -6.52 -48.07
C GLU A 15 0.18 -5.55 -48.51
N PRO A 16 0.56 -5.70 -49.81
CA PRO A 16 1.59 -4.85 -50.38
C PRO A 16 1.07 -3.44 -50.65
N GLU A 17 1.97 -2.58 -51.10
CA GLU A 17 1.61 -1.20 -51.40
C GLU A 17 1.91 -0.88 -52.86
N PRO A 18 1.18 0.13 -53.39
CA PRO A 18 1.37 0.55 -54.77
C PRO A 18 2.66 1.35 -54.94
N ALA A 19 2.81 1.95 -56.11
CA ALA A 19 3.98 2.74 -56.41
C ALA A 19 3.56 4.10 -56.96
N GLY A 20 4.54 4.97 -57.13
CA GLY A 20 4.28 6.30 -57.64
C GLY A 20 5.02 6.53 -58.97
N GLY A 21 5.18 7.81 -59.30
CA GLY A 21 5.88 8.17 -60.52
C GLY A 21 6.50 9.56 -60.40
N ALA A 22 6.54 10.26 -61.53
CA ALA A 22 7.11 11.60 -61.56
C ALA A 22 6.68 12.30 -62.85
N THR A 23 7.20 13.50 -63.04
CA THR A 23 6.88 14.28 -64.23
C THR A 23 8.11 15.08 -64.69
N PRO A 24 8.22 15.22 -66.03
CA PRO A 24 9.33 15.95 -66.62
C PRO A 24 9.14 17.46 -66.44
N GLY A 25 9.99 18.21 -67.13
CA GLY A 25 9.93 19.66 -67.06
C GLY A 25 9.71 20.26 -68.45
N ALA A 26 10.04 21.55 -68.56
CA ALA A 26 9.89 22.25 -69.82
C ALA A 26 10.65 23.58 -69.76
N THR A 27 11.03 24.07 -70.93
CA THR A 27 11.75 25.32 -71.01
C THR A 27 11.08 26.26 -72.01
N LEU A 28 10.92 27.51 -71.58
CA LEU A 28 10.28 28.52 -72.41
C LEU A 28 11.31 29.60 -72.77
N PRO A 29 11.61 29.69 -74.09
CA PRO A 29 12.57 30.67 -74.57
C PRO A 29 11.96 32.07 -74.57
N LYS A 30 12.75 33.02 -75.06
CA LYS A 30 12.29 34.41 -75.12
C LYS A 30 12.25 34.86 -76.59
N SER A 31 11.64 36.01 -76.80
CA SER A 31 11.52 36.56 -78.14
C SER A 31 12.64 37.57 -78.39
N PRO A 32 13.21 37.50 -79.62
CA PRO A 32 14.28 38.40 -80.00
C PRO A 32 13.75 39.81 -80.28
N SER A 33 14.59 40.79 -79.99
CA SER A 33 14.21 42.18 -80.21
C SER A 33 15.34 42.91 -80.95
N GLN A 34 15.31 42.78 -82.27
CA GLN A 34 16.30 43.42 -83.11
C GLN A 34 16.16 44.94 -83.04
N LEU A 35 17.30 45.61 -83.03
CA LEU A 35 17.32 47.06 -82.96
C LEU A 35 16.77 47.51 -81.61
N ARG A 36 17.68 47.87 -80.72
CA ARG A 36 17.31 48.32 -79.39
C ARG A 36 17.44 49.84 -79.29
N LYS A 37 16.47 50.43 -78.61
CA LYS A 37 16.46 51.88 -78.44
C LYS A 37 16.56 52.21 -76.95
N GLY A 38 17.58 53.00 -76.61
CA GLY A 38 17.80 53.40 -75.23
C GLY A 38 17.68 54.91 -75.07
N PRO A 39 17.45 55.34 -73.80
CA PRO A 39 17.31 56.76 -73.50
C PRO A 39 18.68 57.44 -73.51
N PRO A 40 18.65 58.77 -73.85
CA PRO A 40 19.89 59.55 -73.90
C PRO A 40 20.38 59.88 -72.49
N VAL A 41 21.66 60.22 -72.42
CA VAL A 41 22.28 60.56 -71.15
C VAL A 41 22.69 62.03 -71.16
N PRO A 42 21.87 62.86 -70.44
CA PRO A 42 22.14 64.29 -70.36
C PRO A 42 23.31 64.57 -69.42
N PRO A 43 23.99 65.72 -69.68
CA PRO A 43 25.13 66.12 -68.86
C PRO A 43 24.67 66.66 -67.52
N PRO A 44 25.46 66.33 -66.46
CA PRO A 44 25.15 66.78 -65.12
C PRO A 44 25.47 68.27 -64.95
N PRO A 45 24.41 69.04 -64.60
CA PRO A 45 24.55 70.47 -64.40
C PRO A 45 25.25 70.77 -63.07
N LYS A 46 26.20 71.69 -63.13
CA LYS A 46 26.94 72.08 -61.94
C LYS A 46 27.00 73.61 -61.85
N HIS A 47 27.28 74.09 -60.65
CA HIS A 47 27.37 75.52 -60.43
C HIS A 47 28.58 75.83 -59.53
N THR A 48 29.10 77.03 -59.69
CA THR A 48 30.25 77.46 -58.91
C THR A 48 31.42 76.51 -59.13
N PRO A 49 32.26 76.85 -60.14
CA PRO A 49 33.42 76.04 -60.46
C PRO A 49 34.54 76.23 -59.43
N SER A 50 35.45 75.28 -59.40
CA SER A 50 36.57 75.33 -58.47
C SER A 50 37.59 74.26 -58.83
N LYS A 51 38.73 74.33 -58.15
CA LYS A 51 39.80 73.38 -58.38
C LYS A 51 39.75 72.90 -59.83
N GLU A 52 40.01 73.83 -60.74
CA GLU A 52 40.00 73.52 -62.15
C GLU A 52 41.43 73.44 -62.69
N VAL A 53 42.37 73.47 -61.77
CA VAL A 53 43.78 73.39 -62.14
C VAL A 53 44.50 72.43 -61.20
N LYS A 54 44.90 71.30 -61.76
CA LYS A 54 45.60 70.29 -60.97
C LYS A 54 47.02 70.78 -60.67
N GLN A 55 47.34 70.81 -59.39
CA GLN A 55 48.65 71.26 -58.95
C GLN A 55 49.31 70.18 -58.09
N GLU A 56 49.82 69.16 -58.75
CA GLU A 56 50.48 68.07 -58.05
C GLU A 56 51.99 68.13 -58.29
N GLN A 57 52.73 68.04 -57.19
CA GLN A 57 54.18 68.08 -57.25
C GLN A 57 54.78 67.04 -56.32
N ILE A 58 55.72 66.27 -56.87
CA ILE A 58 56.38 65.23 -56.10
C ILE A 58 57.72 65.77 -55.58
N LEU A 59 58.26 65.06 -54.59
CA LEU A 59 59.53 65.45 -54.00
C LEU A 59 60.40 64.21 -53.81
N SER A 60 61.71 64.44 -53.76
CA SER A 60 62.65 63.36 -53.58
C SER A 60 64.04 63.92 -53.32
N LEU A 61 64.79 63.20 -52.48
CA LEU A 61 66.14 63.62 -52.15
C LEU A 61 66.87 62.46 -51.46
N PHE A 62 68.15 62.68 -51.19
CA PHE A 62 68.96 61.67 -50.52
C PHE A 62 70.18 62.31 -49.85
N GLU A 63 70.80 61.53 -48.98
CA GLU A 63 71.97 62.00 -48.26
C GLU A 63 72.69 60.82 -47.59
N ASP A 64 73.89 61.10 -47.10
CA ASP A 64 74.68 60.09 -46.43
C ASP A 64 75.51 60.74 -45.33
N THR A 65 76.12 59.89 -44.52
CA THR A 65 76.95 60.36 -43.42
C THR A 65 77.75 59.21 -42.81
N PHE A 66 78.97 59.52 -42.40
CA PHE A 66 79.84 58.52 -41.80
C PHE A 66 80.30 58.97 -40.42
N VAL A 67 80.67 57.98 -39.61
CA VAL A 67 81.14 58.25 -38.26
C VAL A 67 82.54 57.66 -38.09
N PRO A 68 83.53 58.57 -37.89
CA PRO A 68 84.91 58.15 -37.71
C PRO A 68 85.12 57.57 -36.31
N GLU A 69 86.37 57.20 -36.04
CA GLU A 69 86.72 56.63 -34.75
C GLU A 69 87.94 57.34 -34.16
N ILE A 70 88.25 56.99 -32.92
CA ILE A 70 89.39 57.60 -32.25
C ILE A 70 89.67 56.82 -30.96
N SER A 71 90.96 56.74 -30.63
CA SER A 71 91.38 56.03 -29.44
C SER A 71 92.53 56.78 -28.77
N VAL A 72 92.85 56.34 -27.55
CA VAL A 72 93.93 56.96 -26.80
C VAL A 72 94.17 56.14 -25.51
N THR A 73 95.44 55.95 -25.22
CA THR A 73 95.82 55.20 -24.03
C THR A 73 96.25 56.15 -22.91
N THR A 74 96.58 55.56 -21.77
CA THR A 74 97.01 56.35 -20.62
C THR A 74 97.77 55.46 -19.63
N PRO A 75 98.77 56.09 -18.95
CA PRO A 75 99.58 55.37 -17.98
C PRO A 75 98.79 55.15 -16.68
N SER A 76 99.45 54.46 -15.75
CA SER A 76 98.83 54.18 -14.47
C SER A 76 99.83 53.50 -13.54
N GLN A 77 99.63 53.70 -12.24
CA GLN A 77 100.51 53.11 -11.26
C GLN A 77 101.94 53.62 -11.43
N PRO A 78 102.31 54.62 -10.57
CA PRO A 78 103.64 55.20 -10.63
C PRO A 78 104.68 54.26 -10.04
N ALA A 79 105.93 54.70 -10.07
CA ALA A 79 107.02 53.91 -9.54
C ALA A 79 107.91 54.79 -8.67
N GLU A 80 108.93 54.17 -8.09
CA GLU A 80 109.86 54.89 -7.24
C GLU A 80 109.15 55.32 -5.94
N ALA A 81 109.96 55.67 -4.96
CA ALA A 81 109.44 56.11 -3.68
C ALA A 81 110.52 56.90 -2.93
N SER A 82 111.60 56.21 -2.60
CA SER A 82 112.70 56.83 -1.89
C SER A 82 112.30 57.13 -0.44
N GLU A 83 112.47 56.13 0.40
CA GLU A 83 112.12 56.26 1.80
C GLU A 83 112.52 55.01 2.58
N VAL A 84 113.45 55.17 3.49
CA VAL A 84 113.93 54.07 4.30
C VAL A 84 114.29 54.57 5.70
N ALA A 85 115.30 55.42 5.75
CA ALA A 85 115.75 55.98 7.01
C ALA A 85 114.91 57.22 7.34
N GLY A 86 114.74 57.46 8.63
CA GLY A 86 113.96 58.60 9.08
C GLY A 86 114.13 58.81 10.59
N GLY A 87 113.36 59.75 11.11
CA GLY A 87 113.40 60.05 12.53
C GLY A 87 113.96 61.45 12.77
N THR A 88 115.28 61.53 12.85
CA THR A 88 115.95 62.79 13.07
C THR A 88 115.29 63.55 14.22
N GLN A 89 115.57 64.84 14.28
CA GLN A 89 115.00 65.69 15.32
C GLN A 89 114.38 66.95 14.71
N PRO A 90 113.02 66.90 14.56
CA PRO A 90 112.30 68.02 13.99
C PRO A 90 112.19 69.17 14.99
N ALA A 91 111.57 70.25 14.54
CA ALA A 91 111.39 71.41 15.39
C ALA A 91 110.55 72.45 14.65
N ALA A 92 109.32 72.04 14.32
CA ALA A 92 108.41 72.92 13.62
C ALA A 92 107.07 72.21 13.43
N GLY A 93 106.09 72.97 12.97
CA GLY A 93 104.76 72.43 12.74
C GLY A 93 103.70 73.54 12.71
N ALA A 94 102.59 73.23 12.07
CA ALA A 94 101.50 74.19 11.97
C ALA A 94 100.17 73.44 11.95
N GLN A 95 99.97 72.69 10.87
CA GLN A 95 98.75 71.92 10.70
C GLN A 95 97.58 72.85 10.40
N GLU A 96 96.51 72.25 9.88
CA GLU A 96 95.32 73.02 9.55
C GLU A 96 94.06 72.20 9.88
N PRO A 97 92.94 72.95 10.08
CA PRO A 97 91.67 72.32 10.40
C PRO A 97 91.06 71.65 9.16
N GLY A 98 90.71 72.50 8.20
CA GLY A 98 90.12 72.01 6.96
C GLY A 98 89.19 73.06 6.36
N GLU A 99 88.38 72.61 5.40
CA GLU A 99 87.45 73.50 4.74
C GLU A 99 86.10 72.79 4.53
N THR A 100 85.12 73.57 4.10
CA THR A 100 83.79 73.03 3.86
C THR A 100 83.33 73.35 2.44
N ALA A 101 82.75 72.35 1.79
CA ALA A 101 82.28 72.51 0.43
C ALA A 101 80.76 72.77 0.46
N ALA A 102 80.20 72.92 -0.73
CA ALA A 102 78.77 73.17 -0.87
C ALA A 102 78.21 72.31 -1.99
N SER A 103 76.94 72.53 -2.28
CA SER A 103 76.27 71.78 -3.32
C SER A 103 75.38 72.70 -4.15
N GLU A 104 74.86 72.16 -5.25
CA GLU A 104 74.00 72.93 -6.13
C GLU A 104 72.98 72.01 -6.81
N ALA A 105 72.14 72.62 -7.63
CA ALA A 105 71.12 71.87 -8.33
C ALA A 105 71.12 72.29 -9.81
N ALA A 106 70.25 71.64 -10.58
CA ALA A 106 70.14 71.94 -12.00
C ALA A 106 68.82 71.38 -12.53
N SER A 107 68.63 71.52 -13.83
CA SER A 107 67.43 71.03 -14.48
C SER A 107 67.71 70.71 -15.94
N SER A 108 66.70 70.14 -16.59
CA SER A 108 66.82 69.78 -17.99
C SER A 108 65.47 69.90 -18.69
N SER A 109 65.47 69.57 -19.97
CA SER A 109 64.25 69.64 -20.76
C SER A 109 64.18 68.45 -21.72
N LEU A 110 63.07 68.38 -22.45
CA LEU A 110 62.87 67.31 -23.40
C LEU A 110 62.34 67.88 -24.72
N PRO A 111 63.24 67.91 -25.74
CA PRO A 111 62.88 68.44 -27.04
C PRO A 111 61.98 67.45 -27.80
N ALA A 112 62.56 66.27 -28.06
CA ALA A 112 61.82 65.24 -28.77
C ALA A 112 61.61 65.68 -30.22
N VAL A 113 61.63 64.70 -31.11
CA VAL A 113 61.43 64.97 -32.52
C VAL A 113 60.71 63.79 -33.17
N VAL A 114 59.70 64.11 -33.96
CA VAL A 114 58.93 63.09 -34.65
C VAL A 114 59.13 63.22 -36.15
N VAL A 115 59.89 62.29 -36.70
CA VAL A 115 60.16 62.29 -38.13
C VAL A 115 59.30 61.24 -38.82
N GLU A 116 58.84 61.58 -40.01
CA GLU A 116 58.00 60.67 -40.78
C GLU A 116 58.55 60.52 -42.20
N THR A 117 58.06 59.49 -42.88
CA THR A 117 58.49 59.22 -44.24
C THR A 117 57.31 58.78 -45.10
N PHE A 118 57.62 58.40 -46.33
CA PHE A 118 56.59 57.96 -47.26
C PHE A 118 57.17 57.01 -48.31
N PRO A 119 57.04 55.69 -48.01
CA PRO A 119 57.55 54.67 -48.92
C PRO A 119 56.64 54.52 -50.14
N ALA A 120 56.97 53.54 -50.97
CA ALA A 120 56.19 53.28 -52.16
C ALA A 120 56.33 54.47 -53.12
N THR A 121 56.37 54.15 -54.40
CA THR A 121 56.50 55.18 -55.43
C THR A 121 56.51 54.55 -56.82
N VAL A 122 55.51 53.70 -57.06
CA VAL A 122 55.40 53.03 -58.34
C VAL A 122 54.07 53.41 -58.99
N ASN A 123 53.94 53.06 -60.27
CA ASN A 123 52.74 53.36 -61.02
C ASN A 123 52.91 52.88 -62.46
N GLY A 124 51.79 52.80 -63.16
CA GLY A 124 51.80 52.36 -64.55
C GLY A 124 50.97 53.31 -65.42
N THR A 125 51.45 53.50 -66.64
CA THR A 125 50.76 54.36 -67.59
C THR A 125 51.40 54.25 -68.98
N VAL A 126 50.61 54.63 -69.97
CA VAL A 126 51.09 54.57 -71.35
C VAL A 126 51.37 53.12 -71.73
N GLU A 127 50.60 52.62 -72.68
CA GLU A 127 50.76 51.25 -73.13
C GLU A 127 49.76 50.94 -74.26
N GLY A 128 50.31 50.70 -75.45
CA GLY A 128 49.48 50.40 -76.60
C GLY A 128 50.09 49.26 -77.42
N GLY A 129 49.86 49.32 -78.72
CA GLY A 129 50.37 48.30 -79.61
C GLY A 129 49.57 48.26 -80.92
N SER A 130 50.21 48.73 -81.99
CA SER A 130 49.57 48.75 -83.29
C SER A 130 50.22 47.71 -84.21
N GLY A 131 49.39 47.13 -85.08
CA GLY A 131 49.87 46.14 -86.00
C GLY A 131 49.82 46.65 -87.44
N ALA A 132 48.93 46.05 -88.23
CA ALA A 132 48.78 46.45 -89.61
C ALA A 132 47.67 47.49 -89.73
N GLY A 133 46.46 47.06 -89.40
CA GLY A 133 45.31 47.95 -89.45
C GLY A 133 44.89 48.22 -90.90
N ARG A 134 44.02 49.19 -91.06
CA ARG A 134 43.54 49.57 -92.37
C ARG A 134 44.64 50.30 -93.16
N LEU A 135 44.28 50.72 -94.36
CA LEU A 135 45.23 51.41 -95.21
C LEU A 135 44.69 52.82 -95.51
N ASP A 136 43.38 52.90 -95.70
CA ASP A 136 42.74 54.16 -95.99
C ASP A 136 41.78 54.51 -94.85
N LEU A 137 41.53 55.80 -94.70
CA LEU A 137 40.63 56.28 -93.66
C LEU A 137 39.18 56.18 -94.17
N PRO A 138 38.24 56.18 -93.18
CA PRO A 138 36.83 56.10 -93.51
C PRO A 138 36.31 57.43 -94.06
N PRO A 139 35.53 57.32 -95.18
CA PRO A 139 34.97 58.50 -95.81
C PRO A 139 33.80 59.05 -95.00
N GLY A 140 33.70 60.38 -95.00
CA GLY A 140 32.63 61.04 -94.27
C GLY A 140 33.03 61.28 -92.82
N PHE A 141 33.98 60.48 -92.36
CA PHE A 141 34.46 60.60 -90.99
C PHE A 141 34.50 62.06 -90.54
N MET A 142 34.33 62.25 -89.24
CA MET A 142 34.35 63.59 -88.68
C MET A 142 35.59 63.80 -87.80
N PHE A 143 35.59 63.12 -86.66
CA PHE A 143 36.71 63.22 -85.74
C PHE A 143 36.73 62.02 -84.78
N LYS A 144 37.76 61.99 -83.95
CA LYS A 144 37.91 60.92 -82.99
C LYS A 144 37.33 61.35 -81.64
N VAL A 145 36.76 60.40 -80.93
CA VAL A 145 36.16 60.67 -79.63
C VAL A 145 36.71 59.68 -78.61
N GLN A 146 36.52 60.02 -77.34
CA GLN A 146 36.98 59.16 -76.26
C GLN A 146 35.87 58.97 -75.22
N ALA A 147 35.50 57.71 -75.03
CA ALA A 147 34.46 57.38 -74.07
C ALA A 147 34.94 57.75 -72.66
N GLN A 148 33.97 57.96 -71.79
CA GLN A 148 34.27 58.32 -70.41
C GLN A 148 33.57 57.35 -69.44
N HIS A 149 32.85 56.41 -70.03
CA HIS A 149 32.13 55.42 -69.24
C HIS A 149 32.12 54.08 -69.98
N ASP A 150 31.68 53.05 -69.27
CA ASP A 150 31.61 51.72 -69.85
C ASP A 150 30.15 51.32 -70.03
N TYR A 151 29.70 51.43 -71.27
CA TYR A 151 28.32 51.08 -71.60
C TYR A 151 28.26 49.87 -72.53
N THR A 152 27.75 48.78 -71.99
CA THR A 152 27.63 47.54 -72.75
C THR A 152 26.42 47.61 -73.67
N ALA A 153 26.70 47.64 -74.97
CA ALA A 153 25.64 47.70 -75.97
C ALA A 153 25.52 46.35 -76.67
N THR A 154 24.37 45.71 -76.50
CA THR A 154 24.13 44.42 -77.11
C THR A 154 22.94 44.50 -78.06
N ASP A 155 23.25 44.74 -79.33
CA ASP A 155 22.23 44.84 -80.35
C ASP A 155 22.73 44.18 -81.64
N THR A 156 21.88 44.24 -82.67
CA THR A 156 22.23 43.66 -83.95
C THR A 156 23.16 44.60 -84.73
N ASP A 157 23.40 45.76 -84.14
CA ASP A 157 24.26 46.75 -84.76
C ASP A 157 24.56 47.88 -83.75
N GLU A 158 24.90 47.46 -82.54
CA GLU A 158 25.21 48.41 -81.49
C GLU A 158 26.72 48.65 -81.40
N LEU A 159 27.09 49.64 -80.60
CA LEU A 159 28.49 49.97 -80.42
C LEU A 159 28.84 49.94 -78.94
N GLN A 160 29.74 49.03 -78.59
CA GLN A 160 30.16 48.90 -77.21
C GLN A 160 31.26 49.91 -76.89
N LEU A 161 31.15 50.50 -75.70
CA LEU A 161 32.13 51.48 -75.27
C LEU A 161 32.61 51.13 -73.85
N LYS A 162 33.87 51.41 -73.60
CA LYS A 162 34.46 51.14 -72.30
C LYS A 162 35.13 52.41 -71.76
N ALA A 163 34.79 52.74 -70.53
CA ALA A 163 35.35 53.93 -69.89
C ALA A 163 36.82 54.08 -70.32
N GLY A 164 37.02 54.94 -71.30
CA GLY A 164 38.36 55.19 -71.82
C GLY A 164 38.59 54.44 -73.13
N ASP A 165 37.62 54.55 -74.02
CA ASP A 165 37.70 53.89 -75.32
C ASP A 165 37.87 54.95 -76.41
N VAL A 166 38.30 54.49 -77.57
CA VAL A 166 38.50 55.38 -78.70
C VAL A 166 37.48 55.04 -79.79
N VAL A 167 36.77 56.07 -80.23
CA VAL A 167 35.76 55.90 -81.27
C VAL A 167 35.85 57.06 -82.25
N LEU A 168 35.60 56.76 -83.51
CA LEU A 168 35.64 57.76 -84.56
C LEU A 168 34.22 58.09 -85.02
N VAL A 169 33.90 59.38 -84.97
CA VAL A 169 32.58 59.83 -85.38
C VAL A 169 32.49 59.83 -86.91
N ILE A 170 31.56 59.02 -87.41
CA ILE A 170 31.36 58.92 -88.84
C ILE A 170 29.89 59.17 -89.17
N PRO A 171 29.66 59.68 -90.42
CA PRO A 171 28.31 59.97 -90.87
C PRO A 171 27.55 58.67 -91.20
N PHE A 172 26.49 58.44 -90.44
CA PHE A 172 25.68 57.25 -90.65
C PHE A 172 25.10 57.22 -92.07
N GLN A 173 24.22 56.26 -92.30
CA GLN A 173 23.59 56.11 -93.59
C GLN A 173 22.39 57.07 -93.71
N ASN A 174 21.83 57.40 -92.56
CA ASN A 174 20.68 58.29 -92.52
C ASN A 174 20.45 58.75 -91.08
N PRO A 175 19.95 60.02 -90.95
CA PRO A 175 19.69 60.58 -89.64
C PRO A 175 18.41 59.98 -89.04
N GLU A 176 17.61 59.38 -89.91
CA GLU A 176 16.36 58.76 -89.48
C GLU A 176 16.65 57.47 -88.72
N GLU A 177 17.89 57.01 -88.83
CA GLU A 177 18.30 55.79 -88.17
C GLU A 177 19.00 56.11 -86.84
N GLN A 178 19.51 57.34 -86.77
CA GLN A 178 20.21 57.78 -85.57
C GLN A 178 19.20 58.08 -84.46
N ASP A 179 19.62 57.79 -83.24
CA ASP A 179 18.76 58.01 -82.08
C ASP A 179 19.10 59.39 -81.47
N GLU A 180 18.23 59.81 -80.56
CA GLU A 180 18.43 61.10 -79.90
C GLU A 180 19.49 60.97 -78.80
N GLY A 181 20.62 61.62 -79.03
CA GLY A 181 21.72 61.58 -78.07
C GLY A 181 22.76 60.54 -78.47
N TRP A 182 22.38 59.71 -79.43
CA TRP A 182 23.27 58.66 -79.90
C TRP A 182 23.60 58.95 -81.38
N LEU A 183 24.79 58.55 -81.77
CA LEU A 183 25.23 58.76 -83.14
C LEU A 183 25.98 57.51 -83.62
N MET A 184 26.29 57.52 -84.92
CA MET A 184 26.99 56.40 -85.52
C MET A 184 28.51 56.63 -85.50
N GLY A 185 29.19 55.81 -84.72
CA GLY A 185 30.63 55.92 -84.61
C GLY A 185 31.31 54.56 -84.81
N VAL A 186 32.63 54.59 -84.82
CA VAL A 186 33.40 53.37 -85.00
C VAL A 186 34.59 53.36 -84.03
N LYS A 187 34.81 52.22 -83.42
CA LYS A 187 35.90 52.07 -82.47
C LYS A 187 37.23 52.03 -83.23
N GLU A 188 38.29 52.31 -82.50
CA GLU A 188 39.63 52.31 -83.09
C GLU A 188 39.94 50.95 -83.70
N SER A 189 39.48 49.91 -83.01
CA SER A 189 39.71 48.55 -83.48
C SER A 189 38.98 48.32 -84.80
N ASP A 190 37.73 48.79 -84.84
CA ASP A 190 36.91 48.64 -86.03
C ASP A 190 37.59 49.36 -87.20
N TRP A 191 38.30 50.43 -86.86
CA TRP A 191 39.00 51.22 -87.87
C TRP A 191 39.84 50.26 -88.71
N ASN A 192 40.57 49.40 -88.02
CA ASN A 192 41.42 48.42 -88.69
C ASN A 192 40.57 47.60 -89.66
N GLN A 193 39.29 47.51 -89.34
CA GLN A 193 38.36 46.76 -90.18
C GLN A 193 37.71 47.67 -91.22
N HIS A 194 38.35 48.83 -91.42
CA HIS A 194 37.84 49.80 -92.37
C HIS A 194 37.48 49.08 -93.68
N LYS A 195 38.08 47.93 -93.88
CA LYS A 195 37.84 47.15 -95.08
C LYS A 195 36.34 46.82 -95.16
N LYS A 196 35.74 46.62 -94.00
CA LYS A 196 34.33 46.30 -93.92
C LYS A 196 33.71 46.97 -92.69
N LEU A 197 33.93 48.27 -92.60
CA LEU A 197 33.41 49.03 -91.48
C LEU A 197 31.89 49.14 -91.59
N GLU A 198 31.43 49.19 -92.84
CA GLU A 198 30.01 49.28 -93.10
C GLU A 198 29.25 48.18 -92.36
N LYS A 199 29.90 47.03 -92.25
CA LYS A 199 29.30 45.89 -91.58
C LYS A 199 29.81 45.84 -90.13
N CYS A 200 30.50 46.90 -89.74
CA CYS A 200 31.03 47.00 -88.40
C CYS A 200 30.50 48.28 -87.75
N ARG A 201 29.62 48.94 -88.47
CA ARG A 201 29.02 50.18 -87.98
C ARG A 201 28.22 49.91 -86.71
N GLY A 202 28.09 50.96 -85.90
CA GLY A 202 27.34 50.86 -84.66
C GLY A 202 26.89 52.23 -84.18
N VAL A 203 26.20 52.23 -83.05
CA VAL A 203 25.70 53.46 -82.47
C VAL A 203 26.16 53.56 -81.02
N PHE A 204 26.22 54.79 -80.53
CA PHE A 204 26.64 55.05 -79.16
C PHE A 204 26.26 56.46 -78.72
N PRO A 205 26.07 56.61 -77.38
CA PRO A 205 25.70 57.90 -76.81
C PRO A 205 26.90 58.85 -76.79
N GLU A 206 26.75 59.96 -77.49
CA GLU A 206 27.81 60.96 -77.55
C GLU A 206 28.02 61.60 -76.17
N ASN A 207 26.91 61.89 -75.52
CA ASN A 207 26.95 62.51 -74.21
C ASN A 207 27.77 61.62 -73.26
N PHE A 208 27.74 60.33 -73.55
CA PHE A 208 28.47 59.36 -72.73
C PHE A 208 29.93 59.28 -73.17
N THR A 209 30.27 60.10 -74.15
CA THR A 209 31.64 60.12 -74.67
C THR A 209 32.15 61.56 -74.74
N GLU A 210 33.42 61.69 -75.11
CA GLU A 210 34.04 62.99 -75.22
C GLU A 210 34.72 63.14 -76.58
N ARG A 211 34.67 64.36 -77.10
CA ARG A 211 35.27 64.64 -78.40
C ARG A 211 36.78 64.87 -78.24
N VAL A 212 37.53 64.26 -79.14
CA VAL A 212 38.97 64.39 -79.12
C VAL A 212 39.43 65.30 -80.26
N PRO A 213 40.01 66.46 -79.86
CA PRO A 213 40.48 67.43 -80.83
C PRO A 213 41.79 66.96 -81.49
N ASP A 1 -14.21 -38.12 -16.16
CA ASP A 1 -14.63 -39.46 -16.53
C ASP A 1 -13.42 -40.28 -16.94
N GLY A 2 -12.74 -40.82 -15.94
CA GLY A 2 -11.56 -41.62 -16.19
C GLY A 2 -10.41 -40.77 -16.74
N SER A 3 -9.88 -39.93 -15.86
CA SER A 3 -8.78 -39.05 -16.24
C SER A 3 -8.32 -38.24 -15.02
N PRO A 4 -7.08 -38.56 -14.56
CA PRO A 4 -6.50 -37.87 -13.42
C PRO A 4 -6.05 -36.46 -13.80
N ALA A 5 -5.42 -35.80 -12.84
CA ALA A 5 -4.92 -34.45 -13.05
C ALA A 5 -3.81 -34.15 -12.05
N ALA A 6 -3.21 -32.98 -12.21
CA ALA A 6 -2.14 -32.56 -11.33
C ALA A 6 -1.79 -31.10 -11.61
N THR A 7 -0.85 -30.59 -10.82
CA THR A 7 -0.42 -29.21 -10.98
C THR A 7 0.91 -28.98 -10.26
N PRO A 8 1.98 -28.78 -11.07
CA PRO A 8 3.31 -28.55 -10.53
C PRO A 8 3.43 -27.13 -9.97
N GLU A 9 4.46 -26.94 -9.17
CA GLU A 9 4.71 -25.64 -8.56
C GLU A 9 6.17 -25.53 -8.10
N ILE A 10 6.64 -24.30 -8.04
CA ILE A 10 8.00 -24.04 -7.62
C ILE A 10 8.17 -22.55 -7.31
N ARG A 11 9.16 -22.26 -6.48
CA ARG A 11 9.43 -20.88 -6.10
C ARG A 11 10.79 -20.79 -5.38
N VAL A 12 11.55 -19.77 -5.74
CA VAL A 12 12.85 -19.56 -5.14
C VAL A 12 13.31 -18.12 -5.41
N ASN A 13 13.86 -17.51 -4.37
CA ASN A 13 14.33 -16.14 -4.48
C ASN A 13 15.46 -15.92 -3.46
N HIS A 14 16.46 -15.18 -3.90
CA HIS A 14 17.61 -14.88 -3.05
C HIS A 14 18.51 -13.86 -3.74
N GLU A 15 19.24 -13.11 -2.91
CA GLU A 15 20.14 -12.09 -3.43
C GLU A 15 21.00 -11.53 -2.29
N PRO A 16 22.31 -11.88 -2.35
CA PRO A 16 23.25 -11.43 -1.34
C PRO A 16 23.60 -9.94 -1.55
N GLU A 17 24.55 -9.48 -0.75
CA GLU A 17 24.98 -8.10 -0.84
C GLU A 17 26.13 -7.83 0.15
N PRO A 18 27.37 -8.01 -0.35
CA PRO A 18 28.55 -7.80 0.48
C PRO A 18 28.80 -6.30 0.69
N ALA A 19 29.94 -6.02 1.33
CA ALA A 19 30.31 -4.65 1.59
C ALA A 19 31.61 -4.62 2.38
N GLY A 20 32.26 -3.46 2.37
CA GLY A 20 33.52 -3.30 3.07
C GLY A 20 34.34 -2.14 2.48
N GLY A 21 35.39 -1.76 3.20
CA GLY A 21 36.25 -0.68 2.75
C GLY A 21 37.03 -0.09 3.93
N ALA A 22 38.24 0.35 3.63
CA ALA A 22 39.10 0.94 4.64
C ALA A 22 40.40 1.40 4.00
N THR A 23 40.91 2.52 4.50
CA THR A 23 42.15 3.07 3.98
C THR A 23 42.78 4.03 5.00
N PRO A 24 44.05 3.72 5.38
CA PRO A 24 44.76 4.53 6.34
C PRO A 24 45.24 5.84 5.71
N GLY A 25 46.01 6.59 6.48
CA GLY A 25 46.52 7.87 6.00
C GLY A 25 47.49 8.47 7.02
N ALA A 26 47.21 9.71 7.40
CA ALA A 26 48.05 10.41 8.36
C ALA A 26 49.39 10.77 7.70
N THR A 27 49.97 11.85 8.20
CA THR A 27 51.25 12.30 7.67
C THR A 27 51.85 13.38 8.58
N LEU A 28 53.16 13.52 8.48
CA LEU A 28 53.87 14.51 9.29
C LEU A 28 55.24 14.78 8.67
N PRO A 29 55.29 15.84 7.81
CA PRO A 29 56.53 16.21 7.16
C PRO A 29 57.47 16.92 8.13
N LYS A 30 58.63 17.30 7.60
CA LYS A 30 59.62 17.97 8.41
C LYS A 30 60.59 18.74 7.49
N SER A 31 60.73 20.02 7.78
CA SER A 31 61.61 20.87 6.99
C SER A 31 62.69 21.48 7.88
N PRO A 32 63.94 21.50 7.35
CA PRO A 32 65.06 22.05 8.08
C PRO A 32 65.02 23.58 8.10
N SER A 33 65.67 24.15 9.10
CA SER A 33 65.71 25.59 9.25
C SER A 33 67.13 26.05 9.56
N GLN A 34 67.38 27.32 9.29
CA GLN A 34 68.70 27.89 9.55
C GLN A 34 68.86 28.20 11.04
N LEU A 35 70.00 27.77 11.57
CA LEU A 35 70.29 27.98 12.98
C LEU A 35 71.77 28.33 13.13
N ARG A 36 72.20 29.31 12.35
CA ARG A 36 73.59 29.75 12.40
C ARG A 36 73.77 30.82 13.48
N LYS A 37 74.66 30.53 14.41
CA LYS A 37 74.94 31.45 15.50
C LYS A 37 75.72 30.73 16.59
N GLY A 38 76.35 31.51 17.46
CA GLY A 38 77.13 30.96 18.55
C GLY A 38 78.26 31.91 18.94
N PRO A 39 78.80 31.67 20.17
CA PRO A 39 79.89 32.49 20.67
C PRO A 39 81.22 32.14 19.99
N PRO A 40 82.09 33.17 19.84
CA PRO A 40 83.38 32.98 19.22
C PRO A 40 84.34 32.24 20.15
N VAL A 41 85.38 31.67 19.55
CA VAL A 41 86.38 30.94 20.31
C VAL A 41 87.65 31.78 20.42
N PRO A 42 87.87 32.35 21.63
CA PRO A 42 89.06 33.16 21.87
C PRO A 42 90.30 32.30 22.01
N PRO A 43 91.46 32.89 21.58
CA PRO A 43 92.73 32.19 21.66
C PRO A 43 93.24 32.12 23.09
N PRO A 44 93.99 31.03 23.39
CA PRO A 44 94.55 30.84 24.71
C PRO A 44 95.75 31.76 24.95
N PRO A 45 95.78 32.36 26.16
CA PRO A 45 96.86 33.26 26.53
C PRO A 45 98.14 32.49 26.83
N LYS A 46 99.06 32.52 25.87
CA LYS A 46 100.33 31.83 26.03
C LYS A 46 101.33 32.35 24.98
N HIS A 47 101.83 33.55 25.24
CA HIS A 47 102.77 34.17 24.33
C HIS A 47 102.20 34.20 22.91
N THR A 48 101.28 35.14 22.71
CA THR A 48 100.65 35.28 21.42
C THR A 48 101.55 36.07 20.46
N PRO A 49 102.02 35.38 19.40
CA PRO A 49 102.89 36.00 18.41
C PRO A 49 102.09 36.92 17.49
N SER A 50 102.82 37.69 16.70
CA SER A 50 102.20 38.62 15.76
C SER A 50 103.26 39.22 14.84
N LYS A 51 103.08 38.98 13.55
CA LYS A 51 104.01 39.49 12.56
C LYS A 51 103.42 39.29 11.16
N GLU A 52 103.08 40.40 10.53
CA GLU A 52 102.51 40.36 9.19
C GLU A 52 103.54 40.83 8.16
N VAL A 53 103.40 40.29 6.95
CA VAL A 53 104.30 40.64 5.87
C VAL A 53 103.65 40.27 4.54
N LYS A 54 104.19 40.87 3.48
CA LYS A 54 103.68 40.61 2.14
C LYS A 54 104.56 39.56 1.46
N GLN A 55 104.10 39.12 0.29
CA GLN A 55 104.83 38.12 -0.47
C GLN A 55 104.54 38.27 -1.97
N GLU A 56 105.44 37.73 -2.77
CA GLU A 56 105.30 37.80 -4.22
C GLU A 56 106.24 36.81 -4.89
N GLN A 57 105.86 36.41 -6.09
CA GLN A 57 106.65 35.47 -6.86
C GLN A 57 106.43 35.66 -8.36
N ILE A 58 107.36 35.14 -9.14
CA ILE A 58 107.27 35.24 -10.59
C ILE A 58 108.37 34.39 -11.23
N LEU A 59 108.20 34.13 -12.52
CA LEU A 59 109.16 33.34 -13.25
C LEU A 59 109.12 33.74 -14.73
N SER A 60 110.18 33.38 -15.44
CA SER A 60 110.30 33.69 -16.85
C SER A 60 111.58 33.10 -17.43
N LEU A 61 111.45 32.57 -18.64
CA LEU A 61 112.59 31.97 -19.31
C LEU A 61 112.31 31.87 -20.81
N PHE A 62 113.36 32.03 -21.60
CA PHE A 62 113.23 31.96 -23.04
C PHE A 62 114.47 31.32 -23.67
N GLU A 63 114.37 31.05 -24.97
CA GLU A 63 115.47 30.46 -25.70
C GLU A 63 115.28 30.65 -27.20
N ASP A 64 116.32 30.31 -27.95
CA ASP A 64 116.27 30.43 -29.40
C ASP A 64 117.51 29.76 -30.00
N THR A 65 117.44 29.53 -31.31
CA THR A 65 118.54 28.90 -32.01
C THR A 65 118.36 29.05 -33.52
N PHE A 66 119.47 28.95 -34.24
CA PHE A 66 119.45 29.07 -35.68
C PHE A 66 120.78 28.63 -36.29
N VAL A 67 120.72 28.22 -37.55
CA VAL A 67 121.91 27.78 -38.25
C VAL A 67 121.62 27.75 -39.76
N PRO A 68 122.45 28.52 -40.51
CA PRO A 68 122.30 28.60 -41.96
C PRO A 68 122.82 27.32 -42.62
N GLU A 69 122.84 27.35 -43.95
CA GLU A 69 123.30 26.21 -44.72
C GLU A 69 123.48 26.60 -46.19
N ILE A 70 124.64 26.27 -46.73
CA ILE A 70 124.94 26.57 -48.12
C ILE A 70 125.94 25.55 -48.66
N SER A 71 125.88 25.33 -49.96
CA SER A 71 126.77 24.39 -50.61
C SER A 71 126.63 24.49 -52.13
N VAL A 72 127.67 24.05 -52.82
CA VAL A 72 127.68 24.09 -54.27
C VAL A 72 128.84 23.23 -54.80
N THR A 73 128.59 22.62 -55.95
CA THR A 73 129.61 21.77 -56.56
C THR A 73 129.47 21.81 -58.08
N THR A 74 130.52 21.33 -58.74
CA THR A 74 130.52 21.30 -60.20
C THR A 74 131.70 20.46 -60.71
N PRO A 75 131.38 19.23 -61.17
CA PRO A 75 132.40 18.32 -61.68
C PRO A 75 132.87 18.76 -63.07
N SER A 76 133.75 17.96 -63.64
CA SER A 76 134.29 18.24 -64.96
C SER A 76 135.19 17.11 -65.42
N GLN A 77 135.55 17.15 -66.70
CA GLN A 77 136.41 16.13 -67.27
C GLN A 77 136.76 16.48 -68.71
N PRO A 78 137.96 17.12 -68.88
CA PRO A 78 138.41 17.50 -70.20
C PRO A 78 138.90 16.29 -71.00
N ALA A 79 138.98 16.48 -72.31
CA ALA A 79 139.44 15.41 -73.19
C ALA A 79 139.56 15.95 -74.62
N GLU A 80 140.76 15.81 -75.17
CA GLU A 80 141.04 16.29 -76.50
C GLU A 80 142.46 15.93 -76.92
N ALA A 81 142.69 15.93 -78.22
CA ALA A 81 144.01 15.62 -78.76
C ALA A 81 144.29 14.13 -78.56
N SER A 82 144.51 13.45 -79.67
CA SER A 82 144.81 12.03 -79.64
C SER A 82 145.29 11.55 -81.00
N GLU A 83 146.44 10.90 -80.99
CA GLU A 83 147.03 10.39 -82.21
C GLU A 83 147.95 9.21 -81.92
N VAL A 84 148.52 8.65 -82.98
CA VAL A 84 149.41 7.52 -82.84
C VAL A 84 150.78 7.87 -83.43
N ALA A 85 150.74 8.44 -84.64
CA ALA A 85 151.95 8.83 -85.32
C ALA A 85 152.84 7.61 -85.53
N GLY A 86 153.98 7.84 -86.17
CA GLY A 86 154.91 6.76 -86.44
C GLY A 86 155.94 7.18 -87.48
N GLY A 87 156.87 6.27 -87.75
CA GLY A 87 157.91 6.53 -88.72
C GLY A 87 158.79 5.29 -88.94
N THR A 88 159.89 5.49 -89.65
CA THR A 88 160.81 4.41 -89.93
C THR A 88 162.26 4.90 -89.81
N GLN A 89 163.02 4.18 -88.98
CA GLN A 89 164.41 4.54 -88.78
C GLN A 89 165.08 3.51 -87.85
N PRO A 90 166.42 3.36 -88.03
CA PRO A 90 167.18 2.43 -87.22
C PRO A 90 167.39 2.98 -85.80
N ALA A 91 168.07 2.18 -84.99
CA ALA A 91 168.35 2.57 -83.61
C ALA A 91 169.84 2.46 -83.35
N ALA A 92 170.30 3.21 -82.37
CA ALA A 92 171.71 3.20 -82.00
C ALA A 92 171.84 2.98 -80.49
N GLY A 93 171.15 3.82 -79.74
CA GLY A 93 171.18 3.73 -78.28
C GLY A 93 170.71 5.03 -77.64
N ALA A 94 171.57 5.59 -76.81
CA ALA A 94 171.25 6.83 -76.12
C ALA A 94 170.10 6.59 -75.14
N GLN A 95 169.78 7.63 -74.40
CA GLN A 95 168.70 7.55 -73.41
C GLN A 95 167.44 8.23 -73.95
N GLU A 96 166.55 8.57 -73.03
CA GLU A 96 165.31 9.21 -73.40
C GLU A 96 164.35 9.25 -72.20
N PRO A 97 164.09 8.04 -71.64
CA PRO A 97 163.20 7.92 -70.49
C PRO A 97 163.90 8.41 -69.21
N GLY A 98 163.08 8.90 -68.28
CA GLY A 98 163.60 9.39 -67.02
C GLY A 98 162.58 10.32 -66.34
N GLU A 99 163.08 11.06 -65.36
CA GLU A 99 162.23 11.99 -64.63
C GLU A 99 161.19 11.22 -63.83
N THR A 100 160.90 11.74 -62.64
CA THR A 100 159.92 11.12 -61.77
C THR A 100 159.37 12.14 -60.76
N ALA A 101 158.21 11.82 -60.23
CA ALA A 101 157.58 12.69 -59.25
C ALA A 101 157.18 11.88 -58.02
N ALA A 102 156.66 12.57 -57.02
CA ALA A 102 156.25 11.93 -55.79
C ALA A 102 155.17 12.78 -55.11
N SER A 103 154.62 12.23 -54.04
CA SER A 103 153.57 12.93 -53.30
C SER A 103 153.60 12.48 -51.83
N GLU A 104 153.13 13.38 -50.98
CA GLU A 104 153.08 13.10 -49.55
C GLU A 104 151.80 13.65 -48.94
N ALA A 105 151.59 13.32 -47.68
CA ALA A 105 150.41 13.78 -46.96
C ALA A 105 150.71 13.82 -45.46
N ALA A 106 149.95 14.65 -44.76
CA ALA A 106 150.12 14.78 -43.33
C ALA A 106 148.75 15.06 -42.68
N SER A 107 148.75 15.03 -41.35
CA SER A 107 147.53 15.26 -40.61
C SER A 107 147.83 15.30 -39.11
N SER A 108 147.03 16.08 -38.40
CA SER A 108 147.20 16.22 -36.96
C SER A 108 145.88 16.63 -36.31
N SER A 109 145.84 16.50 -35.00
CA SER A 109 144.64 16.87 -34.25
C SER A 109 145.00 17.09 -32.77
N LEU A 110 144.02 17.59 -32.03
CA LEU A 110 144.21 17.85 -30.62
C LEU A 110 142.94 17.48 -29.86
N PRO A 111 142.90 16.21 -29.37
CA PRO A 111 141.75 15.72 -28.64
C PRO A 111 141.72 16.28 -27.22
N ALA A 112 140.70 15.90 -26.48
CA ALA A 112 140.55 16.36 -25.11
C ALA A 112 139.75 15.33 -24.31
N VAL A 113 139.58 15.61 -23.03
CA VAL A 113 138.84 14.73 -22.15
C VAL A 113 138.39 15.50 -20.91
N VAL A 114 137.09 15.46 -20.67
CA VAL A 114 136.51 16.15 -19.52
C VAL A 114 135.62 15.19 -18.75
N VAL A 115 135.54 15.42 -17.44
CA VAL A 115 134.72 14.58 -16.59
C VAL A 115 134.29 15.39 -15.36
N GLU A 116 133.10 15.05 -14.87
CA GLU A 116 132.57 15.74 -13.70
C GLU A 116 131.71 14.79 -12.87
N THR A 117 130.94 15.36 -11.96
CA THR A 117 130.08 14.58 -11.09
C THR A 117 128.73 15.28 -10.92
N PHE A 118 127.68 14.59 -11.35
CA PHE A 118 126.34 15.13 -11.24
C PHE A 118 125.40 14.13 -10.57
N PRO A 119 124.44 14.69 -9.78
CA PRO A 119 123.47 13.87 -9.07
C PRO A 119 122.42 13.31 -10.03
N ALA A 120 121.76 12.25 -9.59
CA ALA A 120 120.73 11.62 -10.40
C ALA A 120 119.40 12.35 -10.19
N THR A 121 118.55 12.26 -11.20
CA THR A 121 117.26 12.92 -11.15
C THR A 121 116.15 11.93 -11.54
N VAL A 122 115.07 11.97 -10.78
CA VAL A 122 113.94 11.09 -11.04
C VAL A 122 112.70 11.93 -11.36
N ASN A 123 111.93 11.45 -12.31
CA ASN A 123 110.72 12.15 -12.73
C ASN A 123 109.51 11.46 -12.10
N GLY A 124 108.42 12.23 -11.99
CA GLY A 124 107.20 11.72 -11.42
C GLY A 124 106.49 10.76 -12.38
N THR A 125 105.48 10.08 -11.86
CA THR A 125 104.72 9.14 -12.65
C THR A 125 103.25 9.13 -12.22
N VAL A 126 102.38 8.90 -13.18
CA VAL A 126 100.96 8.85 -12.90
C VAL A 126 100.48 7.39 -12.89
N GLU A 127 99.68 7.08 -11.88
CA GLU A 127 99.16 5.73 -11.74
C GLU A 127 97.64 5.72 -11.99
N GLY A 128 96.94 6.48 -11.18
CA GLY A 128 95.50 6.57 -11.30
C GLY A 128 95.09 7.27 -12.59
N GLY A 129 94.32 8.33 -12.42
CA GLY A 129 93.85 9.11 -13.57
C GLY A 129 93.88 10.61 -13.28
N SER A 130 93.83 11.39 -14.34
CA SER A 130 93.84 12.84 -14.19
C SER A 130 92.41 13.38 -14.25
N GLY A 131 92.22 14.54 -13.62
CA GLY A 131 90.92 15.17 -13.60
C GLY A 131 90.40 15.28 -12.16
N ALA A 132 89.08 15.21 -12.04
CA ALA A 132 88.45 15.30 -10.73
C ALA A 132 88.72 16.69 -10.13
N GLY A 133 87.63 17.37 -9.81
CA GLY A 133 87.74 18.70 -9.23
C GLY A 133 87.10 19.75 -10.15
N ARG A 134 87.09 20.98 -9.67
CA ARG A 134 86.52 22.09 -10.43
C ARG A 134 87.43 22.44 -11.61
N LEU A 135 87.02 23.45 -12.36
CA LEU A 135 87.77 23.89 -13.51
C LEU A 135 88.22 25.34 -13.31
N ASP A 136 87.33 26.12 -12.72
CA ASP A 136 87.61 27.52 -12.45
C ASP A 136 87.64 27.75 -10.94
N LEU A 137 88.37 28.78 -10.55
CA LEU A 137 88.49 29.13 -9.14
C LEU A 137 87.31 30.02 -8.73
N PRO A 138 87.05 30.06 -7.40
CA PRO A 138 85.96 30.86 -6.87
C PRO A 138 86.32 32.35 -6.88
N PRO A 139 85.36 33.17 -7.36
CA PRO A 139 85.57 34.61 -7.43
C PRO A 139 85.46 35.24 -6.04
N GLY A 140 86.27 36.27 -5.83
CA GLY A 140 86.29 36.96 -4.55
C GLY A 140 87.24 36.29 -3.56
N PHE A 141 87.50 35.01 -3.82
CA PHE A 141 88.40 34.25 -2.97
C PHE A 141 89.55 35.12 -2.46
N MET A 142 90.03 34.78 -1.26
CA MET A 142 91.12 35.52 -0.66
C MET A 142 92.38 34.67 -0.58
N PHE A 143 92.33 33.66 0.28
CA PHE A 143 93.47 32.77 0.46
C PHE A 143 93.03 31.44 1.07
N LYS A 144 94.00 30.57 1.27
CA LYS A 144 93.73 29.25 1.85
C LYS A 144 94.09 29.27 3.33
N VAL A 145 93.32 28.53 4.11
CA VAL A 145 93.55 28.45 5.55
C VAL A 145 93.69 26.98 5.95
N GLN A 146 94.17 26.78 7.17
CA GLN A 146 94.36 25.44 7.69
C GLN A 146 93.80 25.33 9.11
N ALA A 147 92.89 24.37 9.28
CA ALA A 147 92.28 24.16 10.59
C ALA A 147 93.33 23.63 11.56
N GLN A 148 93.09 23.89 12.84
CA GLN A 148 94.00 23.46 13.88
C GLN A 148 93.27 22.58 14.90
N HIS A 149 91.97 22.44 14.68
CA HIS A 149 91.15 21.64 15.57
C HIS A 149 89.99 21.03 14.78
N ASP A 150 89.28 20.11 15.43
CA ASP A 150 88.15 19.45 14.80
C ASP A 150 86.85 19.98 15.42
N TYR A 151 86.20 20.88 14.69
CA TYR A 151 84.96 21.46 15.15
C TYR A 151 83.78 21.01 14.29
N THR A 152 82.92 20.21 14.90
CA THR A 152 81.75 19.70 14.19
C THR A 152 80.65 20.77 14.14
N ALA A 153 80.36 21.20 12.93
CA ALA A 153 79.35 22.22 12.73
C ALA A 153 78.15 21.59 12.00
N THR A 154 77.01 21.60 12.69
CA THR A 154 75.79 21.04 12.13
C THR A 154 74.71 22.12 12.02
N ASP A 155 74.64 22.72 10.84
CA ASP A 155 73.66 23.77 10.58
C ASP A 155 73.11 23.60 9.17
N THR A 156 72.27 24.56 8.79
CA THR A 156 71.67 24.54 7.46
C THR A 156 72.69 24.92 6.40
N ASP A 157 73.78 25.52 6.86
CA ASP A 157 74.84 25.95 5.96
C ASP A 157 76.10 26.24 6.77
N GLU A 158 76.50 25.26 7.57
CA GLU A 158 77.68 25.40 8.39
C GLU A 158 78.90 24.81 7.68
N LEU A 159 80.06 25.05 8.27
CA LEU A 159 81.31 24.55 7.71
C LEU A 159 82.02 23.68 8.73
N GLN A 160 82.14 22.39 8.40
CA GLN A 160 82.79 21.45 9.28
C GLN A 160 84.30 21.47 9.05
N LEU A 161 85.03 21.56 10.16
CA LEU A 161 86.48 21.59 10.09
C LEU A 161 87.05 20.43 10.91
N LYS A 162 88.17 19.90 10.43
CA LYS A 162 88.84 18.81 11.12
C LYS A 162 90.30 19.15 11.37
N ALA A 163 90.71 19.02 12.62
CA ALA A 163 92.08 19.31 13.00
C ALA A 163 93.02 18.95 11.84
N GLY A 164 93.47 19.99 11.14
CA GLY A 164 94.37 19.79 10.02
C GLY A 164 93.59 19.70 8.71
N ASP A 165 92.70 20.66 8.50
CA ASP A 165 91.89 20.70 7.30
C ASP A 165 92.33 21.87 6.42
N VAL A 166 91.84 21.86 5.19
CA VAL A 166 92.17 22.92 4.25
C VAL A 166 90.90 23.64 3.82
N VAL A 167 90.84 24.92 4.15
CA VAL A 167 89.69 25.73 3.79
C VAL A 167 90.16 27.01 3.08
N LEU A 168 89.31 27.48 2.18
CA LEU A 168 89.62 28.69 1.43
C LEU A 168 88.73 29.84 1.90
N VAL A 169 89.35 30.97 2.14
CA VAL A 169 88.62 32.15 2.59
C VAL A 169 88.01 32.86 1.39
N ILE A 170 86.69 32.94 1.40
CA ILE A 170 85.97 33.60 0.32
C ILE A 170 85.05 34.66 0.90
N PRO A 171 84.75 35.69 0.06
CA PRO A 171 83.88 36.78 0.48
C PRO A 171 82.41 36.33 0.50
N PHE A 172 81.84 36.34 1.70
CA PHE A 172 80.46 35.94 1.87
C PHE A 172 79.52 36.82 1.03
N GLN A 173 78.22 36.64 1.26
CA GLN A 173 77.23 37.41 0.54
C GLN A 173 77.06 38.80 1.17
N ASN A 174 77.33 38.85 2.47
CA ASN A 174 77.21 40.11 3.20
C ASN A 174 77.82 39.94 4.59
N PRO A 175 78.45 41.03 5.08
CA PRO A 175 79.07 41.02 6.40
C PRO A 175 78.03 41.08 7.50
N GLU A 176 76.84 41.54 7.13
CA GLU A 176 75.74 41.65 8.08
C GLU A 176 75.29 40.27 8.52
N GLU A 177 75.47 39.30 7.63
CA GLU A 177 75.08 37.93 7.93
C GLU A 177 76.24 37.16 8.55
N GLN A 178 77.43 37.75 8.42
CA GLN A 178 78.62 37.13 8.97
C GLN A 178 78.66 37.29 10.49
N ASP A 179 78.96 36.19 11.17
CA ASP A 179 79.03 36.20 12.62
C ASP A 179 80.38 36.78 13.07
N GLU A 180 80.52 36.91 14.38
CA GLU A 180 81.74 37.45 14.95
C GLU A 180 82.66 36.32 15.38
N GLY A 181 83.85 36.30 14.79
CA GLY A 181 84.83 35.27 15.11
C GLY A 181 84.86 34.18 14.03
N TRP A 182 83.82 34.18 13.21
CA TRP A 182 83.72 33.21 12.14
C TRP A 182 83.58 33.97 10.83
N LEU A 183 83.89 33.27 9.74
CA LEU A 183 83.81 33.87 8.41
C LEU A 183 83.33 32.81 7.42
N MET A 184 83.02 33.28 6.22
CA MET A 184 82.56 32.38 5.16
C MET A 184 83.74 31.81 4.38
N GLY A 185 83.92 30.50 4.53
CA GLY A 185 85.00 29.81 3.84
C GLY A 185 84.50 28.52 3.19
N VAL A 186 85.41 27.87 2.47
CA VAL A 186 85.08 26.62 1.79
C VAL A 186 86.24 25.64 1.96
N LYS A 187 85.86 24.37 2.08
CA LYS A 187 86.86 23.32 2.25
C LYS A 187 87.45 22.96 0.88
N GLU A 188 88.63 22.34 0.93
CA GLU A 188 89.30 21.94 -0.29
C GLU A 188 88.40 21.04 -1.13
N SER A 189 87.72 20.12 -0.44
CA SER A 189 86.83 19.19 -1.11
C SER A 189 85.68 19.96 -1.76
N ASP A 190 85.19 20.96 -1.03
CA ASP A 190 84.09 21.77 -1.53
C ASP A 190 84.53 22.51 -2.80
N TRP A 191 85.81 22.84 -2.84
CA TRP A 191 86.37 23.54 -3.98
C TRP A 191 86.00 22.75 -5.24
N ASN A 192 86.22 21.45 -5.18
CA ASN A 192 85.91 20.58 -6.29
C ASN A 192 84.44 20.76 -6.68
N GLN A 193 83.64 21.14 -5.69
CA GLN A 193 82.22 21.35 -5.92
C GLN A 193 81.94 22.82 -6.24
N HIS A 194 83.00 23.53 -6.58
CA HIS A 194 82.88 24.94 -6.91
C HIS A 194 81.70 25.16 -7.85
N LYS A 195 81.34 24.08 -8.55
CA LYS A 195 80.24 24.14 -9.48
C LYS A 195 78.96 24.55 -8.75
N LYS A 196 78.91 24.15 -7.48
CA LYS A 196 77.76 24.48 -6.66
C LYS A 196 78.24 25.07 -5.33
N LEU A 197 79.22 25.95 -5.43
CA LEU A 197 79.78 26.59 -4.25
C LEU A 197 78.66 27.27 -3.47
N GLU A 198 77.66 27.72 -4.20
CA GLU A 198 76.51 28.38 -3.58
C GLU A 198 75.85 27.45 -2.56
N LYS A 199 76.04 26.16 -2.76
CA LYS A 199 75.47 25.17 -1.88
C LYS A 199 76.59 24.48 -1.10
N CYS A 200 77.80 25.01 -1.25
CA CYS A 200 78.96 24.46 -0.58
C CYS A 200 79.47 25.50 0.43
N ARG A 201 78.92 26.70 0.32
CA ARG A 201 79.30 27.78 1.22
C ARG A 201 79.00 27.40 2.67
N GLY A 202 79.82 27.94 3.56
CA GLY A 202 79.65 27.66 4.98
C GLY A 202 80.41 28.69 5.82
N VAL A 203 80.32 28.50 7.13
CA VAL A 203 80.98 29.41 8.06
C VAL A 203 81.90 28.61 8.98
N PHE A 204 82.94 29.27 9.47
CA PHE A 204 83.89 28.64 10.35
C PHE A 204 84.65 29.68 11.19
N PRO A 205 85.04 29.25 12.42
CA PRO A 205 85.76 30.13 13.33
C PRO A 205 87.21 30.29 12.88
N GLU A 206 87.58 31.53 12.59
CA GLU A 206 88.93 31.83 12.16
C GLU A 206 89.92 31.62 13.32
N ASN A 207 89.43 31.87 14.53
CA ASN A 207 90.25 31.71 15.70
C ASN A 207 90.59 30.23 15.89
N PHE A 208 89.68 29.39 15.44
CA PHE A 208 89.88 27.95 15.54
C PHE A 208 90.62 27.40 14.33
N THR A 209 91.01 28.33 13.45
CA THR A 209 91.73 27.96 12.25
C THR A 209 92.98 28.82 12.09
N GLU A 210 93.75 28.50 11.05
CA GLU A 210 94.97 29.24 10.77
C GLU A 210 95.04 29.61 9.29
N ARG A 211 95.64 30.75 9.02
CA ARG A 211 95.78 31.23 7.65
C ARG A 211 97.03 30.61 7.00
N VAL A 212 96.88 30.25 5.74
CA VAL A 212 97.98 29.66 4.99
C VAL A 212 98.44 30.62 3.90
N PRO A 213 99.71 31.09 4.05
CA PRO A 213 100.28 32.01 3.08
C PRO A 213 100.65 31.30 1.79
N ASP A 1 -14.21 -38.12 -16.16
CA ASP A 1 -14.63 -39.46 -16.53
C ASP A 1 -14.02 -39.83 -17.87
N GLY A 2 -14.08 -41.12 -18.18
CA GLY A 2 -13.52 -41.62 -19.42
C GLY A 2 -14.57 -42.41 -20.21
N SER A 3 -14.11 -43.47 -20.85
CA SER A 3 -15.00 -44.31 -21.64
C SER A 3 -14.22 -45.51 -22.19
N PRO A 4 -14.42 -46.69 -21.53
CA PRO A 4 -13.75 -47.90 -21.94
C PRO A 4 -14.39 -48.47 -23.21
N ALA A 5 -13.87 -49.61 -23.64
CA ALA A 5 -14.37 -50.26 -24.84
C ALA A 5 -13.68 -51.63 -25.00
N ALA A 6 -14.40 -52.55 -25.62
CA ALA A 6 -13.86 -53.88 -25.84
C ALA A 6 -14.89 -54.70 -26.64
N THR A 7 -14.36 -55.66 -27.39
CA THR A 7 -15.21 -56.51 -28.21
C THR A 7 -14.37 -57.61 -28.88
N PRO A 8 -14.56 -58.86 -28.38
CA PRO A 8 -13.84 -60.00 -28.93
C PRO A 8 -14.40 -60.41 -30.29
N GLU A 9 -14.00 -61.59 -30.72
CA GLU A 9 -14.46 -62.12 -32.00
C GLU A 9 -14.06 -63.58 -32.15
N ILE A 10 -14.85 -64.30 -32.93
CA ILE A 10 -14.58 -65.71 -33.17
C ILE A 10 -15.56 -66.24 -34.23
N ARG A 11 -15.17 -67.34 -34.85
CA ARG A 11 -15.99 -67.95 -35.89
C ARG A 11 -15.32 -69.22 -36.42
N VAL A 12 -15.80 -70.35 -35.92
CA VAL A 12 -15.27 -71.63 -36.35
C VAL A 12 -16.23 -72.29 -37.35
N ASN A 13 -15.68 -73.21 -38.12
CA ASN A 13 -16.46 -73.91 -39.12
C ASN A 13 -15.67 -75.10 -39.66
N HIS A 14 -16.40 -76.14 -40.03
CA HIS A 14 -15.77 -77.34 -40.56
C HIS A 14 -16.84 -78.29 -41.10
N GLU A 15 -16.46 -79.04 -42.13
CA GLU A 15 -17.38 -79.98 -42.74
C GLU A 15 -16.66 -80.79 -43.83
N PRO A 16 -16.57 -82.12 -43.58
CA PRO A 16 -15.91 -83.01 -44.53
C PRO A 16 -16.80 -83.25 -45.75
N GLU A 17 -16.35 -84.19 -46.58
CA GLU A 17 -17.09 -84.53 -47.79
C GLU A 17 -16.61 -85.88 -48.33
N PRO A 18 -17.56 -86.86 -48.35
CA PRO A 18 -17.25 -88.19 -48.85
C PRO A 18 -17.16 -88.20 -50.37
N ALA A 19 -16.92 -89.38 -50.91
CA ALA A 19 -16.81 -89.55 -52.36
C ALA A 19 -16.54 -91.01 -52.68
N GLY A 20 -16.85 -91.38 -53.92
CA GLY A 20 -16.65 -92.74 -54.37
C GLY A 20 -17.97 -93.36 -54.85
N GLY A 21 -17.84 -94.21 -55.85
CA GLY A 21 -19.01 -94.87 -56.43
C GLY A 21 -18.67 -95.54 -57.75
N ALA A 22 -18.57 -96.86 -57.70
CA ALA A 22 -18.26 -97.64 -58.89
C ALA A 22 -18.40 -99.13 -58.57
N THR A 23 -19.22 -99.79 -59.37
CA THR A 23 -19.46 -101.22 -59.18
C THR A 23 -19.32 -101.96 -60.52
N PRO A 24 -18.96 -103.26 -60.42
CA PRO A 24 -18.79 -104.09 -61.60
C PRO A 24 -20.15 -104.48 -62.19
N GLY A 25 -20.09 -105.20 -63.30
CA GLY A 25 -21.30 -105.63 -63.97
C GLY A 25 -20.97 -106.44 -65.23
N ALA A 26 -20.78 -107.73 -65.03
CA ALA A 26 -20.46 -108.62 -66.14
C ALA A 26 -21.38 -109.84 -66.10
N THR A 27 -21.47 -110.51 -67.24
CA THR A 27 -22.31 -111.69 -67.35
C THR A 27 -21.73 -112.67 -68.37
N LEU A 28 -20.47 -113.00 -68.16
CA LEU A 28 -19.79 -113.92 -69.05
C LEU A 28 -20.03 -115.36 -68.58
N PRO A 29 -20.75 -116.13 -69.44
CA PRO A 29 -21.07 -117.52 -69.13
C PRO A 29 -19.84 -118.41 -69.30
N LYS A 30 -19.18 -118.25 -70.45
CA LYS A 30 -18.00 -119.04 -70.76
C LYS A 30 -18.33 -120.52 -70.66
N SER A 31 -19.14 -120.97 -71.60
CA SER A 31 -19.54 -122.37 -71.64
C SER A 31 -18.53 -123.19 -72.44
N PRO A 32 -18.16 -124.38 -71.88
CA PRO A 32 -17.22 -125.26 -72.54
C PRO A 32 -17.86 -125.97 -73.73
N SER A 33 -17.16 -125.92 -74.85
CA SER A 33 -17.65 -126.56 -76.06
C SER A 33 -17.55 -128.09 -75.93
N GLN A 34 -18.69 -128.70 -75.65
CA GLN A 34 -18.75 -130.14 -75.49
C GLN A 34 -19.05 -130.81 -76.83
N LEU A 35 -18.51 -132.02 -76.97
CA LEU A 35 -18.71 -132.77 -78.21
C LEU A 35 -18.00 -132.06 -79.36
N ARG A 36 -16.83 -132.58 -79.70
CA ARG A 36 -16.04 -132.01 -80.78
C ARG A 36 -16.22 -132.83 -82.06
N LYS A 37 -16.65 -132.13 -83.11
CA LYS A 37 -16.87 -132.77 -84.40
C LYS A 37 -15.78 -132.33 -85.38
N GLY A 38 -15.37 -133.26 -86.22
CA GLY A 38 -14.35 -132.96 -87.22
C GLY A 38 -14.49 -133.88 -88.44
N PRO A 39 -13.74 -133.52 -89.51
CA PRO A 39 -13.78 -134.30 -90.74
C PRO A 39 -13.01 -135.62 -90.58
N PRO A 40 -13.50 -136.65 -91.30
CA PRO A 40 -12.87 -137.96 -91.25
C PRO A 40 -11.57 -137.98 -92.05
N VAL A 41 -10.75 -138.98 -91.78
CA VAL A 41 -9.47 -139.12 -92.46
C VAL A 41 -9.53 -140.32 -93.40
N PRO A 42 -9.65 -140.01 -94.72
CA PRO A 42 -9.72 -141.05 -95.73
C PRO A 42 -8.34 -141.68 -95.96
N PRO A 43 -8.36 -142.95 -96.45
CA PRO A 43 -7.13 -143.68 -96.70
C PRO A 43 -6.45 -143.17 -97.98
N PRO A 44 -5.10 -143.10 -97.92
CA PRO A 44 -4.32 -142.63 -99.06
C PRO A 44 -4.26 -143.70 -100.16
N PRO A 45 -3.93 -143.22 -101.40
CA PRO A 45 -3.84 -144.13 -102.54
C PRO A 45 -2.55 -144.95 -102.48
N LYS A 46 -2.50 -145.81 -101.47
CA LYS A 46 -1.33 -146.68 -101.30
C LYS A 46 -1.77 -148.00 -100.67
N HIS A 47 -0.99 -149.03 -100.93
CA HIS A 47 -1.28 -150.35 -100.40
C HIS A 47 -0.40 -150.63 -99.18
N THR A 48 -0.96 -151.36 -98.24
CA THR A 48 -0.24 -151.70 -97.02
C THR A 48 -0.33 -153.21 -96.75
N PRO A 49 0.82 -153.79 -96.30
CA PRO A 49 0.87 -155.21 -96.00
C PRO A 49 0.16 -155.52 -94.68
N SER A 50 -0.60 -156.60 -94.70
CA SER A 50 -1.35 -157.02 -93.52
C SER A 50 -2.00 -158.38 -93.77
N LYS A 51 -1.23 -159.42 -93.52
CA LYS A 51 -1.71 -160.78 -93.70
C LYS A 51 -1.99 -161.41 -92.33
N GLU A 52 -2.86 -162.41 -92.35
CA GLU A 52 -3.22 -163.11 -91.12
C GLU A 52 -2.90 -164.60 -91.25
N VAL A 53 -2.14 -165.09 -90.28
CA VAL A 53 -1.76 -166.50 -90.28
C VAL A 53 -2.81 -167.30 -89.51
N LYS A 54 -2.90 -168.58 -89.85
CA LYS A 54 -3.86 -169.46 -89.20
C LYS A 54 -3.11 -170.46 -88.31
N GLN A 55 -3.80 -170.92 -87.28
CA GLN A 55 -3.21 -171.87 -86.36
C GLN A 55 -4.30 -172.75 -85.75
N GLU A 56 -3.91 -173.97 -85.42
CA GLU A 56 -4.84 -174.93 -84.83
C GLU A 56 -4.08 -176.05 -84.13
N GLN A 57 -4.66 -176.54 -83.04
CA GLN A 57 -4.04 -177.61 -82.28
C GLN A 57 -5.01 -178.11 -81.20
N ILE A 58 -5.04 -179.43 -81.04
CA ILE A 58 -5.91 -180.04 -80.06
C ILE A 58 -5.61 -181.54 -79.98
N LEU A 59 -5.21 -181.98 -78.79
CA LEU A 59 -4.89 -183.38 -78.58
C LEU A 59 -4.75 -183.65 -77.08
N SER A 60 -5.17 -184.83 -76.68
CA SER A 60 -5.10 -185.22 -75.28
C SER A 60 -5.53 -186.68 -75.12
N LEU A 61 -4.82 -187.38 -74.24
CA LEU A 61 -5.12 -188.77 -73.99
C LEU A 61 -4.33 -189.25 -72.77
N PHE A 62 -4.83 -190.30 -72.14
CA PHE A 62 -4.18 -190.86 -70.97
C PHE A 62 -4.88 -192.14 -70.52
N GLU A 63 -4.09 -193.05 -69.96
CA GLU A 63 -4.62 -194.32 -69.49
C GLU A 63 -3.51 -195.13 -68.81
N ASP A 64 -3.92 -195.92 -67.82
CA ASP A 64 -2.98 -196.75 -67.09
C ASP A 64 -3.73 -197.58 -66.05
N THR A 65 -3.31 -198.82 -65.91
CA THR A 65 -3.93 -199.72 -64.95
C THR A 65 -3.12 -201.01 -64.83
N PHE A 66 -3.02 -201.49 -63.59
CA PHE A 66 -2.27 -202.72 -63.33
C PHE A 66 -2.45 -203.15 -61.87
N VAL A 67 -2.20 -204.43 -61.63
CA VAL A 67 -2.32 -204.98 -60.30
C VAL A 67 -1.79 -206.42 -60.30
N PRO A 68 -0.69 -206.62 -59.52
CA PRO A 68 -0.08 -207.93 -59.42
C PRO A 68 -0.91 -208.86 -58.54
N GLU A 69 -0.39 -210.07 -58.34
CA GLU A 69 -1.08 -211.06 -57.53
C GLU A 69 -0.24 -212.33 -57.42
N ILE A 70 0.72 -212.30 -56.52
CA ILE A 70 1.59 -213.45 -56.31
C ILE A 70 1.23 -214.13 -54.99
N SER A 71 1.68 -215.37 -54.86
CA SER A 71 1.41 -216.15 -53.66
C SER A 71 1.91 -217.58 -53.84
N VAL A 72 2.75 -218.00 -52.90
CA VAL A 72 3.31 -219.35 -52.95
C VAL A 72 4.02 -219.64 -51.63
N THR A 73 3.88 -220.87 -51.17
CA THR A 73 4.51 -221.29 -49.93
C THR A 73 4.73 -222.80 -49.93
N THR A 74 5.78 -223.21 -49.24
CA THR A 74 6.12 -224.63 -49.15
C THR A 74 7.02 -224.88 -47.94
N PRO A 75 6.36 -225.09 -46.78
CA PRO A 75 7.09 -225.36 -45.55
C PRO A 75 7.65 -226.78 -45.53
N SER A 76 8.25 -227.14 -44.41
CA SER A 76 8.84 -228.45 -44.25
C SER A 76 9.31 -228.65 -42.81
N GLN A 77 9.70 -229.88 -42.51
CA GLN A 77 10.18 -230.22 -41.18
C GLN A 77 10.41 -231.72 -41.06
N PRO A 78 11.68 -232.14 -41.31
CA PRO A 78 12.03 -233.54 -41.23
C PRO A 78 12.14 -234.00 -39.77
N ALA A 79 12.63 -235.22 -39.60
CA ALA A 79 12.78 -235.78 -38.27
C ALA A 79 13.48 -237.15 -38.38
N GLU A 80 14.22 -237.48 -37.33
CA GLU A 80 14.94 -238.74 -37.29
C GLU A 80 15.66 -238.90 -35.95
N ALA A 81 15.72 -240.15 -35.50
CA ALA A 81 16.37 -240.45 -34.24
C ALA A 81 16.53 -241.96 -34.10
N SER A 82 17.49 -242.35 -33.27
CA SER A 82 17.75 -243.76 -33.05
C SER A 82 18.97 -243.93 -32.14
N GLU A 83 18.98 -245.03 -31.41
CA GLU A 83 20.08 -245.32 -30.49
C GLU A 83 20.28 -246.84 -30.38
N VAL A 84 21.45 -247.28 -30.83
CA VAL A 84 21.78 -248.69 -30.78
C VAL A 84 22.70 -248.95 -29.58
N ALA A 85 22.84 -250.22 -29.26
CA ALA A 85 23.70 -250.62 -28.15
C ALA A 85 24.19 -252.05 -28.37
N GLY A 86 25.37 -252.33 -27.83
CA GLY A 86 25.96 -253.65 -27.96
C GLY A 86 27.21 -253.77 -27.10
N GLY A 87 27.70 -255.01 -26.97
CA GLY A 87 28.87 -255.27 -26.18
C GLY A 87 29.24 -256.75 -26.22
N THR A 88 28.74 -257.48 -25.24
CA THR A 88 29.00 -258.92 -25.16
C THR A 88 30.49 -259.17 -24.98
N GLN A 89 30.93 -259.11 -23.74
CA GLN A 89 32.33 -259.33 -23.41
C GLN A 89 32.82 -260.63 -24.05
N PRO A 90 32.07 -261.73 -23.76
CA PRO A 90 32.42 -263.04 -24.30
C PRO A 90 32.05 -263.13 -25.77
N ALA A 91 32.35 -264.29 -26.35
CA ALA A 91 32.06 -264.52 -27.76
C ALA A 91 32.84 -263.52 -28.62
N ALA A 92 32.90 -263.82 -29.91
CA ALA A 92 33.61 -262.96 -30.84
C ALA A 92 33.07 -261.53 -30.71
N GLY A 93 33.94 -260.65 -30.23
CA GLY A 93 33.58 -259.25 -30.05
C GLY A 93 33.64 -258.50 -31.38
N ALA A 94 32.59 -258.66 -32.18
CA ALA A 94 32.52 -258.00 -33.47
C ALA A 94 31.53 -256.83 -33.38
N GLN A 95 31.88 -255.76 -34.09
CA GLN A 95 31.04 -254.58 -34.10
C GLN A 95 31.18 -253.83 -35.44
N GLU A 96 30.29 -252.88 -35.65
CA GLU A 96 30.31 -252.09 -36.87
C GLU A 96 31.13 -250.82 -36.68
N PRO A 97 32.20 -250.69 -37.51
CA PRO A 97 33.08 -249.54 -37.43
C PRO A 97 32.41 -248.31 -38.03
N GLY A 98 31.75 -248.53 -39.16
CA GLY A 98 31.07 -247.45 -39.86
C GLY A 98 31.46 -247.41 -41.33
N GLU A 99 32.59 -246.75 -41.58
CA GLU A 99 33.10 -246.63 -42.94
C GLU A 99 32.29 -245.59 -43.72
N THR A 100 30.99 -245.83 -43.81
CA THR A 100 30.10 -244.94 -44.51
C THR A 100 29.95 -243.62 -43.74
N ALA A 101 30.54 -242.58 -44.30
CA ALA A 101 30.48 -241.26 -43.69
C ALA A 101 30.75 -240.20 -44.74
N ALA A 102 29.88 -239.20 -44.78
CA ALA A 102 30.02 -238.11 -45.72
C ALA A 102 28.92 -237.07 -45.47
N SER A 103 29.36 -235.84 -45.27
CA SER A 103 28.43 -234.75 -45.00
C SER A 103 29.16 -233.40 -45.14
N GLU A 104 28.65 -232.58 -46.04
CA GLU A 104 29.23 -231.28 -46.27
C GLU A 104 28.41 -230.50 -47.31
N ALA A 105 28.23 -229.22 -47.04
CA ALA A 105 27.47 -228.37 -47.93
C ALA A 105 27.55 -226.92 -47.44
N ALA A 106 27.07 -226.01 -48.28
CA ALA A 106 27.08 -224.60 -47.95
C ALA A 106 26.29 -223.82 -49.00
N SER A 107 26.06 -222.55 -48.70
CA SER A 107 25.33 -221.70 -49.61
C SER A 107 25.81 -220.25 -49.48
N SER A 108 25.36 -219.42 -50.41
CA SER A 108 25.74 -218.02 -50.41
C SER A 108 24.68 -217.18 -51.13
N SER A 109 24.70 -215.89 -50.85
CA SER A 109 23.75 -214.98 -51.46
C SER A 109 24.23 -213.54 -51.29
N LEU A 110 23.66 -212.67 -52.12
CA LEU A 110 24.02 -211.26 -52.08
C LEU A 110 22.86 -210.43 -52.64
N PRO A 111 22.81 -209.14 -52.19
CA PRO A 111 21.76 -208.23 -52.62
C PRO A 111 22.01 -207.76 -54.06
N ALA A 112 21.14 -206.88 -54.52
CA ALA A 112 21.27 -206.34 -55.86
C ALA A 112 20.62 -204.95 -55.92
N VAL A 113 21.30 -204.04 -56.59
CA VAL A 113 20.81 -202.68 -56.72
C VAL A 113 21.57 -201.97 -57.84
N VAL A 114 20.82 -201.50 -58.82
CA VAL A 114 21.41 -200.80 -59.95
C VAL A 114 20.32 -200.04 -60.71
N VAL A 115 20.69 -198.91 -61.26
CA VAL A 115 19.76 -198.09 -62.01
C VAL A 115 18.82 -197.36 -61.04
N GLU A 116 18.55 -196.10 -61.35
CA GLU A 116 17.67 -195.31 -60.52
C GLU A 116 17.52 -193.89 -61.11
N THR A 117 16.28 -193.54 -61.40
CA THR A 117 15.98 -192.24 -61.97
C THR A 117 14.98 -191.49 -61.10
N PHE A 118 15.04 -190.17 -61.18
CA PHE A 118 14.14 -189.33 -60.41
C PHE A 118 13.82 -188.04 -61.17
N PRO A 119 12.54 -187.58 -60.99
CA PRO A 119 12.09 -186.37 -61.65
C PRO A 119 12.67 -185.13 -60.95
N ALA A 120 13.34 -184.31 -61.75
CA ALA A 120 13.94 -183.10 -61.24
C ALA A 120 13.41 -181.90 -62.02
N THR A 121 13.12 -180.83 -61.29
CA THR A 121 12.61 -179.62 -61.90
C THR A 121 12.86 -178.41 -60.98
N VAL A 122 12.88 -177.24 -61.60
CA VAL A 122 13.12 -176.01 -60.86
C VAL A 122 11.92 -175.07 -61.05
N ASN A 123 11.34 -174.68 -59.93
CA ASN A 123 10.19 -173.78 -59.96
C ASN A 123 10.45 -172.60 -59.03
N GLY A 124 10.50 -171.42 -59.63
CA GLY A 124 10.74 -170.21 -58.87
C GLY A 124 9.48 -169.33 -58.82
N THR A 125 9.42 -168.51 -57.78
CA THR A 125 8.28 -167.62 -57.60
C THR A 125 8.74 -166.16 -57.56
N VAL A 126 8.07 -165.34 -58.35
CA VAL A 126 8.39 -163.92 -58.41
C VAL A 126 7.37 -163.13 -57.60
N GLU A 127 6.37 -163.85 -57.10
CA GLU A 127 5.33 -163.22 -56.30
C GLU A 127 4.35 -164.28 -55.80
N GLY A 128 3.56 -163.89 -54.80
CA GLY A 128 2.58 -164.78 -54.22
C GLY A 128 1.47 -165.12 -55.22
N GLY A 129 0.70 -164.09 -55.56
CA GLY A 129 -0.39 -164.27 -56.50
C GLY A 129 -1.21 -162.98 -56.64
N SER A 130 -0.94 -162.25 -57.72
CA SER A 130 -1.63 -161.00 -57.97
C SER A 130 -2.11 -160.97 -59.42
N GLY A 131 -3.06 -160.07 -59.67
CA GLY A 131 -3.61 -159.92 -61.01
C GLY A 131 -3.98 -158.46 -61.28
N ALA A 132 -2.95 -157.66 -61.49
CA ALA A 132 -3.15 -156.24 -61.77
C ALA A 132 -4.09 -156.09 -62.97
N GLY A 133 -4.61 -154.88 -63.13
CA GLY A 133 -5.52 -154.59 -64.22
C GLY A 133 -6.97 -154.81 -63.80
N ARG A 134 -7.87 -154.60 -64.74
CA ARG A 134 -9.29 -154.76 -64.48
C ARG A 134 -9.57 -156.18 -63.99
N LEU A 135 -10.86 -156.52 -63.92
CA LEU A 135 -11.27 -157.84 -63.48
C LEU A 135 -12.06 -158.52 -64.59
N ASP A 136 -13.04 -157.80 -65.11
CA ASP A 136 -13.87 -158.33 -66.17
C ASP A 136 -13.67 -157.49 -67.45
N LEU A 137 -13.94 -158.10 -68.58
CA LEU A 137 -13.80 -157.43 -69.86
C LEU A 137 -15.05 -156.59 -70.13
N PRO A 138 -14.88 -155.61 -71.06
CA PRO A 138 -15.99 -154.73 -71.42
C PRO A 138 -17.00 -155.46 -72.32
N PRO A 139 -18.29 -155.28 -71.97
CA PRO A 139 -19.37 -155.91 -72.73
C PRO A 139 -19.58 -155.19 -74.07
N GLY A 140 -19.93 -155.98 -75.07
CA GLY A 140 -20.17 -155.44 -76.40
C GLY A 140 -18.86 -155.33 -77.19
N PHE A 141 -17.76 -155.33 -76.44
CA PHE A 141 -16.45 -155.23 -77.06
C PHE A 141 -16.39 -156.00 -78.37
N MET A 142 -15.52 -155.54 -79.27
CA MET A 142 -15.37 -156.17 -80.56
C MET A 142 -13.98 -156.81 -80.69
N PHE A 143 -12.97 -155.95 -80.80
CA PHE A 143 -11.61 -156.42 -80.94
C PHE A 143 -10.62 -155.31 -80.59
N LYS A 144 -9.35 -155.67 -80.62
CA LYS A 144 -8.29 -154.72 -80.31
C LYS A 144 -7.74 -154.13 -81.61
N VAL A 145 -7.48 -152.83 -81.57
CA VAL A 145 -6.95 -152.14 -82.74
C VAL A 145 -5.61 -151.51 -82.38
N GLN A 146 -4.90 -151.07 -83.42
CA GLN A 146 -3.61 -150.44 -83.23
C GLN A 146 -3.51 -149.16 -84.06
N ALA A 147 -3.34 -148.05 -83.36
CA ALA A 147 -3.22 -146.76 -84.02
C ALA A 147 -1.98 -146.75 -84.90
N GLN A 148 -2.00 -145.87 -85.89
CA GLN A 148 -0.89 -145.74 -86.81
C GLN A 148 -0.38 -144.31 -86.85
N HIS A 149 -1.05 -143.46 -86.08
CA HIS A 149 -0.68 -142.06 -86.02
C HIS A 149 -0.99 -141.50 -84.62
N ASP A 150 -0.51 -140.29 -84.38
CA ASP A 150 -0.73 -139.65 -83.09
C ASP A 150 -1.76 -138.52 -83.27
N TYR A 151 -2.97 -138.80 -82.82
CA TYR A 151 -4.04 -137.82 -82.92
C TYR A 151 -4.51 -137.37 -81.53
N THR A 152 -4.26 -136.11 -81.24
CA THR A 152 -4.65 -135.55 -79.95
C THR A 152 -6.14 -135.19 -79.96
N ALA A 153 -6.89 -135.90 -79.12
CA ALA A 153 -8.32 -135.66 -79.02
C ALA A 153 -8.64 -135.09 -77.65
N THR A 154 -9.14 -133.86 -77.66
CA THR A 154 -9.49 -133.19 -76.42
C THR A 154 -10.97 -132.82 -76.42
N ASP A 155 -11.77 -133.69 -75.84
CA ASP A 155 -13.20 -133.47 -75.75
C ASP A 155 -13.72 -133.94 -74.39
N THR A 156 -15.02 -133.81 -74.21
CA THR A 156 -15.65 -134.21 -72.97
C THR A 156 -15.73 -135.74 -72.87
N ASP A 157 -15.35 -136.38 -73.96
CA ASP A 157 -15.37 -137.84 -74.01
C ASP A 157 -14.62 -138.30 -75.25
N GLU A 158 -13.44 -137.73 -75.45
CA GLU A 158 -12.61 -138.09 -76.59
C GLU A 158 -11.62 -139.19 -76.22
N LEU A 159 -10.97 -139.72 -77.23
CA LEU A 159 -9.99 -140.78 -77.02
C LEU A 159 -8.68 -140.41 -77.73
N GLN A 160 -7.67 -140.16 -76.91
CA GLN A 160 -6.36 -139.79 -77.44
C GLN A 160 -5.63 -141.03 -77.95
N LEU A 161 -5.09 -140.91 -79.15
CA LEU A 161 -4.36 -142.00 -79.76
C LEU A 161 -2.94 -141.55 -80.11
N LYS A 162 -2.01 -142.48 -79.97
CA LYS A 162 -0.61 -142.19 -80.26
C LYS A 162 -0.08 -143.19 -81.28
N ALA A 163 0.62 -142.66 -82.28
CA ALA A 163 1.18 -143.49 -83.33
C ALA A 163 1.74 -144.77 -82.71
N GLY A 164 0.94 -145.83 -82.81
CA GLY A 164 1.34 -147.12 -82.27
C GLY A 164 0.73 -147.35 -80.88
N ASP A 165 -0.58 -147.09 -80.80
CA ASP A 165 -1.30 -147.27 -79.55
C ASP A 165 -2.24 -148.46 -79.67
N VAL A 166 -2.79 -148.86 -78.54
CA VAL A 166 -3.71 -149.98 -78.50
C VAL A 166 -5.09 -149.50 -78.03
N VAL A 167 -6.09 -149.78 -78.85
CA VAL A 167 -7.45 -149.37 -78.54
C VAL A 167 -8.41 -150.53 -78.87
N LEU A 168 -9.38 -150.72 -77.99
CA LEU A 168 -10.35 -151.77 -78.16
C LEU A 168 -11.64 -151.18 -78.74
N VAL A 169 -12.13 -151.82 -79.80
CA VAL A 169 -13.35 -151.37 -80.45
C VAL A 169 -14.55 -151.85 -79.66
N ILE A 170 -15.24 -150.90 -79.03
CA ILE A 170 -16.40 -151.22 -78.24
C ILE A 170 -17.62 -150.47 -78.80
N PRO A 171 -18.82 -151.06 -78.55
CA PRO A 171 -20.06 -150.45 -79.03
C PRO A 171 -20.44 -149.24 -78.18
N PHE A 172 -20.45 -148.08 -78.83
CA PHE A 172 -20.79 -146.85 -78.15
C PHE A 172 -22.16 -146.96 -77.45
N GLN A 173 -22.61 -145.83 -76.91
CA GLN A 173 -23.88 -145.80 -76.22
C GLN A 173 -25.00 -145.45 -77.20
N ASN A 174 -24.64 -144.65 -78.20
CA ASN A 174 -25.61 -144.24 -79.20
C ASN A 174 -24.87 -143.85 -80.49
N PRO A 175 -25.53 -144.13 -81.64
CA PRO A 175 -24.95 -143.82 -82.94
C PRO A 175 -25.02 -142.32 -83.22
N GLU A 176 -25.87 -141.65 -82.46
CA GLU A 176 -26.05 -140.21 -82.62
C GLU A 176 -24.80 -139.47 -82.15
N GLU A 177 -24.06 -140.13 -81.26
CA GLU A 177 -22.85 -139.55 -80.72
C GLU A 177 -21.64 -139.92 -81.59
N GLN A 178 -21.81 -141.00 -82.33
CA GLN A 178 -20.75 -141.49 -83.20
C GLN A 178 -20.58 -140.54 -84.40
N ASP A 179 -19.34 -140.38 -84.80
CA ASP A 179 -19.02 -139.51 -85.93
C ASP A 179 -18.70 -140.38 -87.16
N GLU A 180 -18.87 -139.76 -88.32
CA GLU A 180 -18.60 -140.46 -89.57
C GLU A 180 -17.10 -140.72 -89.73
N GLY A 181 -16.72 -141.98 -89.58
CA GLY A 181 -15.32 -142.36 -89.70
C GLY A 181 -14.68 -142.51 -88.33
N TRP A 182 -15.49 -142.33 -87.29
CA TRP A 182 -15.01 -142.45 -85.93
C TRP A 182 -15.97 -143.36 -85.16
N LEU A 183 -15.42 -144.05 -84.18
CA LEU A 183 -16.21 -144.96 -83.37
C LEU A 183 -15.75 -144.86 -81.91
N MET A 184 -16.52 -145.50 -81.04
CA MET A 184 -16.22 -145.48 -79.62
C MET A 184 -15.30 -146.65 -79.26
N GLY A 185 -14.08 -146.30 -78.86
CA GLY A 185 -13.10 -147.31 -78.48
C GLY A 185 -12.40 -146.92 -77.18
N VAL A 186 -11.79 -147.93 -76.55
CA VAL A 186 -11.09 -147.72 -75.30
C VAL A 186 -9.63 -148.12 -75.47
N LYS A 187 -8.76 -147.37 -74.79
CA LYS A 187 -7.33 -147.64 -74.86
C LYS A 187 -6.99 -148.82 -73.95
N GLU A 188 -5.83 -149.42 -74.21
CA GLU A 188 -5.39 -150.56 -73.44
C GLU A 188 -5.29 -150.18 -71.95
N SER A 189 -4.80 -148.98 -71.71
CA SER A 189 -4.65 -148.48 -70.36
C SER A 189 -6.02 -148.29 -69.71
N ASP A 190 -6.96 -147.80 -70.52
CA ASP A 190 -8.30 -147.57 -70.05
C ASP A 190 -8.96 -148.90 -69.68
N TRP A 191 -8.56 -149.93 -70.41
CA TRP A 191 -9.09 -151.27 -70.17
C TRP A 191 -8.91 -151.60 -68.70
N ASN A 192 -7.70 -151.32 -68.21
CA ASN A 192 -7.39 -151.58 -66.81
C ASN A 192 -8.27 -150.72 -65.92
N GLN A 193 -8.74 -149.61 -66.50
CA GLN A 193 -9.60 -148.69 -65.78
C GLN A 193 -11.06 -149.13 -65.89
N HIS A 194 -11.24 -150.39 -66.25
CA HIS A 194 -12.58 -150.94 -66.40
C HIS A 194 -13.44 -150.51 -65.21
N LYS A 195 -12.77 -150.20 -64.11
CA LYS A 195 -13.46 -149.79 -62.89
C LYS A 195 -14.30 -148.55 -63.21
N LYS A 196 -13.82 -147.76 -64.15
CA LYS A 196 -14.52 -146.55 -64.55
C LYS A 196 -14.49 -146.42 -66.07
N LEU A 197 -14.96 -147.47 -66.73
CA LEU A 197 -14.99 -147.48 -68.18
C LEU A 197 -15.92 -146.37 -68.69
N GLU A 198 -16.94 -146.09 -67.88
CA GLU A 198 -17.91 -145.07 -68.23
C GLU A 198 -17.23 -143.70 -68.30
N LYS A 199 -16.05 -143.63 -67.70
CA LYS A 199 -15.28 -142.39 -67.68
C LYS A 199 -13.99 -142.59 -68.46
N CYS A 200 -13.88 -143.74 -69.09
CA CYS A 200 -12.70 -144.07 -69.87
C CYS A 200 -13.10 -144.16 -71.35
N ARG A 201 -14.40 -144.18 -71.57
CA ARG A 201 -14.93 -144.26 -72.92
C ARG A 201 -14.51 -143.03 -73.73
N GLY A 202 -14.43 -143.23 -75.04
CA GLY A 202 -14.05 -142.15 -75.93
C GLY A 202 -14.27 -142.54 -77.40
N VAL A 203 -13.95 -141.61 -78.28
CA VAL A 203 -14.11 -141.85 -79.70
C VAL A 203 -12.77 -141.62 -80.41
N PHE A 204 -12.65 -142.21 -81.60
CA PHE A 204 -11.44 -142.09 -82.38
C PHE A 204 -11.68 -142.50 -83.83
N PRO A 205 -10.85 -141.92 -84.73
CA PRO A 205 -10.96 -142.22 -86.16
C PRO A 205 -10.39 -143.61 -86.47
N GLU A 206 -11.24 -144.46 -87.01
CA GLU A 206 -10.83 -145.81 -87.36
C GLU A 206 -9.83 -145.78 -88.51
N ASN A 207 -10.08 -144.88 -89.45
CA ASN A 207 -9.21 -144.74 -90.61
C ASN A 207 -7.80 -144.40 -90.14
N PHE A 208 -7.74 -143.70 -89.01
CA PHE A 208 -6.46 -143.30 -88.44
C PHE A 208 -5.87 -144.43 -87.60
N THR A 209 -6.57 -145.55 -87.57
CA THR A 209 -6.13 -146.70 -86.80
C THR A 209 -6.22 -147.98 -87.65
N GLU A 210 -5.76 -149.07 -87.05
CA GLU A 210 -5.79 -150.35 -87.74
C GLU A 210 -6.27 -151.45 -86.79
N ARG A 211 -6.88 -152.46 -87.38
CA ARG A 211 -7.39 -153.58 -86.60
C ARG A 211 -6.28 -154.60 -86.32
N VAL A 212 -6.26 -155.08 -85.09
CA VAL A 212 -5.25 -156.05 -84.69
C VAL A 212 -5.89 -157.44 -84.60
N PRO A 213 -5.38 -158.36 -85.46
CA PRO A 213 -5.90 -159.72 -85.49
C PRO A 213 -5.40 -160.52 -84.29
N ASP A 1 -14.21 -38.12 -16.16
CA ASP A 1 -14.63 -39.46 -16.53
C ASP A 1 -16.02 -39.39 -17.18
N GLY A 2 -16.40 -40.50 -17.79
CA GLY A 2 -17.70 -40.58 -18.46
C GLY A 2 -17.60 -41.35 -19.77
N SER A 3 -18.10 -42.57 -19.74
CA SER A 3 -18.07 -43.42 -20.92
C SER A 3 -18.66 -44.80 -20.59
N PRO A 4 -19.80 -45.12 -21.28
CA PRO A 4 -20.46 -46.39 -21.07
C PRO A 4 -19.69 -47.53 -21.74
N ALA A 5 -20.33 -48.69 -21.79
CA ALA A 5 -19.71 -49.86 -22.40
C ALA A 5 -20.75 -50.99 -22.47
N ALA A 6 -20.41 -51.99 -23.27
CA ALA A 6 -21.29 -53.14 -23.43
C ALA A 6 -20.61 -54.18 -24.33
N THR A 7 -21.25 -55.34 -24.41
CA THR A 7 -20.72 -56.41 -25.22
C THR A 7 -21.72 -57.56 -25.32
N PRO A 8 -21.77 -58.19 -26.52
CA PRO A 8 -22.68 -59.29 -26.75
C PRO A 8 -22.19 -60.57 -26.06
N GLU A 9 -22.93 -61.66 -26.29
CA GLU A 9 -22.58 -62.93 -25.70
C GLU A 9 -22.94 -64.08 -26.65
N ILE A 10 -21.99 -64.45 -27.47
CA ILE A 10 -22.19 -65.52 -28.43
C ILE A 10 -22.05 -66.86 -27.73
N ARG A 11 -22.79 -67.84 -28.23
CA ARG A 11 -22.76 -69.18 -27.66
C ARG A 11 -22.05 -70.15 -28.61
N VAL A 12 -21.81 -71.35 -28.10
CA VAL A 12 -21.14 -72.37 -28.88
C VAL A 12 -21.94 -73.67 -28.80
N ASN A 13 -21.76 -74.51 -29.82
CA ASN A 13 -22.46 -75.78 -29.86
C ASN A 13 -21.76 -76.69 -30.88
N HIS A 14 -21.84 -77.99 -30.62
CA HIS A 14 -21.22 -78.98 -31.50
C HIS A 14 -21.62 -80.38 -31.05
N GLU A 15 -21.38 -81.33 -31.93
CA GLU A 15 -21.71 -82.73 -31.63
C GLU A 15 -21.26 -83.63 -32.79
N PRO A 16 -20.14 -84.35 -32.55
CA PRO A 16 -19.60 -85.26 -33.56
C PRO A 16 -20.44 -86.53 -33.65
N GLU A 17 -20.01 -87.42 -34.53
CA GLU A 17 -20.71 -88.68 -34.73
C GLU A 17 -19.75 -89.73 -35.29
N PRO A 18 -20.06 -91.02 -34.97
CA PRO A 18 -19.25 -92.12 -35.45
C PRO A 18 -19.49 -92.40 -36.94
N ALA A 19 -18.85 -93.45 -37.42
CA ALA A 19 -18.99 -93.83 -38.82
C ALA A 19 -18.30 -95.17 -39.06
N GLY A 20 -18.94 -95.99 -39.87
CA GLY A 20 -18.41 -97.31 -40.19
C GLY A 20 -18.84 -97.76 -41.58
N GLY A 21 -18.43 -98.97 -41.93
CA GLY A 21 -18.78 -99.53 -43.22
C GLY A 21 -18.55 -101.04 -43.25
N ALA A 22 -19.60 -101.76 -43.62
CA ALA A 22 -19.53 -103.21 -43.68
C ALA A 22 -20.54 -103.72 -44.71
N THR A 23 -20.07 -104.61 -45.56
CA THR A 23 -20.92 -105.18 -46.60
C THR A 23 -21.10 -106.68 -46.37
N PRO A 24 -22.33 -107.04 -45.92
CA PRO A 24 -22.64 -108.44 -45.67
C PRO A 24 -22.86 -109.21 -46.97
N GLY A 25 -23.08 -110.51 -46.83
CA GLY A 25 -23.30 -111.36 -47.98
C GLY A 25 -22.75 -112.76 -47.74
N ALA A 26 -23.66 -113.69 -47.52
CA ALA A 26 -23.28 -115.08 -47.26
C ALA A 26 -24.08 -115.99 -48.19
N THR A 27 -23.35 -116.75 -48.99
CA THR A 27 -23.97 -117.68 -49.93
C THR A 27 -23.75 -119.12 -49.48
N LEU A 28 -24.85 -119.86 -49.41
CA LEU A 28 -24.79 -121.26 -49.00
C LEU A 28 -24.71 -122.15 -50.24
N PRO A 29 -23.53 -122.80 -50.41
CA PRO A 29 -23.31 -123.68 -51.55
C PRO A 29 -24.06 -125.00 -51.36
N LYS A 30 -25.37 -124.93 -51.51
CA LYS A 30 -26.21 -126.11 -51.37
C LYS A 30 -25.78 -127.18 -52.37
N SER A 31 -25.51 -128.37 -51.86
CA SER A 31 -25.08 -129.47 -52.70
C SER A 31 -26.06 -130.64 -52.57
N PRO A 32 -26.67 -131.01 -53.73
CA PRO A 32 -27.62 -132.11 -53.76
C PRO A 32 -26.91 -133.45 -53.65
N SER A 33 -27.66 -134.44 -53.20
CA SER A 33 -27.12 -135.79 -53.04
C SER A 33 -28.20 -136.82 -53.32
N GLN A 34 -28.42 -137.08 -54.61
CA GLN A 34 -29.41 -138.05 -55.02
C GLN A 34 -28.77 -139.42 -55.25
N LEU A 35 -29.47 -140.45 -54.81
CA LEU A 35 -28.98 -141.81 -54.96
C LEU A 35 -27.78 -142.02 -54.03
N ARG A 36 -28.05 -142.68 -52.91
CA ARG A 36 -27.01 -142.95 -51.93
C ARG A 36 -26.55 -144.40 -52.05
N LYS A 37 -25.27 -144.61 -51.76
CA LYS A 37 -24.69 -145.95 -51.82
C LYS A 37 -24.22 -146.35 -50.43
N GLY A 38 -24.38 -147.64 -50.14
CA GLY A 38 -23.98 -148.16 -48.85
C GLY A 38 -23.43 -149.59 -48.99
N PRO A 39 -22.67 -150.02 -47.94
CA PRO A 39 -22.09 -151.35 -47.94
C PRO A 39 -23.15 -152.42 -47.66
N PRO A 40 -22.91 -153.63 -48.22
CA PRO A 40 -23.83 -154.74 -48.05
C PRO A 40 -23.71 -155.33 -46.65
N VAL A 41 -24.74 -156.07 -46.26
CA VAL A 41 -24.77 -156.69 -44.95
C VAL A 41 -24.68 -158.22 -45.11
N PRO A 42 -23.46 -158.75 -44.80
CA PRO A 42 -23.23 -160.18 -44.90
C PRO A 42 -23.91 -160.93 -43.75
N PRO A 43 -24.17 -162.24 -44.00
CA PRO A 43 -24.81 -163.08 -43.00
C PRO A 43 -23.84 -163.45 -41.88
N PRO A 44 -24.39 -164.05 -40.80
CA PRO A 44 -23.59 -164.47 -39.67
C PRO A 44 -22.79 -165.72 -39.99
N PRO A 45 -21.71 -165.94 -39.19
CA PRO A 45 -20.86 -167.10 -39.38
C PRO A 45 -21.54 -168.38 -38.88
N LYS A 46 -22.14 -168.26 -37.70
CA LYS A 46 -22.83 -169.39 -37.10
C LYS A 46 -24.24 -169.51 -37.70
N HIS A 47 -24.26 -169.67 -39.01
CA HIS A 47 -25.53 -169.80 -39.71
C HIS A 47 -25.63 -171.18 -40.37
N THR A 48 -26.87 -171.63 -40.54
CA THR A 48 -27.10 -172.93 -41.15
C THR A 48 -28.16 -172.81 -42.26
N PRO A 49 -27.98 -173.65 -43.30
CA PRO A 49 -28.91 -173.65 -44.43
C PRO A 49 -30.22 -174.35 -44.06
N SER A 50 -31.30 -173.58 -44.15
CA SER A 50 -32.61 -174.11 -43.83
C SER A 50 -33.51 -174.07 -45.07
N LYS A 51 -34.53 -174.91 -45.04
CA LYS A 51 -35.47 -174.98 -46.15
C LYS A 51 -36.56 -176.01 -45.83
N GLU A 52 -37.75 -175.73 -46.33
CA GLU A 52 -38.88 -176.62 -46.10
C GLU A 52 -39.22 -177.40 -47.38
N VAL A 53 -40.09 -178.38 -47.23
CA VAL A 53 -40.50 -179.20 -48.35
C VAL A 53 -42.00 -179.46 -48.27
N LYS A 54 -42.59 -179.69 -49.43
CA LYS A 54 -44.02 -179.96 -49.50
C LYS A 54 -44.24 -181.43 -49.85
N GLN A 55 -44.92 -182.12 -48.95
CA GLN A 55 -45.21 -183.53 -49.16
C GLN A 55 -45.92 -183.75 -50.50
N GLU A 56 -46.15 -185.01 -50.81
CA GLU A 56 -46.83 -185.36 -52.05
C GLU A 56 -48.26 -184.83 -52.06
N GLN A 57 -48.93 -185.04 -53.18
CA GLN A 57 -50.30 -184.59 -53.32
C GLN A 57 -50.99 -185.34 -54.47
N ILE A 58 -52.30 -185.14 -54.57
CA ILE A 58 -53.07 -185.79 -55.61
C ILE A 58 -53.02 -187.30 -55.42
N LEU A 59 -54.19 -187.88 -55.18
CA LEU A 59 -54.28 -189.31 -54.97
C LEU A 59 -55.76 -189.70 -54.77
N SER A 60 -56.44 -189.93 -55.87
CA SER A 60 -57.84 -190.29 -55.84
C SER A 60 -58.03 -191.71 -56.39
N LEU A 61 -58.95 -192.43 -55.77
CA LEU A 61 -59.23 -193.80 -56.20
C LEU A 61 -60.62 -194.21 -55.69
N PHE A 62 -61.18 -195.21 -56.35
CA PHE A 62 -62.50 -195.70 -55.98
C PHE A 62 -62.68 -197.16 -56.41
N GLU A 63 -63.43 -197.89 -55.61
CA GLU A 63 -63.69 -199.30 -55.90
C GLU A 63 -64.60 -199.90 -54.84
N ASP A 64 -65.37 -200.89 -55.25
CA ASP A 64 -66.29 -201.56 -54.34
C ASP A 64 -67.01 -202.68 -55.10
N THR A 65 -67.28 -203.76 -54.36
CA THR A 65 -67.95 -204.90 -54.95
C THR A 65 -68.30 -205.92 -53.86
N PHE A 66 -69.54 -206.38 -53.90
CA PHE A 66 -70.02 -207.36 -52.93
C PHE A 66 -71.31 -208.02 -53.41
N VAL A 67 -71.61 -209.16 -52.79
CA VAL A 67 -72.81 -209.91 -53.15
C VAL A 67 -73.22 -210.79 -51.97
N PRO A 68 -74.46 -210.53 -51.45
CA PRO A 68 -74.97 -211.29 -50.34
C PRO A 68 -75.41 -212.69 -50.78
N GLU A 69 -75.39 -213.61 -49.82
CA GLU A 69 -75.78 -214.98 -50.11
C GLU A 69 -75.77 -215.81 -48.82
N ILE A 70 -76.87 -216.50 -48.58
CA ILE A 70 -77.01 -217.32 -47.39
C ILE A 70 -78.28 -218.15 -47.49
N SER A 71 -78.24 -219.33 -46.89
CA SER A 71 -79.39 -220.22 -46.90
C SER A 71 -79.62 -220.79 -45.50
N VAL A 72 -80.63 -221.64 -45.39
CA VAL A 72 -80.97 -222.25 -44.13
C VAL A 72 -81.74 -223.55 -44.38
N THR A 73 -81.51 -224.52 -43.51
CA THR A 73 -82.16 -225.82 -43.64
C THR A 73 -82.76 -226.23 -42.30
N THR A 74 -83.27 -227.46 -42.27
CA THR A 74 -83.88 -227.99 -41.06
C THR A 74 -83.85 -229.52 -41.08
N PRO A 75 -82.74 -230.09 -40.53
CA PRO A 75 -82.59 -231.53 -40.49
C PRO A 75 -83.49 -232.15 -39.41
N SER A 76 -83.35 -233.46 -39.26
CA SER A 76 -84.15 -234.17 -38.27
C SER A 76 -83.41 -235.45 -37.85
N GLN A 77 -83.82 -235.98 -36.69
CA GLN A 77 -83.22 -237.19 -36.17
C GLN A 77 -84.20 -237.90 -35.24
N PRO A 78 -84.57 -239.15 -35.64
CA PRO A 78 -85.50 -239.94 -34.85
C PRO A 78 -84.80 -240.52 -33.62
N ALA A 79 -85.45 -241.51 -33.02
CA ALA A 79 -84.90 -242.15 -31.84
C ALA A 79 -85.76 -243.39 -31.50
N GLU A 80 -85.13 -244.32 -30.80
CA GLU A 80 -85.81 -245.54 -30.42
C GLU A 80 -84.80 -246.59 -29.94
N ALA A 81 -85.29 -247.51 -29.13
CA ALA A 81 -84.44 -248.57 -28.59
C ALA A 81 -85.31 -249.60 -27.87
N SER A 82 -84.87 -250.84 -27.92
CA SER A 82 -85.59 -251.92 -27.27
C SER A 82 -84.76 -253.21 -27.32
N GLU A 83 -84.77 -253.91 -26.20
CA GLU A 83 -84.02 -255.15 -26.09
C GLU A 83 -84.56 -256.00 -24.94
N VAL A 84 -85.53 -256.85 -25.28
CA VAL A 84 -86.14 -257.72 -24.28
C VAL A 84 -85.47 -259.10 -24.34
N ALA A 85 -85.17 -259.62 -23.17
CA ALA A 85 -84.53 -260.93 -23.07
C ALA A 85 -84.87 -261.55 -21.72
N GLY A 86 -84.73 -262.87 -21.66
CA GLY A 86 -85.02 -263.60 -20.43
C GLY A 86 -85.78 -264.89 -20.74
N GLY A 87 -85.93 -265.70 -19.69
CA GLY A 87 -86.64 -266.96 -19.82
C GLY A 87 -85.77 -268.00 -20.54
N THR A 88 -86.36 -269.16 -20.76
CA THR A 88 -85.66 -270.25 -21.43
C THR A 88 -84.78 -269.70 -22.56
N GLN A 89 -83.62 -270.32 -22.73
CA GLN A 89 -82.69 -269.90 -23.76
C GLN A 89 -83.30 -270.13 -25.14
N PRO A 90 -83.51 -269.00 -25.88
CA PRO A 90 -84.08 -269.07 -27.21
C PRO A 90 -83.05 -269.57 -28.21
N ALA A 91 -81.89 -268.94 -28.19
CA ALA A 91 -80.81 -269.32 -29.10
C ALA A 91 -79.58 -268.48 -28.79
N ALA A 92 -79.73 -267.17 -28.95
CA ALA A 92 -78.64 -266.25 -28.68
C ALA A 92 -79.13 -264.81 -28.86
N GLY A 93 -78.25 -263.87 -28.54
CA GLY A 93 -78.59 -262.46 -28.65
C GLY A 93 -77.41 -261.58 -28.25
N ALA A 94 -77.33 -260.43 -28.89
CA ALA A 94 -76.26 -259.49 -28.60
C ALA A 94 -76.49 -258.19 -29.39
N GLN A 95 -75.61 -257.23 -29.16
CA GLN A 95 -75.71 -255.95 -29.84
C GLN A 95 -74.43 -255.14 -29.64
N GLU A 96 -74.34 -254.03 -30.35
CA GLU A 96 -73.18 -253.17 -30.26
C GLU A 96 -73.58 -251.72 -30.55
N PRO A 97 -73.01 -250.79 -29.72
CA PRO A 97 -73.29 -249.38 -29.88
C PRO A 97 -72.56 -248.79 -31.08
N GLY A 98 -72.73 -247.50 -31.28
CA GLY A 98 -72.10 -246.82 -32.40
C GLY A 98 -71.18 -245.71 -31.90
N GLU A 99 -71.49 -244.49 -32.32
CA GLU A 99 -70.69 -243.33 -31.93
C GLU A 99 -71.59 -242.09 -31.79
N THR A 100 -71.20 -241.23 -30.86
CA THR A 100 -71.97 -240.01 -30.62
C THR A 100 -71.01 -238.86 -30.27
N ALA A 101 -71.25 -237.72 -30.93
CA ALA A 101 -70.43 -236.56 -30.70
C ALA A 101 -70.54 -236.14 -29.23
N ALA A 102 -69.63 -235.27 -28.82
CA ALA A 102 -69.61 -234.79 -27.45
C ALA A 102 -70.68 -233.71 -27.28
N SER A 103 -70.43 -232.57 -27.88
CA SER A 103 -71.36 -231.45 -27.81
C SER A 103 -71.08 -230.45 -28.93
N GLU A 104 -69.89 -229.86 -28.87
CA GLU A 104 -69.49 -228.88 -29.87
C GLU A 104 -70.32 -227.61 -29.73
N ALA A 105 -69.70 -226.61 -29.11
CA ALA A 105 -70.38 -225.34 -28.92
C ALA A 105 -69.33 -224.21 -28.89
N ALA A 106 -69.83 -222.99 -28.93
CA ALA A 106 -68.95 -221.82 -28.92
C ALA A 106 -69.80 -220.56 -28.82
N SER A 107 -69.19 -219.50 -28.29
CA SER A 107 -69.87 -218.23 -28.14
C SER A 107 -68.88 -217.16 -27.68
N SER A 108 -69.34 -215.92 -27.71
CA SER A 108 -68.51 -214.80 -27.30
C SER A 108 -69.35 -213.53 -27.24
N SER A 109 -68.74 -212.48 -26.69
CA SER A 109 -69.42 -211.20 -26.56
C SER A 109 -68.66 -210.13 -27.35
N LEU A 110 -69.31 -208.97 -27.48
CA LEU A 110 -68.70 -207.87 -28.19
C LEU A 110 -69.31 -206.55 -27.70
N PRO A 111 -68.62 -205.92 -26.72
CA PRO A 111 -69.08 -204.67 -26.16
C PRO A 111 -68.82 -203.51 -27.12
N ALA A 112 -69.48 -202.39 -26.84
CA ALA A 112 -69.34 -201.21 -27.67
C ALA A 112 -68.51 -200.16 -26.92
N VAL A 113 -68.43 -198.98 -27.52
CA VAL A 113 -67.67 -197.89 -26.92
C VAL A 113 -68.33 -196.57 -27.28
N VAL A 114 -67.99 -195.54 -26.52
CA VAL A 114 -68.53 -194.22 -26.75
C VAL A 114 -67.39 -193.21 -26.86
N VAL A 115 -67.65 -192.13 -27.58
CA VAL A 115 -66.66 -191.10 -27.77
C VAL A 115 -67.33 -189.72 -27.66
N GLU A 116 -66.66 -188.83 -26.97
CA GLU A 116 -67.18 -187.49 -26.77
C GLU A 116 -66.28 -186.46 -27.47
N THR A 117 -66.80 -185.25 -27.61
CA THR A 117 -66.07 -184.19 -28.26
C THR A 117 -65.62 -183.14 -27.23
N PHE A 118 -65.18 -182.01 -27.74
CA PHE A 118 -64.72 -180.92 -26.88
C PHE A 118 -65.13 -179.56 -27.45
N PRO A 119 -65.54 -178.65 -26.54
CA PRO A 119 -65.95 -177.32 -26.93
C PRO A 119 -64.74 -176.46 -27.29
N ALA A 120 -65.02 -175.36 -27.98
CA ALA A 120 -63.97 -174.45 -28.39
C ALA A 120 -64.57 -173.04 -28.57
N THR A 121 -63.67 -172.06 -28.56
CA THR A 121 -64.09 -170.67 -28.73
C THR A 121 -64.42 -170.38 -30.19
N VAL A 122 -65.36 -169.47 -30.38
CA VAL A 122 -65.78 -169.09 -31.73
C VAL A 122 -64.72 -168.17 -32.34
N ASN A 123 -64.56 -167.01 -31.71
CA ASN A 123 -63.59 -166.04 -32.19
C ASN A 123 -63.96 -165.62 -33.61
N GLY A 124 -64.72 -164.54 -33.70
CA GLY A 124 -65.13 -164.03 -34.99
C GLY A 124 -64.05 -163.15 -35.62
N THR A 125 -64.46 -162.36 -36.59
CA THR A 125 -63.53 -161.47 -37.28
C THR A 125 -63.99 -160.02 -37.14
N VAL A 126 -63.09 -159.20 -36.61
CA VAL A 126 -63.39 -157.79 -36.42
C VAL A 126 -63.00 -157.02 -37.67
N GLU A 127 -63.89 -156.14 -38.11
CA GLU A 127 -63.64 -155.33 -39.29
C GLU A 127 -62.88 -154.07 -38.92
N GLY A 128 -62.07 -153.60 -39.86
CA GLY A 128 -61.27 -152.41 -39.64
C GLY A 128 -60.71 -151.88 -40.96
N GLY A 129 -61.02 -150.62 -41.23
CA GLY A 129 -60.55 -149.99 -42.45
C GLY A 129 -61.04 -150.74 -43.69
N SER A 130 -60.85 -150.13 -44.85
CA SER A 130 -61.26 -150.73 -46.10
C SER A 130 -60.12 -150.66 -47.12
N GLY A 131 -59.22 -151.63 -47.01
CA GLY A 131 -58.08 -151.68 -47.91
C GLY A 131 -58.47 -152.30 -49.26
N ALA A 132 -58.56 -151.45 -50.27
CA ALA A 132 -58.92 -151.91 -51.59
C ALA A 132 -57.71 -152.57 -52.25
N GLY A 133 -56.61 -151.83 -52.28
CA GLY A 133 -55.37 -152.33 -52.86
C GLY A 133 -55.45 -152.29 -54.40
N ARG A 134 -54.41 -152.83 -55.02
CA ARG A 134 -54.34 -152.86 -56.46
C ARG A 134 -55.33 -153.88 -57.03
N LEU A 135 -55.23 -154.12 -58.32
CA LEU A 135 -56.11 -155.07 -58.98
C LEU A 135 -55.26 -156.11 -59.72
N ASP A 136 -54.20 -155.64 -60.34
CA ASP A 136 -53.30 -156.51 -61.07
C ASP A 136 -51.95 -156.56 -60.37
N LEU A 137 -51.24 -157.66 -60.60
CA LEU A 137 -49.93 -157.84 -59.99
C LEU A 137 -48.87 -157.16 -60.87
N PRO A 138 -47.69 -156.89 -60.24
CA PRO A 138 -46.60 -156.25 -60.97
C PRO A 138 -45.91 -157.25 -61.90
N PRO A 139 -45.66 -156.77 -63.15
CA PRO A 139 -45.02 -157.59 -64.15
C PRO A 139 -43.52 -157.73 -63.87
N GLY A 140 -43.00 -158.93 -64.12
CA GLY A 140 -41.59 -159.20 -63.89
C GLY A 140 -41.35 -159.71 -62.46
N PHE A 141 -42.29 -159.38 -61.59
CA PHE A 141 -42.19 -159.79 -60.20
C PHE A 141 -41.60 -161.20 -60.09
N MET A 142 -40.88 -161.42 -58.99
CA MET A 142 -40.25 -162.71 -58.77
C MET A 142 -40.95 -163.46 -57.63
N PHE A 143 -40.81 -162.91 -56.43
CA PHE A 143 -41.42 -163.51 -55.25
C PHE A 143 -41.54 -162.50 -54.12
N LYS A 144 -42.21 -162.92 -53.06
CA LYS A 144 -42.40 -162.08 -51.90
C LYS A 144 -41.29 -162.34 -50.88
N VAL A 145 -40.86 -161.28 -50.23
CA VAL A 145 -39.80 -161.38 -49.24
C VAL A 145 -40.30 -160.78 -47.91
N GLN A 146 -39.63 -161.16 -46.84
CA GLN A 146 -39.98 -160.68 -45.52
C GLN A 146 -38.74 -160.14 -44.80
N ALA A 147 -38.85 -158.90 -44.35
CA ALA A 147 -37.75 -158.26 -43.66
C ALA A 147 -37.56 -158.91 -42.29
N GLN A 148 -36.32 -158.97 -41.85
CA GLN A 148 -36.00 -159.56 -40.56
C GLN A 148 -35.39 -158.52 -39.63
N HIS A 149 -35.24 -157.32 -40.16
CA HIS A 149 -34.68 -156.22 -39.37
C HIS A 149 -35.30 -154.90 -39.84
N ASP A 150 -35.00 -153.86 -39.08
CA ASP A 150 -35.52 -152.53 -39.39
C ASP A 150 -34.38 -151.65 -39.90
N TYR A 151 -34.40 -151.42 -41.21
CA TYR A 151 -33.37 -150.61 -41.84
C TYR A 151 -33.97 -149.32 -42.41
N THR A 152 -33.61 -148.21 -41.79
CA THR A 152 -34.10 -146.91 -42.23
C THR A 152 -33.31 -146.42 -43.44
N ALA A 153 -33.99 -146.33 -44.57
CA ALA A 153 -33.37 -145.88 -45.80
C ALA A 153 -33.95 -144.52 -46.19
N THR A 154 -33.09 -143.53 -46.22
CA THR A 154 -33.50 -142.18 -46.57
C THR A 154 -32.77 -141.72 -47.84
N ASP A 155 -33.42 -141.92 -48.97
CA ASP A 155 -32.85 -141.53 -50.25
C ASP A 155 -33.94 -140.95 -51.15
N THR A 156 -33.56 -140.66 -52.37
CA THR A 156 -34.50 -140.11 -53.34
C THR A 156 -35.28 -141.23 -54.03
N ASP A 157 -34.95 -142.46 -53.64
CA ASP A 157 -35.60 -143.63 -54.21
C ASP A 157 -35.18 -144.88 -53.44
N GLU A 158 -35.16 -144.74 -52.12
CA GLU A 158 -34.76 -145.85 -51.27
C GLU A 158 -36.00 -146.63 -50.81
N LEU A 159 -35.74 -147.78 -50.21
CA LEU A 159 -36.82 -148.63 -49.72
C LEU A 159 -36.63 -148.88 -48.22
N GLN A 160 -37.57 -148.37 -47.45
CA GLN A 160 -37.53 -148.53 -46.00
C GLN A 160 -38.13 -149.87 -45.60
N LEU A 161 -37.43 -150.54 -44.68
CA LEU A 161 -37.88 -151.84 -44.21
C LEU A 161 -37.91 -151.84 -42.68
N LYS A 162 -38.90 -152.53 -42.13
CA LYS A 162 -39.05 -152.61 -40.69
C LYS A 162 -39.14 -154.08 -40.27
N ALA A 163 -38.25 -154.46 -39.37
CA ALA A 163 -38.22 -155.84 -38.89
C ALA A 163 -39.62 -156.44 -39.00
N GLY A 164 -39.76 -157.36 -39.93
CA GLY A 164 -41.04 -158.02 -40.16
C GLY A 164 -41.88 -157.25 -41.18
N ASP A 165 -41.26 -156.92 -42.29
CA ASP A 165 -41.93 -156.18 -43.34
C ASP A 165 -42.19 -157.12 -44.52
N VAL A 166 -43.01 -156.64 -45.45
CA VAL A 166 -43.35 -157.42 -46.63
C VAL A 166 -42.88 -156.68 -47.88
N VAL A 167 -41.92 -157.29 -48.57
CA VAL A 167 -41.39 -156.70 -49.79
C VAL A 167 -41.40 -157.74 -50.91
N LEU A 168 -41.83 -157.30 -52.08
CA LEU A 168 -41.89 -158.18 -53.23
C LEU A 168 -40.71 -157.90 -54.16
N VAL A 169 -40.01 -158.97 -54.51
CA VAL A 169 -38.85 -158.85 -55.39
C VAL A 169 -39.33 -158.65 -56.83
N ILE A 170 -38.94 -157.53 -57.40
CA ILE A 170 -39.31 -157.21 -58.77
C ILE A 170 -38.06 -156.83 -59.56
N PRO A 171 -38.14 -157.07 -60.91
CA PRO A 171 -37.02 -156.75 -61.78
C PRO A 171 -36.93 -155.24 -62.02
N PHE A 172 -35.82 -154.68 -61.58
CA PHE A 172 -35.59 -153.25 -61.73
C PHE A 172 -35.57 -152.86 -63.21
N GLN A 173 -35.28 -151.58 -63.45
CA GLN A 173 -35.24 -151.07 -64.81
C GLN A 173 -33.89 -151.41 -65.45
N ASN A 174 -32.89 -151.56 -64.60
CA ASN A 174 -31.55 -151.88 -65.07
C ASN A 174 -30.72 -152.42 -63.92
N PRO A 175 -29.77 -153.33 -64.25
CA PRO A 175 -28.90 -153.91 -63.25
C PRO A 175 -27.82 -152.92 -62.79
N GLU A 176 -27.59 -151.93 -63.64
CA GLU A 176 -26.60 -150.92 -63.36
C GLU A 176 -27.09 -150.01 -62.23
N GLU A 177 -28.40 -150.02 -62.02
CA GLU A 177 -29.00 -149.21 -60.99
C GLU A 177 -29.06 -149.98 -59.67
N GLN A 178 -28.76 -151.27 -59.76
CA GLN A 178 -28.78 -152.14 -58.59
C GLN A 178 -27.43 -152.08 -57.88
N ASP A 179 -27.48 -152.33 -56.57
CA ASP A 179 -26.27 -152.32 -55.77
C ASP A 179 -25.91 -153.74 -55.36
N GLU A 180 -24.69 -153.91 -54.89
CA GLU A 180 -24.21 -155.22 -54.46
C GLU A 180 -24.78 -155.56 -53.09
N GLY A 181 -25.67 -156.54 -53.08
CA GLY A 181 -26.29 -156.97 -51.84
C GLY A 181 -27.68 -156.36 -51.68
N TRP A 182 -28.02 -155.48 -52.62
CA TRP A 182 -29.31 -154.82 -52.59
C TRP A 182 -29.98 -155.04 -53.95
N LEU A 183 -31.31 -155.01 -53.94
CA LEU A 183 -32.07 -155.20 -55.16
C LEU A 183 -33.32 -154.30 -55.12
N MET A 184 -34.01 -154.26 -56.25
CA MET A 184 -35.21 -153.46 -56.37
C MET A 184 -36.45 -154.26 -55.97
N GLY A 185 -37.07 -153.84 -54.88
CA GLY A 185 -38.26 -154.51 -54.39
C GLY A 185 -39.35 -153.50 -54.04
N VAL A 186 -40.53 -154.03 -53.74
CA VAL A 186 -41.66 -153.19 -53.39
C VAL A 186 -42.33 -153.73 -52.12
N LYS A 187 -42.72 -152.82 -51.25
CA LYS A 187 -43.37 -153.20 -50.01
C LYS A 187 -44.81 -153.59 -50.29
N GLU A 188 -45.39 -154.33 -49.35
CA GLU A 188 -46.75 -154.79 -49.49
C GLU A 188 -47.71 -153.59 -49.65
N SER A 189 -47.37 -152.51 -48.95
CA SER A 189 -48.17 -151.30 -49.01
C SER A 189 -48.04 -150.66 -50.39
N ASP A 190 -46.81 -150.62 -50.88
CA ASP A 190 -46.54 -150.04 -52.18
C ASP A 190 -47.28 -150.83 -53.26
N TRP A 191 -47.41 -152.13 -53.00
CA TRP A 191 -48.09 -153.01 -53.94
C TRP A 191 -49.46 -152.40 -54.25
N ASN A 192 -50.15 -151.99 -53.20
CA ASN A 192 -51.46 -151.39 -53.36
C ASN A 192 -51.35 -150.19 -54.30
N GLN A 193 -50.17 -149.62 -54.35
CA GLN A 193 -49.92 -148.47 -55.21
C GLN A 193 -49.45 -148.92 -56.59
N HIS A 194 -49.68 -150.20 -56.86
CA HIS A 194 -49.28 -150.77 -58.14
C HIS A 194 -49.68 -149.82 -59.27
N LYS A 195 -50.68 -149.00 -58.99
CA LYS A 195 -51.17 -148.05 -59.97
C LYS A 195 -50.02 -147.15 -60.42
N LYS A 196 -49.08 -146.94 -59.51
CA LYS A 196 -47.92 -146.10 -59.80
C LYS A 196 -46.70 -146.65 -59.06
N LEU A 197 -46.49 -147.95 -59.21
CA LEU A 197 -45.36 -148.60 -58.57
C LEU A 197 -44.06 -148.02 -59.12
N GLU A 198 -44.11 -147.63 -60.38
CA GLU A 198 -42.93 -147.06 -61.03
C GLU A 198 -42.45 -145.82 -60.27
N LYS A 199 -43.34 -145.30 -59.44
CA LYS A 199 -43.02 -144.12 -58.65
C LYS A 199 -42.91 -144.51 -57.18
N CYS A 200 -42.96 -145.82 -56.94
CA CYS A 200 -42.86 -146.34 -55.59
C CYS A 200 -41.67 -147.30 -55.52
N ARG A 201 -41.00 -147.43 -56.65
CA ARG A 201 -39.84 -148.31 -56.74
C ARG A 201 -38.78 -147.88 -55.73
N GLY A 202 -38.08 -148.88 -55.21
CA GLY A 202 -37.03 -148.62 -54.23
C GLY A 202 -36.02 -149.78 -54.20
N VAL A 203 -35.04 -149.62 -53.33
CA VAL A 203 -34.00 -150.64 -53.18
C VAL A 203 -33.92 -151.07 -51.72
N PHE A 204 -33.46 -152.30 -51.52
CA PHE A 204 -33.32 -152.84 -50.18
C PHE A 204 -32.33 -154.00 -50.16
N PRO A 205 -31.65 -154.16 -48.98
CA PRO A 205 -30.68 -155.23 -48.82
C PRO A 205 -31.37 -156.57 -48.64
N GLU A 206 -31.09 -157.47 -49.56
CA GLU A 206 -31.68 -158.81 -49.51
C GLU A 206 -31.13 -159.59 -48.31
N ASN A 207 -29.87 -159.34 -48.02
CA ASN A 207 -29.22 -160.01 -46.90
C ASN A 207 -29.92 -159.62 -45.60
N PHE A 208 -30.49 -158.42 -45.61
CA PHE A 208 -31.19 -157.91 -44.45
C PHE A 208 -32.67 -158.33 -44.47
N THR A 209 -33.01 -159.11 -45.48
CA THR A 209 -34.37 -159.59 -45.63
C THR A 209 -34.39 -161.10 -45.87
N GLU A 210 -35.59 -161.65 -45.88
CA GLU A 210 -35.76 -163.08 -46.10
C GLU A 210 -36.75 -163.33 -47.24
N ARG A 211 -36.54 -164.45 -47.93
CA ARG A 211 -37.41 -164.81 -49.03
C ARG A 211 -38.63 -165.57 -48.52
N VAL A 212 -39.78 -165.22 -49.08
CA VAL A 212 -41.03 -165.85 -48.70
C VAL A 212 -41.59 -166.65 -49.88
N PRO A 213 -41.68 -167.98 -49.68
CA PRO A 213 -42.20 -168.86 -50.72
C PRO A 213 -43.71 -168.73 -50.85
N ASP A 1 -14.21 -38.12 -16.16
CA ASP A 1 -14.63 -39.46 -16.53
C ASP A 1 -13.71 -40.48 -15.87
N GLY A 2 -12.42 -40.20 -15.94
CA GLY A 2 -11.43 -41.08 -15.36
C GLY A 2 -10.02 -40.49 -15.50
N SER A 3 -9.20 -40.75 -14.50
CA SER A 3 -7.82 -40.25 -14.50
C SER A 3 -7.07 -40.82 -13.31
N PRO A 4 -6.05 -41.68 -13.63
CA PRO A 4 -5.24 -42.30 -12.59
C PRO A 4 -4.25 -41.30 -12.01
N ALA A 5 -3.33 -41.82 -11.20
CA ALA A 5 -2.32 -40.98 -10.58
C ALA A 5 -1.25 -41.88 -9.95
N ALA A 6 -0.14 -41.25 -9.60
CA ALA A 6 0.97 -41.97 -8.99
C ALA A 6 1.78 -41.02 -8.11
N THR A 7 2.73 -41.59 -7.39
CA THR A 7 3.58 -40.79 -6.51
C THR A 7 4.85 -41.57 -6.16
N PRO A 8 5.89 -41.38 -7.01
CA PRO A 8 7.16 -42.06 -6.80
C PRO A 8 7.94 -41.41 -5.65
N GLU A 9 9.15 -41.90 -5.45
CA GLU A 9 10.01 -41.38 -4.40
C GLU A 9 11.48 -41.54 -4.78
N ILE A 10 12.34 -40.99 -3.93
CA ILE A 10 13.77 -41.06 -4.17
C ILE A 10 14.51 -40.52 -2.94
N ARG A 11 15.33 -41.39 -2.37
CA ARG A 11 16.10 -41.03 -1.18
C ARG A 11 17.50 -41.63 -1.26
N VAL A 12 18.39 -41.06 -0.46
CA VAL A 12 19.77 -41.52 -0.43
C VAL A 12 20.50 -40.88 0.75
N ASN A 13 21.71 -41.35 1.00
CA ASN A 13 22.51 -40.84 2.09
C ASN A 13 23.93 -41.41 2.00
N HIS A 14 24.83 -40.79 2.74
CA HIS A 14 26.22 -41.22 2.74
C HIS A 14 26.92 -40.65 3.97
N GLU A 15 28.18 -41.05 4.13
CA GLU A 15 28.98 -40.59 5.25
C GLU A 15 30.37 -41.22 5.21
N PRO A 16 31.39 -40.37 4.89
CA PRO A 16 32.76 -40.83 4.82
C PRO A 16 33.34 -41.05 6.21
N GLU A 17 34.66 -41.24 6.24
CA GLU A 17 35.34 -41.47 7.50
C GLU A 17 36.76 -40.90 7.44
N PRO A 18 37.18 -40.29 8.58
CA PRO A 18 38.51 -39.70 8.66
C PRO A 18 39.59 -40.78 8.80
N ALA A 19 40.82 -40.33 8.96
CA ALA A 19 41.93 -41.24 9.11
C ALA A 19 43.06 -40.54 9.87
N GLY A 20 43.96 -41.36 10.42
CA GLY A 20 45.09 -40.84 11.17
C GLY A 20 46.12 -41.93 11.43
N GLY A 21 47.26 -41.51 11.97
CA GLY A 21 48.34 -42.43 12.27
C GLY A 21 49.22 -41.90 13.40
N ALA A 22 50.32 -42.61 13.62
CA ALA A 22 51.25 -42.21 14.66
C ALA A 22 52.59 -42.93 14.44
N THR A 23 53.65 -42.25 14.85
CA THR A 23 54.99 -42.81 14.70
C THR A 23 55.93 -42.26 15.78
N PRO A 24 56.36 -43.17 16.69
CA PRO A 24 57.25 -42.77 17.77
C PRO A 24 58.67 -42.57 17.25
N GLY A 25 59.47 -41.89 18.06
CA GLY A 25 60.86 -41.61 17.71
C GLY A 25 61.82 -42.45 18.56
N ALA A 26 62.02 -41.99 19.78
CA ALA A 26 62.92 -42.68 20.70
C ALA A 26 64.34 -42.65 20.14
N THR A 27 65.28 -42.30 21.01
CA THR A 27 66.67 -42.22 20.62
C THR A 27 67.57 -42.25 21.85
N LEU A 28 68.79 -42.74 21.65
CA LEU A 28 69.75 -42.84 22.74
C LEU A 28 71.13 -43.13 22.16
N PRO A 29 71.84 -42.04 21.78
CA PRO A 29 73.18 -42.16 21.21
C PRO A 29 74.21 -42.50 22.30
N LYS A 30 75.08 -43.42 21.97
CA LYS A 30 76.12 -43.83 22.90
C LYS A 30 77.48 -43.37 22.39
N SER A 31 78.12 -42.54 23.20
CA SER A 31 79.43 -42.01 22.84
C SER A 31 80.53 -42.87 23.46
N PRO A 32 81.60 -43.12 22.65
CA PRO A 32 82.72 -43.92 23.11
C PRO A 32 83.60 -43.13 24.08
N SER A 33 84.22 -43.86 24.99
CA SER A 33 85.10 -43.25 25.97
C SER A 33 86.50 -43.09 25.39
N GLN A 34 86.84 -41.85 25.04
CA GLN A 34 88.14 -41.56 24.48
C GLN A 34 89.24 -41.90 25.48
N LEU A 35 90.28 -42.53 24.98
CA LEU A 35 91.41 -42.92 25.83
C LEU A 35 90.95 -43.99 26.82
N ARG A 36 91.06 -45.24 26.39
CA ARG A 36 90.66 -46.36 27.22
C ARG A 36 91.89 -47.03 27.84
N LYS A 37 91.78 -47.34 29.13
CA LYS A 37 92.88 -47.97 29.84
C LYS A 37 92.47 -49.40 30.22
N GLY A 38 93.44 -50.28 30.19
CA GLY A 38 93.21 -51.67 30.53
C GLY A 38 94.46 -52.32 31.13
N PRO A 39 94.25 -53.48 31.80
CA PRO A 39 95.35 -54.21 32.41
C PRO A 39 96.18 -54.93 31.35
N PRO A 40 97.51 -55.02 31.61
CA PRO A 40 98.42 -55.68 30.70
C PRO A 40 98.27 -57.20 30.79
N VAL A 41 98.76 -57.88 29.76
CA VAL A 41 98.70 -59.33 29.72
C VAL A 41 100.09 -59.91 29.97
N PRO A 42 100.27 -60.45 31.21
CA PRO A 42 101.54 -61.03 31.58
C PRO A 42 101.74 -62.40 30.92
N PRO A 43 103.03 -62.73 30.65
CA PRO A 43 103.36 -64.00 30.02
C PRO A 43 103.24 -65.15 31.01
N PRO A 44 103.05 -66.37 30.45
CA PRO A 44 102.92 -67.57 31.27
C PRO A 44 104.28 -68.00 31.84
N PRO A 45 104.22 -68.65 33.03
CA PRO A 45 105.42 -69.13 33.68
C PRO A 45 105.98 -70.36 32.98
N LYS A 46 105.12 -71.37 32.85
CA LYS A 46 105.52 -72.61 32.21
C LYS A 46 105.47 -72.43 30.69
N HIS A 47 106.59 -72.03 30.14
CA HIS A 47 106.69 -71.82 28.70
C HIS A 47 107.66 -72.85 28.09
N THR A 48 107.29 -73.34 26.92
CA THR A 48 108.11 -74.31 26.22
C THR A 48 109.52 -73.77 26.00
N PRO A 49 110.51 -74.47 26.61
CA PRO A 49 111.90 -74.07 26.48
C PRO A 49 112.45 -74.42 25.09
N SER A 50 112.00 -73.66 24.10
CA SER A 50 112.43 -73.88 22.73
C SER A 50 113.74 -73.13 22.47
N LYS A 51 114.29 -73.35 21.28
CA LYS A 51 115.53 -72.70 20.90
C LYS A 51 115.31 -71.93 19.58
N GLU A 52 115.46 -70.62 19.68
CA GLU A 52 115.29 -69.76 18.52
C GLU A 52 116.23 -70.21 17.39
N VAL A 53 115.68 -70.20 16.18
CA VAL A 53 116.45 -70.59 15.02
C VAL A 53 117.47 -69.50 14.68
N LYS A 54 118.55 -69.48 15.46
CA LYS A 54 119.59 -68.50 15.26
C LYS A 54 119.84 -68.32 13.76
N GLN A 55 119.82 -67.06 13.34
CA GLN A 55 120.04 -66.74 11.94
C GLN A 55 121.13 -67.63 11.35
N GLU A 56 120.99 -67.92 10.07
CA GLU A 56 121.95 -68.75 9.37
C GLU A 56 122.76 -67.92 8.38
N GLN A 57 124.07 -68.17 8.37
CA GLN A 57 124.95 -67.44 7.47
C GLN A 57 124.54 -67.67 6.02
N ILE A 58 125.03 -66.80 5.15
CA ILE A 58 124.71 -66.88 3.74
C ILE A 58 125.52 -68.02 3.12
N LEU A 59 125.47 -68.09 1.80
CA LEU A 59 126.18 -69.13 1.07
C LEU A 59 126.54 -68.61 -0.33
N SER A 60 127.34 -69.41 -1.03
CA SER A 60 127.77 -69.04 -2.37
C SER A 60 127.49 -70.20 -3.33
N LEU A 61 127.34 -69.83 -4.60
CA LEU A 61 127.08 -70.83 -5.63
C LEU A 61 128.04 -70.61 -6.79
N PHE A 62 128.36 -71.72 -7.46
CA PHE A 62 129.27 -71.66 -8.60
C PHE A 62 128.68 -72.38 -9.81
N GLU A 63 129.31 -72.17 -10.95
CA GLU A 63 128.86 -72.78 -12.19
C GLU A 63 130.01 -73.53 -12.87
N ASP A 64 129.64 -74.45 -13.74
CA ASP A 64 130.63 -75.24 -14.46
C ASP A 64 130.24 -75.31 -15.94
N THR A 65 131.20 -75.74 -16.75
CA THR A 65 130.98 -75.86 -18.17
C THR A 65 131.84 -76.98 -18.77
N PHE A 66 131.28 -77.63 -19.77
CA PHE A 66 131.98 -78.72 -20.42
C PHE A 66 131.62 -78.81 -21.91
N VAL A 67 132.42 -79.55 -22.65
CA VAL A 67 132.20 -79.70 -24.08
C VAL A 67 132.65 -81.10 -24.50
N PRO A 68 131.72 -81.85 -25.14
CA PRO A 68 132.02 -83.20 -25.61
C PRO A 68 132.88 -83.16 -26.87
N GLU A 69 133.24 -84.34 -27.34
CA GLU A 69 134.06 -84.46 -28.53
C GLU A 69 134.26 -85.94 -28.89
N ILE A 70 134.39 -86.18 -30.19
CA ILE A 70 134.58 -87.53 -30.68
C ILE A 70 135.00 -87.48 -32.15
N SER A 71 135.62 -88.56 -32.60
CA SER A 71 136.07 -88.65 -33.98
C SER A 71 135.73 -90.03 -34.55
N VAL A 72 135.74 -90.11 -35.87
CA VAL A 72 135.44 -91.36 -36.56
C VAL A 72 136.54 -91.66 -37.56
N THR A 73 136.47 -92.86 -38.13
CA THR A 73 137.47 -93.29 -39.10
C THR A 73 136.83 -94.24 -40.12
N THR A 74 137.27 -94.09 -41.36
CA THR A 74 136.75 -94.93 -42.44
C THR A 74 137.89 -95.72 -43.09
N PRO A 75 137.89 -97.05 -42.81
CA PRO A 75 138.91 -97.93 -43.35
C PRO A 75 138.66 -98.21 -44.83
N SER A 76 139.51 -99.05 -45.40
CA SER A 76 139.39 -99.41 -46.80
C SER A 76 140.04 -100.77 -47.05
N GLN A 77 139.83 -101.27 -48.26
CA GLN A 77 140.39 -102.55 -48.64
C GLN A 77 140.50 -102.66 -50.16
N PRO A 78 141.75 -102.90 -50.64
CA PRO A 78 142.00 -103.02 -52.06
C PRO A 78 141.51 -104.37 -52.59
N ALA A 79 141.71 -104.57 -53.89
CA ALA A 79 141.29 -105.80 -54.53
C ALA A 79 142.17 -106.05 -55.75
N GLU A 80 141.93 -107.19 -56.39
CA GLU A 80 142.69 -107.57 -57.57
C GLU A 80 142.13 -108.86 -58.18
N ALA A 81 142.47 -109.08 -59.44
CA ALA A 81 142.01 -110.26 -60.14
C ALA A 81 142.85 -110.46 -61.40
N SER A 82 142.75 -111.66 -61.96
CA SER A 82 143.49 -111.99 -63.18
C SER A 82 143.12 -113.39 -63.65
N GLU A 83 142.97 -113.52 -64.96
CA GLU A 83 142.62 -114.80 -65.55
C GLU A 83 142.48 -114.67 -67.06
N VAL A 84 142.41 -115.81 -67.72
CA VAL A 84 142.28 -115.83 -69.17
C VAL A 84 143.52 -115.21 -69.80
N ALA A 85 143.99 -115.85 -70.86
CA ALA A 85 145.17 -115.38 -71.57
C ALA A 85 145.43 -116.25 -72.78
N GLY A 86 146.11 -115.68 -73.76
CA GLY A 86 146.42 -116.40 -74.99
C GLY A 86 146.10 -115.55 -76.22
N GLY A 87 146.38 -116.12 -77.38
CA GLY A 87 146.12 -115.44 -78.63
C GLY A 87 147.06 -115.92 -79.73
N THR A 88 147.81 -114.98 -80.30
CA THR A 88 148.75 -115.30 -81.35
C THR A 88 148.02 -115.89 -82.56
N GLN A 89 147.77 -115.03 -83.55
CA GLN A 89 147.09 -115.46 -84.76
C GLN A 89 146.74 -114.25 -85.62
N PRO A 90 146.01 -113.29 -85.01
CA PRO A 90 145.60 -112.07 -85.70
C PRO A 90 146.78 -111.12 -85.86
N ALA A 91 146.55 -110.05 -86.59
CA ALA A 91 147.57 -109.05 -86.84
C ALA A 91 148.15 -108.59 -85.49
N ALA A 92 149.26 -107.86 -85.58
CA ALA A 92 149.91 -107.37 -84.38
C ALA A 92 148.86 -106.85 -83.40
N GLY A 93 148.92 -107.38 -82.19
CA GLY A 93 147.98 -106.99 -81.15
C GLY A 93 147.76 -108.12 -80.14
N ALA A 94 148.64 -108.16 -79.16
CA ALA A 94 148.56 -109.18 -78.13
C ALA A 94 149.63 -108.92 -77.07
N GLN A 95 149.56 -109.68 -75.99
CA GLN A 95 150.51 -109.55 -74.90
C GLN A 95 150.31 -108.21 -74.19
N GLU A 96 149.33 -108.19 -73.30
CA GLU A 96 149.02 -106.99 -72.54
C GLU A 96 149.13 -107.27 -71.04
N PRO A 97 150.39 -107.18 -70.53
CA PRO A 97 150.64 -107.42 -69.12
C PRO A 97 150.19 -106.22 -68.27
N GLY A 98 150.14 -106.44 -66.96
CA GLY A 98 149.73 -105.40 -66.04
C GLY A 98 150.09 -105.76 -64.60
N GLU A 99 149.99 -104.78 -63.73
CA GLU A 99 150.31 -104.98 -62.33
C GLU A 99 149.55 -103.98 -61.46
N THR A 100 149.41 -104.33 -60.19
CA THR A 100 148.71 -103.47 -59.25
C THR A 100 149.36 -103.54 -57.87
N ALA A 101 149.01 -102.57 -57.03
CA ALA A 101 149.56 -102.50 -55.69
C ALA A 101 148.83 -101.42 -54.90
N ALA A 102 148.93 -101.53 -53.58
CA ALA A 102 148.29 -100.56 -52.70
C ALA A 102 148.75 -100.81 -51.27
N SER A 103 148.48 -99.82 -50.41
CA SER A 103 148.86 -99.92 -49.02
C SER A 103 148.25 -98.75 -48.23
N GLU A 104 147.86 -99.04 -47.01
CA GLU A 104 147.27 -98.03 -46.15
C GLU A 104 147.10 -98.58 -44.73
N ALA A 105 146.73 -97.68 -43.82
CA ALA A 105 146.52 -98.06 -42.44
C ALA A 105 146.11 -96.82 -41.63
N ALA A 106 145.16 -97.03 -40.73
CA ALA A 106 144.67 -95.95 -39.89
C ALA A 106 143.72 -96.52 -38.84
N SER A 107 143.64 -95.81 -37.72
CA SER A 107 142.77 -96.23 -36.64
C SER A 107 142.86 -95.23 -35.47
N SER A 108 141.90 -95.33 -34.58
CA SER A 108 141.86 -94.45 -33.42
C SER A 108 140.61 -94.73 -32.59
N SER A 109 140.63 -94.23 -31.36
CA SER A 109 139.51 -94.42 -30.45
C SER A 109 139.57 -93.39 -29.33
N LEU A 110 138.58 -92.51 -29.31
CA LEU A 110 138.51 -91.48 -28.29
C LEU A 110 137.05 -91.23 -27.92
N PRO A 111 136.59 -91.97 -26.86
CA PRO A 111 135.22 -91.83 -26.40
C PRO A 111 135.02 -90.53 -25.63
N ALA A 112 133.79 -90.33 -25.18
CA ALA A 112 133.46 -89.13 -24.43
C ALA A 112 132.32 -89.44 -23.44
N VAL A 113 132.51 -89.02 -22.21
CA VAL A 113 131.52 -89.24 -21.18
C VAL A 113 131.89 -88.45 -19.93
N VAL A 114 130.95 -87.64 -19.47
CA VAL A 114 131.17 -86.83 -18.28
C VAL A 114 129.85 -86.24 -17.81
N VAL A 115 129.78 -85.96 -16.51
CA VAL A 115 128.57 -85.40 -15.93
C VAL A 115 128.90 -84.80 -14.57
N GLU A 116 128.29 -83.65 -14.30
CA GLU A 116 128.51 -82.97 -13.03
C GLU A 116 127.46 -81.88 -12.83
N THR A 117 126.83 -81.91 -11.67
CA THR A 117 125.80 -80.94 -11.33
C THR A 117 124.64 -81.05 -12.31
N PHE A 118 123.44 -81.16 -11.74
CA PHE A 118 122.24 -81.26 -12.55
C PHE A 118 121.44 -79.96 -12.51
N PRO A 119 120.91 -79.57 -13.70
CA PRO A 119 120.12 -78.36 -13.81
C PRO A 119 118.72 -78.56 -13.23
N ALA A 120 118.33 -77.62 -12.38
CA ALA A 120 117.02 -77.68 -11.75
C ALA A 120 116.72 -76.34 -11.07
N THR A 121 116.62 -75.30 -11.89
CA THR A 121 116.35 -73.96 -11.37
C THR A 121 115.14 -73.37 -12.08
N VAL A 122 114.00 -74.02 -11.90
CA VAL A 122 112.76 -73.56 -12.52
C VAL A 122 111.88 -72.91 -11.44
N ASN A 123 111.45 -71.69 -11.73
CA ASN A 123 110.61 -70.96 -10.80
C ASN A 123 109.18 -71.50 -10.89
N GLY A 124 108.50 -71.44 -9.75
CA GLY A 124 107.13 -71.92 -9.68
C GLY A 124 106.21 -70.88 -9.06
N THR A 125 104.95 -70.94 -9.45
CA THR A 125 103.96 -70.00 -8.93
C THR A 125 104.35 -68.56 -9.28
N VAL A 126 103.34 -67.72 -9.41
CA VAL A 126 103.56 -66.33 -9.75
C VAL A 126 103.45 -65.49 -8.48
N GLU A 127 103.96 -64.26 -8.57
CA GLU A 127 103.91 -63.35 -7.45
C GLU A 127 102.63 -62.53 -7.46
N GLY A 128 101.82 -62.70 -6.43
CA GLY A 128 100.56 -61.98 -6.32
C GLY A 128 100.27 -61.61 -4.87
N GLY A 129 99.87 -60.36 -4.68
CA GLY A 129 99.56 -59.86 -3.35
C GLY A 129 99.83 -58.36 -3.25
N SER A 130 98.84 -57.65 -2.74
CA SER A 130 98.96 -56.21 -2.59
C SER A 130 99.12 -55.54 -3.95
N GLY A 131 98.50 -54.38 -4.08
CA GLY A 131 98.57 -53.62 -5.33
C GLY A 131 99.50 -52.43 -5.20
N ALA A 132 99.13 -51.52 -4.31
CA ALA A 132 99.92 -50.33 -4.08
C ALA A 132 100.28 -50.23 -2.59
N GLY A 133 101.51 -49.79 -2.34
CA GLY A 133 101.98 -49.65 -0.98
C GLY A 133 103.09 -48.61 -0.88
N ARG A 134 103.77 -48.60 0.26
CA ARG A 134 104.85 -47.66 0.48
C ARG A 134 106.19 -48.36 0.36
N LEU A 135 107.12 -47.68 -0.31
CA LEU A 135 108.46 -48.23 -0.50
C LEU A 135 109.38 -47.74 0.62
N ASP A 136 109.12 -46.51 1.05
CA ASP A 136 109.92 -45.90 2.11
C ASP A 136 109.56 -46.57 3.44
N LEU A 137 110.51 -46.52 4.36
CA LEU A 137 110.31 -47.10 5.67
C LEU A 137 109.96 -46.00 6.67
N PRO A 138 109.31 -46.43 7.79
CA PRO A 138 108.92 -45.48 8.83
C PRO A 138 110.13 -45.03 9.65
N PRO A 139 110.18 -43.70 9.92
CA PRO A 139 111.27 -43.14 10.69
C PRO A 139 111.12 -43.46 12.18
N GLY A 140 112.23 -43.83 12.79
CA GLY A 140 112.24 -44.17 14.20
C GLY A 140 111.94 -45.65 14.41
N PHE A 141 111.28 -46.23 13.42
CA PHE A 141 110.91 -47.64 13.48
C PHE A 141 112.03 -48.46 14.15
N MET A 142 111.61 -49.56 14.75
CA MET A 142 112.55 -50.44 15.43
C MET A 142 112.62 -51.80 14.75
N PHE A 143 111.52 -52.52 14.82
CA PHE A 143 111.43 -53.85 14.21
C PHE A 143 109.98 -54.24 13.96
N LYS A 144 109.82 -55.40 13.34
CA LYS A 144 108.50 -55.91 13.04
C LYS A 144 108.11 -56.97 14.08
N VAL A 145 106.81 -57.07 14.32
CA VAL A 145 106.30 -58.03 15.28
C VAL A 145 105.13 -58.80 14.66
N GLN A 146 104.77 -59.90 15.30
CA GLN A 146 103.68 -60.72 14.83
C GLN A 146 102.75 -61.09 15.98
N ALA A 147 101.49 -60.71 15.82
CA ALA A 147 100.49 -60.99 16.84
C ALA A 147 100.31 -62.51 16.97
N GLN A 148 99.90 -62.93 18.15
CA GLN A 148 99.67 -64.34 18.41
C GLN A 148 98.24 -64.58 18.88
N HIS A 149 97.50 -63.48 18.98
CA HIS A 149 96.11 -63.56 19.42
C HIS A 149 95.30 -62.45 18.73
N ASP A 150 93.99 -62.55 18.89
CA ASP A 150 93.10 -61.57 18.29
C ASP A 150 92.52 -60.68 19.40
N TYR A 151 93.08 -59.49 19.52
CA TYR A 151 92.63 -58.54 20.53
C TYR A 151 91.95 -57.34 19.88
N THR A 152 90.65 -57.24 20.11
CA THR A 152 89.86 -56.15 19.56
C THR A 152 90.04 -54.89 20.42
N ALA A 153 90.66 -53.89 19.81
CA ALA A 153 90.88 -52.62 20.50
C ALA A 153 90.04 -51.53 19.85
N THR A 154 89.11 -50.99 20.63
CA THR A 154 88.25 -49.94 20.15
C THR A 154 88.44 -48.66 20.97
N ASP A 155 89.33 -47.81 20.47
CA ASP A 155 89.62 -46.55 21.14
C ASP A 155 89.85 -45.47 20.09
N THR A 156 90.23 -44.29 20.57
CA THR A 156 90.49 -43.16 19.69
C THR A 156 91.93 -43.20 19.18
N ASP A 157 92.69 -44.13 19.72
CA ASP A 157 94.08 -44.29 19.33
C ASP A 157 94.55 -45.70 19.69
N GLU A 158 93.66 -46.67 19.46
CA GLU A 158 93.97 -48.05 19.74
C GLU A 158 94.40 -48.78 18.47
N LEU A 159 95.05 -49.91 18.66
CA LEU A 159 95.52 -50.70 17.54
C LEU A 159 94.94 -52.12 17.64
N GLN A 160 94.18 -52.49 16.61
CA GLN A 160 93.57 -53.81 16.59
C GLN A 160 94.58 -54.85 16.09
N LEU A 161 94.55 -56.01 16.73
CA LEU A 161 95.45 -57.09 16.36
C LEU A 161 94.65 -58.38 16.19
N LYS A 162 95.04 -59.16 15.19
CA LYS A 162 94.37 -60.41 14.91
C LYS A 162 95.39 -61.55 14.96
N ALA A 163 95.03 -62.59 15.69
CA ALA A 163 95.89 -63.75 15.82
C ALA A 163 96.59 -64.02 14.49
N GLY A 164 97.87 -63.66 14.45
CA GLY A 164 98.66 -63.85 13.24
C GLY A 164 98.67 -62.58 12.38
N ASP A 165 98.85 -61.45 13.05
CA ASP A 165 98.87 -60.17 12.36
C ASP A 165 100.32 -59.66 12.31
N VAL A 166 100.52 -58.65 11.48
CA VAL A 166 101.84 -58.05 11.34
C VAL A 166 101.80 -56.60 11.83
N VAL A 167 102.68 -56.31 12.77
CA VAL A 167 102.76 -54.98 13.33
C VAL A 167 104.22 -54.56 13.45
N LEU A 168 104.46 -53.27 13.24
CA LEU A 168 105.81 -52.74 13.32
C LEU A 168 105.94 -51.90 14.60
N VAL A 169 107.03 -52.14 15.32
CA VAL A 169 107.28 -51.42 16.55
C VAL A 169 107.98 -50.09 16.23
N ILE A 170 107.31 -49.01 16.58
CA ILE A 170 107.85 -47.69 16.32
C ILE A 170 107.86 -46.88 17.63
N PRO A 171 108.82 -45.91 17.71
CA PRO A 171 108.95 -45.08 18.89
C PRO A 171 107.83 -44.04 18.95
N PHE A 172 107.00 -44.15 19.98
CA PHE A 172 105.90 -43.23 20.16
C PHE A 172 106.40 -41.78 20.21
N GLN A 173 105.46 -40.87 20.45
CA GLN A 173 105.79 -39.47 20.53
C GLN A 173 106.24 -39.10 21.94
N ASN A 174 106.05 -40.04 22.85
CA ASN A 174 106.44 -39.83 24.24
C ASN A 174 106.11 -41.09 25.05
N PRO A 175 106.95 -41.34 26.09
CA PRO A 175 106.76 -42.49 26.95
C PRO A 175 105.59 -42.28 27.90
N GLU A 176 105.22 -41.02 28.07
CA GLU A 176 104.11 -40.67 28.95
C GLU A 176 102.79 -41.12 28.33
N GLU A 177 102.78 -41.17 27.01
CA GLU A 177 101.58 -41.59 26.29
C GLU A 177 101.53 -43.11 26.16
N GLN A 178 102.65 -43.73 26.50
CA GLN A 178 102.75 -45.18 26.43
C GLN A 178 102.11 -45.82 27.67
N ASP A 179 101.57 -47.01 27.47
CA ASP A 179 100.93 -47.73 28.55
C ASP A 179 101.87 -48.83 29.06
N GLU A 180 101.49 -49.41 30.19
CA GLU A 180 102.28 -50.47 30.79
C GLU A 180 101.95 -51.82 30.15
N GLY A 181 102.88 -52.30 29.34
CA GLY A 181 102.70 -53.57 28.66
C GLY A 181 102.26 -53.36 27.21
N TRP A 182 101.93 -52.12 26.90
CA TRP A 182 101.50 -51.77 25.56
C TRP A 182 102.42 -50.67 25.04
N LEU A 183 102.71 -50.74 23.75
CA LEU A 183 103.57 -49.75 23.11
C LEU A 183 102.91 -49.27 21.82
N MET A 184 103.52 -48.25 21.23
CA MET A 184 103.01 -47.68 20.00
C MET A 184 103.59 -48.41 18.78
N GLY A 185 102.72 -49.10 18.08
CA GLY A 185 103.13 -49.84 16.89
C GLY A 185 102.25 -49.49 15.70
N VAL A 186 102.56 -50.13 14.57
CA VAL A 186 101.81 -49.89 13.35
C VAL A 186 101.59 -51.22 12.63
N LYS A 187 100.42 -51.34 12.00
CA LYS A 187 100.08 -52.55 11.27
C LYS A 187 100.76 -52.53 9.91
N GLU A 188 100.90 -53.71 9.33
CA GLU A 188 101.53 -53.85 8.03
C GLU A 188 100.78 -53.00 6.99
N SER A 189 99.46 -52.98 7.13
CA SER A 189 98.63 -52.22 6.22
C SER A 189 98.88 -50.73 6.41
N ASP A 190 99.02 -50.34 7.67
CA ASP A 190 99.27 -48.94 8.00
C ASP A 190 100.57 -48.49 7.33
N TRP A 191 101.50 -49.42 7.21
CA TRP A 191 102.78 -49.12 6.58
C TRP A 191 102.51 -48.50 5.21
N ASN A 192 101.62 -49.14 4.47
CA ASN A 192 101.26 -48.66 3.15
C ASN A 192 100.50 -47.33 3.28
N GLN A 193 99.89 -47.15 4.44
CA GLN A 193 99.13 -45.94 4.71
C GLN A 193 100.05 -44.85 5.24
N HIS A 194 101.34 -45.04 5.00
CA HIS A 194 102.34 -44.08 5.45
C HIS A 194 101.86 -42.66 5.13
N LYS A 195 100.99 -42.57 4.14
CA LYS A 195 100.45 -41.29 3.73
C LYS A 195 99.76 -40.63 4.92
N LYS A 196 99.18 -41.46 5.77
CA LYS A 196 98.49 -40.96 6.94
C LYS A 196 98.81 -41.87 8.13
N LEU A 197 100.10 -42.05 8.36
CA LEU A 197 100.55 -42.89 9.46
C LEU A 197 100.24 -42.19 10.78
N GLU A 198 100.29 -40.88 10.75
CA GLU A 198 100.01 -40.09 11.94
C GLU A 198 98.58 -40.35 12.42
N LYS A 199 97.74 -40.80 11.51
CA LYS A 199 96.36 -41.09 11.83
C LYS A 199 96.14 -42.60 11.79
N CYS A 200 97.24 -43.32 11.64
CA CYS A 200 97.18 -44.77 11.59
C CYS A 200 97.90 -45.33 12.82
N ARG A 201 98.55 -44.43 13.53
CA ARG A 201 99.28 -44.81 14.73
C ARG A 201 98.33 -45.40 15.77
N GLY A 202 98.86 -46.28 16.60
CA GLY A 202 98.07 -46.93 17.63
C GLY A 202 98.98 -47.65 18.64
N VAL A 203 98.33 -48.23 19.64
CA VAL A 203 99.06 -48.96 20.67
C VAL A 203 98.56 -50.40 20.72
N PHE A 204 99.38 -51.26 21.30
CA PHE A 204 99.05 -52.67 21.42
C PHE A 204 99.93 -53.36 22.45
N PRO A 205 99.39 -54.46 23.03
CA PRO A 205 100.11 -55.22 24.04
C PRO A 205 101.21 -56.07 23.39
N GLU A 206 102.45 -55.76 23.77
CA GLU A 206 103.59 -56.48 23.24
C GLU A 206 103.60 -57.92 23.76
N ASN A 207 103.06 -58.09 24.95
CA ASN A 207 102.99 -59.39 25.58
C ASN A 207 102.03 -60.29 24.78
N PHE A 208 101.05 -59.64 24.16
CA PHE A 208 100.07 -60.36 23.37
C PHE A 208 100.56 -60.55 21.93
N THR A 209 101.79 -60.11 21.69
CA THR A 209 102.38 -60.23 20.37
C THR A 209 103.77 -60.85 20.46
N GLU A 210 104.36 -61.08 19.29
CA GLU A 210 105.68 -61.67 19.24
C GLU A 210 106.59 -60.84 18.32
N ARG A 211 107.88 -60.84 18.66
CA ARG A 211 108.85 -60.09 17.89
C ARG A 211 109.28 -60.90 16.66
N VAL A 212 109.46 -60.19 15.56
CA VAL A 212 109.89 -60.84 14.32
C VAL A 212 111.26 -60.31 13.92
N PRO A 213 112.21 -61.28 13.74
CA PRO A 213 113.57 -60.93 13.36
C PRO A 213 113.64 -60.54 11.89
N ASP A 1 -14.21 -38.12 -16.16
CA ASP A 1 -14.63 -39.46 -16.53
C ASP A 1 -13.41 -40.31 -16.85
N GLY A 2 -12.53 -39.73 -17.65
CA GLY A 2 -11.31 -40.43 -18.05
C GLY A 2 -10.13 -39.99 -17.18
N SER A 3 -9.54 -38.87 -17.55
CA SER A 3 -8.41 -38.33 -16.81
C SER A 3 -8.00 -36.97 -17.39
N PRO A 4 -8.26 -35.91 -16.58
CA PRO A 4 -7.92 -34.56 -17.00
C PRO A 4 -6.41 -34.31 -16.90
N ALA A 5 -6.03 -33.08 -17.20
CA ALA A 5 -4.63 -32.70 -17.16
C ALA A 5 -4.49 -31.20 -17.40
N ALA A 6 -3.43 -30.63 -16.87
CA ALA A 6 -3.18 -29.21 -17.03
C ALA A 6 -1.90 -28.84 -16.27
N THR A 7 -1.48 -27.59 -16.44
CA THR A 7 -0.29 -27.10 -15.79
C THR A 7 -0.24 -25.57 -15.85
N PRO A 8 -0.42 -24.94 -14.66
CA PRO A 8 -0.40 -23.49 -14.57
C PRO A 8 1.04 -22.96 -14.67
N GLU A 9 1.13 -21.64 -14.71
CA GLU A 9 2.44 -20.99 -14.80
C GLU A 9 2.39 -19.62 -14.14
N ILE A 10 3.56 -19.02 -14.00
CA ILE A 10 3.67 -17.70 -13.39
C ILE A 10 5.14 -17.25 -13.44
N ARG A 11 5.31 -15.97 -13.76
CA ARG A 11 6.64 -15.39 -13.85
C ARG A 11 6.61 -13.92 -13.46
N VAL A 12 7.72 -13.46 -12.92
CA VAL A 12 7.83 -12.06 -12.51
C VAL A 12 9.29 -11.75 -12.17
N ASN A 13 9.59 -10.46 -12.11
CA ASN A 13 10.93 -10.02 -11.80
C ASN A 13 10.92 -8.50 -11.56
N HIS A 14 12.04 -8.01 -11.02
CA HIS A 14 12.16 -6.60 -10.74
C HIS A 14 13.63 -6.26 -10.49
N GLU A 15 13.89 -4.98 -10.28
CA GLU A 15 15.23 -4.51 -10.03
C GLU A 15 15.23 -3.00 -9.75
N PRO A 16 15.84 -2.63 -8.58
CA PRO A 16 15.91 -1.24 -8.19
C PRO A 16 16.96 -0.49 -9.01
N GLU A 17 17.20 0.75 -8.62
CA GLU A 17 18.18 1.58 -9.31
C GLU A 17 18.90 2.50 -8.32
N PRO A 18 20.23 2.64 -8.53
CA PRO A 18 21.04 3.47 -7.66
C PRO A 18 20.81 4.95 -7.95
N ALA A 19 21.56 5.79 -7.25
CA ALA A 19 21.44 7.23 -7.43
C ALA A 19 22.72 7.90 -6.93
N GLY A 20 22.82 9.20 -7.20
CA GLY A 20 23.98 9.97 -6.79
C GLY A 20 23.60 11.43 -6.51
N GLY A 21 24.61 12.21 -6.19
CA GLY A 21 24.40 13.62 -5.90
C GLY A 21 25.72 14.39 -5.94
N ALA A 22 25.65 15.65 -5.54
CA ALA A 22 26.83 16.50 -5.52
C ALA A 22 26.69 17.53 -4.39
N THR A 23 27.75 18.30 -4.21
CA THR A 23 27.76 19.32 -3.17
C THR A 23 29.06 20.14 -3.25
N PRO A 24 29.16 20.95 -4.33
CA PRO A 24 30.33 21.79 -4.53
C PRO A 24 30.32 22.99 -3.58
N GLY A 25 31.41 23.75 -3.62
CA GLY A 25 31.53 24.92 -2.77
C GLY A 25 32.54 25.90 -3.36
N ALA A 26 32.93 26.86 -2.52
CA ALA A 26 33.89 27.87 -2.94
C ALA A 26 34.38 28.64 -1.71
N THR A 27 35.34 29.53 -1.95
CA THR A 27 35.89 30.34 -0.88
C THR A 27 36.43 31.66 -1.43
N LEU A 28 36.39 32.67 -0.57
CA LEU A 28 36.86 33.99 -0.96
C LEU A 28 37.49 34.68 0.25
N PRO A 29 38.85 34.60 0.31
CA PRO A 29 39.58 35.20 1.41
C PRO A 29 39.65 36.72 1.25
N LYS A 30 40.31 37.36 2.21
CA LYS A 30 40.46 38.81 2.18
C LYS A 30 41.55 39.22 3.17
N SER A 31 42.36 40.18 2.74
CA SER A 31 43.44 40.68 3.57
C SER A 31 43.27 42.17 3.81
N PRO A 32 43.22 42.54 5.12
CA PRO A 32 43.05 43.93 5.50
C PRO A 32 44.36 44.70 5.30
N SER A 33 44.22 46.02 5.16
CA SER A 33 45.36 46.88 4.98
C SER A 33 45.56 47.77 6.20
N GLN A 34 46.07 47.16 7.26
CA GLN A 34 46.32 47.88 8.50
C GLN A 34 47.78 48.30 8.60
N LEU A 35 47.99 49.53 9.03
CA LEU A 35 49.34 50.05 9.17
C LEU A 35 49.94 50.29 7.78
N ARG A 36 49.24 51.10 7.00
CA ARG A 36 49.68 51.42 5.65
C ARG A 36 50.75 52.51 5.70
N LYS A 37 51.63 52.47 4.71
CA LYS A 37 52.71 53.45 4.62
C LYS A 37 52.77 54.01 3.20
N GLY A 38 53.51 55.10 3.06
CA GLY A 38 53.65 55.73 1.76
C GLY A 38 55.00 56.44 1.65
N PRO A 39 55.41 56.72 0.38
CA PRO A 39 56.66 57.39 0.12
C PRO A 39 56.57 58.88 0.45
N PRO A 40 57.74 59.46 0.81
CA PRO A 40 57.80 60.88 1.15
C PRO A 40 57.71 61.76 -0.11
N VAL A 41 57.34 63.00 0.11
CA VAL A 41 57.22 63.95 -1.00
C VAL A 41 58.28 65.04 -0.85
N PRO A 42 59.34 64.91 -1.70
CA PRO A 42 60.43 65.88 -1.68
C PRO A 42 60.01 67.19 -2.34
N PRO A 43 60.46 68.32 -1.71
CA PRO A 43 60.13 69.64 -2.23
C PRO A 43 60.96 69.96 -3.48
N PRO A 44 60.44 70.94 -4.27
CA PRO A 44 61.12 71.34 -5.49
C PRO A 44 62.34 72.20 -5.17
N PRO A 45 63.38 72.07 -6.05
CA PRO A 45 64.62 72.81 -5.88
C PRO A 45 64.42 74.28 -6.27
N LYS A 46 64.32 75.13 -5.27
CA LYS A 46 64.14 76.55 -5.48
C LYS A 46 64.32 77.30 -4.16
N HIS A 47 65.35 78.13 -4.13
CA HIS A 47 65.64 78.91 -2.94
C HIS A 47 64.81 80.18 -2.94
N THR A 48 64.20 80.46 -1.81
CA THR A 48 63.37 81.65 -1.67
C THR A 48 63.10 81.94 -0.19
N PRO A 49 63.73 83.03 0.30
CA PRO A 49 63.56 83.43 1.69
C PRO A 49 62.20 84.09 1.91
N SER A 50 61.35 83.38 2.65
CA SER A 50 60.02 83.87 2.94
C SER A 50 60.01 84.61 4.28
N LYS A 51 59.25 85.69 4.32
CA LYS A 51 59.16 86.50 5.53
C LYS A 51 57.97 87.45 5.40
N GLU A 52 57.59 88.03 6.54
CA GLU A 52 56.48 88.95 6.57
C GLU A 52 56.98 90.39 6.70
N VAL A 53 56.15 91.32 6.23
CA VAL A 53 56.50 92.73 6.29
C VAL A 53 55.28 93.53 6.75
N LYS A 54 55.53 94.79 7.06
CA LYS A 54 54.46 95.67 7.51
C LYS A 54 53.96 95.21 8.88
N GLN A 55 54.33 95.96 9.90
CA GLN A 55 53.92 95.63 11.26
C GLN A 55 54.39 96.71 12.23
N GLU A 56 53.58 97.75 12.35
CA GLU A 56 53.90 98.84 13.25
C GLU A 56 52.70 99.78 13.40
N GLN A 57 52.77 100.62 14.42
CA GLN A 57 51.69 101.56 14.69
C GLN A 57 52.24 102.81 15.38
N ILE A 58 51.62 103.94 15.07
CA ILE A 58 52.04 105.21 15.65
C ILE A 58 50.80 105.98 16.11
N LEU A 59 50.98 106.72 17.19
CA LEU A 59 49.89 107.51 17.75
C LEU A 59 50.46 108.72 18.48
N SER A 60 49.66 109.77 18.54
CA SER A 60 50.07 110.99 19.21
C SER A 60 48.95 112.03 19.16
N LEU A 61 48.99 112.96 20.10
CA LEU A 61 47.99 114.01 20.17
C LEU A 61 48.38 115.00 21.26
N PHE A 62 47.79 116.19 21.17
CA PHE A 62 48.05 117.24 22.13
C PHE A 62 47.16 118.46 21.87
N GLU A 63 46.93 119.21 22.95
CA GLU A 63 46.12 120.41 22.85
C GLU A 63 46.10 121.15 24.19
N ASP A 64 46.05 122.47 24.09
CA ASP A 64 46.04 123.31 25.29
C ASP A 64 45.76 124.76 24.88
N THR A 65 44.88 125.39 25.65
CA THR A 65 44.53 126.77 25.39
C THR A 65 43.81 127.38 26.60
N PHE A 66 43.94 128.70 26.71
CA PHE A 66 43.31 129.41 27.82
C PHE A 66 43.57 130.91 27.71
N VAL A 67 42.56 131.61 27.20
CA VAL A 67 42.66 133.05 27.04
C VAL A 67 41.96 133.74 28.22
N PRO A 68 42.76 134.59 28.93
CA PRO A 68 42.23 135.31 30.07
C PRO A 68 41.34 136.47 29.63
N GLU A 69 40.97 137.30 30.59
CA GLU A 69 40.12 138.44 30.31
C GLU A 69 40.13 139.42 31.50
N ILE A 70 39.89 140.68 31.19
CA ILE A 70 39.87 141.71 32.21
C ILE A 70 39.21 142.97 31.65
N SER A 71 38.19 143.44 32.36
CA SER A 71 37.47 144.62 31.95
C SER A 71 37.25 145.54 33.14
N VAL A 72 37.12 146.83 32.84
CA VAL A 72 36.91 147.83 33.89
C VAL A 72 35.97 148.92 33.35
N THR A 73 35.70 149.88 34.21
CA THR A 73 34.82 151.00 33.85
C THR A 73 35.08 152.19 34.76
N THR A 74 35.19 153.36 34.13
CA THR A 74 35.44 154.59 34.86
C THR A 74 34.30 155.59 34.62
N PRO A 75 33.74 156.10 35.76
CA PRO A 75 32.65 157.06 35.69
C PRO A 75 33.16 158.44 35.26
N SER A 76 32.34 159.45 35.52
CA SER A 76 32.70 160.81 35.18
C SER A 76 31.77 161.79 35.91
N GLN A 77 32.02 163.07 35.68
CA GLN A 77 31.22 164.11 36.32
C GLN A 77 31.17 165.34 35.42
N PRO A 78 30.08 166.13 35.59
CA PRO A 78 29.90 167.34 34.81
C PRO A 78 30.81 168.47 35.31
N ALA A 79 30.51 169.68 34.88
CA ALA A 79 31.29 170.83 35.28
C ALA A 79 30.35 172.03 35.47
N GLU A 80 29.68 172.39 34.40
CA GLU A 80 28.75 173.51 34.43
C GLU A 80 29.52 174.82 34.70
N ALA A 81 28.86 175.93 34.36
CA ALA A 81 29.46 177.23 34.55
C ALA A 81 28.48 178.31 34.11
N SER A 82 28.79 179.55 34.48
CA SER A 82 27.95 180.67 34.12
C SER A 82 28.79 181.95 34.04
N GLU A 83 28.16 183.01 33.54
CA GLU A 83 28.83 184.29 33.41
C GLU A 83 27.88 185.43 33.79
N VAL A 84 28.47 186.59 34.02
CA VAL A 84 27.70 187.76 34.39
C VAL A 84 27.99 188.89 33.40
N ALA A 85 26.95 189.66 33.10
CA ALA A 85 27.08 190.78 32.18
C ALA A 85 26.54 192.05 32.84
N GLY A 86 27.33 193.10 32.77
CA GLY A 86 26.93 194.37 33.36
C GLY A 86 27.60 195.54 32.62
N GLY A 87 26.80 196.58 32.39
CA GLY A 87 27.29 197.75 31.69
C GLY A 87 26.61 199.02 32.21
N THR A 88 27.10 200.16 31.74
CA THR A 88 26.55 201.43 32.15
C THR A 88 26.24 202.31 30.93
N GLN A 89 24.96 202.42 30.62
CA GLN A 89 24.53 203.20 29.49
C GLN A 89 23.00 203.25 29.43
N PRO A 90 22.49 204.20 28.61
CA PRO A 90 21.06 204.37 28.45
C PRO A 90 20.46 203.26 27.58
N ALA A 91 19.76 202.35 28.25
CA ALA A 91 19.14 201.23 27.56
C ALA A 91 20.22 200.37 26.92
N ALA A 92 20.05 199.06 27.06
CA ALA A 92 21.01 198.12 26.50
C ALA A 92 20.49 196.69 26.71
N GLY A 93 20.20 196.03 25.60
CA GLY A 93 19.69 194.67 25.65
C GLY A 93 20.32 193.82 24.53
N ALA A 94 20.18 192.52 24.68
CA ALA A 94 20.70 191.59 23.70
C ALA A 94 20.12 190.20 23.93
N GLN A 95 20.03 189.42 22.86
CA GLN A 95 19.49 188.08 22.95
C GLN A 95 20.05 187.22 21.81
N GLU A 96 19.83 185.92 21.93
CA GLU A 96 20.30 184.97 20.93
C GLU A 96 19.59 183.63 21.10
N PRO A 97 19.25 183.01 19.94
CA PRO A 97 18.57 181.73 19.94
C PRO A 97 19.54 180.60 20.29
N GLY A 98 19.03 179.37 20.21
CA GLY A 98 19.84 178.21 20.53
C GLY A 98 19.78 177.19 19.39
N GLU A 99 19.92 175.92 19.76
CA GLU A 99 19.88 174.84 18.79
C GLU A 99 19.50 173.52 19.48
N THR A 100 19.22 172.53 18.66
CA THR A 100 18.84 171.23 19.17
C THR A 100 19.09 170.14 18.11
N ALA A 101 19.87 169.15 18.49
CA ALA A 101 20.19 168.06 17.59
C ALA A 101 19.65 166.74 18.17
N ALA A 102 19.57 165.75 17.30
CA ALA A 102 19.07 164.44 17.72
C ALA A 102 19.31 163.43 16.59
N SER A 103 19.32 162.16 16.98
CA SER A 103 19.54 161.09 16.02
C SER A 103 19.34 159.73 16.69
N GLU A 104 19.17 158.71 15.86
CA GLU A 104 18.98 157.36 16.37
C GLU A 104 19.48 156.34 15.35
N ALA A 105 19.67 155.11 15.83
CA ALA A 105 20.15 154.05 14.98
C ALA A 105 20.02 152.72 15.71
N ALA A 106 19.87 151.65 14.94
CA ALA A 106 19.73 150.32 15.51
C ALA A 106 19.95 149.28 14.40
N SER A 107 20.00 148.02 14.83
CA SER A 107 20.19 146.93 13.90
C SER A 107 18.87 146.22 13.63
N SER A 108 18.90 145.34 12.63
CA SER A 108 17.71 144.59 12.26
C SER A 108 18.04 143.62 11.12
N SER A 109 17.14 142.65 10.95
CA SER A 109 17.33 141.65 9.90
C SER A 109 18.61 140.85 10.16
N LEU A 110 18.41 139.58 10.47
CA LEU A 110 19.53 138.69 10.76
C LEU A 110 19.02 137.26 10.85
N PRO A 111 18.57 136.71 9.69
CA PRO A 111 18.07 135.36 9.64
C PRO A 111 19.20 134.34 9.71
N ALA A 112 18.82 133.07 9.80
CA ALA A 112 19.80 131.99 9.89
C ALA A 112 19.07 130.65 9.75
N VAL A 113 19.75 129.73 9.08
CA VAL A 113 19.19 128.40 8.88
C VAL A 113 20.34 127.38 8.78
N VAL A 114 19.99 126.13 9.06
CA VAL A 114 20.97 125.06 9.01
C VAL A 114 20.25 123.71 8.92
N VAL A 115 20.85 122.80 8.19
CA VAL A 115 20.28 121.48 8.01
C VAL A 115 21.36 120.51 7.53
N GLU A 116 21.26 119.27 7.99
CA GLU A 116 22.22 118.25 7.62
C GLU A 116 21.72 116.87 8.03
N THR A 117 21.86 115.92 7.11
CA THR A 117 21.43 114.56 7.37
C THR A 117 22.63 113.63 7.52
N PHE A 118 22.34 112.39 7.85
CA PHE A 118 23.39 111.39 8.01
C PHE A 118 22.80 109.99 8.18
N PRO A 119 22.90 109.19 7.08
CA PRO A 119 22.39 107.84 7.08
C PRO A 119 23.30 106.91 7.89
N ALA A 120 22.73 105.78 8.28
CA ALA A 120 23.47 104.79 9.06
C ALA A 120 22.91 103.40 8.78
N THR A 121 23.79 102.41 8.90
CA THR A 121 23.39 101.03 8.67
C THR A 121 24.20 100.09 9.57
N VAL A 122 23.50 99.51 10.54
CA VAL A 122 24.12 98.59 11.47
C VAL A 122 23.28 97.32 11.59
N ASN A 123 23.94 96.18 11.42
CA ASN A 123 23.27 94.90 11.50
C ASN A 123 24.28 93.81 11.85
N GLY A 124 24.24 93.40 13.11
CA GLY A 124 25.15 92.36 13.57
C GLY A 124 25.19 92.32 15.10
N THR A 125 24.60 91.27 15.65
CA THR A 125 24.57 91.10 17.09
C THR A 125 24.04 89.71 17.45
N VAL A 126 24.78 88.70 17.01
CA VAL A 126 24.39 87.32 17.28
C VAL A 126 24.98 86.88 18.62
N GLU A 127 24.22 86.05 19.31
CA GLU A 127 24.65 85.54 20.61
C GLU A 127 24.77 84.02 20.58
N GLY A 128 25.63 83.52 21.45
CA GLY A 128 25.84 82.08 21.54
C GLY A 128 26.51 81.55 20.26
N GLY A 129 27.38 80.58 20.44
CA GLY A 129 28.09 79.98 19.32
C GLY A 129 27.97 78.46 19.34
N SER A 130 28.89 77.81 18.66
CA SER A 130 28.89 76.36 18.59
C SER A 130 30.21 75.81 19.15
N GLY A 131 30.09 74.75 19.94
CA GLY A 131 31.26 74.14 20.54
C GLY A 131 32.14 75.18 21.23
N ALA A 132 33.32 74.74 21.64
CA ALA A 132 34.26 75.61 22.31
C ALA A 132 35.69 75.15 22.01
N GLY A 133 36.00 73.97 22.53
CA GLY A 133 37.33 73.40 22.32
C GLY A 133 37.96 73.00 23.66
N ARG A 134 39.25 72.69 23.60
CA ARG A 134 39.98 72.30 24.79
C ARG A 134 40.29 73.52 25.66
N LEU A 135 40.83 73.25 26.84
CA LEU A 135 41.18 74.32 27.76
C LEU A 135 42.69 74.37 27.93
N ASP A 136 43.30 73.18 27.89
CA ASP A 136 44.75 73.09 28.04
C ASP A 136 45.36 72.64 26.71
N LEU A 137 46.62 72.99 26.53
CA LEU A 137 47.33 72.64 25.32
C LEU A 137 47.94 71.24 25.47
N PRO A 138 48.28 70.62 24.31
CA PRO A 138 48.86 69.29 24.30
C PRO A 138 50.33 69.34 24.75
N PRO A 139 50.68 68.38 25.65
CA PRO A 139 52.04 68.30 26.16
C PRO A 139 52.99 67.71 25.11
N GLY A 140 54.16 68.32 25.02
CA GLY A 140 55.16 67.88 24.06
C GLY A 140 55.03 68.64 22.74
N PHE A 141 53.84 69.16 22.51
CA PHE A 141 53.58 69.91 21.29
C PHE A 141 54.80 70.74 20.88
N MET A 142 54.94 70.91 19.57
CA MET A 142 56.05 71.67 19.04
C MET A 142 55.59 73.03 18.51
N PHE A 143 54.84 72.99 17.43
CA PHE A 143 54.33 74.21 16.82
C PHE A 143 53.13 73.91 15.91
N LYS A 144 52.57 74.98 15.38
CA LYS A 144 51.42 74.84 14.49
C LYS A 144 51.89 74.79 13.04
N VAL A 145 51.19 74.01 12.24
CA VAL A 145 51.53 73.86 10.84
C VAL A 145 50.26 74.01 10.00
N GLN A 146 50.47 74.24 8.70
CA GLN A 146 49.35 74.40 7.78
C GLN A 146 49.60 73.60 6.51
N ALA A 147 48.65 72.73 6.19
CA ALA A 147 48.76 71.91 5.01
C ALA A 147 48.72 72.80 3.76
N GLN A 148 49.31 72.28 2.69
CA GLN A 148 49.35 73.02 1.44
C GLN A 148 48.76 72.18 0.31
N HIS A 149 48.35 70.96 0.66
CA HIS A 149 47.77 70.05 -0.31
C HIS A 149 46.73 69.17 0.39
N ASP A 150 45.98 68.44 -0.43
CA ASP A 150 44.96 67.55 0.09
C ASP A 150 45.42 66.11 -0.08
N TYR A 151 45.91 65.54 1.01
CA TYR A 151 46.38 64.17 1.01
C TYR A 151 45.46 63.25 1.83
N THR A 152 44.72 62.41 1.12
CA THR A 152 43.81 61.49 1.77
C THR A 152 44.57 60.31 2.36
N ALA A 153 44.55 60.24 3.69
CA ALA A 153 45.23 59.17 4.39
C ALA A 153 44.20 58.26 5.05
N THR A 154 44.20 57.00 4.62
CA THR A 154 43.27 56.03 5.16
C THR A 154 44.03 54.88 5.83
N ASP A 155 44.22 55.01 7.13
CA ASP A 155 44.92 54.00 7.89
C ASP A 155 44.25 53.83 9.25
N THR A 156 44.84 52.96 10.07
CA THR A 156 44.31 52.70 11.39
C THR A 156 44.83 53.73 12.39
N ASP A 157 45.52 54.72 11.85
CA ASP A 157 46.08 55.77 12.69
C ASP A 157 46.77 56.81 11.80
N GLU A 158 46.09 57.17 10.72
CA GLU A 158 46.62 58.14 9.78
C GLU A 158 46.04 59.53 10.06
N LEU A 159 46.61 60.52 9.39
CA LEU A 159 46.16 61.90 9.56
C LEU A 159 45.81 62.49 8.19
N GLN A 160 44.53 62.76 8.01
CA GLN A 160 44.05 63.32 6.76
C GLN A 160 44.28 64.84 6.74
N LEU A 161 44.78 65.31 5.61
CA LEU A 161 45.03 66.74 5.45
C LEU A 161 44.34 67.24 4.18
N LYS A 162 43.92 68.49 4.23
CA LYS A 162 43.25 69.11 3.10
C LYS A 162 43.94 70.43 2.75
N ALA A 163 44.25 70.57 1.48
CA ALA A 163 44.92 71.78 1.01
C ALA A 163 44.36 72.99 1.77
N GLY A 164 45.12 73.42 2.76
CA GLY A 164 44.71 74.57 3.57
C GLY A 164 44.10 74.11 4.89
N ASP A 165 44.80 73.18 5.55
CA ASP A 165 44.35 72.66 6.82
C ASP A 165 45.29 73.13 7.93
N VAL A 166 44.84 72.96 9.16
CA VAL A 166 45.63 73.36 10.31
C VAL A 166 45.97 72.13 11.15
N VAL A 167 47.26 71.92 11.33
CA VAL A 167 47.73 70.78 12.10
C VAL A 167 48.81 71.24 13.08
N LEU A 168 48.88 70.55 14.21
CA LEU A 168 49.86 70.88 15.23
C LEU A 168 50.86 69.74 15.36
N VAL A 169 52.13 70.11 15.29
CA VAL A 169 53.21 69.13 15.39
C VAL A 169 53.39 68.74 16.86
N ILE A 170 53.22 67.44 17.11
CA ILE A 170 53.36 66.93 18.46
C ILE A 170 54.32 65.73 18.45
N PRO A 171 54.97 65.51 19.61
CA PRO A 171 55.91 64.41 19.75
C PRO A 171 55.18 63.07 19.88
N PHE A 172 55.41 62.21 18.89
CA PHE A 172 54.79 60.91 18.87
C PHE A 172 55.18 60.09 20.10
N GLN A 173 54.77 58.83 20.09
CA GLN A 173 55.08 57.94 21.21
C GLN A 173 56.46 57.29 21.00
N ASN A 174 56.90 57.30 19.76
CA ASN A 174 58.19 56.72 19.42
C ASN A 174 58.55 57.09 17.98
N PRO A 175 59.88 57.21 17.73
CA PRO A 175 60.37 57.56 16.41
C PRO A 175 60.27 56.37 15.46
N GLU A 176 60.14 55.19 16.05
CA GLU A 176 60.04 53.98 15.27
C GLU A 176 58.67 53.91 14.57
N GLU A 177 57.74 54.68 15.09
CA GLU A 177 56.39 54.72 14.53
C GLU A 177 56.30 55.80 13.45
N GLN A 178 57.36 56.59 13.36
CA GLN A 178 57.41 57.66 12.38
C GLN A 178 58.06 57.17 11.08
N ASP A 179 57.63 57.76 9.98
CA ASP A 179 58.15 57.40 8.68
C ASP A 179 59.09 58.50 8.18
N GLU A 180 59.84 58.18 7.14
CA GLU A 180 60.77 59.14 6.56
C GLU A 180 60.00 60.19 5.75
N GLY A 181 60.02 61.41 6.27
CA GLY A 181 59.34 62.50 5.60
C GLY A 181 57.93 62.71 6.19
N TRP A 182 57.66 61.97 7.25
CA TRP A 182 56.36 62.06 7.91
C TRP A 182 56.60 62.22 9.41
N LEU A 183 55.62 62.79 10.07
CA LEU A 183 55.71 63.01 11.52
C LEU A 183 54.32 62.89 12.14
N MET A 184 54.30 62.83 13.46
CA MET A 184 53.04 62.71 14.19
C MET A 184 52.48 64.09 14.53
N GLY A 185 51.36 64.41 13.90
CA GLY A 185 50.71 65.68 14.14
C GLY A 185 49.20 65.52 14.33
N VAL A 186 48.56 66.58 14.81
CA VAL A 186 47.13 66.55 15.05
C VAL A 186 46.50 67.78 14.40
N LYS A 187 45.29 67.58 13.90
CA LYS A 187 44.56 68.67 13.26
C LYS A 187 44.01 69.61 14.32
N GLU A 188 43.62 70.79 13.87
CA GLU A 188 43.08 71.79 14.79
C GLU A 188 41.81 71.25 15.47
N SER A 189 40.96 70.63 14.67
CA SER A 189 39.73 70.07 15.19
C SER A 189 40.03 69.07 16.31
N ASP A 190 41.09 68.29 16.09
CA ASP A 190 41.50 67.30 17.07
C ASP A 190 42.01 68.01 18.32
N TRP A 191 42.58 69.18 18.10
CA TRP A 191 43.11 69.97 19.21
C TRP A 191 42.04 70.07 20.29
N ASN A 192 40.83 70.39 19.84
CA ASN A 192 39.70 70.53 20.75
C ASN A 192 39.54 69.23 21.54
N GLN A 193 39.99 68.14 20.94
CA GLN A 193 39.91 66.84 21.58
C GLN A 193 41.15 66.59 22.43
N HIS A 194 41.86 67.66 22.72
CA HIS A 194 43.07 67.57 23.52
C HIS A 194 42.81 66.68 24.75
N LYS A 195 41.53 66.58 25.09
CA LYS A 195 41.12 65.77 26.23
C LYS A 195 41.59 64.33 26.02
N LYS A 196 41.44 63.88 24.78
CA LYS A 196 41.84 62.52 24.43
C LYS A 196 42.33 62.50 22.98
N LEU A 197 43.18 63.46 22.66
CA LEU A 197 43.73 63.56 21.32
C LEU A 197 44.71 62.41 21.09
N GLU A 198 45.33 61.99 22.17
CA GLU A 198 46.30 60.90 22.09
C GLU A 198 45.65 59.66 21.46
N LYS A 199 44.33 59.68 21.44
CA LYS A 199 43.59 58.56 20.87
C LYS A 199 43.10 58.95 19.47
N CYS A 200 43.59 60.09 19.01
CA CYS A 200 43.21 60.58 17.69
C CYS A 200 44.48 60.96 16.93
N ARG A 201 45.61 60.60 17.53
CA ARG A 201 46.91 60.89 16.93
C ARG A 201 46.99 60.28 15.53
N GLY A 202 47.84 60.87 14.71
CA GLY A 202 48.03 60.39 13.35
C GLY A 202 49.37 60.83 12.79
N VAL A 203 49.62 60.46 11.54
CA VAL A 203 50.86 60.82 10.88
C VAL A 203 50.54 61.57 9.58
N PHE A 204 51.52 62.35 9.13
CA PHE A 204 51.36 63.11 7.92
C PHE A 204 52.72 63.62 7.40
N PRO A 205 52.78 63.83 6.06
CA PRO A 205 54.00 64.31 5.44
C PRO A 205 54.21 65.80 5.71
N GLU A 206 55.35 66.10 6.31
CA GLU A 206 55.69 67.47 6.63
C GLU A 206 55.95 68.27 5.35
N ASN A 207 56.64 67.62 4.43
CA ASN A 207 56.97 68.26 3.16
C ASN A 207 55.67 68.67 2.45
N PHE A 208 54.62 67.91 2.73
CA PHE A 208 53.33 68.18 2.12
C PHE A 208 52.57 69.26 2.91
N THR A 209 53.23 69.74 3.96
CA THR A 209 52.63 70.77 4.79
C THR A 209 53.61 71.93 5.01
N GLU A 210 53.15 72.91 5.76
CA GLU A 210 53.98 74.07 6.04
C GLU A 210 53.85 74.48 7.51
N ARG A 211 54.88 75.13 8.02
CA ARG A 211 54.90 75.57 9.40
C ARG A 211 54.05 76.84 9.55
N VAL A 212 53.30 76.88 10.64
CA VAL A 212 52.45 78.03 10.91
C VAL A 212 53.06 78.85 12.06
N PRO A 213 53.39 80.12 11.73
CA PRO A 213 53.99 81.01 12.72
C PRO A 213 52.93 81.51 13.72
N ASP A 1 -14.21 -38.12 -16.16
CA ASP A 1 -14.63 -39.46 -16.53
C ASP A 1 -14.88 -39.51 -18.04
N GLY A 2 -14.05 -40.29 -18.72
CA GLY A 2 -14.16 -40.43 -20.15
C GLY A 2 -13.52 -41.74 -20.62
N SER A 3 -13.24 -41.79 -21.91
CA SER A 3 -12.62 -42.97 -22.50
C SER A 3 -12.40 -42.76 -23.99
N PRO A 4 -11.10 -42.54 -24.35
CA PRO A 4 -10.73 -42.31 -25.74
C PRO A 4 -10.76 -43.62 -26.54
N ALA A 5 -10.60 -43.49 -27.85
CA ALA A 5 -10.61 -44.64 -28.72
C ALA A 5 -9.58 -44.44 -29.83
N ALA A 6 -9.43 -45.48 -30.64
CA ALA A 6 -8.48 -45.43 -31.75
C ALA A 6 -9.09 -46.11 -32.97
N THR A 7 -8.57 -45.75 -34.13
CA THR A 7 -9.04 -46.31 -35.38
C THR A 7 -7.87 -46.75 -36.26
N PRO A 8 -7.85 -48.08 -36.55
CA PRO A 8 -6.79 -48.64 -37.37
C PRO A 8 -6.99 -48.29 -38.84
N GLU A 9 -5.96 -48.56 -39.63
CA GLU A 9 -6.01 -48.28 -41.06
C GLU A 9 -5.68 -49.54 -41.86
N ILE A 10 -6.07 -49.51 -43.13
CA ILE A 10 -5.82 -50.64 -44.01
C ILE A 10 -5.44 -50.12 -45.40
N ARG A 11 -4.42 -50.75 -45.97
CA ARG A 11 -3.95 -50.36 -47.29
C ARG A 11 -3.92 -51.57 -48.23
N VAL A 12 -4.10 -51.30 -49.50
CA VAL A 12 -4.10 -52.36 -50.50
C VAL A 12 -3.28 -51.90 -51.71
N ASN A 13 -2.53 -52.83 -52.27
CA ASN A 13 -1.70 -52.54 -53.43
C ASN A 13 -1.81 -53.68 -54.44
N HIS A 14 -1.14 -53.51 -55.56
CA HIS A 14 -1.16 -54.52 -56.61
C HIS A 14 0.05 -54.35 -57.52
N GLU A 15 0.20 -55.27 -58.45
CA GLU A 15 1.31 -55.22 -59.39
C GLU A 15 1.01 -56.09 -60.62
N PRO A 16 1.51 -55.63 -61.79
CA PRO A 16 1.30 -56.35 -63.03
C PRO A 16 2.20 -57.59 -63.10
N GLU A 17 2.01 -58.36 -64.16
CA GLU A 17 2.79 -59.57 -64.35
C GLU A 17 3.30 -59.65 -65.79
N PRO A 18 4.65 -59.75 -65.91
CA PRO A 18 5.29 -59.83 -67.22
C PRO A 18 5.09 -61.21 -67.83
N ALA A 19 5.12 -61.24 -69.16
CA ALA A 19 4.95 -62.48 -69.88
C ALA A 19 5.91 -62.52 -71.08
N GLY A 20 6.37 -63.72 -71.39
CA GLY A 20 7.29 -63.89 -72.51
C GLY A 20 7.10 -65.27 -73.15
N GLY A 21 7.76 -65.45 -74.29
CA GLY A 21 7.69 -66.70 -75.02
C GLY A 21 8.83 -66.84 -76.02
N ALA A 22 9.04 -68.06 -76.47
CA ALA A 22 10.10 -68.33 -77.43
C ALA A 22 9.72 -69.55 -78.27
N THR A 23 10.17 -69.53 -79.53
CA THR A 23 9.89 -70.63 -80.44
C THR A 23 10.67 -70.45 -81.74
N PRO A 24 11.91 -71.02 -81.75
CA PRO A 24 12.76 -70.94 -82.91
C PRO A 24 12.28 -71.87 -84.02
N GLY A 25 12.85 -71.69 -85.20
CA GLY A 25 12.49 -72.51 -86.34
C GLY A 25 13.70 -72.77 -87.24
N ALA A 26 13.72 -73.97 -87.82
CA ALA A 26 14.81 -74.35 -88.68
C ALA A 26 14.76 -75.87 -88.93
N THR A 27 14.31 -76.22 -90.13
CA THR A 27 14.19 -77.62 -90.50
C THR A 27 15.22 -77.97 -91.59
N LEU A 28 15.63 -76.94 -92.31
CA LEU A 28 16.60 -77.12 -93.37
C LEU A 28 16.09 -78.19 -94.35
N PRO A 29 15.29 -77.72 -95.33
CA PRO A 29 14.73 -78.63 -96.33
C PRO A 29 15.80 -79.05 -97.34
N LYS A 30 16.14 -80.33 -97.28
CA LYS A 30 17.14 -80.87 -98.19
C LYS A 30 16.46 -81.35 -99.48
N SER A 31 17.28 -81.60 -100.49
CA SER A 31 16.77 -82.07 -101.76
C SER A 31 17.20 -83.51 -102.01
N PRO A 32 16.23 -84.44 -101.82
CA PRO A 32 16.49 -85.86 -102.02
C PRO A 32 16.59 -86.20 -103.50
N SER A 33 17.53 -87.07 -103.81
CA SER A 33 17.74 -87.49 -105.19
C SER A 33 16.40 -87.86 -105.84
N GLN A 34 16.03 -87.07 -106.83
CA GLN A 34 14.78 -87.29 -107.54
C GLN A 34 15.04 -88.06 -108.84
N LEU A 35 14.28 -89.13 -109.03
CA LEU A 35 14.41 -89.95 -110.22
C LEU A 35 15.69 -90.77 -110.13
N ARG A 36 15.77 -91.56 -109.07
CA ARG A 36 16.93 -92.40 -108.85
C ARG A 36 16.84 -93.67 -109.70
N LYS A 37 18.00 -94.19 -110.06
CA LYS A 37 18.07 -95.40 -110.88
C LYS A 37 19.00 -96.41 -110.21
N GLY A 38 18.89 -97.66 -110.65
CA GLY A 38 19.70 -98.72 -110.11
C GLY A 38 20.07 -99.74 -111.19
N PRO A 39 20.99 -100.67 -110.82
CA PRO A 39 21.43 -101.70 -111.74
C PRO A 39 20.35 -102.77 -111.93
N PRO A 40 20.32 -103.35 -113.16
CA PRO A 40 19.36 -104.39 -113.47
C PRO A 40 19.74 -105.72 -112.82
N VAL A 41 18.73 -106.57 -112.66
CA VAL A 41 18.95 -107.87 -112.05
C VAL A 41 18.86 -108.95 -113.13
N PRO A 42 20.04 -109.48 -113.52
CA PRO A 42 20.10 -110.53 -114.53
C PRO A 42 19.65 -111.87 -113.97
N PRO A 43 19.26 -112.78 -114.89
CA PRO A 43 18.80 -114.10 -114.50
C PRO A 43 19.97 -114.98 -114.07
N PRO A 44 19.66 -115.96 -113.18
CA PRO A 44 20.68 -116.88 -112.69
C PRO A 44 21.05 -117.92 -113.76
N PRO A 45 22.27 -118.48 -113.61
CA PRO A 45 22.76 -119.47 -114.55
C PRO A 45 22.08 -120.83 -114.32
N LYS A 46 20.81 -120.88 -114.68
CA LYS A 46 20.03 -122.10 -114.51
C LYS A 46 19.46 -122.53 -115.86
N HIS A 47 18.63 -121.67 -116.43
CA HIS A 47 18.02 -121.94 -117.71
C HIS A 47 17.06 -123.12 -117.58
N THR A 48 15.80 -122.86 -117.88
CA THR A 48 14.77 -123.89 -117.79
C THR A 48 13.74 -123.71 -118.90
N PRO A 49 13.72 -124.70 -119.84
CA PRO A 49 12.78 -124.64 -120.96
C PRO A 49 11.37 -125.00 -120.49
N SER A 50 11.25 -126.17 -119.88
CA SER A 50 9.96 -126.63 -119.40
C SER A 50 8.90 -126.45 -120.48
N LYS A 51 8.78 -127.46 -121.31
CA LYS A 51 7.80 -127.43 -122.39
C LYS A 51 6.50 -128.11 -121.93
N GLU A 52 5.42 -127.75 -122.60
CA GLU A 52 4.12 -128.32 -122.27
C GLU A 52 3.31 -128.57 -123.54
N VAL A 53 2.25 -129.34 -123.39
CA VAL A 53 1.38 -129.66 -124.51
C VAL A 53 0.17 -130.45 -124.01
N LYS A 54 -1.00 -129.95 -124.34
CA LYS A 54 -2.24 -130.59 -123.93
C LYS A 54 -2.83 -131.35 -125.12
N GLN A 55 -3.97 -131.98 -124.88
CA GLN A 55 -4.64 -132.74 -125.92
C GLN A 55 -6.15 -132.42 -125.91
N GLU A 56 -6.85 -133.05 -126.84
CA GLU A 56 -8.29 -132.84 -126.96
C GLU A 56 -8.97 -134.14 -127.38
N GLN A 57 -10.28 -134.07 -127.53
CA GLN A 57 -11.07 -135.22 -127.92
C GLN A 57 -12.41 -134.78 -128.51
N ILE A 58 -13.21 -135.76 -128.89
CA ILE A 58 -14.52 -135.50 -129.46
C ILE A 58 -15.43 -136.70 -129.25
N LEU A 59 -16.70 -136.51 -129.57
CA LEU A 59 -17.68 -137.57 -129.41
C LEU A 59 -18.72 -137.47 -130.53
N SER A 60 -19.53 -138.51 -130.63
CA SER A 60 -20.57 -138.54 -131.65
C SER A 60 -21.84 -139.19 -131.08
N LEU A 61 -22.94 -138.98 -131.79
CA LEU A 61 -24.22 -139.52 -131.37
C LEU A 61 -24.78 -140.42 -132.48
N PHE A 62 -25.52 -141.43 -132.06
CA PHE A 62 -26.11 -142.36 -133.00
C PHE A 62 -27.62 -142.45 -132.80
N GLU A 63 -28.24 -143.35 -133.55
CA GLU A 63 -29.68 -143.55 -133.47
C GLU A 63 -30.07 -144.85 -134.16
N ASP A 64 -31.36 -145.18 -134.04
CA ASP A 64 -31.87 -146.40 -134.65
C ASP A 64 -33.40 -146.42 -134.51
N THR A 65 -34.06 -146.58 -135.64
CA THR A 65 -35.52 -146.63 -135.66
C THR A 65 -36.01 -148.08 -135.67
N PHE A 66 -37.33 -148.21 -135.73
CA PHE A 66 -37.94 -149.54 -135.76
C PHE A 66 -39.41 -149.45 -136.17
N VAL A 67 -39.98 -150.62 -136.43
CA VAL A 67 -41.38 -150.69 -136.85
C VAL A 67 -41.94 -152.06 -136.46
N PRO A 68 -43.10 -152.03 -135.76
CA PRO A 68 -43.76 -153.25 -135.34
C PRO A 68 -44.45 -153.94 -136.50
N GLU A 69 -45.09 -155.06 -136.20
CA GLU A 69 -45.79 -155.83 -137.22
C GLU A 69 -46.56 -156.99 -136.58
N ILE A 70 -47.69 -157.30 -137.17
CA ILE A 70 -48.52 -158.40 -136.67
C ILE A 70 -49.68 -158.63 -137.64
N SER A 71 -49.89 -159.89 -137.95
CA SER A 71 -50.97 -160.27 -138.86
C SER A 71 -51.39 -161.72 -138.60
N VAL A 72 -52.67 -161.98 -138.85
CA VAL A 72 -53.21 -163.32 -138.65
C VAL A 72 -54.60 -163.39 -139.28
N THR A 73 -55.05 -164.62 -139.50
CA THR A 73 -56.36 -164.85 -140.09
C THR A 73 -56.76 -166.32 -139.96
N THR A 74 -58.06 -166.53 -139.87
CA THR A 74 -58.59 -167.88 -139.75
C THR A 74 -60.07 -167.92 -140.12
N PRO A 75 -60.35 -168.54 -141.31
CA PRO A 75 -61.71 -168.64 -141.79
C PRO A 75 -62.49 -169.71 -141.01
N SER A 76 -63.60 -170.14 -141.60
CA SER A 76 -64.44 -171.14 -140.97
C SER A 76 -65.52 -171.60 -141.94
N GLN A 77 -66.13 -172.74 -141.62
CA GLN A 77 -67.18 -173.29 -142.46
C GLN A 77 -67.86 -174.45 -141.74
N PRO A 78 -69.12 -174.20 -141.30
CA PRO A 78 -69.89 -175.21 -140.61
C PRO A 78 -70.42 -176.27 -141.58
N ALA A 79 -71.05 -177.28 -141.02
CA ALA A 79 -71.59 -178.37 -141.82
C ALA A 79 -72.21 -179.42 -140.91
N GLU A 80 -73.40 -179.86 -141.27
CA GLU A 80 -74.10 -180.87 -140.49
C GLU A 80 -75.51 -181.08 -141.03
N ALA A 81 -76.06 -182.25 -140.72
CA ALA A 81 -77.40 -182.59 -141.18
C ALA A 81 -77.36 -182.96 -142.65
N SER A 82 -77.95 -184.10 -142.97
CA SER A 82 -77.99 -184.57 -144.34
C SER A 82 -78.73 -185.91 -144.41
N GLU A 83 -79.79 -185.92 -145.19
CA GLU A 83 -80.60 -187.12 -145.36
C GLU A 83 -81.45 -187.03 -146.62
N VAL A 84 -81.80 -188.19 -147.15
CA VAL A 84 -82.62 -188.25 -148.36
C VAL A 84 -83.85 -189.11 -148.08
N ALA A 85 -83.59 -190.37 -147.78
CA ALA A 85 -84.67 -191.31 -147.51
C ALA A 85 -85.59 -191.40 -148.73
N GLY A 86 -85.50 -192.54 -149.40
CA GLY A 86 -86.31 -192.77 -150.58
C GLY A 86 -86.72 -194.24 -150.69
N GLY A 87 -87.59 -194.51 -151.65
CA GLY A 87 -88.07 -195.87 -151.87
C GLY A 87 -88.50 -196.07 -153.32
N THR A 88 -89.81 -196.05 -153.52
CA THR A 88 -90.38 -196.23 -154.85
C THR A 88 -89.57 -195.44 -155.88
N GLN A 89 -89.00 -194.33 -155.41
CA GLN A 89 -88.20 -193.48 -156.27
C GLN A 89 -87.07 -192.84 -155.48
N PRO A 90 -85.88 -193.49 -155.53
CA PRO A 90 -84.72 -192.99 -154.81
C PRO A 90 -84.10 -191.79 -155.54
N ALA A 91 -83.49 -190.92 -154.76
CA ALA A 91 -82.87 -189.73 -155.31
C ALA A 91 -81.40 -189.67 -154.86
N ALA A 92 -80.54 -189.30 -155.80
CA ALA A 92 -79.13 -189.20 -155.52
C ALA A 92 -78.87 -187.97 -154.64
N GLY A 93 -78.46 -188.24 -153.41
CA GLY A 93 -78.17 -187.17 -152.47
C GLY A 93 -76.73 -186.68 -152.62
N ALA A 94 -75.98 -186.81 -151.53
CA ALA A 94 -74.60 -186.38 -151.54
C ALA A 94 -73.93 -186.82 -150.22
N GLN A 95 -72.61 -186.79 -150.22
CA GLN A 95 -71.85 -187.17 -149.05
C GLN A 95 -70.39 -186.71 -149.18
N GLU A 96 -69.92 -186.06 -148.13
CA GLU A 96 -68.56 -185.56 -148.12
C GLU A 96 -68.11 -185.26 -146.69
N PRO A 97 -66.80 -185.51 -146.42
CA PRO A 97 -66.24 -185.28 -145.10
C PRO A 97 -66.03 -183.79 -144.85
N GLY A 98 -65.57 -183.46 -143.65
CA GLY A 98 -65.33 -182.09 -143.28
C GLY A 98 -63.91 -181.65 -143.69
N GLU A 99 -63.33 -180.81 -142.86
CA GLU A 99 -61.99 -180.31 -143.12
C GLU A 99 -61.39 -179.71 -141.83
N THR A 100 -60.13 -179.32 -141.94
CA THR A 100 -59.43 -178.73 -140.81
C THR A 100 -58.71 -177.45 -141.22
N ALA A 101 -58.03 -176.85 -140.27
CA ALA A 101 -57.29 -175.63 -140.51
C ALA A 101 -55.97 -175.67 -139.75
N ALA A 102 -55.14 -174.66 -140.01
CA ALA A 102 -53.85 -174.57 -139.35
C ALA A 102 -53.56 -173.11 -139.00
N SER A 103 -52.68 -172.92 -138.02
CA SER A 103 -52.33 -171.59 -137.58
C SER A 103 -50.83 -171.54 -137.26
N GLU A 104 -50.24 -170.37 -137.49
CA GLU A 104 -48.83 -170.18 -137.23
C GLU A 104 -48.63 -169.23 -136.04
N ALA A 105 -47.40 -169.14 -135.60
CA ALA A 105 -47.06 -168.27 -134.48
C ALA A 105 -45.99 -167.27 -134.90
N ALA A 106 -45.69 -166.34 -134.01
CA ALA A 106 -44.69 -165.33 -134.27
C ALA A 106 -43.96 -164.98 -132.98
N SER A 107 -42.87 -164.24 -133.12
CA SER A 107 -42.08 -163.83 -131.97
C SER A 107 -41.78 -162.33 -132.06
N SER A 108 -41.22 -161.81 -130.98
CA SER A 108 -40.87 -160.41 -130.92
C SER A 108 -39.68 -160.19 -129.97
N SER A 109 -39.15 -158.98 -130.00
CA SER A 109 -38.02 -158.64 -129.16
C SER A 109 -38.03 -157.15 -128.85
N LEU A 110 -37.15 -156.75 -127.94
CA LEU A 110 -37.04 -155.36 -127.55
C LEU A 110 -35.59 -155.05 -127.16
N PRO A 111 -35.21 -153.76 -127.36
CA PRO A 111 -33.86 -153.32 -127.03
C PRO A 111 -33.68 -153.18 -125.52
N ALA A 112 -32.48 -152.77 -125.14
CA ALA A 112 -32.16 -152.58 -123.74
C ALA A 112 -31.85 -151.11 -123.48
N VAL A 113 -31.62 -150.80 -122.21
CA VAL A 113 -31.31 -149.44 -121.81
C VAL A 113 -29.83 -149.36 -121.42
N VAL A 114 -29.20 -148.29 -121.87
CA VAL A 114 -27.78 -148.08 -121.58
C VAL A 114 -27.63 -146.88 -120.64
N VAL A 115 -27.13 -147.17 -119.45
CA VAL A 115 -26.93 -146.12 -118.45
C VAL A 115 -25.58 -145.44 -118.70
N GLU A 116 -25.51 -144.17 -118.35
CA GLU A 116 -24.30 -143.40 -118.51
C GLU A 116 -23.90 -142.72 -117.20
N THR A 117 -22.71 -142.15 -117.19
CA THR A 117 -22.20 -141.48 -116.02
C THR A 117 -21.74 -140.07 -116.37
N PHE A 118 -21.63 -139.24 -115.34
CA PHE A 118 -21.20 -137.87 -115.52
C PHE A 118 -20.18 -137.46 -114.44
N PRO A 119 -19.30 -136.50 -114.82
CA PRO A 119 -18.29 -136.01 -113.90
C PRO A 119 -18.89 -135.09 -112.84
N ALA A 120 -18.20 -135.02 -111.71
CA ALA A 120 -18.67 -134.18 -110.62
C ALA A 120 -17.90 -132.85 -110.63
N THR A 121 -18.57 -131.81 -110.16
CA THR A 121 -17.96 -130.49 -110.12
C THR A 121 -18.06 -129.90 -108.71
N VAL A 122 -17.19 -128.95 -108.44
CA VAL A 122 -17.17 -128.30 -107.14
C VAL A 122 -17.83 -126.92 -107.25
N ASN A 123 -18.62 -126.60 -106.22
CA ASN A 123 -19.31 -125.32 -106.19
C ASN A 123 -18.62 -124.40 -105.19
N GLY A 124 -18.84 -123.10 -105.38
CA GLY A 124 -18.24 -122.11 -104.51
C GLY A 124 -18.71 -120.70 -104.87
N THR A 125 -17.84 -119.74 -104.63
CA THR A 125 -18.15 -118.35 -104.93
C THR A 125 -17.52 -117.94 -106.26
N VAL A 126 -18.36 -117.37 -107.12
CA VAL A 126 -17.90 -116.92 -108.43
C VAL A 126 -18.42 -115.51 -108.70
N GLU A 127 -17.72 -114.81 -109.58
CA GLU A 127 -18.10 -113.46 -109.92
C GLU A 127 -18.06 -112.56 -108.69
N GLY A 128 -16.85 -112.18 -108.31
CA GLY A 128 -16.66 -111.33 -107.14
C GLY A 128 -15.27 -110.70 -107.15
N GLY A 129 -14.79 -110.39 -105.96
CA GLY A 129 -13.48 -109.77 -105.81
C GLY A 129 -13.60 -108.30 -105.41
N SER A 130 -12.54 -107.56 -105.73
CA SER A 130 -12.53 -106.13 -105.42
C SER A 130 -13.74 -105.44 -106.03
N GLY A 131 -14.14 -104.35 -105.38
CA GLY A 131 -15.29 -103.60 -105.86
C GLY A 131 -14.86 -102.26 -106.46
N ALA A 132 -14.55 -101.32 -105.58
CA ALA A 132 -14.11 -100.01 -106.00
C ALA A 132 -12.91 -100.15 -106.93
N GLY A 133 -12.94 -99.39 -108.03
CA GLY A 133 -11.87 -99.43 -109.00
C GLY A 133 -12.12 -98.43 -110.12
N ARG A 134 -11.30 -98.54 -111.16
CA ARG A 134 -11.41 -97.65 -112.31
C ARG A 134 -12.63 -98.04 -113.14
N LEU A 135 -12.74 -97.40 -114.30
CA LEU A 135 -13.85 -97.66 -115.21
C LEU A 135 -13.30 -98.06 -116.57
N ASP A 136 -12.27 -97.35 -117.01
CA ASP A 136 -11.65 -97.62 -118.29
C ASP A 136 -10.22 -98.11 -118.07
N LEU A 137 -9.72 -98.86 -119.04
CA LEU A 137 -8.37 -99.39 -118.97
C LEU A 137 -7.38 -98.33 -119.45
N PRO A 138 -6.10 -98.52 -119.06
CA PRO A 138 -5.05 -97.59 -119.44
C PRO A 138 -4.66 -97.78 -120.91
N PRO A 139 -4.54 -96.63 -121.63
CA PRO A 139 -4.18 -96.67 -123.03
C PRO A 139 -2.69 -96.97 -123.21
N GLY A 140 -2.40 -97.72 -124.27
CA GLY A 140 -1.02 -98.10 -124.55
C GLY A 140 -0.63 -99.38 -123.82
N PHE A 141 -1.38 -99.66 -122.76
CA PHE A 141 -1.13 -100.85 -121.96
C PHE A 141 -0.70 -102.02 -122.85
N MET A 142 0.10 -102.90 -122.26
CA MET A 142 0.59 -104.07 -122.98
C MET A 142 -0.03 -105.35 -122.42
N PHE A 143 0.39 -105.70 -121.22
CA PHE A 143 -0.11 -106.90 -120.57
C PHE A 143 0.13 -106.84 -119.05
N LYS A 144 -0.40 -107.84 -118.37
CA LYS A 144 -0.24 -107.93 -116.93
C LYS A 144 0.97 -108.80 -116.59
N VAL A 145 1.59 -108.49 -115.46
CA VAL A 145 2.75 -109.23 -115.02
C VAL A 145 2.59 -109.59 -113.54
N GLN A 146 3.45 -110.51 -113.09
CA GLN A 146 3.40 -110.95 -111.71
C GLN A 146 4.81 -110.95 -111.11
N ALA A 147 4.96 -110.21 -110.02
CA ALA A 147 6.24 -110.12 -109.35
C ALA A 147 6.61 -111.49 -108.78
N GLN A 148 7.91 -111.72 -108.67
CA GLN A 148 8.42 -112.98 -108.15
C GLN A 148 9.28 -112.74 -106.92
N HIS A 149 9.46 -111.46 -106.60
CA HIS A 149 10.25 -111.08 -105.45
C HIS A 149 9.72 -109.76 -104.87
N ASP A 150 10.23 -109.43 -103.69
CA ASP A 150 9.82 -108.21 -103.02
C ASP A 150 10.93 -107.17 -103.13
N TYR A 151 10.72 -106.20 -104.01
CA TYR A 151 11.69 -105.14 -104.22
C TYR A 151 11.14 -103.80 -103.78
N THR A 152 11.68 -103.30 -102.68
CA THR A 152 11.25 -102.02 -102.13
C THR A 152 11.88 -100.87 -102.92
N ALA A 153 11.03 -100.13 -103.61
CA ALA A 153 11.50 -99.01 -104.40
C ALA A 153 10.99 -97.70 -103.78
N THR A 154 11.93 -96.87 -103.37
CA THR A 154 11.59 -95.60 -102.76
C THR A 154 12.16 -94.44 -103.58
N ASP A 155 11.31 -93.93 -104.47
CA ASP A 155 11.70 -92.82 -105.32
C ASP A 155 10.53 -91.86 -105.48
N THR A 156 10.74 -90.84 -106.31
CA THR A 156 9.71 -89.84 -106.55
C THR A 156 8.79 -90.30 -107.67
N ASP A 157 8.98 -91.54 -108.10
CA ASP A 157 8.17 -92.11 -109.16
C ASP A 157 8.57 -93.56 -109.39
N GLU A 158 8.84 -94.25 -108.29
CA GLU A 158 9.24 -95.64 -108.35
C GLU A 158 8.01 -96.55 -108.23
N LEU A 159 8.24 -97.83 -108.47
CA LEU A 159 7.16 -98.80 -108.39
C LEU A 159 7.57 -99.94 -107.44
N GLN A 160 6.85 -100.01 -106.33
CA GLN A 160 7.12 -101.03 -105.33
C GLN A 160 6.45 -102.35 -105.72
N LEU A 161 7.19 -103.44 -105.55
CA LEU A 161 6.67 -104.75 -105.89
C LEU A 161 6.91 -105.69 -104.71
N LYS A 162 6.00 -106.66 -104.57
CA LYS A 162 6.10 -107.63 -103.49
C LYS A 162 6.00 -109.04 -104.07
N ALA A 163 6.90 -109.90 -103.62
CA ALA A 163 6.92 -111.28 -104.09
C ALA A 163 5.49 -111.78 -104.25
N GLY A 164 5.02 -111.75 -105.49
CA GLY A 164 3.68 -112.20 -105.79
C GLY A 164 2.71 -111.02 -105.91
N ASP A 165 3.15 -110.03 -106.68
CA ASP A 165 2.34 -108.84 -106.89
C ASP A 165 1.82 -108.83 -108.33
N VAL A 166 0.90 -107.90 -108.58
CA VAL A 166 0.31 -107.78 -109.91
C VAL A 166 0.63 -106.39 -110.47
N VAL A 167 1.29 -106.38 -111.61
CA VAL A 167 1.66 -105.14 -112.26
C VAL A 167 1.32 -105.22 -113.75
N LEU A 168 0.88 -104.10 -114.29
CA LEU A 168 0.52 -104.03 -115.69
C LEU A 168 1.59 -103.23 -116.45
N VAL A 169 2.03 -103.81 -117.56
CA VAL A 169 3.05 -103.17 -118.37
C VAL A 169 2.39 -102.12 -119.27
N ILE A 170 2.84 -100.88 -119.10
CA ILE A 170 2.29 -99.78 -119.88
C ILE A 170 3.45 -99.00 -120.52
N PRO A 171 3.14 -98.36 -121.68
CA PRO A 171 4.14 -97.58 -122.40
C PRO A 171 4.40 -96.25 -121.69
N PHE A 172 5.62 -96.09 -121.23
CA PHE A 172 6.02 -94.88 -120.53
C PHE A 172 5.83 -93.65 -121.43
N GLN A 173 6.31 -92.52 -120.94
CA GLN A 173 6.20 -91.27 -121.69
C GLN A 173 7.36 -91.14 -122.68
N ASN A 174 8.38 -91.95 -122.46
CA ASN A 174 9.56 -91.94 -123.32
C ASN A 174 10.52 -93.04 -122.87
N PRO A 175 11.25 -93.60 -123.87
CA PRO A 175 12.22 -94.65 -123.60
C PRO A 175 13.47 -94.09 -122.95
N GLU A 176 13.66 -92.79 -123.11
CA GLU A 176 14.81 -92.11 -122.55
C GLU A 176 14.68 -92.02 -121.03
N GLU A 177 13.45 -92.18 -120.56
CA GLU A 177 13.18 -92.10 -119.14
C GLU A 177 13.23 -93.50 -118.52
N GLN A 178 13.27 -94.49 -119.39
CA GLN A 178 13.32 -95.88 -118.94
C GLN A 178 14.78 -96.31 -118.73
N ASP A 179 14.96 -97.21 -117.77
CA ASP A 179 16.29 -97.71 -117.46
C ASP A 179 16.50 -99.06 -118.15
N GLU A 180 17.72 -99.56 -118.04
CA GLU A 180 18.07 -100.83 -118.64
C GLU A 180 17.66 -101.98 -117.71
N GLY A 181 16.68 -102.74 -118.16
CA GLY A 181 16.19 -103.88 -117.38
C GLY A 181 14.94 -103.50 -116.60
N TRP A 182 14.63 -102.21 -116.61
CA TRP A 182 13.46 -101.71 -115.91
C TRP A 182 12.51 -101.10 -116.94
N LEU A 183 11.25 -101.02 -116.56
CA LEU A 183 10.24 -100.46 -117.45
C LEU A 183 9.15 -99.78 -116.61
N MET A 184 8.27 -99.06 -117.30
CA MET A 184 7.18 -98.36 -116.63
C MET A 184 5.93 -99.24 -116.56
N GLY A 185 5.59 -99.63 -115.34
CA GLY A 185 4.42 -100.46 -115.13
C GLY A 185 3.52 -99.87 -114.03
N VAL A 186 2.38 -100.53 -113.83
CA VAL A 186 1.44 -100.08 -112.83
C VAL A 186 0.92 -101.29 -112.05
N LYS A 187 0.73 -101.09 -110.76
CA LYS A 187 0.24 -102.14 -109.89
C LYS A 187 -1.28 -102.27 -110.06
N GLU A 188 -1.79 -103.43 -109.66
CA GLU A 188 -3.21 -103.69 -109.76
C GLU A 188 -3.99 -102.65 -108.97
N SER A 189 -3.41 -102.24 -107.85
CA SER A 189 -4.05 -101.25 -107.00
C SER A 189 -4.06 -99.89 -107.70
N ASP A 190 -2.91 -99.54 -108.28
CA ASP A 190 -2.78 -98.28 -108.98
C ASP A 190 -3.77 -98.23 -110.14
N TRP A 191 -4.02 -99.40 -110.70
CA TRP A 191 -4.96 -99.51 -111.81
C TRP A 191 -6.27 -98.81 -111.41
N ASN A 192 -6.73 -99.14 -110.21
CA ASN A 192 -7.95 -98.56 -109.70
C ASN A 192 -7.84 -97.03 -109.75
N GLN A 193 -6.60 -96.56 -109.71
CA GLN A 193 -6.35 -95.12 -109.75
C GLN A 193 -6.17 -94.65 -111.20
N HIS A 194 -6.60 -95.50 -112.12
CA HIS A 194 -6.49 -95.19 -113.53
C HIS A 194 -6.94 -93.75 -113.77
N LYS A 195 -7.75 -93.25 -112.84
CA LYS A 195 -8.24 -91.89 -112.95
C LYS A 195 -7.07 -90.92 -113.03
N LYS A 196 -5.97 -91.31 -112.41
CA LYS A 196 -4.77 -90.49 -112.40
C LYS A 196 -3.54 -91.39 -112.34
N LEU A 197 -3.46 -92.29 -113.30
CA LEU A 197 -2.33 -93.22 -113.37
C LEU A 197 -1.06 -92.45 -113.73
N GLU A 198 -1.25 -91.40 -114.51
CA GLU A 198 -0.13 -90.57 -114.95
C GLU A 198 0.66 -90.08 -113.73
N LYS A 199 0.01 -90.15 -112.58
CA LYS A 199 0.65 -89.71 -111.34
C LYS A 199 0.80 -90.91 -110.40
N CYS A 200 0.51 -92.08 -110.94
CA CYS A 200 0.61 -93.31 -110.16
C CYS A 200 1.59 -94.25 -110.88
N ARG A 201 2.09 -93.77 -112.02
CA ARG A 201 3.03 -94.56 -112.80
C ARG A 201 4.35 -94.72 -112.04
N GLY A 202 5.06 -95.78 -112.38
CA GLY A 202 6.34 -96.06 -111.74
C GLY A 202 7.20 -96.98 -112.60
N VAL A 203 8.40 -97.25 -112.12
CA VAL A 203 9.32 -98.12 -112.84
C VAL A 203 9.63 -99.35 -111.97
N PHE A 204 10.00 -100.42 -112.64
CA PHE A 204 10.33 -101.65 -111.95
C PHE A 204 11.12 -102.60 -112.86
N PRO A 205 11.94 -103.47 -112.21
CA PRO A 205 12.75 -104.42 -112.94
C PRO A 205 11.89 -105.58 -113.48
N GLU A 206 11.90 -105.71 -114.79
CA GLU A 206 11.12 -106.76 -115.43
C GLU A 206 11.73 -108.14 -115.12
N ASN A 207 13.05 -108.15 -115.00
CA ASN A 207 13.76 -109.39 -114.71
C ASN A 207 13.36 -109.87 -113.32
N PHE A 208 12.98 -108.93 -112.47
CA PHE A 208 12.58 -109.25 -111.12
C PHE A 208 11.09 -109.59 -111.06
N THR A 209 10.48 -109.61 -112.22
CA THR A 209 9.06 -109.92 -112.32
C THR A 209 8.81 -110.99 -113.39
N GLU A 210 7.55 -111.35 -113.54
CA GLU A 210 7.17 -112.35 -114.53
C GLU A 210 5.96 -111.87 -115.33
N ARG A 211 5.94 -112.23 -116.60
CA ARG A 211 4.85 -111.85 -117.48
C ARG A 211 3.67 -112.79 -117.30
N VAL A 212 2.48 -112.22 -117.37
CA VAL A 212 1.26 -113.00 -117.21
C VAL A 212 0.42 -112.88 -118.48
N PRO A 213 0.25 -114.04 -119.17
CA PRO A 213 -0.53 -114.07 -120.39
C PRO A 213 -2.02 -113.99 -120.10
N ASP A 1 -14.21 -38.12 -16.16
CA ASP A 1 -14.63 -39.46 -16.53
C ASP A 1 -14.62 -40.35 -15.28
N GLY A 2 -13.47 -40.37 -14.62
CA GLY A 2 -13.32 -41.18 -13.43
C GLY A 2 -11.98 -40.89 -12.74
N SER A 3 -11.91 -39.71 -12.15
CA SER A 3 -10.68 -39.30 -11.45
C SER A 3 -11.01 -38.18 -10.47
N PRO A 4 -10.23 -38.16 -9.35
CA PRO A 4 -10.42 -37.15 -8.32
C PRO A 4 -9.86 -35.80 -8.78
N ALA A 5 -10.00 -34.81 -7.90
CA ALA A 5 -9.53 -33.47 -8.20
C ALA A 5 -8.97 -32.84 -6.92
N ALA A 6 -8.33 -31.69 -7.10
CA ALA A 6 -7.74 -30.98 -5.98
C ALA A 6 -7.91 -29.48 -6.19
N THR A 7 -7.52 -28.72 -5.17
CA THR A 7 -7.61 -27.27 -5.23
C THR A 7 -6.33 -26.63 -4.71
N PRO A 8 -6.00 -25.45 -5.31
CA PRO A 8 -4.80 -24.72 -4.91
C PRO A 8 -5.00 -24.03 -3.56
N GLU A 9 -3.99 -23.28 -3.16
CA GLU A 9 -4.04 -22.55 -1.91
C GLU A 9 -3.26 -21.24 -2.01
N ILE A 10 -3.63 -20.30 -1.16
CA ILE A 10 -2.98 -19.00 -1.15
C ILE A 10 -2.77 -18.55 0.29
N ARG A 11 -1.78 -17.69 0.48
CA ARG A 11 -1.48 -17.17 1.80
C ARG A 11 -1.36 -15.65 1.77
N VAL A 12 -1.33 -15.06 2.96
CA VAL A 12 -1.22 -13.62 3.08
C VAL A 12 -0.49 -13.28 4.38
N ASN A 13 0.07 -12.07 4.41
CA ASN A 13 0.80 -11.61 5.58
C ASN A 13 0.61 -10.10 5.72
N HIS A 14 1.01 -9.60 6.88
CA HIS A 14 0.90 -8.17 7.16
C HIS A 14 2.09 -7.72 8.00
N GLU A 15 2.15 -6.41 8.22
CA GLU A 15 3.23 -5.84 9.01
C GLU A 15 2.77 -4.54 9.67
N PRO A 16 3.33 -4.28 10.88
CA PRO A 16 2.98 -3.08 11.63
C PRO A 16 3.65 -1.84 11.01
N GLU A 17 3.41 -0.71 11.65
CA GLU A 17 3.98 0.54 11.18
C GLU A 17 4.56 1.33 12.35
N PRO A 18 5.67 2.07 12.06
CA PRO A 18 6.32 2.87 13.07
C PRO A 18 5.53 4.14 13.38
N ALA A 19 5.99 4.86 14.39
CA ALA A 19 5.32 6.09 14.79
C ALA A 19 6.38 7.15 15.13
N GLY A 20 5.93 8.39 15.17
CA GLY A 20 6.83 9.50 15.47
C GLY A 20 6.51 10.10 16.84
N GLY A 21 7.14 11.23 17.12
CA GLY A 21 6.94 11.91 18.39
C GLY A 21 7.18 13.41 18.25
N ALA A 22 7.52 14.04 19.37
CA ALA A 22 7.77 15.46 19.39
C ALA A 22 8.90 15.76 20.38
N THR A 23 9.33 17.02 20.37
CA THR A 23 10.40 17.44 21.27
C THR A 23 10.09 18.83 21.83
N PRO A 24 10.33 18.98 23.17
CA PRO A 24 10.08 20.24 23.84
C PRO A 24 11.17 21.26 23.51
N GLY A 25 11.02 22.44 24.07
CA GLY A 25 11.97 23.51 23.83
C GLY A 25 12.59 23.99 25.16
N ALA A 26 12.88 25.28 25.20
CA ALA A 26 13.47 25.88 26.39
C ALA A 26 13.06 27.35 26.47
N THR A 27 13.32 27.94 27.63
CA THR A 27 12.99 29.34 27.85
C THR A 27 13.95 29.97 28.86
N LEU A 28 14.52 31.09 28.46
CA LEU A 28 15.46 31.80 29.31
C LEU A 28 14.82 33.10 29.80
N PRO A 29 14.59 33.15 31.14
CA PRO A 29 13.99 34.33 31.74
C PRO A 29 14.99 35.48 31.83
N LYS A 30 14.46 36.70 31.76
CA LYS A 30 15.30 37.88 31.82
C LYS A 30 15.25 38.46 33.24
N SER A 31 16.43 38.65 33.81
CA SER A 31 16.54 39.18 35.16
C SER A 31 17.02 40.63 35.10
N PRO A 32 16.37 41.49 35.93
CA PRO A 32 16.72 42.90 35.99
C PRO A 32 18.04 43.11 36.74
N SER A 33 18.79 44.10 36.30
CA SER A 33 20.06 44.41 36.92
C SER A 33 20.14 45.91 37.22
N GLN A 34 20.17 46.23 38.51
CA GLN A 34 20.25 47.61 38.95
C GLN A 34 21.70 48.08 38.97
N LEU A 35 21.89 49.35 38.65
CA LEU A 35 23.22 49.94 38.63
C LEU A 35 23.13 51.41 39.03
N ARG A 36 22.98 51.63 40.33
CA ARG A 36 22.87 52.98 40.86
C ARG A 36 24.21 53.41 41.47
N LYS A 37 24.88 54.32 40.78
CA LYS A 37 26.16 54.82 41.25
C LYS A 37 26.71 55.83 40.23
N GLY A 38 27.55 56.73 40.73
CA GLY A 38 28.15 57.74 39.88
C GLY A 38 28.89 58.78 40.72
N PRO A 39 30.02 59.28 40.14
CA PRO A 39 30.82 60.29 40.82
C PRO A 39 30.14 61.66 40.76
N PRO A 40 30.28 62.43 41.87
CA PRO A 40 29.70 63.76 41.95
C PRO A 40 30.49 64.76 41.11
N VAL A 41 29.78 65.74 40.58
CA VAL A 41 30.41 66.76 39.76
C VAL A 41 30.48 68.06 40.55
N PRO A 42 31.72 68.37 41.04
CA PRO A 42 31.94 69.58 41.81
C PRO A 42 31.95 70.82 40.91
N PRO A 43 31.42 71.95 41.47
CA PRO A 43 31.36 73.19 40.73
C PRO A 43 32.74 73.84 40.62
N PRO A 44 32.98 74.53 39.48
CA PRO A 44 34.24 75.19 39.25
C PRO A 44 34.35 76.48 40.08
N PRO A 45 35.62 76.91 40.30
CA PRO A 45 35.87 78.12 41.06
C PRO A 45 35.54 79.37 40.26
N LYS A 46 34.31 79.42 39.78
CA LYS A 46 33.85 80.55 38.99
C LYS A 46 33.96 81.83 39.82
N HIS A 47 33.27 81.83 40.95
CA HIS A 47 33.28 82.97 41.84
C HIS A 47 32.60 84.16 41.15
N THR A 48 31.40 84.46 41.61
CA THR A 48 30.64 85.56 41.04
C THR A 48 31.15 86.89 41.60
N PRO A 49 31.73 87.71 40.68
CA PRO A 49 32.27 89.00 41.07
C PRO A 49 31.14 90.02 41.28
N SER A 50 30.15 89.95 40.42
CA SER A 50 29.01 90.85 40.50
C SER A 50 28.03 90.34 41.56
N LYS A 51 27.24 91.27 42.08
CA LYS A 51 26.24 90.93 43.08
C LYS A 51 24.85 91.31 42.57
N GLU A 52 23.87 90.55 43.02
CA GLU A 52 22.49 90.80 42.62
C GLU A 52 22.10 92.24 42.95
N VAL A 53 20.94 92.64 42.42
CA VAL A 53 20.44 93.98 42.65
C VAL A 53 19.51 93.97 43.86
N LYS A 54 18.79 92.86 44.00
CA LYS A 54 17.85 92.72 45.11
C LYS A 54 16.82 93.85 45.05
N GLN A 55 15.86 93.78 45.97
CA GLN A 55 14.82 94.78 46.03
C GLN A 55 14.33 94.94 47.47
N GLU A 56 14.00 96.19 47.81
CA GLU A 56 13.53 96.50 49.15
C GLU A 56 13.16 97.98 49.25
N GLN A 57 11.93 98.22 49.68
CA GLN A 57 11.45 99.58 49.83
C GLN A 57 10.31 99.63 50.86
N ILE A 58 10.05 100.83 51.36
CA ILE A 58 9.00 101.03 52.33
C ILE A 58 8.78 102.52 52.55
N LEU A 59 7.92 103.09 51.72
CA LEU A 59 7.61 104.51 51.81
C LEU A 59 6.12 104.69 52.14
N SER A 60 5.87 105.64 53.02
CA SER A 60 4.49 105.92 53.43
C SER A 60 4.19 107.41 53.26
N LEU A 61 2.91 107.72 53.23
CA LEU A 61 2.48 109.10 53.08
C LEU A 61 1.18 109.32 53.88
N PHE A 62 0.82 110.59 54.01
CA PHE A 62 -0.38 110.94 54.75
C PHE A 62 -0.95 112.28 54.26
N GLU A 63 -2.25 112.43 54.41
CA GLU A 63 -2.92 113.65 53.99
C GLU A 63 -3.59 114.33 55.19
N ASP A 64 -4.02 115.56 54.97
CA ASP A 64 -4.67 116.32 56.02
C ASP A 64 -4.95 117.74 55.51
N THR A 65 -6.20 118.15 55.65
CA THR A 65 -6.61 119.48 55.22
C THR A 65 -7.87 119.92 55.97
N PHE A 66 -8.01 121.23 56.09
CA PHE A 66 -9.16 121.80 56.78
C PHE A 66 -9.73 122.99 56.01
N VAL A 67 -10.79 123.56 56.56
CA VAL A 67 -11.43 124.71 55.94
C VAL A 67 -12.14 125.53 57.02
N PRO A 68 -11.68 126.80 57.15
CA PRO A 68 -12.25 127.71 58.12
C PRO A 68 -13.61 128.22 57.67
N GLU A 69 -14.17 129.13 58.46
CA GLU A 69 -15.47 129.70 58.15
C GLU A 69 -15.78 130.86 59.10
N ILE A 70 -15.24 132.02 58.74
CA ILE A 70 -15.44 133.22 59.55
C ILE A 70 -16.26 134.23 58.74
N SER A 71 -17.13 134.95 59.45
CA SER A 71 -17.96 135.94 58.82
C SER A 71 -18.88 136.59 59.86
N VAL A 72 -18.27 137.36 60.74
CA VAL A 72 -19.02 138.04 61.79
C VAL A 72 -18.87 139.56 61.61
N THR A 73 -19.98 140.20 61.28
CA THR A 73 -19.99 141.64 61.09
C THR A 73 -21.14 142.28 61.88
N THR A 74 -22.34 142.10 61.35
CA THR A 74 -23.52 142.65 61.99
C THR A 74 -23.60 144.16 61.74
N PRO A 75 -24.84 144.62 61.41
CA PRO A 75 -25.07 146.03 61.15
C PRO A 75 -25.08 146.84 62.45
N SER A 76 -25.29 148.13 62.30
CA SER A 76 -25.32 149.03 63.45
C SER A 76 -26.57 149.91 63.40
N GLN A 77 -26.67 150.67 62.33
CA GLN A 77 -27.82 151.56 62.14
C GLN A 77 -27.92 152.54 63.32
N PRO A 78 -27.73 153.84 62.98
CA PRO A 78 -27.80 154.89 64.00
C PRO A 78 -29.26 155.16 64.40
N ALA A 79 -29.44 156.24 65.16
CA ALA A 79 -30.76 156.63 65.61
C ALA A 79 -30.77 158.12 65.94
N GLU A 80 -30.00 158.48 66.95
CA GLU A 80 -29.92 159.87 67.37
C GLU A 80 -28.80 160.58 66.62
N ALA A 81 -28.77 161.89 66.77
CA ALA A 81 -27.75 162.71 66.12
C ALA A 81 -27.74 164.10 66.74
N SER A 82 -27.36 164.16 68.00
CA SER A 82 -27.31 165.43 68.72
C SER A 82 -28.71 166.03 68.80
N GLU A 83 -28.87 166.94 69.75
CA GLU A 83 -30.15 167.60 69.96
C GLU A 83 -29.99 168.81 70.88
N VAL A 84 -30.99 169.66 70.88
CA VAL A 84 -30.97 170.84 71.72
C VAL A 84 -31.02 170.43 73.19
N ALA A 85 -30.53 171.32 74.03
CA ALA A 85 -30.52 171.06 75.46
C ALA A 85 -29.46 169.99 75.77
N GLY A 86 -29.19 169.82 77.05
CA GLY A 86 -28.22 168.84 77.49
C GLY A 86 -28.82 167.43 77.50
N GLY A 87 -28.17 166.56 78.25
CA GLY A 87 -28.63 165.18 78.35
C GLY A 87 -29.40 164.96 79.66
N THR A 88 -29.48 163.70 80.05
CA THR A 88 -30.18 163.34 81.28
C THR A 88 -29.26 162.56 82.22
N GLN A 89 -29.64 162.55 83.49
CA GLN A 89 -28.86 161.85 84.49
C GLN A 89 -28.31 160.54 83.92
N PRO A 90 -27.01 160.58 83.50
CA PRO A 90 -26.36 159.42 82.94
C PRO A 90 -26.01 158.41 84.03
N ALA A 91 -25.91 157.15 83.62
CA ALA A 91 -25.58 156.08 84.55
C ALA A 91 -24.41 155.26 83.99
N ALA A 92 -23.58 154.78 84.90
CA ALA A 92 -22.42 153.99 84.51
C ALA A 92 -22.90 152.64 83.97
N GLY A 93 -21.99 151.96 83.27
CA GLY A 93 -22.31 150.67 82.70
C GLY A 93 -21.04 149.84 82.48
N ALA A 94 -21.16 148.84 81.63
CA ALA A 94 -20.04 147.97 81.32
C ALA A 94 -19.88 147.85 79.81
N GLN A 95 -18.82 147.17 79.41
CA GLN A 95 -18.54 146.97 77.99
C GLN A 95 -17.35 146.04 77.81
N GLU A 96 -17.19 145.56 76.58
CA GLU A 96 -16.10 144.66 76.26
C GLU A 96 -15.49 145.03 74.91
N PRO A 97 -14.17 144.74 74.77
CA PRO A 97 -13.45 145.02 73.54
C PRO A 97 -13.82 144.04 72.44
N GLY A 98 -13.40 144.37 71.22
CA GLY A 98 -13.68 143.52 70.08
C GLY A 98 -12.45 142.71 69.66
N GLU A 99 -12.46 142.27 68.42
CA GLU A 99 -11.35 141.49 67.88
C GLU A 99 -11.42 141.45 66.36
N THR A 100 -12.46 140.81 65.86
CA THR A 100 -12.65 140.68 64.42
C THR A 100 -11.41 140.09 63.77
N ALA A 101 -11.58 139.65 62.53
CA ALA A 101 -10.48 139.06 61.79
C ALA A 101 -10.59 139.47 60.32
N ALA A 102 -9.54 139.15 59.58
CA ALA A 102 -9.50 139.48 58.16
C ALA A 102 -8.40 138.66 57.48
N SER A 103 -8.76 138.09 56.34
CA SER A 103 -7.81 137.29 55.58
C SER A 103 -8.43 136.87 54.25
N GLU A 104 -7.57 136.44 53.34
CA GLU A 104 -8.02 136.02 52.02
C GLU A 104 -6.95 135.17 51.34
N ALA A 105 -7.38 134.36 50.38
CA ALA A 105 -6.47 133.50 49.66
C ALA A 105 -6.96 133.34 48.21
N ALA A 106 -8.15 132.78 48.09
CA ALA A 106 -8.76 132.57 46.78
C ALA A 106 -7.88 131.61 45.97
N SER A 107 -8.30 130.35 45.96
CA SER A 107 -7.56 129.33 45.24
C SER A 107 -8.53 128.32 44.63
N SER A 108 -8.01 127.51 43.72
CA SER A 108 -8.82 126.50 43.06
C SER A 108 -7.96 125.71 42.06
N SER A 109 -8.32 124.44 41.90
CA SER A 109 -7.60 123.58 40.99
C SER A 109 -8.34 122.25 40.83
N LEU A 110 -8.08 121.59 39.71
CA LEU A 110 -8.71 120.31 39.42
C LEU A 110 -8.08 119.71 38.17
N PRO A 111 -7.09 118.81 38.40
CA PRO A 111 -6.41 118.15 37.30
C PRO A 111 -7.29 117.07 36.68
N ALA A 112 -6.73 116.41 35.67
CA ALA A 112 -7.46 115.36 34.97
C ALA A 112 -6.46 114.38 34.35
N VAL A 113 -6.78 113.10 34.46
CA VAL A 113 -5.93 112.07 33.91
C VAL A 113 -6.64 110.71 34.02
N VAL A 114 -6.46 109.90 32.98
CA VAL A 114 -7.08 108.59 32.94
C VAL A 114 -6.11 107.60 32.27
N VAL A 115 -6.21 106.35 32.70
CA VAL A 115 -5.36 105.30 32.17
C VAL A 115 -6.07 103.95 32.30
N GLU A 116 -5.77 103.07 31.37
CA GLU A 116 -6.37 101.74 31.37
C GLU A 116 -5.56 100.79 30.49
N THR A 117 -4.57 100.16 31.10
CA THR A 117 -3.72 99.23 30.39
C THR A 117 -4.26 97.81 30.52
N PHE A 118 -4.73 97.27 29.40
CA PHE A 118 -5.27 95.93 29.38
C PHE A 118 -4.75 95.16 28.16
N PRO A 119 -3.63 94.43 28.38
CA PRO A 119 -3.03 93.64 27.31
C PRO A 119 -3.84 92.36 27.05
N ALA A 120 -3.39 91.62 26.06
CA ALA A 120 -4.06 90.38 25.70
C ALA A 120 -3.32 89.20 26.34
N THR A 121 -3.72 88.00 25.94
CA THR A 121 -3.09 86.79 26.46
C THR A 121 -3.00 85.73 25.37
N VAL A 122 -2.38 86.11 24.26
CA VAL A 122 -2.22 85.21 23.15
C VAL A 122 -0.94 84.38 23.33
N ASN A 123 -1.07 83.33 24.13
CA ASN A 123 0.06 82.47 24.40
C ASN A 123 -0.07 81.19 23.58
N GLY A 124 1.07 80.56 23.33
CA GLY A 124 1.10 79.33 22.56
C GLY A 124 0.33 78.22 23.26
N THR A 125 0.10 77.14 22.52
CA THR A 125 -0.63 76.00 23.07
C THR A 125 0.10 75.43 24.28
N VAL A 126 -0.53 74.46 24.91
CA VAL A 126 0.04 73.82 26.08
C VAL A 126 -0.19 72.30 25.99
N GLU A 127 0.74 71.57 26.59
CA GLU A 127 0.65 70.11 26.58
C GLU A 127 -0.60 69.65 27.34
N GLY A 128 -1.62 69.31 26.57
CA GLY A 128 -2.87 68.85 27.15
C GLY A 128 -3.95 69.93 27.00
N GLY A 129 -3.85 70.94 27.85
CA GLY A 129 -4.80 72.03 27.84
C GLY A 129 -6.16 71.58 28.40
N SER A 130 -6.81 72.49 29.09
CA SER A 130 -8.11 72.21 29.68
C SER A 130 -7.97 71.12 30.74
N GLY A 131 -7.63 71.55 31.95
CA GLY A 131 -7.47 70.63 33.06
C GLY A 131 -6.66 69.40 32.63
N ALA A 132 -5.34 69.55 32.69
CA ALA A 132 -4.45 68.47 32.32
C ALA A 132 -3.42 68.26 33.42
N GLY A 133 -2.70 67.15 33.32
CA GLY A 133 -1.67 66.83 34.30
C GLY A 133 -2.30 66.21 35.55
N ARG A 134 -1.53 66.21 36.62
CA ARG A 134 -1.99 65.65 37.89
C ARG A 134 -3.03 66.58 38.53
N LEU A 135 -3.47 66.19 39.71
CA LEU A 135 -4.46 66.97 40.43
C LEU A 135 -3.88 67.41 41.77
N ASP A 136 -3.15 66.50 42.39
CA ASP A 136 -2.53 66.77 43.68
C ASP A 136 -1.01 66.80 43.51
N LEU A 137 -0.37 67.55 44.40
CA LEU A 137 1.08 67.67 44.36
C LEU A 137 1.71 66.50 45.12
N PRO A 138 3.02 66.28 44.84
CA PRO A 138 3.74 65.19 45.47
C PRO A 138 4.08 65.54 46.93
N PRO A 139 3.84 64.55 47.83
CA PRO A 139 4.10 64.75 49.24
C PRO A 139 5.60 64.68 49.53
N GLY A 140 6.04 65.54 50.43
CA GLY A 140 7.45 65.59 50.81
C GLY A 140 8.22 66.54 49.89
N PHE A 141 7.68 66.75 48.71
CA PHE A 141 8.31 67.63 47.74
C PHE A 141 8.98 68.82 48.43
N MET A 142 9.99 69.36 47.76
CA MET A 142 10.72 70.49 48.30
C MET A 142 10.55 71.72 47.41
N PHE A 143 11.13 71.64 46.22
CA PHE A 143 11.05 72.74 45.27
C PHE A 143 11.38 72.26 43.85
N LYS A 144 11.25 73.18 42.91
CA LYS A 144 11.53 72.87 41.52
C LYS A 144 12.98 73.25 41.20
N VAL A 145 13.60 72.44 40.35
CA VAL A 145 14.97 72.68 39.95
C VAL A 145 15.06 72.74 38.43
N GLN A 146 16.18 73.25 37.95
CA GLN A 146 16.39 73.38 36.52
C GLN A 146 17.80 72.89 36.15
N ALA A 147 17.84 71.87 35.31
CA ALA A 147 19.10 71.30 34.87
C ALA A 147 19.88 72.36 34.08
N GLN A 148 21.19 72.17 34.03
CA GLN A 148 22.05 73.08 33.31
C GLN A 148 22.88 72.33 32.27
N HIS A 149 22.70 71.02 32.25
CA HIS A 149 23.42 70.17 31.32
C HIS A 149 22.55 68.96 30.95
N ASP A 150 23.03 68.23 29.95
CA ASP A 150 22.31 67.04 29.49
C ASP A 150 23.09 65.79 29.91
N TYR A 151 22.58 65.12 30.93
CA TYR A 151 23.21 63.91 31.42
C TYR A 151 22.30 62.70 31.21
N THR A 152 22.82 61.74 30.46
CA THR A 152 22.07 60.52 30.19
C THR A 152 22.25 59.50 31.32
N ALA A 153 21.15 59.23 32.00
CA ALA A 153 21.19 58.28 33.10
C ALA A 153 20.39 57.03 32.72
N THR A 154 21.11 55.91 32.65
CA THR A 154 20.49 54.65 32.30
C THR A 154 20.64 53.63 33.44
N ASP A 155 19.62 53.59 34.28
CA ASP A 155 19.62 52.67 35.41
C ASP A 155 18.21 52.10 35.61
N THR A 156 18.07 51.33 36.68
CA THR A 156 16.78 50.73 36.99
C THR A 156 15.86 51.75 37.65
N ASP A 157 16.44 52.85 38.07
CA ASP A 157 15.68 53.91 38.72
C ASP A 157 16.47 55.21 38.66
N GLU A 158 17.02 55.49 37.48
CA GLU A 158 17.80 56.69 37.28
C GLU A 158 16.91 57.83 36.77
N LEU A 159 17.48 59.03 36.73
CA LEU A 159 16.75 60.19 36.28
C LEU A 159 17.55 60.89 35.17
N GLN A 160 16.94 60.93 34.00
CA GLN A 160 17.58 61.56 32.85
C GLN A 160 17.33 63.07 32.86
N LEU A 161 18.41 63.82 32.75
CA LEU A 161 18.33 65.28 32.75
C LEU A 161 18.83 65.81 31.41
N LYS A 162 18.20 66.89 30.97
CA LYS A 162 18.58 67.51 29.71
C LYS A 162 18.83 69.00 29.93
N ALA A 163 19.97 69.46 29.42
CA ALA A 163 20.34 70.86 29.57
C ALA A 163 19.09 71.73 29.41
N GLY A 164 18.57 72.19 30.54
CA GLY A 164 17.39 73.03 30.54
C GLY A 164 16.13 72.20 30.83
N ASP A 165 16.26 71.30 31.79
CA ASP A 165 15.15 70.45 32.16
C ASP A 165 14.56 70.94 33.48
N VAL A 166 13.35 70.46 33.77
CA VAL A 166 12.67 70.85 34.99
C VAL A 166 12.46 69.60 35.86
N VAL A 167 13.06 69.63 37.04
CA VAL A 167 12.94 68.52 37.97
C VAL A 167 12.58 69.06 39.36
N LEU A 168 11.73 68.32 40.04
CA LEU A 168 11.30 68.71 41.38
C LEU A 168 12.04 67.87 42.41
N VAL A 169 12.57 68.57 43.42
CA VAL A 169 13.31 67.90 44.48
C VAL A 169 12.32 67.29 45.47
N ILE A 170 12.35 65.96 45.56
CA ILE A 170 11.47 65.26 46.47
C ILE A 170 12.30 64.39 47.40
N PRO A 171 11.74 64.12 48.62
CA PRO A 171 12.42 63.30 49.60
C PRO A 171 12.35 61.83 49.23
N PHE A 172 13.52 61.26 48.98
CA PHE A 172 13.61 59.86 48.62
C PHE A 172 13.05 58.96 49.72
N GLN A 173 13.24 57.66 49.53
CA GLN A 173 12.75 56.69 50.50
C GLN A 173 13.77 56.53 51.64
N ASN A 174 15.00 56.92 51.34
CA ASN A 174 16.07 56.81 52.33
C ASN A 174 17.32 57.49 51.78
N PRO A 175 18.12 58.08 52.72
CA PRO A 175 19.35 58.75 52.35
C PRO A 175 20.45 57.75 51.99
N GLU A 176 20.29 56.54 52.51
CA GLU A 176 21.25 55.49 52.26
C GLU A 176 21.18 55.05 50.78
N GLU A 177 20.02 55.27 50.19
CA GLU A 177 19.81 54.90 48.81
C GLU A 177 20.25 56.04 47.88
N GLN A 178 20.48 57.20 48.48
CA GLN A 178 20.90 58.36 47.73
C GLN A 178 22.42 58.36 47.55
N ASP A 179 22.85 58.80 46.37
CA ASP A 179 24.26 58.85 46.07
C ASP A 179 24.86 60.16 46.60
N GLU A 180 26.18 60.25 46.51
CA GLU A 180 26.87 61.44 46.98
C GLU A 180 26.90 62.51 45.89
N GLY A 181 26.12 63.56 46.11
CA GLY A 181 26.06 64.65 45.15
C GLY A 181 24.81 64.53 44.27
N TRP A 182 24.10 63.43 44.47
CA TRP A 182 22.89 63.17 43.69
C TRP A 182 21.73 63.00 44.67
N LEU A 183 20.58 63.53 44.28
CA LEU A 183 19.38 63.44 45.11
C LEU A 183 18.24 62.88 44.28
N MET A 184 17.16 62.54 44.97
CA MET A 184 15.99 62.00 44.31
C MET A 184 15.04 63.12 43.87
N GLY A 185 14.91 63.25 42.56
CA GLY A 185 14.04 64.27 41.99
C GLY A 185 13.15 63.70 40.88
N VAL A 186 12.16 64.48 40.50
CA VAL A 186 11.24 64.06 39.45
C VAL A 186 11.09 65.18 38.42
N LYS A 187 10.99 64.76 37.16
CA LYS A 187 10.85 65.72 36.08
C LYS A 187 9.43 66.28 36.08
N GLU A 188 9.27 67.43 35.42
CA GLU A 188 7.98 68.06 35.35
C GLU A 188 6.96 67.12 34.70
N SER A 189 7.41 66.44 33.67
CA SER A 189 6.55 65.50 32.96
C SER A 189 6.08 64.40 33.90
N ASP A 190 6.98 63.99 34.78
CA ASP A 190 6.67 62.95 35.74
C ASP A 190 5.62 63.47 36.72
N TRP A 191 5.69 64.77 36.98
CA TRP A 191 4.75 65.40 37.90
C TRP A 191 3.34 65.02 37.46
N ASN A 192 3.09 65.18 36.17
CA ASN A 192 1.78 64.86 35.61
C ASN A 192 1.44 63.41 35.95
N GLN A 193 2.48 62.62 36.16
CA GLN A 193 2.30 61.21 36.48
C GLN A 193 2.21 61.02 37.99
N HIS A 194 1.93 62.13 38.68
CA HIS A 194 1.82 62.10 40.13
C HIS A 194 0.96 60.90 40.55
N LYS A 195 0.14 60.44 39.61
CA LYS A 195 -0.73 59.32 39.87
C LYS A 195 0.11 58.11 40.29
N LYS A 196 1.32 58.06 39.76
CA LYS A 196 2.23 56.97 40.08
C LYS A 196 3.67 57.40 39.77
N LEU A 197 4.02 58.55 40.31
CA LEU A 197 5.36 59.10 40.12
C LEU A 197 6.37 58.23 40.87
N GLU A 198 5.91 57.65 41.97
CA GLU A 198 6.76 56.80 42.79
C GLU A 198 7.40 55.71 41.92
N LYS A 199 6.78 55.46 40.78
CA LYS A 199 7.27 54.44 39.86
C LYS A 199 8.05 55.12 38.73
N CYS A 200 8.27 56.42 38.91
CA CYS A 200 8.99 57.19 37.91
C CYS A 200 10.13 57.94 38.63
N ARG A 201 10.28 57.64 39.90
CA ARG A 201 11.32 58.27 40.71
C ARG A 201 12.70 57.97 40.12
N GLY A 202 13.63 58.88 40.38
CA GLY A 202 14.98 58.73 39.89
C GLY A 202 15.96 59.59 40.68
N VAL A 203 17.22 59.53 40.29
CA VAL A 203 18.26 60.29 40.96
C VAL A 203 18.97 61.18 39.94
N PHE A 204 19.55 62.26 40.44
CA PHE A 204 20.27 63.19 39.58
C PHE A 204 21.24 64.05 40.40
N PRO A 205 22.33 64.49 39.71
CA PRO A 205 23.33 65.32 40.35
C PRO A 205 22.82 66.75 40.53
N GLU A 206 22.75 67.18 41.78
CA GLU A 206 22.29 68.51 42.10
C GLU A 206 23.29 69.55 41.61
N ASN A 207 24.57 69.20 41.70
CA ASN A 207 25.63 70.09 41.27
C ASN A 207 25.49 70.35 39.76
N PHE A 208 24.97 69.35 39.06
CA PHE A 208 24.77 69.47 37.62
C PHE A 208 23.44 70.14 37.31
N THR A 209 22.72 70.51 38.37
CA THR A 209 21.44 71.16 38.21
C THR A 209 21.39 72.44 39.04
N GLU A 210 20.30 73.17 38.88
CA GLU A 210 20.12 74.42 39.60
C GLU A 210 18.73 74.46 40.25
N ARG A 211 18.63 75.21 41.34
CA ARG A 211 17.38 75.35 42.05
C ARG A 211 16.55 76.48 41.46
N VAL A 212 15.27 76.18 41.24
CA VAL A 212 14.36 77.17 40.68
C VAL A 212 13.50 77.76 41.79
N PRO A 213 13.63 79.10 41.96
CA PRO A 213 12.86 79.80 42.99
C PRO A 213 11.40 79.96 42.57
N ASP A 1 -14.21 -38.12 -16.16
CA ASP A 1 -14.63 -39.46 -16.53
C ASP A 1 -16.05 -39.70 -15.99
N GLY A 2 -17.02 -39.07 -16.63
CA GLY A 2 -18.40 -39.22 -16.23
C GLY A 2 -18.73 -38.30 -15.06
N SER A 3 -19.78 -37.50 -15.26
CA SER A 3 -20.22 -36.57 -14.23
C SER A 3 -21.37 -35.71 -14.75
N PRO A 4 -22.59 -35.99 -14.23
CA PRO A 4 -23.77 -35.26 -14.64
C PRO A 4 -23.79 -33.87 -14.01
N ALA A 5 -24.94 -33.22 -14.13
CA ALA A 5 -25.10 -31.88 -13.59
C ALA A 5 -26.50 -31.36 -13.92
N ALA A 6 -26.91 -30.34 -13.18
CA ALA A 6 -28.22 -29.75 -13.38
C ALA A 6 -28.32 -28.44 -12.60
N THR A 7 -29.36 -27.68 -12.90
CA THR A 7 -29.58 -26.42 -12.22
C THR A 7 -31.03 -25.97 -12.38
N PRO A 8 -31.83 -26.20 -11.30
CA PRO A 8 -33.24 -25.83 -11.31
C PRO A 8 -33.41 -24.32 -11.15
N GLU A 9 -34.66 -23.90 -11.06
CA GLU A 9 -34.97 -22.49 -10.91
C GLU A 9 -36.48 -22.29 -10.78
N ILE A 10 -36.85 -21.30 -9.97
CA ILE A 10 -38.25 -20.99 -9.75
C ILE A 10 -38.37 -19.67 -9.00
N ARG A 11 -39.10 -18.74 -9.61
CA ARG A 11 -39.30 -17.43 -9.01
C ARG A 11 -40.75 -16.98 -9.21
N VAL A 12 -41.42 -16.72 -8.09
CA VAL A 12 -42.79 -16.27 -8.13
C VAL A 12 -42.93 -14.97 -7.34
N ASN A 13 -44.03 -14.28 -7.59
CA ASN A 13 -44.29 -13.02 -6.90
C ASN A 13 -45.73 -12.57 -7.19
N HIS A 14 -46.20 -11.64 -6.37
CA HIS A 14 -47.54 -11.12 -6.53
C HIS A 14 -47.80 -10.04 -5.48
N GLU A 15 -48.99 -9.46 -5.55
CA GLU A 15 -49.37 -8.40 -4.63
C GLU A 15 -50.72 -7.81 -5.02
N PRO A 16 -51.72 -8.03 -4.13
CA PRO A 16 -53.07 -7.51 -4.38
C PRO A 16 -53.13 -6.00 -4.15
N GLU A 17 -54.35 -5.48 -4.18
CA GLU A 17 -54.55 -4.06 -3.96
C GLU A 17 -56.06 -3.75 -3.92
N PRO A 18 -56.61 -3.75 -2.67
CA PRO A 18 -58.02 -3.48 -2.47
C PRO A 18 -58.30 -1.98 -2.63
N ALA A 19 -59.56 -1.62 -2.39
CA ALA A 19 -59.98 -0.23 -2.50
C ALA A 19 -61.47 -0.14 -2.20
N GLY A 20 -61.91 1.10 -2.00
CA GLY A 20 -63.32 1.35 -1.70
C GLY A 20 -63.51 2.73 -1.08
N GLY A 21 -64.77 3.14 -0.98
CA GLY A 21 -65.09 4.42 -0.40
C GLY A 21 -66.54 4.82 -0.72
N ALA A 22 -67.08 5.70 0.12
CA ALA A 22 -68.45 6.16 -0.06
C ALA A 22 -68.69 7.36 0.85
N THR A 23 -69.89 7.92 0.71
CA THR A 23 -70.27 9.08 1.51
C THR A 23 -71.70 9.50 1.20
N PRO A 24 -72.61 9.19 2.16
CA PRO A 24 -74.01 9.52 2.01
C PRO A 24 -74.24 11.01 2.23
N GLY A 25 -75.51 11.36 2.45
CA GLY A 25 -75.88 12.75 2.67
C GLY A 25 -77.21 12.85 3.41
N ALA A 26 -77.81 14.02 3.32
CA ALA A 26 -79.09 14.26 3.97
C ALA A 26 -79.55 15.69 3.67
N THR A 27 -80.85 15.90 3.78
CA THR A 27 -81.44 17.20 3.52
C THR A 27 -82.77 17.34 4.24
N LEU A 28 -82.94 18.49 4.88
CA LEU A 28 -84.18 18.77 5.60
C LEU A 28 -84.46 20.28 5.57
N PRO A 29 -85.44 20.65 4.71
CA PRO A 29 -85.82 22.04 4.57
C PRO A 29 -86.64 22.51 5.77
N LYS A 30 -87.31 23.64 5.58
CA LYS A 30 -88.15 24.20 6.63
C LYS A 30 -89.19 25.13 6.02
N SER A 31 -90.35 25.18 6.65
CA SER A 31 -91.44 26.02 6.17
C SER A 31 -91.84 27.01 7.26
N PRO A 32 -91.49 28.30 7.02
CA PRO A 32 -91.81 29.36 7.98
C PRO A 32 -93.30 29.71 7.92
N SER A 33 -93.79 30.26 9.02
CA SER A 33 -95.18 30.65 9.11
C SER A 33 -95.30 32.03 9.75
N GLN A 34 -95.08 33.05 8.93
CA GLN A 34 -95.15 34.42 9.40
C GLN A 34 -96.50 35.04 9.03
N LEU A 35 -96.84 36.10 9.72
CA LEU A 35 -98.10 36.79 9.49
C LEU A 35 -99.26 35.87 9.88
N ARG A 36 -99.64 35.96 11.15
CA ARG A 36 -100.73 35.14 11.66
C ARG A 36 -102.00 35.98 11.78
N LYS A 37 -103.13 35.29 11.64
CA LYS A 37 -104.43 35.96 11.73
C LYS A 37 -105.37 35.10 12.57
N GLY A 38 -106.47 35.73 12.99
CA GLY A 38 -107.46 35.04 13.79
C GLY A 38 -108.84 35.69 13.62
N PRO A 39 -109.84 35.11 14.36
CA PRO A 39 -111.19 35.62 14.30
C PRO A 39 -111.33 36.93 15.07
N PRO A 40 -112.30 37.76 14.62
CA PRO A 40 -112.54 39.04 15.26
C PRO A 40 -113.28 38.87 16.59
N VAL A 41 -113.19 39.89 17.42
CA VAL A 41 -113.83 39.86 18.73
C VAL A 41 -115.01 40.84 18.73
N PRO A 42 -116.23 40.28 18.84
CA PRO A 42 -117.44 41.09 18.86
C PRO A 42 -117.61 41.79 20.20
N PRO A 43 -118.13 43.04 20.15
CA PRO A 43 -118.34 43.83 21.35
C PRO A 43 -119.56 43.32 22.13
N PRO A 44 -119.47 43.42 23.47
CA PRO A 44 -120.56 42.97 24.33
C PRO A 44 -121.72 43.98 24.30
N PRO A 45 -122.84 43.58 24.96
CA PRO A 45 -124.01 44.42 25.02
C PRO A 45 -123.81 45.58 26.00
N LYS A 46 -124.91 46.26 26.30
CA LYS A 46 -124.86 47.38 27.22
C LYS A 46 -123.99 47.03 28.43
N HIS A 47 -123.03 47.88 28.71
CA HIS A 47 -122.12 47.65 29.83
C HIS A 47 -121.43 48.97 30.19
N THR A 48 -122.19 49.85 30.82
CA THR A 48 -121.67 51.14 31.23
C THR A 48 -121.81 51.32 32.74
N PRO A 49 -120.71 50.96 33.46
CA PRO A 49 -120.71 51.07 34.91
C PRO A 49 -120.56 52.53 35.34
N SER A 50 -119.75 53.27 34.58
CA SER A 50 -119.51 54.66 34.87
C SER A 50 -118.76 54.80 36.20
N LYS A 51 -118.85 55.99 36.78
CA LYS A 51 -118.19 56.26 38.04
C LYS A 51 -116.70 56.51 37.79
N GLU A 52 -116.20 57.57 38.42
CA GLU A 52 -114.79 57.93 38.27
C GLU A 52 -114.27 58.56 39.55
N VAL A 53 -113.11 58.09 39.98
CA VAL A 53 -112.48 58.61 41.19
C VAL A 53 -111.82 59.95 40.88
N LYS A 54 -111.64 60.74 41.94
CA LYS A 54 -111.01 62.04 41.80
C LYS A 54 -109.90 62.18 42.84
N GLN A 55 -109.40 63.40 42.96
CA GLN A 55 -108.33 63.68 43.90
C GLN A 55 -108.45 65.11 44.44
N GLU A 56 -107.39 65.56 45.08
CA GLU A 56 -107.37 66.90 45.65
C GLU A 56 -105.93 67.35 45.90
N GLN A 57 -105.79 68.46 46.61
CA GLN A 57 -104.49 69.00 46.91
C GLN A 57 -104.56 69.88 48.16
N ILE A 58 -103.43 69.98 48.84
CA ILE A 58 -103.33 70.78 50.05
C ILE A 58 -102.27 71.85 49.87
N LEU A 59 -101.83 72.40 51.00
CA LEU A 59 -100.80 73.43 50.98
C LEU A 59 -100.11 73.48 52.35
N SER A 60 -99.29 74.50 52.52
CA SER A 60 -98.55 74.67 53.76
C SER A 60 -97.78 75.99 53.74
N LEU A 61 -98.15 76.87 54.66
CA LEU A 61 -97.51 78.17 54.75
C LEU A 61 -96.21 78.04 55.56
N PHE A 62 -95.52 79.16 55.71
CA PHE A 62 -94.28 79.17 56.46
C PHE A 62 -94.00 80.58 57.01
N GLU A 63 -93.34 80.60 58.16
CA GLU A 63 -92.99 81.86 58.80
C GLU A 63 -91.67 81.73 59.54
N ASP A 64 -91.15 82.88 59.97
CA ASP A 64 -89.89 82.91 60.69
C ASP A 64 -89.62 84.33 61.17
N THR A 65 -89.10 84.42 62.39
CA THR A 65 -88.79 85.72 62.98
C THR A 65 -87.42 85.67 63.65
N PHE A 66 -86.78 86.84 63.69
CA PHE A 66 -85.47 86.95 64.29
C PHE A 66 -85.29 88.32 64.95
N VAL A 67 -84.31 88.38 65.85
CA VAL A 67 -84.03 89.62 66.56
C VAL A 67 -82.57 89.61 67.03
N PRO A 68 -81.77 90.55 66.47
CA PRO A 68 -80.37 90.66 66.82
C PRO A 68 -80.21 91.29 68.20
N GLU A 69 -78.95 91.48 68.59
CA GLU A 69 -78.65 92.08 69.88
C GLU A 69 -77.13 92.18 70.06
N ILE A 70 -76.72 93.20 70.82
CA ILE A 70 -75.32 93.41 71.08
C ILE A 70 -75.16 94.48 72.17
N SER A 71 -74.13 94.32 72.97
CA SER A 71 -73.87 95.26 74.06
C SER A 71 -72.59 94.85 74.81
N VAL A 72 -71.70 95.80 74.96
CA VAL A 72 -70.45 95.55 75.67
C VAL A 72 -69.88 96.87 76.18
N THR A 73 -69.04 96.77 77.20
CA THR A 73 -68.43 97.95 77.78
C THR A 73 -67.20 97.55 78.61
N THR A 74 -66.16 98.36 78.50
CA THR A 74 -64.93 98.10 79.23
C THR A 74 -64.06 99.37 79.27
N PRO A 75 -63.88 99.90 80.50
CA PRO A 75 -63.09 101.10 80.68
C PRO A 75 -61.60 100.79 80.58
N SER A 76 -60.79 101.70 81.08
CA SER A 76 -59.35 101.54 81.04
C SER A 76 -58.67 102.72 81.76
N GLN A 77 -57.42 102.48 82.15
CA GLN A 77 -56.65 103.51 82.83
C GLN A 77 -55.21 103.03 83.06
N PRO A 78 -54.35 103.33 82.05
CA PRO A 78 -52.96 102.94 82.12
C PRO A 78 -52.18 103.84 83.09
N ALA A 79 -50.92 103.52 83.27
CA ALA A 79 -50.06 104.28 84.16
C ALA A 79 -48.63 103.74 84.10
N GLU A 80 -47.70 104.54 84.57
CA GLU A 80 -46.30 104.14 84.58
C GLU A 80 -45.45 105.24 85.23
N ALA A 81 -44.17 104.92 85.40
CA ALA A 81 -43.24 105.86 86.00
C ALA A 81 -41.82 105.30 85.90
N SER A 82 -40.86 106.11 86.34
CA SER A 82 -39.47 105.71 86.31
C SER A 82 -38.59 106.83 86.85
N GLU A 83 -37.32 106.51 87.03
CA GLU A 83 -36.36 107.48 87.55
C GLU A 83 -34.99 107.26 86.92
N VAL A 84 -34.06 108.15 87.25
CA VAL A 84 -32.72 108.06 86.74
C VAL A 84 -31.72 108.02 87.90
N ALA A 85 -30.58 107.39 87.64
CA ALA A 85 -29.54 107.28 88.66
C ALA A 85 -28.33 106.57 88.06
N GLY A 86 -27.18 106.82 88.68
CA GLY A 86 -25.94 106.22 88.22
C GLY A 86 -24.73 106.96 88.77
N GLY A 87 -23.57 106.35 88.61
CA GLY A 87 -22.33 106.94 89.08
C GLY A 87 -21.27 105.87 89.36
N THR A 88 -20.54 106.07 90.43
CA THR A 88 -19.49 105.14 90.82
C THR A 88 -18.70 104.69 89.59
N GLN A 89 -17.63 105.42 89.32
CA GLN A 89 -16.77 105.11 88.18
C GLN A 89 -15.85 103.94 88.53
N PRO A 90 -16.02 102.83 87.77
CA PRO A 90 -15.21 101.64 87.98
C PRO A 90 -13.80 101.84 87.42
N ALA A 91 -13.74 102.01 86.10
CA ALA A 91 -12.46 102.20 85.43
C ALA A 91 -11.57 100.98 85.65
N ALA A 92 -11.52 100.14 84.63
CA ALA A 92 -10.72 98.93 84.69
C ALA A 92 -9.70 98.93 83.55
N GLY A 93 -8.84 97.94 83.58
CA GLY A 93 -7.81 97.80 82.55
C GLY A 93 -6.52 97.24 83.14
N ALA A 94 -5.41 97.82 82.70
CA ALA A 94 -4.10 97.38 83.16
C ALA A 94 -3.88 95.92 82.75
N GLN A 95 -3.80 95.71 81.45
CA GLN A 95 -3.59 94.38 80.90
C GLN A 95 -4.77 93.47 81.27
N GLU A 96 -5.28 92.79 80.25
CA GLU A 96 -6.40 91.88 80.45
C GLU A 96 -7.58 92.64 81.08
N PRO A 97 -8.50 93.09 80.18
CA PRO A 97 -9.68 93.82 80.64
C PRO A 97 -10.71 92.88 81.27
N GLY A 98 -11.75 93.47 81.83
CA GLY A 98 -12.79 92.70 82.47
C GLY A 98 -14.16 92.99 81.84
N GLU A 99 -15.00 93.65 82.61
CA GLU A 99 -16.33 94.00 82.13
C GLU A 99 -17.16 92.73 81.91
N THR A 100 -18.39 92.77 82.41
CA THR A 100 -19.28 91.64 82.26
C THR A 100 -20.64 92.10 81.72
N ALA A 101 -21.27 91.20 80.97
CA ALA A 101 -22.57 91.50 80.39
C ALA A 101 -23.37 90.20 80.24
N ALA A 102 -24.66 90.31 80.54
CA ALA A 102 -25.54 89.16 80.43
C ALA A 102 -26.78 89.54 79.63
N SER A 103 -27.56 90.46 80.21
CA SER A 103 -28.77 90.91 79.56
C SER A 103 -29.81 89.79 79.55
N GLU A 104 -31.07 90.19 79.64
CA GLU A 104 -32.16 89.23 79.63
C GLU A 104 -33.50 89.95 79.67
N ALA A 105 -34.34 89.64 78.69
CA ALA A 105 -35.65 90.25 78.59
C ALA A 105 -36.42 89.61 77.43
N ALA A 106 -35.87 89.78 76.25
CA ALA A 106 -36.50 89.22 75.05
C ALA A 106 -36.92 87.78 75.32
N SER A 107 -38.18 87.50 75.01
CA SER A 107 -38.72 86.17 75.21
C SER A 107 -40.20 86.14 74.82
N SER A 108 -40.59 85.05 74.18
CA SER A 108 -41.96 84.88 73.74
C SER A 108 -42.31 83.39 73.67
N SER A 109 -43.60 83.11 73.78
CA SER A 109 -44.08 81.74 73.73
C SER A 109 -45.15 81.59 72.64
N LEU A 110 -46.25 82.30 72.85
CA LEU A 110 -47.35 82.26 71.90
C LEU A 110 -47.99 80.87 71.92
N PRO A 111 -49.35 80.87 72.00
CA PRO A 111 -50.09 79.62 72.04
C PRO A 111 -50.15 78.98 70.65
N ALA A 112 -50.74 77.80 70.60
CA ALA A 112 -50.86 77.07 69.36
C ALA A 112 -52.14 76.23 69.37
N VAL A 113 -53.21 76.84 68.86
CA VAL A 113 -54.49 76.17 68.81
C VAL A 113 -54.76 75.67 67.38
N VAL A 114 -55.07 76.62 66.52
CA VAL A 114 -55.35 76.30 65.12
C VAL A 114 -56.68 75.55 65.04
N VAL A 115 -57.56 76.08 64.20
CA VAL A 115 -58.87 75.47 64.01
C VAL A 115 -59.32 75.66 62.56
N GLU A 116 -59.64 74.54 61.92
CA GLU A 116 -60.08 74.58 60.54
C GLU A 116 -60.48 73.18 60.07
N THR A 117 -61.38 73.14 59.10
CA THR A 117 -61.85 71.88 58.57
C THR A 117 -62.13 72.01 57.07
N PHE A 118 -61.87 70.91 56.36
CA PHE A 118 -62.08 70.88 54.93
C PHE A 118 -63.17 69.89 54.55
N PRO A 119 -64.42 70.42 54.43
CA PRO A 119 -65.57 69.59 54.07
C PRO A 119 -65.54 69.23 52.59
N ALA A 120 -64.48 68.53 52.20
CA ALA A 120 -64.32 68.11 50.82
C ALA A 120 -65.35 67.02 50.49
N THR A 121 -65.70 66.94 49.22
CA THR A 121 -66.67 65.96 48.78
C THR A 121 -66.68 65.88 47.25
N VAL A 122 -66.92 64.67 46.74
CA VAL A 122 -66.96 64.44 45.31
C VAL A 122 -68.21 65.12 44.73
N ASN A 123 -68.05 65.64 43.53
CA ASN A 123 -69.15 66.31 42.85
C ASN A 123 -69.26 65.78 41.42
N GLY A 124 -70.48 65.49 41.02
CA GLY A 124 -70.74 64.98 39.68
C GLY A 124 -72.24 64.97 39.38
N THR A 125 -72.57 65.61 38.27
CA THR A 125 -73.97 65.69 37.84
C THR A 125 -74.21 64.79 36.62
N VAL A 126 -73.19 64.71 35.78
CA VAL A 126 -73.28 63.90 34.57
C VAL A 126 -74.35 64.47 33.65
N GLU A 127 -75.60 64.16 33.99
CA GLU A 127 -76.72 64.63 33.20
C GLU A 127 -76.68 64.02 31.80
N GLY A 128 -77.53 63.02 31.61
CA GLY A 128 -77.60 62.35 30.32
C GLY A 128 -79.05 62.03 29.94
N GLY A 129 -79.35 62.24 28.67
CA GLY A 129 -80.70 61.99 28.18
C GLY A 129 -81.52 63.27 28.13
N SER A 130 -81.84 63.70 26.91
CA SER A 130 -82.61 64.90 26.73
C SER A 130 -83.69 64.66 25.67
N GLY A 131 -84.91 65.11 25.99
CA GLY A 131 -86.03 64.94 25.09
C GLY A 131 -86.21 63.48 24.70
N ALA A 132 -87.23 62.87 25.29
CA ALA A 132 -87.53 61.48 25.02
C ALA A 132 -88.84 61.39 24.24
N GLY A 133 -88.71 61.40 22.92
CA GLY A 133 -89.87 61.31 22.05
C GLY A 133 -89.52 61.76 20.63
N ARG A 134 -90.48 61.60 19.74
CA ARG A 134 -90.29 61.97 18.35
C ARG A 134 -90.35 63.50 18.20
N LEU A 135 -90.23 63.94 16.96
CA LEU A 135 -90.27 65.37 16.66
C LEU A 135 -91.45 65.66 15.73
N ASP A 136 -91.63 64.77 14.77
CA ASP A 136 -92.72 64.92 13.81
C ASP A 136 -93.75 63.81 14.04
N LEU A 137 -94.97 64.09 13.62
CA LEU A 137 -96.05 63.13 13.77
C LEU A 137 -96.02 62.15 12.61
N PRO A 138 -96.70 60.98 12.82
CA PRO A 138 -96.74 59.95 11.79
C PRO A 138 -97.69 60.35 10.67
N PRO A 139 -97.21 60.14 9.41
CA PRO A 139 -97.99 60.47 8.24
C PRO A 139 -99.10 59.44 8.01
N GLY A 140 -100.27 59.93 7.64
CA GLY A 140 -101.41 59.06 7.40
C GLY A 140 -102.22 58.85 8.67
N PHE A 141 -101.55 59.01 9.80
CA PHE A 141 -102.19 58.84 11.08
C PHE A 141 -103.63 59.33 11.05
N MET A 142 -104.46 58.72 11.89
CA MET A 142 -105.87 59.08 11.95
C MET A 142 -106.20 59.73 13.30
N PHE A 143 -106.14 58.92 14.35
CA PHE A 143 -106.43 59.39 15.69
C PHE A 143 -105.84 58.46 16.75
N LYS A 144 -106.03 58.85 18.00
CA LYS A 144 -105.54 58.05 19.11
C LYS A 144 -106.66 57.15 19.63
N VAL A 145 -106.27 55.96 20.07
CA VAL A 145 -107.22 55.01 20.60
C VAL A 145 -106.77 54.54 21.98
N GLN A 146 -107.68 53.88 22.68
CA GLN A 146 -107.39 53.37 24.01
C GLN A 146 -107.88 51.93 24.15
N ALA A 147 -106.95 51.04 24.46
CA ALA A 147 -107.27 49.64 24.63
C ALA A 147 -108.20 49.48 25.85
N GLN A 148 -108.98 48.41 25.82
CA GLN A 148 -109.90 48.13 26.90
C GLN A 148 -109.62 46.75 27.49
N HIS A 149 -108.67 46.06 26.88
CA HIS A 149 -108.30 44.73 27.33
C HIS A 149 -106.81 44.49 27.04
N ASP A 150 -106.31 43.39 27.58
CA ASP A 150 -104.91 43.04 27.40
C ASP A 150 -104.82 41.85 26.43
N TYR A 151 -104.49 42.16 25.20
CA TYR A 151 -104.36 41.13 24.17
C TYR A 151 -102.91 41.00 23.70
N THR A 152 -102.31 39.88 24.06
CA THR A 152 -100.93 39.61 23.69
C THR A 152 -100.85 39.22 22.20
N ALA A 153 -100.16 40.05 21.44
CA ALA A 153 -100.01 39.79 20.02
C ALA A 153 -98.54 39.49 19.72
N THR A 154 -98.29 38.24 19.32
CA THR A 154 -96.94 37.81 19.01
C THR A 154 -96.86 37.33 17.56
N ASP A 155 -96.51 38.26 16.68
CA ASP A 155 -96.39 37.94 15.27
C ASP A 155 -95.19 38.70 14.68
N THR A 156 -94.95 38.46 13.41
CA THR A 156 -93.85 39.11 12.71
C THR A 156 -94.14 40.60 12.51
N ASP A 157 -95.35 40.98 12.89
CA ASP A 157 -95.76 42.37 12.76
C ASP A 157 -97.07 42.58 13.50
N GLU A 158 -97.13 42.02 14.70
CA GLU A 158 -98.33 42.15 15.53
C GLU A 158 -98.22 43.36 16.45
N LEU A 159 -99.34 43.71 17.06
CA LEU A 159 -99.38 44.84 17.97
C LEU A 159 -99.93 44.39 19.32
N GLN A 160 -99.10 44.57 20.35
CA GLN A 160 -99.49 44.19 21.69
C GLN A 160 -100.27 45.32 22.36
N LEU A 161 -101.36 44.93 23.01
CA LEU A 161 -102.21 45.89 23.68
C LEU A 161 -102.45 45.43 25.12
N LYS A 162 -102.51 46.40 26.02
CA LYS A 162 -102.74 46.10 27.43
C LYS A 162 -103.96 46.89 27.92
N ALA A 163 -104.82 46.18 28.63
CA ALA A 163 -106.03 46.79 29.16
C ALA A 163 -105.70 48.20 29.66
N GLY A 164 -105.99 49.17 28.83
CA GLY A 164 -105.74 50.57 29.17
C GLY A 164 -104.44 51.06 28.53
N ASP A 165 -104.30 50.76 27.25
CA ASP A 165 -103.13 51.17 26.51
C ASP A 165 -103.50 52.28 25.51
N VAL A 166 -102.48 52.90 24.96
CA VAL A 166 -102.69 53.97 24.00
C VAL A 166 -102.12 53.57 22.64
N VAL A 167 -102.98 53.58 21.64
CA VAL A 167 -102.59 53.21 20.29
C VAL A 167 -103.15 54.24 19.30
N LEU A 168 -102.34 54.53 18.28
CA LEU A 168 -102.75 55.49 17.27
C LEU A 168 -103.12 54.73 15.99
N VAL A 169 -104.27 55.11 15.43
CA VAL A 169 -104.76 54.48 14.22
C VAL A 169 -104.04 55.09 13.01
N ILE A 170 -103.26 54.27 12.35
CA ILE A 170 -102.51 54.71 11.18
C ILE A 170 -102.89 53.85 9.97
N PRO A 171 -102.75 54.45 8.77
CA PRO A 171 -103.08 53.75 7.54
C PRO A 171 -101.99 52.74 7.18
N PHE A 172 -102.39 51.47 7.17
CA PHE A 172 -101.47 50.40 6.86
C PHE A 172 -100.84 50.60 5.48
N GLN A 173 -99.99 49.65 5.11
CA GLN A 173 -99.32 49.72 3.82
C GLN A 173 -100.18 49.08 2.73
N ASN A 174 -101.35 48.61 3.15
CA ASN A 174 -102.27 47.98 2.22
C ASN A 174 -103.42 47.35 3.00
N PRO A 175 -104.62 47.35 2.37
CA PRO A 175 -105.80 46.79 3.00
C PRO A 175 -105.76 45.26 2.98
N GLU A 176 -104.88 44.74 2.14
CA GLU A 176 -104.73 43.30 2.02
C GLU A 176 -104.03 42.73 3.26
N GLU A 177 -103.33 43.60 3.95
CA GLU A 177 -102.61 43.20 5.15
C GLU A 177 -103.51 43.37 6.38
N GLN A 178 -104.62 44.05 6.18
CA GLN A 178 -105.56 44.29 7.25
C GLN A 178 -106.50 43.09 7.41
N ASP A 179 -106.87 42.83 8.66
CA ASP A 179 -107.75 41.71 8.95
C ASP A 179 -109.14 42.25 9.28
N GLU A 180 -110.11 41.35 9.27
CA GLU A 180 -111.49 41.72 9.56
C GLU A 180 -111.67 41.95 11.07
N GLY A 181 -111.82 43.21 11.43
CA GLY A 181 -112.00 43.57 12.83
C GLY A 181 -110.69 44.09 13.43
N TRP A 182 -109.62 43.92 12.68
CA TRP A 182 -108.32 44.37 13.12
C TRP A 182 -107.80 45.40 12.11
N LEU A 183 -106.98 46.31 12.61
CA LEU A 183 -106.43 47.36 11.75
C LEU A 183 -104.96 47.62 12.17
N MET A 184 -104.29 48.42 11.37
CA MET A 184 -102.91 48.75 11.63
C MET A 184 -102.80 50.00 12.53
N GLY A 185 -102.28 49.79 13.72
CA GLY A 185 -102.13 50.88 14.68
C GLY A 185 -100.75 50.84 15.33
N VAL A 186 -100.44 51.91 16.04
CA VAL A 186 -99.15 52.02 16.72
C VAL A 186 -99.38 52.51 18.15
N LYS A 187 -98.54 52.00 19.05
CA LYS A 187 -98.64 52.37 20.44
C LYS A 187 -98.00 53.75 20.64
N GLU A 188 -98.37 54.38 21.75
CA GLU A 188 -97.86 55.69 22.08
C GLU A 188 -96.33 55.66 22.16
N SER A 189 -95.83 54.62 22.81
CA SER A 189 -94.40 54.45 22.96
C SER A 189 -93.73 54.39 21.59
N ASP A 190 -94.40 53.71 20.67
CA ASP A 190 -93.88 53.57 19.32
C ASP A 190 -93.86 54.94 18.64
N TRP A 191 -94.81 55.78 19.03
CA TRP A 191 -94.91 57.11 18.47
C TRP A 191 -93.53 57.77 18.56
N ASN A 192 -92.94 57.66 19.74
CA ASN A 192 -91.62 58.23 19.98
C ASN A 192 -90.63 57.68 18.96
N GLN A 193 -90.95 56.48 18.46
CA GLN A 193 -90.11 55.83 17.48
C GLN A 193 -90.50 56.27 16.06
N HIS A 194 -91.25 57.36 16.00
CA HIS A 194 -91.69 57.89 14.72
C HIS A 194 -90.52 57.89 13.74
N LYS A 195 -89.32 57.91 14.29
CA LYS A 195 -88.12 57.92 13.47
C LYS A 195 -88.11 56.68 12.57
N LYS A 196 -88.60 55.57 13.14
CA LYS A 196 -88.64 54.32 12.40
C LYS A 196 -89.80 53.47 12.94
N LEU A 197 -90.92 54.14 13.18
CA LEU A 197 -92.10 53.47 13.69
C LEU A 197 -92.67 52.56 12.60
N GLU A 198 -92.47 52.98 11.36
CA GLU A 198 -92.96 52.21 10.23
C GLU A 198 -92.44 50.77 10.28
N LYS A 199 -91.39 50.60 11.07
CA LYS A 199 -90.79 49.28 11.22
C LYS A 199 -91.23 48.67 12.55
N CYS A 200 -92.16 49.36 13.19
CA CYS A 200 -92.68 48.89 14.47
C CYS A 200 -94.19 48.76 14.35
N ARG A 201 -94.69 49.01 13.15
CA ARG A 201 -96.12 48.92 12.89
C ARG A 201 -96.63 47.53 13.22
N GLY A 202 -97.93 47.47 13.54
CA GLY A 202 -98.55 46.20 13.88
C GLY A 202 -100.06 46.28 13.69
N VAL A 203 -100.72 45.16 13.98
CA VAL A 203 -102.16 45.08 13.85
C VAL A 203 -102.79 44.87 15.23
N PHE A 204 -104.05 45.25 15.34
CA PHE A 204 -104.78 45.10 16.59
C PHE A 204 -106.29 45.15 16.37
N PRO A 205 -107.03 44.42 17.24
CA PRO A 205 -108.47 44.37 17.14
C PRO A 205 -109.10 45.68 17.66
N GLU A 206 -109.82 46.34 16.77
CA GLU A 206 -110.47 47.59 17.11
C GLU A 206 -111.58 47.34 18.14
N ASN A 207 -112.27 46.23 17.95
CA ASN A 207 -113.36 45.86 18.84
C ASN A 207 -112.82 45.70 20.26
N PHE A 208 -111.55 45.32 20.34
CA PHE A 208 -110.91 45.14 21.62
C PHE A 208 -110.30 46.45 22.13
N THR A 209 -110.51 47.50 21.36
CA THR A 209 -109.99 48.80 21.72
C THR A 209 -111.09 49.87 21.62
N GLU A 210 -110.75 51.07 22.06
CA GLU A 210 -111.69 52.17 22.03
C GLU A 210 -111.04 53.42 21.42
N ARG A 211 -111.88 54.29 20.89
CA ARG A 211 -111.40 55.52 20.29
C ARG A 211 -111.29 56.62 21.34
N VAL A 212 -110.17 57.33 21.29
CA VAL A 212 -109.94 58.42 22.23
C VAL A 212 -110.16 59.75 21.53
N PRO A 213 -111.16 60.53 22.03
CA PRO A 213 -111.47 61.82 21.45
C PRO A 213 -110.42 62.87 21.86
N ASP A 1 -14.21 -38.12 -16.16
CA ASP A 1 -14.63 -39.46 -16.53
C ASP A 1 -16.08 -39.41 -17.04
N GLY A 2 -16.21 -39.02 -18.31
CA GLY A 2 -17.51 -38.92 -18.93
C GLY A 2 -17.57 -37.74 -19.90
N SER A 3 -17.52 -36.55 -19.33
CA SER A 3 -17.57 -35.34 -20.13
C SER A 3 -17.53 -34.11 -19.22
N PRO A 4 -16.39 -33.36 -19.32
CA PRO A 4 -16.21 -32.17 -18.52
C PRO A 4 -17.05 -31.02 -19.05
N ALA A 5 -16.84 -29.84 -18.48
CA ALA A 5 -17.57 -28.66 -18.88
C ALA A 5 -16.81 -27.41 -18.42
N ALA A 6 -17.37 -26.26 -18.76
CA ALA A 6 -16.76 -24.99 -18.38
C ALA A 6 -17.75 -23.86 -18.63
N THR A 7 -17.35 -22.66 -18.24
CA THR A 7 -18.20 -21.49 -18.41
C THR A 7 -17.44 -20.23 -18.01
N PRO A 8 -16.84 -19.55 -19.04
CA PRO A 8 -16.09 -18.33 -18.80
C PRO A 8 -17.03 -17.16 -18.53
N GLU A 9 -16.43 -15.98 -18.40
CA GLU A 9 -17.19 -14.78 -18.14
C GLU A 9 -16.29 -13.54 -18.26
N ILE A 10 -16.93 -12.39 -18.38
CA ILE A 10 -16.21 -11.14 -18.49
C ILE A 10 -17.16 -9.97 -18.22
N ARG A 11 -16.58 -8.78 -18.13
CA ARG A 11 -17.37 -7.59 -17.87
C ARG A 11 -16.49 -6.34 -18.01
N VAL A 12 -17.16 -5.21 -18.19
CA VAL A 12 -16.45 -3.95 -18.33
C VAL A 12 -17.47 -2.81 -18.40
N ASN A 13 -17.19 -1.76 -17.65
CA ASN A 13 -18.06 -0.60 -17.61
C ASN A 13 -17.22 0.67 -17.53
N HIS A 14 -17.81 1.76 -18.01
CA HIS A 14 -17.13 3.05 -18.00
C HIS A 14 -18.16 4.18 -18.07
N GLU A 15 -17.79 5.30 -17.48
CA GLU A 15 -18.67 6.46 -17.46
C GLU A 15 -17.84 7.75 -17.39
N PRO A 16 -18.05 8.62 -18.42
CA PRO A 16 -17.33 9.88 -18.48
C PRO A 16 -17.90 10.89 -17.48
N GLU A 17 -17.41 12.11 -17.57
CA GLU A 17 -17.87 13.17 -16.68
C GLU A 17 -17.35 14.53 -17.16
N PRO A 18 -18.24 15.24 -17.92
CA PRO A 18 -17.89 16.55 -18.45
C PRO A 18 -17.92 17.60 -17.34
N ALA A 19 -17.82 18.86 -17.77
CA ALA A 19 -17.84 19.97 -16.83
C ALA A 19 -17.74 21.29 -17.61
N GLY A 20 -17.79 22.38 -16.86
CA GLY A 20 -17.70 23.70 -17.47
C GLY A 20 -17.99 24.80 -16.43
N GLY A 21 -17.85 26.03 -16.88
CA GLY A 21 -18.08 27.17 -16.01
C GLY A 21 -17.63 28.47 -16.67
N ALA A 22 -18.20 29.57 -16.20
CA ALA A 22 -17.87 30.88 -16.73
C ALA A 22 -18.31 31.96 -15.74
N THR A 23 -18.03 33.21 -16.11
CA THR A 23 -18.40 34.32 -15.27
C THR A 23 -18.03 35.64 -15.95
N PRO A 24 -19.08 36.33 -16.49
CA PRO A 24 -18.88 37.60 -17.17
C PRO A 24 -18.61 38.72 -16.17
N GLY A 25 -18.70 39.95 -16.67
CA GLY A 25 -18.47 41.11 -15.83
C GLY A 25 -18.26 42.37 -16.69
N ALA A 26 -18.42 43.51 -16.04
CA ALA A 26 -18.25 44.78 -16.73
C ALA A 26 -18.36 45.92 -15.71
N THR A 27 -18.21 47.14 -16.22
CA THR A 27 -18.29 48.32 -15.37
C THR A 27 -18.56 49.57 -16.22
N LEU A 28 -18.71 50.68 -15.53
CA LEU A 28 -18.97 51.95 -16.20
C LEU A 28 -18.94 53.08 -15.17
N PRO A 29 -17.87 53.92 -15.29
CA PRO A 29 -17.71 55.05 -14.38
C PRO A 29 -18.68 56.17 -14.72
N LYS A 30 -18.40 57.34 -14.18
CA LYS A 30 -19.24 58.50 -14.41
C LYS A 30 -18.37 59.77 -14.38
N SER A 31 -18.91 60.82 -14.99
CA SER A 31 -18.20 62.09 -15.04
C SER A 31 -19.01 63.18 -14.34
N PRO A 32 -18.46 63.66 -13.20
CA PRO A 32 -19.13 64.70 -12.43
C PRO A 32 -19.00 66.07 -13.11
N SER A 33 -19.96 66.93 -12.82
CA SER A 33 -19.97 68.26 -13.39
C SER A 33 -20.33 69.29 -12.33
N GLN A 34 -19.35 69.60 -11.48
CA GLN A 34 -19.55 70.57 -10.42
C GLN A 34 -19.02 71.95 -10.84
N LEU A 35 -19.49 72.97 -10.13
CA LEU A 35 -19.07 74.33 -10.42
C LEU A 35 -19.61 74.74 -11.79
N ARG A 36 -20.75 75.42 -11.75
CA ARG A 36 -21.38 75.88 -12.98
C ARG A 36 -21.11 77.37 -13.18
N LYS A 37 -21.10 77.77 -14.45
CA LYS A 37 -20.86 79.17 -14.79
C LYS A 37 -22.04 79.70 -15.61
N GLY A 38 -22.33 80.97 -15.39
CA GLY A 38 -23.43 81.61 -16.09
C GLY A 38 -23.23 83.12 -16.18
N PRO A 39 -23.89 83.74 -17.19
CA PRO A 39 -23.78 85.17 -17.40
C PRO A 39 -24.59 85.94 -16.35
N PRO A 40 -24.09 87.16 -16.01
CA PRO A 40 -24.76 87.98 -15.01
C PRO A 40 -26.02 88.64 -15.61
N VAL A 41 -26.87 89.10 -14.72
CA VAL A 41 -28.11 89.74 -15.14
C VAL A 41 -28.00 91.25 -14.91
N PRO A 42 -27.83 91.99 -16.04
CA PRO A 42 -27.70 93.44 -15.97
C PRO A 42 -29.06 94.09 -15.70
N PRO A 43 -29.02 95.20 -14.91
CA PRO A 43 -30.24 95.92 -14.58
C PRO A 43 -30.73 96.74 -15.77
N PRO A 44 -32.08 96.73 -15.95
CA PRO A 44 -32.69 97.47 -17.05
C PRO A 44 -32.71 98.97 -16.75
N PRO A 45 -32.98 99.77 -17.81
CA PRO A 45 -33.04 101.21 -17.68
C PRO A 45 -34.33 101.65 -16.98
N LYS A 46 -34.53 101.12 -15.79
CA LYS A 46 -35.72 101.44 -15.01
C LYS A 46 -35.29 102.14 -13.71
N HIS A 47 -36.29 102.44 -12.89
CA HIS A 47 -36.04 103.10 -11.63
C HIS A 47 -36.47 102.19 -10.47
N THR A 48 -35.83 102.39 -9.33
CA THR A 48 -36.13 101.59 -8.16
C THR A 48 -35.92 102.42 -6.88
N PRO A 49 -37.07 102.93 -6.34
CA PRO A 49 -37.03 103.72 -5.13
C PRO A 49 -36.78 102.86 -3.90
N SER A 50 -36.05 103.42 -2.94
CA SER A 50 -35.75 102.71 -1.72
C SER A 50 -35.56 103.71 -0.57
N LYS A 51 -35.48 103.16 0.64
CA LYS A 51 -35.31 103.99 1.83
C LYS A 51 -33.97 103.65 2.49
N GLU A 52 -33.81 104.13 3.70
CA GLU A 52 -32.59 103.89 4.45
C GLU A 52 -32.70 104.51 5.85
N VAL A 53 -32.07 103.84 6.80
CA VAL A 53 -32.08 104.30 8.18
C VAL A 53 -30.79 103.86 8.88
N LYS A 54 -30.65 104.30 10.11
CA LYS A 54 -29.47 103.95 10.90
C LYS A 54 -29.86 103.00 12.02
N GLN A 55 -29.19 101.86 12.04
CA GLN A 55 -29.47 100.84 13.05
C GLN A 55 -29.28 101.43 14.46
N GLU A 56 -29.84 100.74 15.43
CA GLU A 56 -29.74 101.18 16.82
C GLU A 56 -30.48 100.20 17.74
N GLN A 57 -29.73 99.68 18.70
CA GLN A 57 -30.29 98.74 19.65
C GLN A 57 -29.81 99.05 21.06
N ILE A 58 -30.65 98.74 22.03
CA ILE A 58 -30.33 98.99 23.42
C ILE A 58 -31.32 98.25 24.32
N LEU A 59 -30.82 97.81 25.47
CA LEU A 59 -31.65 97.08 26.42
C LEU A 59 -30.93 97.00 27.76
N SER A 60 -31.72 96.80 28.81
CA SER A 60 -31.17 96.70 30.15
C SER A 60 -32.29 96.80 31.18
N LEU A 61 -32.05 96.17 32.32
CA LEU A 61 -33.04 96.18 33.40
C LEU A 61 -32.44 95.49 34.63
N PHE A 62 -32.82 96.00 35.79
CA PHE A 62 -32.34 95.45 37.04
C PHE A 62 -33.03 96.12 38.24
N GLU A 63 -33.15 95.36 39.31
CA GLU A 63 -33.78 95.86 40.52
C GLU A 63 -33.73 94.81 41.62
N ASP A 64 -33.73 95.29 42.86
CA ASP A 64 -33.68 94.41 44.02
C ASP A 64 -33.79 95.23 45.29
N THR A 65 -34.31 94.58 46.33
CA THR A 65 -34.49 95.24 47.61
C THR A 65 -34.85 94.22 48.69
N PHE A 66 -34.88 94.71 49.93
CA PHE A 66 -35.21 93.85 51.06
C PHE A 66 -35.28 94.66 52.36
N VAL A 67 -36.11 94.18 53.27
CA VAL A 67 -36.27 94.84 54.55
C VAL A 67 -36.53 93.79 55.63
N PRO A 68 -35.90 94.03 56.81
CA PRO A 68 -36.05 93.12 57.94
C PRO A 68 -37.43 93.27 58.60
N GLU A 69 -37.57 92.64 59.75
CA GLU A 69 -38.81 92.71 60.49
C GLU A 69 -38.67 92.00 61.84
N ILE A 70 -37.81 92.57 62.67
CA ILE A 70 -37.58 92.00 63.99
C ILE A 70 -38.70 92.44 64.94
N SER A 71 -39.10 91.52 65.79
CA SER A 71 -40.16 91.79 66.75
C SER A 71 -40.06 90.82 67.93
N VAL A 72 -40.54 91.29 69.08
CA VAL A 72 -40.50 90.48 70.29
C VAL A 72 -41.32 91.17 71.38
N THR A 73 -41.72 90.38 72.36
CA THR A 73 -42.50 90.90 73.47
C THR A 73 -42.41 89.97 74.67
N THR A 74 -42.66 90.54 75.84
CA THR A 74 -42.60 89.78 77.08
C THR A 74 -43.54 90.39 78.13
N PRO A 75 -44.72 89.72 78.29
CA PRO A 75 -45.71 90.18 79.24
C PRO A 75 -45.29 89.84 80.68
N SER A 76 -46.23 90.01 81.59
CA SER A 76 -45.97 89.73 83.00
C SER A 76 -47.28 89.80 83.79
N GLN A 77 -47.13 89.66 85.10
CA GLN A 77 -48.29 89.70 85.99
C GLN A 77 -47.86 90.11 87.40
N PRO A 78 -48.72 90.95 88.04
CA PRO A 78 -48.44 91.41 89.39
C PRO A 78 -48.69 90.31 90.41
N ALA A 79 -48.72 90.71 91.67
CA ALA A 79 -48.96 89.77 92.75
C ALA A 79 -49.60 90.51 93.94
N GLU A 80 -50.07 89.73 94.90
CA GLU A 80 -50.69 90.30 96.08
C GLU A 80 -50.97 89.20 97.11
N ALA A 81 -51.57 89.61 98.22
CA ALA A 81 -51.88 88.68 99.29
C ALA A 81 -53.09 89.20 100.07
N SER A 82 -53.35 88.56 101.20
CA SER A 82 -54.47 88.94 102.04
C SER A 82 -54.70 87.89 103.12
N GLU A 83 -55.61 88.20 104.03
CA GLU A 83 -55.94 87.29 105.12
C GLU A 83 -54.89 87.41 106.23
N VAL A 84 -54.69 88.64 106.69
CA VAL A 84 -53.73 88.89 107.74
C VAL A 84 -54.47 89.02 109.07
N ALA A 85 -53.87 88.45 110.11
CA ALA A 85 -54.46 88.48 111.44
C ALA A 85 -53.50 87.86 112.45
N GLY A 86 -53.67 88.24 113.70
CA GLY A 86 -52.82 87.73 114.76
C GLY A 86 -52.51 88.81 115.79
N GLY A 87 -52.10 88.37 116.97
CA GLY A 87 -51.78 89.28 118.05
C GLY A 87 -50.40 89.93 117.83
N THR A 88 -49.62 89.98 118.90
CA THR A 88 -48.30 90.56 118.82
C THR A 88 -47.59 90.12 117.55
N GLN A 89 -47.00 88.93 117.61
CA GLN A 89 -46.28 88.38 116.47
C GLN A 89 -45.07 89.25 116.14
N PRO A 90 -43.99 88.57 115.65
CA PRO A 90 -42.76 89.27 115.29
C PRO A 90 -42.93 90.02 113.97
N ALA A 91 -41.95 90.87 113.68
CA ALA A 91 -41.98 91.65 112.46
C ALA A 91 -40.85 91.18 111.53
N ALA A 92 -40.97 91.56 110.27
CA ALA A 92 -39.96 91.19 109.28
C ALA A 92 -40.02 92.19 108.12
N GLY A 93 -38.94 92.20 107.35
CA GLY A 93 -38.84 93.09 106.20
C GLY A 93 -38.16 92.40 105.02
N ALA A 94 -36.92 92.79 104.78
CA ALA A 94 -36.15 92.23 103.69
C ALA A 94 -36.79 92.62 102.36
N GLN A 95 -36.03 93.33 101.55
CA GLN A 95 -36.52 93.78 100.25
C GLN A 95 -35.34 94.15 99.35
N GLU A 96 -35.64 94.24 98.06
CA GLU A 96 -34.63 94.59 97.08
C GLU A 96 -35.17 95.60 96.08
N PRO A 97 -34.31 96.61 95.76
CA PRO A 97 -34.71 97.65 94.82
C PRO A 97 -34.68 97.14 93.39
N GLY A 98 -35.05 98.02 92.47
CA GLY A 98 -35.07 97.67 91.06
C GLY A 98 -34.46 98.77 90.21
N GLU A 99 -34.11 98.40 88.99
CA GLU A 99 -33.50 99.35 88.06
C GLU A 99 -34.20 99.28 86.70
N THR A 100 -33.96 100.30 85.89
CA THR A 100 -34.56 100.37 84.56
C THR A 100 -34.02 101.56 83.80
N ALA A 101 -34.04 101.45 82.47
CA ALA A 101 -33.56 102.51 81.61
C ALA A 101 -33.99 102.23 80.17
N ALA A 102 -34.20 103.32 79.43
CA ALA A 102 -34.61 103.19 78.05
C ALA A 102 -34.58 104.59 77.40
N SER A 103 -34.25 104.59 76.10
CA SER A 103 -34.19 105.84 75.37
C SER A 103 -34.18 105.54 73.86
N GLU A 104 -34.88 106.39 73.12
CA GLU A 104 -34.96 106.23 71.68
C GLU A 104 -35.54 107.50 71.04
N ALA A 105 -35.49 107.53 69.72
CA ALA A 105 -36.01 108.67 68.98
C ALA A 105 -36.72 108.17 67.72
N ALA A 106 -37.37 109.11 67.04
CA ALA A 106 -38.09 108.79 65.81
C ALA A 106 -38.12 110.01 64.90
N SER A 107 -38.66 109.81 63.71
CA SER A 107 -38.76 110.88 62.74
C SER A 107 -40.10 110.80 62.01
N SER A 108 -40.41 111.88 61.30
CA SER A 108 -41.67 111.95 60.55
C SER A 108 -41.37 112.04 59.06
N SER A 109 -42.44 111.91 58.28
CA SER A 109 -42.30 111.98 56.83
C SER A 109 -43.61 112.46 56.21
N LEU A 110 -43.51 112.91 54.97
CA LEU A 110 -44.68 113.40 54.25
C LEU A 110 -44.69 112.81 52.84
N PRO A 111 -45.50 111.73 52.67
CA PRO A 111 -45.61 111.07 51.38
C PRO A 111 -46.45 111.90 50.40
N ALA A 112 -46.25 111.63 49.13
CA ALA A 112 -46.98 112.35 48.09
C ALA A 112 -47.14 111.44 46.87
N VAL A 113 -47.78 111.98 45.85
CA VAL A 113 -48.00 111.24 44.62
C VAL A 113 -48.78 109.96 44.94
N VAL A 114 -50.06 109.98 44.62
CA VAL A 114 -50.92 108.83 44.87
C VAL A 114 -51.75 108.55 43.62
N VAL A 115 -51.07 108.23 42.54
CA VAL A 115 -51.73 107.94 41.28
C VAL A 115 -50.92 106.89 40.52
N GLU A 116 -51.63 106.15 39.67
CA GLU A 116 -50.99 105.11 38.86
C GLU A 116 -51.91 104.67 37.73
N THR A 117 -51.31 104.08 36.72
CA THR A 117 -52.06 103.60 35.57
C THR A 117 -51.44 102.34 35.00
N PHE A 118 -52.28 101.35 34.77
CA PHE A 118 -51.82 100.08 34.22
C PHE A 118 -51.10 100.28 32.88
N PRO A 119 -49.82 99.84 32.85
CA PRO A 119 -49.02 99.97 31.65
C PRO A 119 -49.44 98.94 30.59
N ALA A 120 -50.54 99.24 29.92
CA ALA A 120 -51.05 98.35 28.89
C ALA A 120 -49.91 97.94 27.97
N THR A 121 -49.79 96.63 27.78
CA THR A 121 -48.75 96.08 26.93
C THR A 121 -48.93 94.57 26.75
N VAL A 122 -49.08 94.16 25.50
CA VAL A 122 -49.27 92.76 25.19
C VAL A 122 -47.89 92.09 25.03
N ASN A 123 -47.80 90.89 25.57
CA ASN A 123 -46.55 90.14 25.50
C ASN A 123 -46.45 89.45 24.13
N GLY A 124 -47.51 88.74 23.78
CA GLY A 124 -47.56 88.03 22.52
C GLY A 124 -47.29 86.54 22.71
N THR A 125 -46.35 86.04 21.92
CA THR A 125 -45.98 84.64 22.00
C THR A 125 -47.21 83.75 21.71
N VAL A 126 -47.16 83.09 20.57
CA VAL A 126 -48.25 82.22 20.16
C VAL A 126 -47.97 80.80 20.67
N GLU A 127 -46.90 80.21 20.14
CA GLU A 127 -46.51 78.87 20.52
C GLU A 127 -45.71 78.90 21.82
N GLY A 128 -44.57 79.55 21.76
CA GLY A 128 -43.68 79.67 22.91
C GLY A 128 -42.42 78.82 22.73
N GLY A 129 -41.85 78.41 23.85
CA GLY A 129 -40.65 77.60 23.83
C GLY A 129 -39.53 78.31 23.05
N SER A 130 -39.15 79.46 23.55
CA SER A 130 -38.09 80.24 22.91
C SER A 130 -36.95 79.32 22.47
N GLY A 131 -36.11 79.85 21.61
CA GLY A 131 -34.97 79.09 21.11
C GLY A 131 -35.29 78.47 19.74
N ALA A 132 -35.06 79.27 18.71
CA ALA A 132 -35.32 78.82 17.35
C ALA A 132 -34.44 79.62 16.38
N GLY A 133 -33.18 79.21 16.30
CA GLY A 133 -32.23 79.88 15.42
C GLY A 133 -30.84 79.93 16.05
N ARG A 134 -29.97 80.70 15.42
CA ARG A 134 -28.61 80.84 15.90
C ARG A 134 -28.59 81.77 17.13
N LEU A 135 -27.38 81.95 17.66
CA LEU A 135 -27.22 82.80 18.83
C LEU A 135 -26.29 83.97 18.48
N ASP A 136 -25.28 83.65 17.68
CA ASP A 136 -24.32 84.65 17.25
C ASP A 136 -24.50 84.95 15.77
N LEU A 137 -24.09 86.14 15.38
CA LEU A 137 -24.20 86.56 13.99
C LEU A 137 -22.97 86.10 13.22
N PRO A 138 -23.11 86.06 11.87
CA PRO A 138 -22.02 85.65 11.00
C PRO A 138 -20.96 86.74 10.89
N PRO A 139 -19.67 86.32 11.03
CA PRO A 139 -18.57 87.26 10.94
C PRO A 139 -18.31 87.68 9.49
N GLY A 140 -17.97 88.95 9.32
CA GLY A 140 -17.70 89.48 8.00
C GLY A 140 -18.99 89.96 7.33
N PHE A 141 -20.10 89.42 7.80
CA PHE A 141 -21.40 89.79 7.26
C PHE A 141 -21.44 91.27 6.89
N MET A 142 -22.29 91.57 5.92
CA MET A 142 -22.44 92.95 5.45
C MET A 142 -23.82 93.50 5.81
N PHE A 143 -24.82 92.99 5.11
CA PHE A 143 -26.19 93.42 5.33
C PHE A 143 -27.19 92.39 4.80
N LYS A 144 -28.46 92.66 5.04
CA LYS A 144 -29.52 91.77 4.59
C LYS A 144 -30.03 92.24 3.23
N VAL A 145 -30.30 91.27 2.36
CA VAL A 145 -30.79 91.58 1.03
C VAL A 145 -32.13 90.87 0.82
N GLN A 146 -32.84 91.32 -0.21
CA GLN A 146 -34.14 90.75 -0.52
C GLN A 146 -34.24 90.48 -2.03
N ALA A 147 -34.45 89.21 -2.35
CA ALA A 147 -34.56 88.80 -3.74
C ALA A 147 -35.82 89.43 -4.35
N GLN A 148 -35.76 89.69 -5.64
CA GLN A 148 -36.88 90.28 -6.35
C GLN A 148 -37.38 89.33 -7.45
N HIS A 149 -36.67 88.23 -7.59
CA HIS A 149 -37.03 87.23 -8.59
C HIS A 149 -36.71 85.83 -8.07
N ASP A 150 -37.17 84.84 -8.81
CA ASP A 150 -36.94 83.46 -8.43
C ASP A 150 -35.92 82.83 -9.40
N TYR A 151 -34.71 82.66 -8.90
CA TYR A 151 -33.65 82.08 -9.70
C TYR A 151 -33.19 80.74 -9.13
N THR A 152 -33.55 79.68 -9.84
CA THR A 152 -33.19 78.33 -9.42
C THR A 152 -31.72 78.06 -9.72
N ALA A 153 -30.94 77.90 -8.66
CA ALA A 153 -29.52 77.63 -8.79
C ALA A 153 -29.26 76.16 -8.46
N THR A 154 -28.77 75.44 -9.46
CA THR A 154 -28.46 74.03 -9.30
C THR A 154 -26.97 73.78 -9.50
N ASP A 155 -26.24 73.81 -8.40
CA ASP A 155 -24.80 73.60 -8.44
C ASP A 155 -24.37 72.84 -7.19
N THR A 156 -23.06 72.68 -7.05
CA THR A 156 -22.51 71.97 -5.91
C THR A 156 -22.18 72.96 -4.78
N ASP A 157 -22.62 74.20 -4.98
CA ASP A 157 -22.38 75.24 -3.99
C ASP A 157 -23.02 76.54 -4.48
N GLU A 158 -24.33 76.50 -4.65
CA GLU A 158 -25.07 77.66 -5.11
C GLU A 158 -26.11 78.08 -4.06
N LEU A 159 -26.71 79.23 -4.30
CA LEU A 159 -27.71 79.76 -3.38
C LEU A 159 -29.01 80.03 -4.16
N GLN A 160 -30.03 79.27 -3.82
CA GLN A 160 -31.32 79.42 -4.47
C GLN A 160 -32.05 80.64 -3.92
N LEU A 161 -32.68 81.37 -4.83
CA LEU A 161 -33.42 82.56 -4.45
C LEU A 161 -34.82 82.52 -5.07
N LYS A 162 -35.80 82.89 -4.27
CA LYS A 162 -37.18 82.89 -4.73
C LYS A 162 -37.75 84.31 -4.59
N ALA A 163 -38.30 84.79 -5.69
CA ALA A 163 -38.89 86.13 -5.71
C ALA A 163 -39.43 86.45 -4.31
N GLY A 164 -38.70 87.31 -3.61
CA GLY A 164 -39.10 87.72 -2.28
C GLY A 164 -38.41 86.85 -1.22
N ASP A 165 -37.12 86.64 -1.43
CA ASP A 165 -36.33 85.85 -0.51
C ASP A 165 -35.47 86.78 0.36
N VAL A 166 -34.95 86.21 1.44
CA VAL A 166 -34.13 86.96 2.36
C VAL A 166 -32.73 86.33 2.42
N VAL A 167 -31.75 87.10 1.97
CA VAL A 167 -30.38 86.63 1.97
C VAL A 167 -29.48 87.70 2.59
N LEU A 168 -28.45 87.24 3.30
CA LEU A 168 -27.51 88.14 3.94
C LEU A 168 -26.19 88.12 3.16
N VAL A 169 -25.70 89.30 2.86
CA VAL A 169 -24.45 89.44 2.14
C VAL A 169 -23.28 89.21 3.09
N ILE A 170 -22.50 88.19 2.79
CA ILE A 170 -21.34 87.85 3.60
C ILE A 170 -20.11 87.74 2.72
N PRO A 171 -18.92 87.99 3.35
CA PRO A 171 -17.66 87.92 2.63
C PRO A 171 -17.26 86.47 2.38
N PHE A 172 -17.20 86.11 1.11
CA PHE A 172 -16.83 84.76 0.72
C PHE A 172 -15.44 84.40 1.25
N GLN A 173 -14.95 83.25 0.80
CA GLN A 173 -13.63 82.78 1.22
C GLN A 173 -12.55 83.36 0.31
N ASN A 174 -13.00 84.00 -0.77
CA ASN A 174 -12.08 84.59 -1.72
C ASN A 174 -12.88 85.19 -2.88
N PRO A 175 -12.33 86.29 -3.46
CA PRO A 175 -12.98 86.97 -4.57
C PRO A 175 -12.81 86.17 -5.86
N GLU A 176 -11.81 85.30 -5.86
CA GLU A 176 -11.54 84.47 -7.02
C GLU A 176 -12.63 83.41 -7.18
N GLU A 177 -13.30 83.11 -6.08
CA GLU A 177 -14.36 82.13 -6.09
C GLU A 177 -15.70 82.79 -6.44
N GLN A 178 -15.68 84.11 -6.48
CA GLN A 178 -16.87 84.86 -6.81
C GLN A 178 -16.95 85.10 -8.32
N ASP A 179 -18.18 85.16 -8.81
CA ASP A 179 -18.41 85.38 -10.22
C ASP A 179 -18.77 86.85 -10.46
N GLU A 180 -18.73 87.24 -11.73
CA GLU A 180 -19.04 88.62 -12.09
C GLU A 180 -20.56 88.83 -12.08
N GLY A 181 -21.01 89.62 -11.12
CA GLY A 181 -22.42 89.92 -11.00
C GLY A 181 -23.08 89.03 -9.93
N TRP A 182 -22.25 88.21 -9.30
CA TRP A 182 -22.73 87.31 -8.27
C TRP A 182 -21.78 87.41 -7.07
N LEU A 183 -22.37 87.28 -5.88
CA LEU A 183 -21.59 87.35 -4.66
C LEU A 183 -21.99 86.21 -3.73
N MET A 184 -21.24 86.06 -2.65
CA MET A 184 -21.52 85.02 -1.68
C MET A 184 -22.45 85.52 -0.59
N GLY A 185 -23.65 84.96 -0.56
CA GLY A 185 -24.65 85.34 0.43
C GLY A 185 -25.28 84.11 1.08
N VAL A 186 -26.03 84.36 2.14
CA VAL A 186 -26.68 83.29 2.87
C VAL A 186 -28.15 83.65 3.10
N LYS A 187 -29.00 82.63 3.06
CA LYS A 187 -30.42 82.83 3.27
C LYS A 187 -30.70 83.03 4.76
N GLU A 188 -31.85 83.60 5.04
CA GLU A 188 -32.25 83.85 6.42
C GLU A 188 -32.29 82.54 7.20
N SER A 189 -32.85 81.52 6.55
CA SER A 189 -32.94 80.21 7.17
C SER A 189 -31.55 79.67 7.51
N ASP A 190 -30.62 79.93 6.60
CA ASP A 190 -29.26 79.48 6.79
C ASP A 190 -28.65 80.18 8.00
N TRP A 191 -29.11 81.41 8.22
CA TRP A 191 -28.63 82.19 9.34
C TRP A 191 -28.76 81.35 10.61
N ASN A 192 -29.93 80.75 10.76
CA ASN A 192 -30.20 79.91 11.91
C ASN A 192 -29.15 78.80 11.99
N GLN A 193 -28.59 78.48 10.83
CA GLN A 193 -27.58 77.43 10.75
C GLN A 193 -26.20 78.04 10.94
N HIS A 194 -26.18 79.25 11.48
CA HIS A 194 -24.91 79.93 11.72
C HIS A 194 -23.91 78.98 12.37
N LYS A 195 -24.46 77.94 13.00
CA LYS A 195 -23.63 76.95 13.65
C LYS A 195 -22.68 76.32 12.63
N LYS A 196 -23.15 76.27 11.40
CA LYS A 196 -22.36 75.69 10.32
C LYS A 196 -22.88 76.21 8.98
N LEU A 197 -23.00 77.53 8.89
CA LEU A 197 -23.48 78.15 7.68
C LEU A 197 -22.42 78.02 6.58
N GLU A 198 -21.17 77.97 7.00
CA GLU A 198 -20.06 77.84 6.08
C GLU A 198 -20.24 76.60 5.21
N LYS A 199 -21.11 75.71 5.68
CA LYS A 199 -21.39 74.48 4.96
C LYS A 199 -22.70 74.63 4.18
N CYS A 200 -23.20 75.85 4.17
CA CYS A 200 -24.44 76.14 3.48
C CYS A 200 -24.22 77.37 2.59
N ARG A 201 -22.97 77.79 2.52
CA ARG A 201 -22.61 78.95 1.72
C ARG A 201 -23.02 78.74 0.26
N GLY A 202 -23.24 79.85 -0.42
CA GLY A 202 -23.63 79.81 -1.82
C GLY A 202 -23.44 81.16 -2.50
N VAL A 203 -23.69 81.18 -3.80
CA VAL A 203 -23.54 82.41 -4.57
C VAL A 203 -24.89 82.77 -5.20
N PHE A 204 -25.03 84.05 -5.50
CA PHE A 204 -26.26 84.53 -6.11
C PHE A 204 -26.05 85.89 -6.78
N PRO A 205 -26.88 86.16 -7.82
CA PRO A 205 -26.78 87.41 -8.56
C PRO A 205 -27.36 88.57 -7.75
N GLU A 206 -26.51 89.55 -7.47
CA GLU A 206 -26.93 90.71 -6.71
C GLU A 206 -27.92 91.55 -7.53
N ASN A 207 -27.68 91.58 -8.83
CA ASN A 207 -28.52 92.35 -9.72
C ASN A 207 -29.94 91.77 -9.70
N PHE A 208 -30.00 90.48 -9.40
CA PHE A 208 -31.29 89.80 -9.33
C PHE A 208 -31.91 89.91 -7.94
N THR A 209 -31.22 90.66 -7.08
CA THR A 209 -31.69 90.86 -5.72
C THR A 209 -31.64 92.35 -5.36
N GLU A 210 -32.09 92.63 -4.15
CA GLU A 210 -32.10 94.00 -3.65
C GLU A 210 -31.52 94.07 -2.24
N ARG A 211 -30.95 95.22 -1.92
CA ARG A 211 -30.36 95.42 -0.61
C ARG A 211 -31.42 95.93 0.38
N VAL A 212 -31.38 95.38 1.58
CA VAL A 212 -32.32 95.77 2.61
C VAL A 212 -31.58 96.51 3.72
N PRO A 213 -32.16 97.67 4.13
CA PRO A 213 -31.58 98.49 5.17
C PRO A 213 -31.78 97.86 6.56
N ASP A 1 -14.21 -38.12 -16.16
CA ASP A 1 -14.63 -39.46 -16.53
C ASP A 1 -13.72 -39.99 -17.63
N GLY A 2 -13.48 -39.13 -18.62
CA GLY A 2 -12.63 -39.51 -19.74
C GLY A 2 -12.63 -38.41 -20.80
N SER A 3 -11.44 -37.89 -21.07
CA SER A 3 -11.29 -36.85 -22.06
C SER A 3 -9.81 -36.46 -22.20
N PRO A 4 -9.28 -36.64 -23.43
CA PRO A 4 -7.89 -36.32 -23.71
C PRO A 4 -7.69 -34.80 -23.81
N ALA A 5 -6.47 -34.42 -24.17
CA ALA A 5 -6.14 -33.02 -24.30
C ALA A 5 -5.03 -32.85 -25.35
N ALA A 6 -4.72 -31.60 -25.64
CA ALA A 6 -3.69 -31.30 -26.62
C ALA A 6 -3.14 -29.89 -26.36
N THR A 7 -2.09 -29.56 -27.09
CA THR A 7 -1.46 -28.25 -26.94
C THR A 7 -0.71 -27.89 -28.22
N PRO A 8 -1.30 -26.93 -28.98
CA PRO A 8 -0.69 -26.48 -30.22
C PRO A 8 0.50 -25.56 -29.94
N GLU A 9 1.16 -25.16 -31.02
CA GLU A 9 2.32 -24.29 -30.91
C GLU A 9 2.70 -23.73 -32.28
N ILE A 10 3.43 -22.62 -32.26
CA ILE A 10 3.86 -21.99 -33.49
C ILE A 10 4.88 -20.89 -33.16
N ARG A 11 5.98 -20.91 -33.91
CA ARG A 11 7.04 -19.93 -33.70
C ARG A 11 7.59 -19.46 -35.06
N VAL A 12 8.01 -18.20 -35.08
CA VAL A 12 8.56 -17.62 -36.29
C VAL A 12 9.43 -16.42 -35.92
N ASN A 13 10.59 -16.36 -36.55
CA ASN A 13 11.54 -15.28 -36.30
C ASN A 13 12.12 -14.81 -37.64
N HIS A 14 12.72 -13.63 -37.59
CA HIS A 14 13.33 -13.05 -38.78
C HIS A 14 14.41 -12.04 -38.37
N GLU A 15 15.11 -11.54 -39.36
CA GLU A 15 16.17 -10.56 -39.13
C GLU A 15 16.60 -9.92 -40.44
N PRO A 16 16.72 -8.55 -40.39
CA PRO A 16 17.13 -7.80 -41.57
C PRO A 16 18.62 -7.97 -41.85
N GLU A 17 19.06 -7.41 -42.95
CA GLU A 17 20.46 -7.48 -43.34
C GLU A 17 20.85 -6.26 -44.18
N PRO A 18 21.34 -5.22 -43.48
CA PRO A 18 21.75 -3.99 -44.14
C PRO A 18 23.09 -4.18 -44.86
N ALA A 19 23.45 -3.17 -45.63
CA ALA A 19 24.70 -3.21 -46.38
C ALA A 19 25.37 -1.84 -46.32
N GLY A 20 26.54 -1.76 -46.94
CA GLY A 20 27.29 -0.51 -46.97
C GLY A 20 28.64 -0.70 -47.66
N GLY A 21 29.20 0.41 -48.13
CA GLY A 21 30.48 0.38 -48.80
C GLY A 21 30.81 1.75 -49.41
N ALA A 22 31.73 2.44 -48.75
CA ALA A 22 32.15 3.76 -49.21
C ALA A 22 32.72 3.64 -50.61
N THR A 23 32.89 4.79 -51.25
CA THR A 23 33.43 4.84 -52.59
C THR A 23 34.20 6.15 -52.83
N PRO A 24 35.51 6.09 -52.51
CA PRO A 24 36.37 7.27 -52.68
C PRO A 24 36.68 7.50 -54.15
N GLY A 25 37.37 8.61 -54.41
CA GLY A 25 37.74 8.96 -55.77
C GLY A 25 39.26 9.18 -55.88
N ALA A 26 39.62 10.23 -56.58
CA ALA A 26 41.02 10.55 -56.78
C ALA A 26 41.16 12.03 -57.14
N THR A 27 42.36 12.56 -56.91
CA THR A 27 42.62 13.95 -57.20
C THR A 27 43.69 14.07 -58.30
N LEU A 28 43.58 15.14 -59.08
CA LEU A 28 44.51 15.37 -60.16
C LEU A 28 45.17 16.75 -59.98
N PRO A 29 46.47 16.82 -60.36
CA PRO A 29 47.21 18.07 -60.25
C PRO A 29 46.79 19.05 -61.34
N LYS A 30 47.41 20.23 -61.29
CA LYS A 30 47.11 21.26 -62.26
C LYS A 30 48.34 22.18 -62.43
N SER A 31 48.81 22.25 -63.67
CA SER A 31 49.97 23.08 -63.97
C SER A 31 49.57 24.21 -64.90
N PRO A 32 49.65 25.46 -64.36
CA PRO A 32 49.30 26.64 -65.13
C PRO A 32 50.40 26.97 -66.15
N SER A 33 49.97 27.50 -67.28
CA SER A 33 50.91 27.87 -68.33
C SER A 33 50.93 29.39 -68.50
N GLN A 34 51.54 30.04 -67.51
CA GLN A 34 51.64 31.49 -67.52
C GLN A 34 53.00 31.93 -68.08
N LEU A 35 52.97 32.96 -68.90
CA LEU A 35 54.19 33.48 -69.50
C LEU A 35 54.68 32.50 -70.57
N ARG A 36 53.73 31.97 -71.33
CA ARG A 36 54.05 31.02 -72.38
C ARG A 36 54.74 31.74 -73.54
N LYS A 37 55.79 31.09 -74.05
CA LYS A 37 56.54 31.65 -75.16
C LYS A 37 56.80 30.55 -76.20
N GLY A 38 57.63 30.89 -77.17
CA GLY A 38 57.97 29.95 -78.23
C GLY A 38 59.12 30.49 -79.09
N PRO A 39 59.54 29.64 -80.06
CA PRO A 39 60.62 30.01 -80.97
C PRO A 39 60.15 31.04 -81.99
N PRO A 40 61.11 31.89 -82.44
CA PRO A 40 60.80 32.93 -83.42
C PRO A 40 60.65 32.33 -84.81
N VAL A 41 60.03 33.08 -85.69
CA VAL A 41 59.81 32.64 -87.05
C VAL A 41 60.77 33.38 -87.98
N PRO A 42 61.82 32.64 -88.44
CA PRO A 42 62.81 33.22 -89.33
C PRO A 42 62.26 33.36 -90.75
N PRO A 43 62.72 34.44 -91.44
CA PRO A 43 62.27 34.71 -92.79
C PRO A 43 62.93 33.75 -93.79
N PRO A 44 62.35 33.72 -95.02
CA PRO A 44 62.87 32.84 -96.06
C PRO A 44 64.16 33.41 -96.65
N PRO A 45 64.97 32.50 -97.24
CA PRO A 45 66.23 32.90 -97.86
C PRO A 45 66.00 33.61 -99.19
N LYS A 46 65.20 34.67 -99.13
CA LYS A 46 64.88 35.43 -100.32
C LYS A 46 63.93 36.56 -99.96
N HIS A 47 64.24 37.75 -100.47
CA HIS A 47 63.42 38.92 -100.20
C HIS A 47 63.78 40.03 -101.19
N THR A 48 62.78 40.43 -101.97
CA THR A 48 62.97 41.47 -102.96
C THR A 48 61.98 42.61 -102.73
N PRO A 49 62.37 43.55 -101.83
CA PRO A 49 61.52 44.68 -101.51
C PRO A 49 61.54 45.71 -102.63
N SER A 50 60.36 46.21 -102.97
CA SER A 50 60.23 47.21 -104.02
C SER A 50 58.77 47.63 -104.16
N LYS A 51 58.58 48.77 -104.81
CA LYS A 51 57.24 49.31 -105.01
C LYS A 51 56.67 49.77 -103.67
N GLU A 52 56.75 51.06 -103.44
CA GLU A 52 56.25 51.65 -102.20
C GLU A 52 56.09 53.16 -102.35
N VAL A 53 55.05 53.68 -101.72
CA VAL A 53 54.78 55.11 -101.77
C VAL A 53 54.28 55.57 -100.40
N LYS A 54 54.78 56.73 -99.98
CA LYS A 54 54.39 57.30 -98.71
C LYS A 54 53.92 58.73 -98.92
N GLN A 55 53.36 59.30 -97.85
CA GLN A 55 52.87 60.67 -97.91
C GLN A 55 51.71 60.78 -98.90
N GLU A 56 50.73 61.60 -98.53
CA GLU A 56 49.57 61.80 -99.37
C GLU A 56 48.58 62.74 -98.69
N GLN A 57 47.96 63.59 -99.50
CA GLN A 57 46.99 64.54 -99.00
C GLN A 57 46.42 65.39 -100.14
N ILE A 58 45.10 65.47 -100.17
CA ILE A 58 44.42 66.23 -101.20
C ILE A 58 43.25 66.99 -100.58
N LEU A 59 42.65 67.86 -101.39
CA LEU A 59 41.53 68.66 -100.93
C LEU A 59 40.93 69.41 -102.11
N SER A 60 39.68 69.82 -101.94
CA SER A 60 38.98 70.55 -102.99
C SER A 60 37.62 71.01 -102.48
N LEU A 61 36.98 71.87 -103.26
CA LEU A 61 35.67 72.38 -102.91
C LEU A 61 35.12 73.19 -104.08
N PHE A 62 33.81 73.43 -104.02
CA PHE A 62 33.14 74.19 -105.07
C PHE A 62 31.79 74.71 -104.59
N GLU A 63 31.35 75.79 -105.22
CA GLU A 63 30.07 76.39 -104.87
C GLU A 63 29.23 76.63 -106.13
N ASP A 64 28.01 77.09 -105.90
CA ASP A 64 27.10 77.36 -107.00
C ASP A 64 26.24 78.59 -106.66
N THR A 65 25.63 79.15 -107.70
CA THR A 65 24.79 80.32 -107.53
C THR A 65 23.34 79.98 -107.86
N PHE A 66 22.52 81.03 -107.94
CA PHE A 66 21.12 80.86 -108.26
C PHE A 66 20.76 81.55 -109.57
N VAL A 67 19.52 81.35 -109.99
CA VAL A 67 19.04 81.95 -111.23
C VAL A 67 17.59 82.40 -111.04
N PRO A 68 17.23 83.49 -111.78
CA PRO A 68 15.88 84.03 -111.70
C PRO A 68 14.90 83.15 -112.46
N GLU A 69 13.63 83.50 -112.34
CA GLU A 69 12.57 82.75 -113.02
C GLU A 69 11.95 83.60 -114.13
N ILE A 70 11.94 84.90 -113.91
CA ILE A 70 11.37 85.83 -114.87
C ILE A 70 9.94 85.40 -115.20
N SER A 71 9.32 86.15 -116.09
CA SER A 71 7.95 85.86 -116.50
C SER A 71 7.73 86.33 -117.93
N VAL A 72 6.74 85.74 -118.57
CA VAL A 72 6.41 86.08 -119.95
C VAL A 72 5.08 86.83 -119.97
N THR A 73 4.80 87.44 -121.12
CA THR A 73 3.57 88.19 -121.28
C THR A 73 2.63 87.48 -122.25
N THR A 74 1.39 87.92 -122.27
CA THR A 74 0.38 87.32 -123.13
C THR A 74 0.42 87.98 -124.52
N PRO A 75 0.39 87.10 -125.56
CA PRO A 75 0.43 87.59 -126.94
C PRO A 75 -0.92 88.17 -127.34
N SER A 76 -1.98 87.54 -126.86
CA SER A 76 -3.33 87.98 -127.17
C SER A 76 -3.69 87.58 -128.59
N GLN A 77 -4.95 87.80 -128.93
CA GLN A 77 -5.45 87.48 -130.26
C GLN A 77 -6.80 88.15 -130.51
N PRO A 78 -6.77 89.15 -131.43
CA PRO A 78 -7.98 89.88 -131.77
C PRO A 78 -8.91 89.03 -132.65
N ALA A 79 -10.05 89.62 -132.99
CA ALA A 79 -11.01 88.94 -133.83
C ALA A 79 -11.18 89.69 -135.15
N GLU A 80 -12.05 89.17 -136.00
CA GLU A 80 -12.30 89.79 -137.29
C GLU A 80 -13.80 90.01 -137.48
N ALA A 81 -14.56 88.96 -137.23
CA ALA A 81 -16.01 89.02 -137.38
C ALA A 81 -16.36 89.35 -138.83
N SER A 82 -17.60 89.07 -139.19
CA SER A 82 -18.07 89.32 -140.54
C SER A 82 -19.59 89.53 -140.54
N GLU A 83 -20.08 90.06 -141.65
CA GLU A 83 -21.50 90.32 -141.79
C GLU A 83 -21.85 90.56 -143.25
N VAL A 84 -23.15 90.66 -143.51
CA VAL A 84 -23.64 90.89 -144.86
C VAL A 84 -23.26 89.69 -145.74
N ALA A 85 -24.23 89.25 -146.54
CA ALA A 85 -24.02 88.13 -147.42
C ALA A 85 -25.01 88.20 -148.58
N GLY A 86 -24.70 87.45 -149.63
CA GLY A 86 -25.57 87.42 -150.80
C GLY A 86 -26.33 86.10 -150.88
N GLY A 87 -27.13 85.98 -151.93
CA GLY A 87 -27.92 84.78 -152.14
C GLY A 87 -27.03 83.60 -152.55
N THR A 88 -27.51 82.84 -153.52
CA THR A 88 -26.77 81.69 -154.01
C THR A 88 -26.96 81.54 -155.52
N GLN A 89 -28.19 81.29 -155.91
CA GLN A 89 -28.51 81.12 -157.31
C GLN A 89 -30.03 80.97 -157.49
N PRO A 90 -30.47 81.12 -158.77
CA PRO A 90 -31.88 80.99 -159.09
C PRO A 90 -32.32 79.53 -159.08
N ALA A 91 -31.43 78.67 -159.56
CA ALA A 91 -31.71 77.25 -159.61
C ALA A 91 -32.88 77.00 -160.55
N ALA A 92 -32.61 76.22 -161.59
CA ALA A 92 -33.64 75.89 -162.57
C ALA A 92 -33.04 74.97 -163.64
N GLY A 93 -33.45 73.71 -163.57
CA GLY A 93 -32.96 72.72 -164.51
C GLY A 93 -33.26 71.31 -164.03
N ALA A 94 -32.57 70.35 -164.62
CA ALA A 94 -32.75 68.95 -164.26
C ALA A 94 -31.37 68.31 -164.02
N GLN A 95 -31.39 67.24 -163.23
CA GLN A 95 -30.16 66.53 -162.92
C GLN A 95 -30.42 65.02 -162.87
N GLU A 96 -30.04 64.35 -163.95
CA GLU A 96 -30.23 62.91 -164.04
C GLU A 96 -29.53 62.21 -162.88
N PRO A 97 -28.22 62.54 -162.71
CA PRO A 97 -27.43 61.95 -161.64
C PRO A 97 -27.79 62.56 -160.29
N GLY A 98 -27.21 63.73 -160.03
CA GLY A 98 -27.46 64.43 -158.78
C GLY A 98 -26.36 64.13 -157.76
N GLU A 99 -26.50 62.98 -157.10
CA GLU A 99 -25.53 62.56 -156.10
C GLU A 99 -24.12 62.62 -156.68
N THR A 100 -23.24 63.31 -155.96
CA THR A 100 -21.86 63.45 -156.39
C THR A 100 -20.95 62.60 -155.50
N ALA A 101 -20.92 62.95 -154.22
CA ALA A 101 -20.09 62.23 -153.28
C ALA A 101 -20.38 62.74 -151.86
N ALA A 102 -20.03 64.00 -151.64
CA ALA A 102 -20.25 64.61 -150.35
C ALA A 102 -19.39 63.91 -149.29
N SER A 103 -19.40 64.47 -148.10
CA SER A 103 -18.61 63.91 -147.00
C SER A 103 -17.12 64.10 -147.26
N GLU A 104 -16.46 64.70 -146.29
CA GLU A 104 -15.03 64.96 -146.39
C GLU A 104 -14.53 65.71 -145.17
N ALA A 105 -13.41 65.24 -144.64
CA ALA A 105 -12.82 65.87 -143.47
C ALA A 105 -11.42 65.29 -143.25
N ALA A 106 -10.72 65.88 -142.28
CA ALA A 106 -9.38 65.44 -141.95
C ALA A 106 -8.93 66.08 -140.64
N SER A 107 -8.19 65.31 -139.86
CA SER A 107 -7.70 65.79 -138.58
C SER A 107 -6.73 64.78 -137.98
N SER A 108 -5.69 65.30 -137.34
CA SER A 108 -4.69 64.46 -136.71
C SER A 108 -3.55 65.32 -136.16
N SER A 109 -2.58 64.64 -135.56
CA SER A 109 -1.43 65.33 -134.99
C SER A 109 -1.90 66.28 -133.87
N LEU A 110 -1.11 66.32 -132.81
CA LEU A 110 -1.43 67.17 -131.68
C LEU A 110 -0.18 67.37 -130.82
N PRO A 111 -0.13 68.52 -130.12
CA PRO A 111 1.00 68.83 -129.25
C PRO A 111 0.96 68.01 -127.96
N ALA A 112 2.14 67.71 -127.45
CA ALA A 112 2.25 66.93 -126.23
C ALA A 112 3.70 66.96 -125.74
N VAL A 113 3.85 66.93 -124.42
CA VAL A 113 5.17 66.97 -123.82
C VAL A 113 5.03 66.77 -122.30
N VAL A 114 5.90 65.94 -121.76
CA VAL A 114 5.89 65.67 -120.33
C VAL A 114 7.27 65.15 -119.92
N VAL A 115 7.75 65.66 -118.79
CA VAL A 115 9.04 65.26 -118.27
C VAL A 115 9.11 65.58 -116.78
N GLU A 116 10.14 65.06 -116.13
CA GLU A 116 10.33 65.28 -114.71
C GLU A 116 11.64 64.65 -114.25
N THR A 117 12.30 65.34 -113.33
CA THR A 117 13.57 64.85 -112.79
C THR A 117 13.97 65.67 -111.56
N PHE A 118 14.83 65.07 -110.76
CA PHE A 118 15.31 65.73 -109.55
C PHE A 118 16.63 65.11 -109.07
N PRO A 119 17.75 65.74 -109.51
CA PRO A 119 19.07 65.26 -109.13
C PRO A 119 19.39 65.63 -107.68
N ALA A 120 20.58 65.25 -107.25
CA ALA A 120 21.03 65.54 -105.91
C ALA A 120 22.38 66.24 -105.95
N THR A 121 23.38 65.50 -106.43
CA THR A 121 24.72 66.05 -106.53
C THR A 121 25.24 66.46 -105.15
N VAL A 122 25.63 65.45 -104.37
CA VAL A 122 26.14 65.69 -103.05
C VAL A 122 26.67 64.38 -102.46
N ASN A 123 27.95 64.40 -102.13
CA ASN A 123 28.59 63.23 -101.56
C ASN A 123 30.07 63.53 -101.30
N GLY A 124 30.47 63.30 -100.06
CA GLY A 124 31.85 63.55 -99.67
C GLY A 124 31.99 63.59 -98.15
N THR A 125 31.70 62.45 -97.53
CA THR A 125 31.79 62.34 -96.08
C THR A 125 32.60 61.10 -95.69
N VAL A 126 33.07 61.11 -94.46
CA VAL A 126 33.85 59.99 -93.94
C VAL A 126 32.98 59.14 -93.02
N GLU A 127 32.12 59.83 -92.27
CA GLU A 127 31.23 59.14 -91.36
C GLU A 127 31.97 57.99 -90.65
N GLY A 128 32.70 58.35 -89.61
CA GLY A 128 33.45 57.36 -88.85
C GLY A 128 32.87 57.20 -87.44
N GLY A 129 33.64 56.51 -86.60
CA GLY A 129 33.22 56.28 -85.23
C GLY A 129 32.69 54.86 -85.05
N SER A 130 32.98 54.29 -83.89
CA SER A 130 32.53 52.95 -83.58
C SER A 130 31.66 52.96 -82.33
N GLY A 131 32.17 53.60 -81.29
CA GLY A 131 31.45 53.69 -80.03
C GLY A 131 32.09 54.74 -79.11
N ALA A 132 33.35 54.50 -78.80
CA ALA A 132 34.08 55.41 -77.93
C ALA A 132 35.55 54.97 -77.86
N GLY A 133 36.28 55.28 -78.93
CA GLY A 133 37.68 54.92 -79.00
C GLY A 133 38.56 56.01 -78.37
N ARG A 134 39.80 56.05 -78.83
CA ARG A 134 40.74 57.04 -78.32
C ARG A 134 41.17 57.99 -79.44
N LEU A 135 41.29 59.26 -79.09
CA LEU A 135 41.69 60.27 -80.06
C LEU A 135 43.19 60.54 -79.92
N ASP A 136 43.66 60.45 -78.68
CA ASP A 136 45.06 60.68 -78.40
C ASP A 136 45.88 59.47 -78.85
N LEU A 137 47.15 59.72 -79.10
CA LEU A 137 48.05 58.67 -79.54
C LEU A 137 48.80 58.10 -78.34
N PRO A 138 49.31 56.85 -78.50
CA PRO A 138 50.04 56.19 -77.44
C PRO A 138 51.45 56.78 -77.30
N PRO A 139 51.87 56.99 -76.03
CA PRO A 139 53.18 57.54 -75.76
C PRO A 139 54.28 56.49 -75.97
N GLY A 140 55.37 56.93 -76.56
CA GLY A 140 56.49 56.04 -76.83
C GLY A 140 56.33 55.35 -78.19
N PHE A 141 55.09 55.28 -78.63
CA PHE A 141 54.79 54.65 -79.91
C PHE A 141 55.90 54.92 -80.93
N MET A 142 56.08 53.97 -81.83
CA MET A 142 57.10 54.10 -82.86
C MET A 142 56.47 54.26 -84.24
N PHE A 143 55.87 53.17 -84.71
CA PHE A 143 55.23 53.17 -86.01
C PHE A 143 54.13 52.11 -86.08
N LYS A 144 53.49 52.04 -87.24
CA LYS A 144 52.42 51.08 -87.44
C LYS A 144 52.93 49.93 -88.30
N VAL A 145 52.46 48.73 -87.97
CA VAL A 145 52.87 47.54 -88.70
C VAL A 145 51.62 46.81 -89.21
N GLN A 146 51.86 45.91 -90.15
CA GLN A 146 50.76 45.15 -90.73
C GLN A 146 51.11 43.66 -90.75
N ALA A 147 50.26 42.88 -90.10
CA ALA A 147 50.47 41.44 -90.03
C ALA A 147 50.31 40.84 -91.43
N GLN A 148 50.98 39.71 -91.63
CA GLN A 148 50.94 39.03 -92.91
C GLN A 148 50.41 37.61 -92.73
N HIS A 149 50.19 37.24 -91.48
CA HIS A 149 49.70 35.91 -91.16
C HIS A 149 48.84 35.97 -89.90
N ASP A 150 48.16 34.86 -89.63
CA ASP A 150 47.29 34.78 -88.47
C ASP A 150 47.97 33.91 -87.40
N TYR A 151 48.53 34.58 -86.41
CA TYR A 151 49.21 33.89 -85.32
C TYR A 151 48.43 34.01 -84.02
N THR A 152 47.89 32.89 -83.57
CA THR A 152 47.12 32.87 -82.35
C THR A 152 48.05 32.84 -81.13
N ALA A 153 48.01 33.93 -80.38
CA ALA A 153 48.85 34.05 -79.20
C ALA A 153 47.97 33.98 -77.94
N THR A 154 48.19 32.94 -77.16
CA THR A 154 47.43 32.74 -75.94
C THR A 154 48.36 32.76 -74.73
N ASP A 155 48.50 33.94 -74.15
CA ASP A 155 49.35 34.10 -72.98
C ASP A 155 48.69 35.09 -72.01
N THR A 156 49.34 35.27 -70.87
CA THR A 156 48.83 36.17 -69.86
C THR A 156 49.01 37.63 -70.30
N ASP A 157 49.64 37.79 -71.45
CA ASP A 157 49.88 39.11 -72.00
C ASP A 157 50.52 38.98 -73.38
N GLU A 158 49.84 38.27 -74.25
CA GLU A 158 50.33 38.06 -75.60
C GLU A 158 49.59 38.99 -76.58
N LEU A 159 50.12 39.05 -77.80
CA LEU A 159 49.53 39.90 -78.82
C LEU A 159 49.07 39.02 -79.99
N GLN A 160 47.76 38.97 -80.18
CA GLN A 160 47.19 38.18 -81.26
C GLN A 160 47.20 38.98 -82.57
N LEU A 161 47.54 38.29 -83.64
CA LEU A 161 47.59 38.91 -84.95
C LEU A 161 46.83 38.05 -85.96
N LYS A 162 46.19 38.72 -86.90
CA LYS A 162 45.43 38.02 -87.93
C LYS A 162 45.90 38.48 -89.31
N ALA A 163 46.20 37.50 -90.14
CA ALA A 163 46.67 37.80 -91.49
C ALA A 163 45.96 39.05 -92.01
N GLY A 164 46.73 40.14 -92.04
CA GLY A 164 46.19 41.41 -92.51
C GLY A 164 45.63 42.22 -91.35
N ASP A 165 46.43 42.35 -90.30
CA ASP A 165 46.02 43.10 -89.13
C ASP A 165 46.89 44.35 -89.00
N VAL A 166 46.50 45.21 -88.08
CA VAL A 166 47.23 46.45 -87.84
C VAL A 166 47.73 46.46 -86.40
N VAL A 167 49.02 46.72 -86.25
CA VAL A 167 49.64 46.77 -84.94
C VAL A 167 50.59 47.96 -84.87
N LEU A 168 50.65 48.57 -83.69
CA LEU A 168 51.52 49.72 -83.49
C LEU A 168 52.70 49.30 -82.61
N VAL A 169 53.89 49.71 -83.04
CA VAL A 169 55.09 49.38 -82.31
C VAL A 169 55.28 50.39 -81.17
N ILE A 170 55.26 49.87 -79.95
CA ILE A 170 55.41 50.69 -78.77
C ILE A 170 56.53 50.13 -77.90
N PRO A 171 57.19 51.05 -77.13
CA PRO A 171 58.28 50.66 -76.25
C PRO A 171 57.75 49.95 -75.01
N PHE A 172 58.14 48.69 -74.87
CA PHE A 172 57.71 47.89 -73.73
C PHE A 172 58.18 48.51 -72.42
N GLN A 173 57.98 47.77 -71.34
CA GLN A 173 58.38 48.24 -70.03
C GLN A 173 59.85 47.89 -69.77
N ASN A 174 60.39 47.03 -70.63
CA ASN A 174 61.77 46.61 -70.50
C ASN A 174 62.11 45.63 -71.64
N PRO A 175 63.39 45.68 -72.06
CA PRO A 175 63.86 44.81 -73.14
C PRO A 175 64.04 43.39 -72.65
N GLU A 176 64.17 43.25 -71.33
CA GLU A 176 64.34 41.94 -70.72
C GLU A 176 63.02 41.17 -70.74
N GLU A 177 61.94 41.92 -70.86
CA GLU A 177 60.62 41.31 -70.89
C GLU A 177 60.23 40.95 -72.33
N GLN A 178 61.04 41.43 -73.26
CA GLN A 178 60.81 41.15 -74.67
C GLN A 178 61.45 39.83 -75.08
N ASP A 179 60.82 39.18 -76.04
CA ASP A 179 61.32 37.90 -76.52
C ASP A 179 62.24 38.14 -77.71
N GLU A 180 62.89 37.07 -78.15
CA GLU A 180 63.81 37.16 -79.27
C GLU A 180 63.05 36.98 -80.59
N GLY A 181 62.90 38.10 -81.30
CA GLY A 181 62.20 38.09 -82.57
C GLY A 181 60.79 38.65 -82.42
N TRP A 182 60.41 38.89 -81.17
CA TRP A 182 59.09 39.42 -80.88
C TRP A 182 59.27 40.72 -80.09
N LEU A 183 58.50 41.72 -80.49
CA LEU A 183 58.56 43.02 -79.83
C LEU A 183 57.19 43.35 -79.24
N MET A 184 57.19 44.39 -78.40
CA MET A 184 55.96 44.81 -77.75
C MET A 184 55.19 45.79 -78.63
N GLY A 185 54.03 45.35 -79.10
CA GLY A 185 53.20 46.18 -79.95
C GLY A 185 51.74 46.13 -79.49
N VAL A 186 50.92 46.93 -80.16
CA VAL A 186 49.50 47.00 -79.83
C VAL A 186 48.68 47.00 -81.13
N LYS A 187 47.52 46.36 -81.06
CA LYS A 187 46.64 46.28 -82.21
C LYS A 187 45.85 47.60 -82.33
N GLU A 188 45.36 47.84 -83.53
CA GLU A 188 44.60 49.04 -83.80
C GLU A 188 43.39 49.12 -82.86
N SER A 189 42.80 47.97 -82.60
CA SER A 189 41.65 47.90 -81.72
C SER A 189 42.03 48.35 -80.31
N ASP A 190 43.18 47.85 -79.86
CA ASP A 190 43.67 48.19 -78.53
C ASP A 190 43.87 49.70 -78.44
N TRP A 191 44.22 50.30 -79.58
CA TRP A 191 44.44 51.73 -79.64
C TRP A 191 43.22 52.42 -79.04
N ASN A 192 42.05 51.98 -79.47
CA ASN A 192 40.80 52.55 -78.99
C ASN A 192 40.61 52.15 -77.52
N GLN A 193 41.21 51.03 -77.16
CA GLN A 193 41.12 50.53 -75.80
C GLN A 193 42.21 51.15 -74.92
N HIS A 194 42.74 52.26 -75.41
CA HIS A 194 43.78 52.97 -74.68
C HIS A 194 43.41 53.05 -73.20
N LYS A 195 42.11 52.97 -72.95
CA LYS A 195 41.61 53.05 -71.59
C LYS A 195 42.27 51.96 -70.75
N LYS A 196 42.60 50.86 -71.41
CA LYS A 196 43.23 49.74 -70.73
C LYS A 196 44.32 49.15 -71.64
N LEU A 197 45.11 50.06 -72.21
CA LEU A 197 46.18 49.64 -73.11
C LEU A 197 47.27 48.94 -72.28
N GLU A 198 47.56 49.52 -71.13
CA GLU A 198 48.57 48.96 -70.25
C GLU A 198 48.18 47.54 -69.82
N LYS A 199 46.91 47.24 -70.02
CA LYS A 199 46.40 45.92 -69.66
C LYS A 199 46.18 45.10 -70.92
N CYS A 200 46.64 45.65 -72.03
CA CYS A 200 46.51 44.97 -73.31
C CYS A 200 47.91 44.80 -73.91
N ARG A 201 48.90 45.27 -73.17
CA ARG A 201 50.28 45.17 -73.62
C ARG A 201 50.64 43.72 -73.92
N GLY A 202 51.29 43.53 -75.06
CA GLY A 202 51.69 42.20 -75.48
C GLY A 202 52.86 42.27 -76.48
N VAL A 203 53.29 41.09 -76.91
CA VAL A 203 54.39 41.00 -77.85
C VAL A 203 53.92 40.24 -79.09
N PHE A 204 54.73 40.33 -80.15
CA PHE A 204 54.42 39.67 -81.40
C PHE A 204 55.67 39.51 -82.26
N PRO A 205 55.63 38.48 -83.15
CA PRO A 205 56.75 38.21 -84.04
C PRO A 205 56.79 39.23 -85.18
N GLU A 206 57.87 40.00 -85.19
CA GLU A 206 58.05 41.01 -86.22
C GLU A 206 58.27 40.35 -87.58
N ASN A 207 58.84 39.16 -87.54
CA ASN A 207 59.11 38.41 -88.77
C ASN A 207 57.79 37.96 -89.38
N PHE A 208 56.79 37.81 -88.52
CA PHE A 208 55.48 37.39 -88.95
C PHE A 208 54.59 38.58 -89.31
N THR A 209 55.20 39.76 -89.24
CA THR A 209 54.49 40.99 -89.55
C THR A 209 55.30 41.85 -90.52
N GLU A 210 54.68 42.94 -90.95
CA GLU A 210 55.32 43.84 -91.88
C GLU A 210 55.19 45.29 -91.39
N ARG A 211 56.12 46.12 -91.83
CA ARG A 211 56.11 47.53 -91.44
C ARG A 211 55.28 48.34 -92.43
N VAL A 212 54.54 49.29 -91.87
CA VAL A 212 53.69 50.14 -92.69
C VAL A 212 54.27 51.56 -92.70
N PRO A 213 54.62 52.03 -93.92
CA PRO A 213 55.18 53.37 -94.08
C PRO A 213 54.09 54.44 -93.95
N ASP A 1 -14.21 -38.12 -16.16
CA ASP A 1 -14.63 -39.46 -16.53
C ASP A 1 -16.06 -39.70 -16.03
N GLY A 2 -16.29 -39.33 -14.77
CA GLY A 2 -17.59 -39.50 -14.16
C GLY A 2 -18.39 -38.20 -14.23
N SER A 3 -18.64 -37.63 -13.06
CA SER A 3 -19.39 -36.38 -12.97
C SER A 3 -19.27 -35.81 -11.56
N PRO A 4 -18.29 -34.88 -11.40
CA PRO A 4 -18.06 -34.25 -10.11
C PRO A 4 -19.14 -33.19 -9.82
N ALA A 5 -19.01 -32.56 -8.66
CA ALA A 5 -19.96 -31.54 -8.26
C ALA A 5 -19.48 -30.90 -6.95
N ALA A 6 -19.72 -29.60 -6.85
CA ALA A 6 -19.32 -28.85 -5.68
C ALA A 6 -19.82 -27.40 -5.79
N THR A 7 -20.34 -26.91 -4.68
CA THR A 7 -20.85 -25.55 -4.65
C THR A 7 -20.97 -25.06 -3.20
N PRO A 8 -20.05 -24.12 -2.83
CA PRO A 8 -20.05 -23.58 -1.49
C PRO A 8 -21.19 -22.58 -1.30
N GLU A 9 -21.16 -21.90 -0.16
CA GLU A 9 -22.18 -20.91 0.14
C GLU A 9 -21.78 -20.11 1.38
N ILE A 10 -21.40 -18.86 1.15
CA ILE A 10 -20.99 -17.98 2.23
C ILE A 10 -20.88 -16.55 1.70
N ARG A 11 -21.68 -15.67 2.30
CA ARG A 11 -21.69 -14.28 1.89
C ARG A 11 -22.69 -13.48 2.73
N VAL A 12 -22.63 -12.17 2.58
CA VAL A 12 -23.53 -11.30 3.31
C VAL A 12 -23.24 -11.42 4.82
N ASN A 13 -22.97 -10.27 5.43
CA ASN A 13 -22.67 -10.24 6.85
C ASN A 13 -22.35 -8.80 7.26
N HIS A 14 -23.36 -8.16 7.85
CA HIS A 14 -23.19 -6.79 8.29
C HIS A 14 -24.41 -6.37 9.13
N GLU A 15 -24.34 -5.17 9.68
CA GLU A 15 -25.42 -4.65 10.50
C GLU A 15 -25.03 -3.29 11.09
N PRO A 16 -25.60 -2.22 10.48
CA PRO A 16 -25.32 -0.87 10.94
C PRO A 16 -26.06 -0.57 12.25
N GLU A 17 -25.96 0.68 12.68
CA GLU A 17 -26.61 1.10 13.90
C GLU A 17 -26.34 2.59 14.16
N PRO A 18 -26.98 3.44 13.32
CA PRO A 18 -26.83 4.88 13.44
C PRO A 18 -27.61 5.42 14.64
N ALA A 19 -27.39 6.69 14.93
CA ALA A 19 -28.07 7.34 16.04
C ALA A 19 -27.70 8.82 16.07
N GLY A 20 -28.34 9.54 16.98
CA GLY A 20 -28.08 10.97 17.12
C GLY A 20 -29.34 11.70 17.61
N GLY A 21 -29.09 12.79 18.32
CA GLY A 21 -30.19 13.59 18.85
C GLY A 21 -29.77 14.29 20.15
N ALA A 22 -30.37 15.45 20.37
CA ALA A 22 -30.08 16.23 21.57
C ALA A 22 -30.74 17.59 21.46
N THR A 23 -30.75 18.31 22.57
CA THR A 23 -31.36 19.63 22.63
C THR A 23 -30.89 20.39 23.87
N PRO A 24 -30.73 21.72 23.69
CA PRO A 24 -30.29 22.57 24.79
C PRO A 24 -31.42 22.81 25.79
N GLY A 25 -31.18 23.75 26.70
CA GLY A 25 -32.17 24.07 27.71
C GLY A 25 -32.96 25.32 27.31
N ALA A 26 -33.44 26.02 28.33
CA ALA A 26 -34.21 27.23 28.11
C ALA A 26 -34.59 27.84 29.46
N THR A 27 -35.13 29.06 29.39
CA THR A 27 -35.54 29.75 30.59
C THR A 27 -34.42 29.74 31.63
N LEU A 28 -34.71 30.35 32.77
CA LEU A 28 -33.74 30.42 33.85
C LEU A 28 -34.44 30.72 35.17
N PRO A 29 -34.47 29.70 36.06
CA PRO A 29 -35.12 29.84 37.35
C PRO A 29 -34.27 30.69 38.29
N LYS A 30 -34.81 30.94 39.47
CA LYS A 30 -34.12 31.74 40.48
C LYS A 30 -34.22 33.22 40.10
N SER A 31 -35.09 33.92 40.81
CA SER A 31 -35.29 35.33 40.57
C SER A 31 -34.60 36.16 41.65
N PRO A 32 -33.93 37.26 41.21
CA PRO A 32 -33.23 38.13 42.12
C PRO A 32 -34.21 39.00 42.92
N SER A 33 -33.79 39.35 44.12
CA SER A 33 -34.62 40.18 44.98
C SER A 33 -33.86 40.51 46.28
N GLN A 34 -33.04 41.56 46.19
CA GLN A 34 -32.26 42.00 47.32
C GLN A 34 -33.01 43.06 48.11
N LEU A 35 -33.18 42.78 49.40
CA LEU A 35 -33.89 43.70 50.27
C LEU A 35 -33.59 43.36 51.73
N ARG A 36 -32.34 43.60 52.11
CA ARG A 36 -31.90 43.32 53.46
C ARG A 36 -31.83 44.61 54.28
N LYS A 37 -32.69 44.70 55.28
CA LYS A 37 -32.74 45.87 56.14
C LYS A 37 -34.02 45.83 56.97
N GLY A 38 -34.03 46.66 58.01
CA GLY A 38 -35.18 46.73 58.90
C GLY A 38 -34.75 47.10 60.33
N PRO A 39 -35.75 47.58 61.11
CA PRO A 39 -35.49 47.97 62.48
C PRO A 39 -35.31 46.75 63.39
N PRO A 40 -34.36 46.88 64.35
CA PRO A 40 -34.08 45.80 65.28
C PRO A 40 -35.19 45.67 66.33
N VAL A 41 -35.22 44.53 66.99
CA VAL A 41 -36.21 44.28 68.01
C VAL A 41 -35.55 44.37 69.39
N PRO A 42 -35.84 45.51 70.09
CA PRO A 42 -35.28 45.73 71.41
C PRO A 42 -35.98 44.86 72.46
N PRO A 43 -35.15 44.26 73.36
CA PRO A 43 -35.68 43.40 74.41
C PRO A 43 -36.33 44.23 75.51
N PRO A 44 -37.42 43.65 76.10
CA PRO A 44 -38.15 44.32 77.16
C PRO A 44 -37.36 44.28 78.47
N PRO A 45 -37.75 45.18 79.41
CA PRO A 45 -37.10 45.24 80.71
C PRO A 45 -37.53 44.08 81.60
N LYS A 46 -37.21 42.87 81.14
CA LYS A 46 -37.56 41.68 81.89
C LYS A 46 -36.29 41.03 82.43
N HIS A 47 -35.41 40.66 81.51
CA HIS A 47 -34.15 40.03 81.89
C HIS A 47 -33.30 39.81 80.63
N THR A 48 -32.06 40.28 80.72
CA THR A 48 -31.13 40.15 79.60
C THR A 48 -29.74 39.76 80.11
N PRO A 49 -29.17 38.72 79.46
CA PRO A 49 -27.85 38.25 79.84
C PRO A 49 -26.75 39.20 79.34
N SER A 50 -25.52 38.88 79.70
CA SER A 50 -24.39 39.69 79.30
C SER A 50 -23.26 38.80 78.79
N LYS A 51 -22.61 38.13 79.73
CA LYS A 51 -21.51 37.24 79.39
C LYS A 51 -21.25 36.29 80.56
N GLU A 52 -20.96 35.04 80.19
CA GLU A 52 -20.69 34.03 81.20
C GLU A 52 -19.26 33.51 81.08
N VAL A 53 -19.02 32.77 80.01
CA VAL A 53 -17.69 32.22 79.76
C VAL A 53 -17.63 31.70 78.33
N LYS A 54 -16.42 31.64 77.80
CA LYS A 54 -16.20 31.17 76.45
C LYS A 54 -16.04 29.65 76.47
N GLN A 55 -16.62 29.01 75.46
CA GLN A 55 -16.55 27.56 75.35
C GLN A 55 -16.44 27.14 73.89
N GLU A 56 -16.09 25.88 73.70
CA GLU A 56 -15.92 25.35 72.35
C GLU A 56 -14.76 26.04 71.64
N GLN A 57 -13.82 25.22 71.19
CA GLN A 57 -12.66 25.73 70.50
C GLN A 57 -12.69 25.33 69.03
N ILE A 58 -11.94 26.07 68.22
CA ILE A 58 -11.88 25.80 66.79
C ILE A 58 -10.61 25.01 66.48
N LEU A 59 -10.77 24.02 65.61
CA LEU A 59 -9.64 23.19 65.22
C LEU A 59 -9.41 23.32 63.71
N SER A 60 -8.26 22.81 63.27
CA SER A 60 -7.91 22.87 61.87
C SER A 60 -7.33 21.53 61.42
N LEU A 61 -7.96 20.95 60.42
CA LEU A 61 -7.50 19.67 59.89
C LEU A 61 -8.32 19.32 58.65
N PHE A 62 -8.12 20.10 57.59
CA PHE A 62 -8.83 19.87 56.35
C PHE A 62 -7.88 19.41 55.25
N GLU A 63 -8.44 18.69 54.29
CA GLU A 63 -7.65 18.18 53.18
C GLU A 63 -8.56 17.80 52.01
N ASP A 64 -8.07 18.04 50.81
CA ASP A 64 -8.83 17.72 49.61
C ASP A 64 -8.19 16.52 48.91
N THR A 65 -8.96 15.44 48.86
CA THR A 65 -8.49 14.22 48.23
C THR A 65 -9.65 13.25 48.03
N PHE A 66 -9.66 12.64 46.85
CA PHE A 66 -10.71 11.68 46.52
C PHE A 66 -12.09 12.33 46.58
N VAL A 67 -12.55 12.79 45.42
CA VAL A 67 -13.85 13.44 45.33
C VAL A 67 -14.68 12.74 44.25
N PRO A 68 -15.61 11.86 44.73
CA PRO A 68 -16.47 11.13 43.82
C PRO A 68 -17.57 12.03 43.26
N GLU A 69 -18.31 11.49 42.30
CA GLU A 69 -19.39 12.24 41.68
C GLU A 69 -20.48 11.28 41.17
N ILE A 70 -21.70 11.54 41.60
CA ILE A 70 -22.83 10.72 41.20
C ILE A 70 -24.12 11.36 41.72
N SER A 71 -24.94 11.80 40.78
CA SER A 71 -26.21 12.42 41.11
C SER A 71 -27.35 11.40 40.99
N VAL A 72 -28.20 11.38 41.99
CA VAL A 72 -29.33 10.47 42.00
C VAL A 72 -30.63 11.26 42.17
N THR A 73 -31.74 10.59 41.90
CA THR A 73 -33.04 11.23 42.02
C THR A 73 -34.15 10.17 41.98
N THR A 74 -35.29 10.54 42.55
CA THR A 74 -36.43 9.63 42.58
C THR A 74 -37.71 10.40 42.89
N PRO A 75 -38.41 10.82 41.80
CA PRO A 75 -39.64 11.57 41.93
C PRO A 75 -40.79 10.66 42.35
N SER A 76 -41.72 11.23 43.11
CA SER A 76 -42.87 10.48 43.59
C SER A 76 -43.79 11.39 44.41
N GLN A 77 -45.04 11.42 44.00
CA GLN A 77 -46.02 12.24 44.69
C GLN A 77 -47.44 11.82 44.29
N PRO A 78 -48.19 11.30 45.29
CA PRO A 78 -49.55 10.86 45.05
C PRO A 78 -50.50 12.04 44.93
N ALA A 79 -51.78 11.73 44.76
CA ALA A 79 -52.79 12.76 44.61
C ALA A 79 -54.16 12.18 45.00
N GLU A 80 -55.01 13.05 45.52
CA GLU A 80 -56.34 12.64 45.93
C GLU A 80 -57.19 13.86 46.27
N ALA A 81 -58.24 14.05 45.48
CA ALA A 81 -59.14 15.18 45.69
C ALA A 81 -60.44 14.92 44.92
N SER A 82 -61.53 15.44 45.48
CA SER A 82 -62.83 15.28 44.86
C SER A 82 -63.91 15.91 45.75
N GLU A 83 -64.89 16.52 45.09
CA GLU A 83 -65.98 17.17 45.81
C GLU A 83 -67.03 17.68 44.82
N VAL A 84 -68.23 17.14 44.96
CA VAL A 84 -69.33 17.54 44.10
C VAL A 84 -70.63 16.90 44.59
N ALA A 85 -71.74 17.50 44.20
CA ALA A 85 -73.04 17.01 44.60
C ALA A 85 -73.89 16.75 43.35
N GLY A 86 -74.97 15.98 43.55
CA GLY A 86 -75.86 15.66 42.45
C GLY A 86 -77.31 15.98 42.83
N GLY A 87 -78.22 15.40 42.06
CA GLY A 87 -79.65 15.61 42.29
C GLY A 87 -80.49 14.73 41.38
N THR A 88 -80.72 15.21 40.18
CA THR A 88 -81.51 14.48 39.20
C THR A 88 -81.11 13.00 39.19
N GLN A 89 -82.06 12.16 38.83
CA GLN A 89 -81.82 10.73 38.78
C GLN A 89 -81.52 10.19 40.18
N PRO A 90 -82.60 9.74 40.86
CA PRO A 90 -82.47 9.19 42.21
C PRO A 90 -81.85 7.80 42.18
N ALA A 91 -81.46 7.32 43.36
CA ALA A 91 -80.86 6.01 43.48
C ALA A 91 -81.77 5.12 44.32
N ALA A 92 -81.46 3.83 44.29
CA ALA A 92 -82.24 2.86 45.04
C ALA A 92 -81.30 2.03 45.92
N GLY A 93 -81.88 1.42 46.94
CA GLY A 93 -81.11 0.60 47.86
C GLY A 93 -81.77 -0.78 48.05
N ALA A 94 -81.23 -1.52 49.01
CA ALA A 94 -81.75 -2.85 49.31
C ALA A 94 -81.71 -3.08 50.81
N GLN A 95 -82.37 -4.16 51.23
CA GLN A 95 -82.41 -4.50 52.64
C GLN A 95 -82.14 -5.99 52.84
N GLU A 96 -81.89 -6.37 54.08
CA GLU A 96 -81.61 -7.75 54.41
C GLU A 96 -81.65 -7.96 55.92
N PRO A 97 -82.56 -8.87 56.35
CA PRO A 97 -82.71 -9.17 57.76
C PRO A 97 -81.56 -10.03 58.27
N GLY A 98 -81.61 -10.34 59.56
CA GLY A 98 -80.57 -11.15 60.18
C GLY A 98 -80.13 -10.54 61.51
N GLU A 99 -79.96 -11.41 62.49
CA GLU A 99 -79.53 -10.97 63.82
C GLU A 99 -79.18 -12.18 64.69
N THR A 100 -77.91 -12.30 65.01
CA THR A 100 -77.43 -13.40 65.83
C THR A 100 -76.22 -12.95 66.67
N ALA A 101 -76.06 -13.61 67.81
CA ALA A 101 -74.95 -13.30 68.70
C ALA A 101 -74.10 -14.56 68.90
N ALA A 102 -74.73 -15.57 69.50
CA ALA A 102 -74.04 -16.82 69.74
C ALA A 102 -72.86 -16.56 70.69
N SER A 103 -72.95 -17.14 71.88
CA SER A 103 -71.91 -16.98 72.87
C SER A 103 -72.10 -18.01 74.00
N GLU A 104 -71.00 -18.64 74.37
CA GLU A 104 -71.03 -19.64 75.43
C GLU A 104 -69.67 -19.71 76.14
N ALA A 105 -69.72 -19.57 77.45
CA ALA A 105 -68.52 -19.61 78.26
C ALA A 105 -68.67 -20.69 79.34
N ALA A 106 -67.55 -20.97 80.01
CA ALA A 106 -67.55 -21.96 81.07
C ALA A 106 -66.76 -21.42 82.26
N SER A 107 -65.48 -21.15 82.01
CA SER A 107 -64.60 -20.63 83.05
C SER A 107 -64.46 -21.67 84.17
N SER A 108 -63.26 -22.21 84.27
CA SER A 108 -62.97 -23.21 85.29
C SER A 108 -61.49 -23.57 85.25
N SER A 109 -60.87 -23.48 86.43
CA SER A 109 -59.45 -23.80 86.55
C SER A 109 -59.18 -24.42 87.92
N LEU A 110 -59.23 -23.57 88.94
CA LEU A 110 -58.99 -24.02 90.30
C LEU A 110 -57.52 -24.43 90.45
N PRO A 111 -56.63 -23.41 90.33
CA PRO A 111 -55.20 -23.64 90.44
C PRO A 111 -54.80 -23.86 91.89
N ALA A 112 -53.57 -24.33 92.07
CA ALA A 112 -53.05 -24.59 93.41
C ALA A 112 -51.55 -24.82 93.32
N VAL A 113 -50.92 -24.08 92.43
CA VAL A 113 -49.48 -24.19 92.24
C VAL A 113 -48.77 -23.28 93.25
N VAL A 114 -47.57 -23.71 93.64
CA VAL A 114 -46.77 -22.95 94.59
C VAL A 114 -45.32 -22.92 94.12
N VAL A 115 -45.15 -22.78 92.82
CA VAL A 115 -43.83 -22.73 92.23
C VAL A 115 -43.34 -21.29 92.20
N GLU A 116 -42.03 -21.13 92.37
CA GLU A 116 -41.42 -19.82 92.36
C GLU A 116 -40.28 -19.75 91.33
N THR A 117 -40.63 -19.25 90.15
CA THR A 117 -39.66 -19.13 89.08
C THR A 117 -39.05 -17.73 89.07
N PHE A 118 -38.30 -17.45 88.01
CA PHE A 118 -37.66 -16.16 87.87
C PHE A 118 -37.17 -15.94 86.43
N PRO A 119 -38.05 -15.28 85.63
CA PRO A 119 -37.73 -15.01 84.24
C PRO A 119 -36.72 -13.86 84.13
N ALA A 120 -36.21 -13.68 82.92
CA ALA A 120 -35.25 -12.62 82.66
C ALA A 120 -34.99 -12.52 81.16
N THR A 121 -35.69 -11.59 80.53
CA THR A 121 -35.55 -11.37 79.11
C THR A 121 -34.86 -10.04 78.83
N VAL A 122 -34.11 -10.01 77.73
CA VAL A 122 -33.39 -8.81 77.36
C VAL A 122 -33.50 -8.61 75.84
N ASN A 123 -34.36 -7.67 75.46
CA ASN A 123 -34.57 -7.37 74.05
C ASN A 123 -33.78 -6.13 73.67
N GLY A 124 -33.67 -5.91 72.37
CA GLY A 124 -32.94 -4.76 71.87
C GLY A 124 -31.95 -5.17 70.77
N THR A 125 -31.72 -4.26 69.84
CA THR A 125 -30.81 -4.51 68.74
C THR A 125 -29.94 -3.29 68.47
N VAL A 126 -30.59 -2.14 68.36
CA VAL A 126 -29.90 -0.90 68.10
C VAL A 126 -29.20 -0.98 66.74
N GLU A 127 -29.45 0.02 65.92
CA GLU A 127 -28.84 0.07 64.59
C GLU A 127 -28.68 1.52 64.14
N GLY A 128 -27.70 1.73 63.28
CA GLY A 128 -27.42 3.06 62.76
C GLY A 128 -26.52 2.99 61.53
N GLY A 129 -27.16 2.91 60.37
CA GLY A 129 -26.43 2.85 59.12
C GLY A 129 -26.25 4.25 58.52
N SER A 130 -25.07 4.46 57.95
CA SER A 130 -24.75 5.74 57.33
C SER A 130 -25.05 6.87 58.32
N GLY A 131 -24.75 8.09 57.88
CA GLY A 131 -24.96 9.25 58.71
C GLY A 131 -25.20 10.49 57.84
N ALA A 132 -25.55 11.58 58.52
CA ALA A 132 -25.81 12.83 57.83
C ALA A 132 -25.22 14.00 58.64
N GLY A 133 -24.78 15.02 57.92
CA GLY A 133 -24.21 16.19 58.57
C GLY A 133 -22.80 16.46 58.05
N ARG A 134 -22.18 17.48 58.62
CA ARG A 134 -20.83 17.85 58.23
C ARG A 134 -19.81 16.97 58.95
N LEU A 135 -18.54 17.34 58.78
CA LEU A 135 -17.46 16.60 59.41
C LEU A 135 -16.63 17.54 60.28
N ASP A 136 -16.39 18.73 59.75
CA ASP A 136 -15.61 19.73 60.46
C ASP A 136 -16.52 20.88 60.86
N LEU A 137 -16.12 21.57 61.93
CA LEU A 137 -16.89 22.70 62.42
C LEU A 137 -16.48 23.96 61.67
N PRO A 138 -17.39 24.98 61.70
CA PRO A 138 -17.12 26.24 61.02
C PRO A 138 -16.11 27.07 61.80
N PRO A 139 -15.12 27.62 61.04
CA PRO A 139 -14.09 28.45 61.64
C PRO A 139 -14.62 29.83 62.01
N GLY A 140 -14.14 30.35 63.13
CA GLY A 140 -14.57 31.65 63.60
C GLY A 140 -15.84 31.54 64.46
N PHE A 141 -16.56 30.46 64.24
CA PHE A 141 -17.80 30.22 64.99
C PHE A 141 -17.66 30.70 66.43
N MET A 142 -18.80 31.03 67.02
CA MET A 142 -18.82 31.50 68.39
C MET A 142 -19.56 30.52 69.30
N PHE A 143 -20.87 30.47 69.14
CA PHE A 143 -21.70 29.58 69.94
C PHE A 143 -23.05 29.33 69.25
N LYS A 144 -23.82 28.42 69.85
CA LYS A 144 -25.12 28.09 69.31
C LYS A 144 -26.19 28.90 70.04
N VAL A 145 -27.20 29.30 69.29
CA VAL A 145 -28.29 30.08 69.84
C VAL A 145 -29.62 29.41 69.49
N GLN A 146 -30.66 29.82 70.20
CA GLN A 146 -31.99 29.27 69.97
C GLN A 146 -33.01 30.40 69.80
N ALA A 147 -33.73 30.34 68.70
CA ALA A 147 -34.75 31.34 68.40
C ALA A 147 -35.92 31.18 69.38
N GLN A 148 -36.59 32.30 69.63
CA GLN A 148 -37.72 32.29 70.54
C GLN A 148 -38.99 32.77 69.81
N HIS A 149 -38.80 33.14 68.55
CA HIS A 149 -39.91 33.61 67.74
C HIS A 149 -39.69 33.17 66.28
N ASP A 150 -40.73 33.38 65.48
CA ASP A 150 -40.66 33.01 64.07
C ASP A 150 -40.59 34.28 63.23
N TYR A 151 -39.40 34.53 62.70
CA TYR A 151 -39.18 35.71 61.88
C TYR A 151 -38.89 35.32 60.42
N THR A 152 -39.77 35.73 59.54
CA THR A 152 -39.61 35.43 58.13
C THR A 152 -38.74 36.49 57.45
N ALA A 153 -37.57 36.05 57.01
CA ALA A 153 -36.63 36.94 56.35
C ALA A 153 -36.61 36.63 54.86
N THR A 154 -36.99 37.63 54.08
CA THR A 154 -37.02 37.47 52.62
C THR A 154 -36.00 38.41 51.98
N ASP A 155 -34.80 37.88 51.79
CA ASP A 155 -33.73 38.65 51.18
C ASP A 155 -32.85 37.72 50.34
N THR A 156 -31.88 38.33 49.67
CA THR A 156 -30.97 37.57 48.82
C THR A 156 -29.81 37.02 49.65
N ASP A 157 -29.98 37.08 50.97
CA ASP A 157 -28.96 36.59 51.87
C ASP A 157 -29.39 36.85 53.31
N GLU A 158 -30.51 36.24 53.69
CA GLU A 158 -31.04 36.40 55.03
C GLU A 158 -31.12 35.05 55.74
N LEU A 159 -31.44 35.10 57.02
CA LEU A 159 -31.56 33.89 57.81
C LEU A 159 -32.96 33.80 58.41
N GLN A 160 -33.71 32.81 57.96
CA GLN A 160 -35.07 32.61 58.43
C GLN A 160 -35.05 31.83 59.74
N LEU A 161 -35.65 32.43 60.76
CA LEU A 161 -35.72 31.80 62.06
C LEU A 161 -37.17 31.42 62.37
N LYS A 162 -37.32 30.35 63.14
CA LYS A 162 -38.65 29.88 63.52
C LYS A 162 -38.70 29.67 65.03
N ALA A 163 -39.74 30.21 65.64
CA ALA A 163 -39.92 30.09 67.08
C ALA A 163 -39.45 28.70 67.52
N GLY A 164 -38.25 28.68 68.11
CA GLY A 164 -37.68 27.43 68.59
C GLY A 164 -36.77 26.80 67.52
N ASP A 165 -35.87 27.63 66.99
CA ASP A 165 -34.94 27.17 65.98
C ASP A 165 -33.53 27.15 66.56
N VAL A 166 -32.62 26.57 65.79
CA VAL A 166 -31.23 26.48 66.23
C VAL A 166 -30.35 27.21 65.22
N VAL A 167 -29.59 28.17 65.72
CA VAL A 167 -28.70 28.95 64.88
C VAL A 167 -27.34 29.10 65.57
N LEU A 168 -26.29 29.05 64.77
CA LEU A 168 -24.95 29.19 65.30
C LEU A 168 -24.40 30.57 64.94
N VAL A 169 -23.82 31.21 65.95
CA VAL A 169 -23.26 32.54 65.76
C VAL A 169 -21.86 32.41 65.17
N ILE A 170 -21.71 32.91 63.95
CA ILE A 170 -20.43 32.86 63.26
C ILE A 170 -20.03 34.27 62.84
N PRO A 171 -18.69 34.49 62.74
CA PRO A 171 -18.16 35.77 62.34
C PRO A 171 -18.34 36.01 60.83
N PHE A 172 -19.13 37.01 60.52
CA PHE A 172 -19.40 37.34 59.12
C PHE A 172 -18.10 37.70 58.40
N GLN A 173 -18.27 38.16 57.16
CA GLN A 173 -17.12 38.55 56.35
C GLN A 173 -16.69 39.98 56.68
N ASN A 174 -17.64 40.75 57.17
CA ASN A 174 -17.38 42.14 57.53
C ASN A 174 -18.54 42.67 58.36
N PRO A 175 -18.20 43.62 59.28
CA PRO A 175 -19.22 44.22 60.14
C PRO A 175 -20.05 45.24 59.36
N GLU A 176 -19.51 45.66 58.23
CA GLU A 176 -20.21 46.62 57.39
C GLU A 176 -21.40 45.97 56.70
N GLU A 177 -21.36 44.65 56.65
CA GLU A 177 -22.43 43.89 56.02
C GLU A 177 -23.47 43.45 57.07
N GLN A 178 -23.13 43.72 58.33
CA GLN A 178 -24.01 43.36 59.42
C GLN A 178 -24.94 44.53 59.75
N ASP A 179 -26.12 44.19 60.24
CA ASP A 179 -27.11 45.20 60.59
C ASP A 179 -27.06 45.44 62.10
N GLU A 180 -27.78 46.48 62.53
CA GLU A 180 -27.82 46.82 63.94
C GLU A 180 -28.87 45.97 64.67
N GLY A 181 -28.36 45.05 65.48
CA GLY A 181 -29.23 44.16 66.24
C GLY A 181 -29.31 42.78 65.57
N TRP A 182 -28.74 42.69 64.39
CA TRP A 182 -28.74 41.44 63.65
C TRP A 182 -27.28 41.08 63.34
N LEU A 183 -26.96 39.80 63.55
CA LEU A 183 -25.62 39.32 63.29
C LEU A 183 -25.68 38.17 62.29
N MET A 184 -24.50 37.76 61.83
CA MET A 184 -24.41 36.68 60.87
C MET A 184 -24.37 35.32 61.58
N GLY A 185 -25.42 34.55 61.37
CA GLY A 185 -25.52 33.23 61.99
C GLY A 185 -25.94 32.18 60.96
N VAL A 186 -25.90 30.93 61.39
CA VAL A 186 -26.27 29.82 60.52
C VAL A 186 -27.15 28.84 61.30
N LYS A 187 -28.11 28.26 60.59
CA LYS A 187 -29.02 27.30 61.20
C LYS A 187 -28.30 25.97 61.38
N GLU A 188 -28.84 25.15 62.27
CA GLU A 188 -28.27 23.85 62.55
C GLU A 188 -28.22 23.01 61.26
N SER A 189 -29.29 23.09 60.50
CA SER A 189 -29.38 22.34 59.25
C SER A 189 -28.27 22.80 58.29
N ASP A 190 -28.09 24.11 58.23
CA ASP A 190 -27.08 24.69 57.36
C ASP A 190 -25.70 24.15 57.77
N TRP A 191 -25.55 23.93 59.06
CA TRP A 191 -24.30 23.42 59.60
C TRP A 191 -23.94 22.16 58.82
N ASN A 192 -24.94 21.32 58.59
CA ASN A 192 -24.75 20.08 57.87
C ASN A 192 -24.08 20.39 56.52
N GLN A 193 -24.31 21.60 56.04
CA GLN A 193 -23.75 22.03 54.77
C GLN A 193 -22.45 22.82 55.01
N HIS A 194 -21.89 22.63 56.19
CA HIS A 194 -20.65 23.31 56.55
C HIS A 194 -19.68 23.24 55.38
N LYS A 195 -19.88 22.24 54.53
CA LYS A 195 -19.03 22.06 53.37
C LYS A 195 -19.04 23.33 52.52
N LYS A 196 -20.15 24.04 52.58
CA LYS A 196 -20.30 25.27 51.83
C LYS A 196 -21.24 26.22 52.59
N LEU A 197 -20.91 26.43 53.85
CA LEU A 197 -21.71 27.31 54.70
C LEU A 197 -21.57 28.75 54.20
N GLU A 198 -20.39 29.04 53.67
CA GLU A 198 -20.12 30.37 53.16
C GLU A 198 -21.16 30.76 52.11
N LYS A 199 -21.85 29.76 51.59
CA LYS A 199 -22.88 29.98 50.59
C LYS A 199 -24.25 29.79 51.23
N CYS A 200 -24.25 29.64 52.55
CA CYS A 200 -25.49 29.46 53.29
C CYS A 200 -25.52 30.48 54.42
N ARG A 201 -24.55 31.39 54.40
CA ARG A 201 -24.46 32.42 55.41
C ARG A 201 -25.71 33.31 55.39
N GLY A 202 -26.02 33.87 56.54
CA GLY A 202 -27.18 34.73 56.67
C GLY A 202 -27.09 35.60 57.93
N VAL A 203 -28.12 36.41 58.12
CA VAL A 203 -28.17 37.29 59.27
C VAL A 203 -29.51 37.13 59.98
N PHE A 204 -29.53 37.53 61.24
CA PHE A 204 -30.75 37.42 62.03
C PHE A 204 -30.64 38.27 63.31
N PRO A 205 -31.83 38.65 63.85
CA PRO A 205 -31.88 39.45 65.06
C PRO A 205 -31.55 38.61 66.29
N GLU A 206 -30.46 39.00 66.95
CA GLU A 206 -30.02 38.29 68.14
C GLU A 206 -31.01 38.51 69.29
N ASN A 207 -31.62 39.69 69.28
CA ASN A 207 -32.60 40.03 70.31
C ASN A 207 -33.81 39.12 70.19
N PHE A 208 -34.09 38.71 68.95
CA PHE A 208 -35.21 37.83 68.68
C PHE A 208 -34.84 36.36 68.91
N THR A 209 -33.61 36.17 69.38
CA THR A 209 -33.12 34.83 69.65
C THR A 209 -32.50 34.76 71.05
N GLU A 210 -32.07 33.56 71.42
CA GLU A 210 -31.46 33.35 72.71
C GLU A 210 -30.17 32.54 72.56
N ARG A 211 -29.20 32.88 73.40
CA ARG A 211 -27.92 32.20 73.37
C ARG A 211 -28.01 30.85 74.07
N VAL A 212 -27.37 29.85 73.48
CA VAL A 212 -27.37 28.51 74.04
C VAL A 212 -25.96 28.14 74.49
N PRO A 213 -25.82 27.91 75.82
CA PRO A 213 -24.54 27.55 76.40
C PRO A 213 -24.18 26.10 76.07
N ASP A 1 -14.21 -38.12 -16.16
CA ASP A 1 -14.63 -39.46 -16.53
C ASP A 1 -16.08 -39.69 -16.05
N GLY A 2 -17.01 -39.17 -16.83
CA GLY A 2 -18.42 -39.31 -16.49
C GLY A 2 -18.80 -38.41 -15.32
N SER A 3 -18.64 -37.11 -15.52
CA SER A 3 -18.95 -36.14 -14.49
C SER A 3 -18.93 -34.73 -15.07
N PRO A 4 -20.04 -33.98 -14.82
CA PRO A 4 -20.16 -32.63 -15.31
C PRO A 4 -19.29 -31.67 -14.50
N ALA A 5 -19.42 -30.38 -14.81
CA ALA A 5 -18.66 -29.36 -14.12
C ALA A 5 -19.49 -28.09 -14.02
N ALA A 6 -18.91 -27.09 -13.36
CA ALA A 6 -19.60 -25.82 -13.18
C ALA A 6 -18.56 -24.72 -12.94
N THR A 7 -19.05 -23.49 -12.88
CA THR A 7 -18.18 -22.35 -12.66
C THR A 7 -18.91 -21.28 -11.83
N PRO A 8 -18.13 -20.60 -10.95
CA PRO A 8 -18.68 -19.56 -10.10
C PRO A 8 -18.95 -18.29 -10.91
N GLU A 9 -19.22 -17.21 -10.18
CA GLU A 9 -19.48 -15.93 -10.81
C GLU A 9 -18.92 -14.79 -9.95
N ILE A 10 -18.88 -13.61 -10.55
CA ILE A 10 -18.36 -12.44 -9.86
C ILE A 10 -19.19 -11.22 -10.25
N ARG A 11 -19.51 -10.40 -9.26
CA ARG A 11 -20.29 -9.20 -9.48
C ARG A 11 -19.49 -7.96 -9.08
N VAL A 12 -20.04 -6.80 -9.42
CA VAL A 12 -19.39 -5.55 -9.11
C VAL A 12 -20.45 -4.50 -8.76
N ASN A 13 -19.99 -3.41 -8.19
CA ASN A 13 -20.88 -2.32 -7.81
C ASN A 13 -20.15 -0.99 -7.94
N HIS A 14 -20.90 0.08 -7.73
CA HIS A 14 -20.34 1.42 -7.81
C HIS A 14 -20.94 2.31 -6.72
N GLU A 15 -20.47 3.55 -6.68
CA GLU A 15 -20.95 4.49 -5.70
C GLU A 15 -21.04 5.90 -6.31
N PRO A 16 -22.06 6.68 -5.84
CA PRO A 16 -22.26 8.03 -6.34
C PRO A 16 -21.21 8.97 -5.75
N GLU A 17 -21.43 10.26 -6.00
CA GLU A 17 -20.52 11.28 -5.51
C GLU A 17 -21.31 12.49 -4.98
N PRO A 18 -20.71 13.16 -3.96
CA PRO A 18 -21.34 14.32 -3.36
C PRO A 18 -21.23 15.54 -4.28
N ALA A 19 -21.69 16.67 -3.77
CA ALA A 19 -21.64 17.91 -4.52
C ALA A 19 -21.45 19.09 -3.57
N GLY A 20 -21.37 20.28 -4.14
CA GLY A 20 -21.19 21.48 -3.36
C GLY A 20 -22.15 22.58 -3.80
N GLY A 21 -21.89 23.78 -3.32
CA GLY A 21 -22.73 24.93 -3.66
C GLY A 21 -21.95 26.24 -3.53
N ALA A 22 -22.69 27.31 -3.32
CA ALA A 22 -22.08 28.62 -3.17
C ALA A 22 -23.03 29.54 -2.41
N THR A 23 -22.60 30.78 -2.23
CA THR A 23 -23.40 31.77 -1.52
C THR A 23 -23.15 33.17 -2.08
N PRO A 24 -24.23 33.98 -2.07
CA PRO A 24 -24.15 35.35 -2.57
C PRO A 24 -23.41 36.25 -1.58
N GLY A 25 -23.48 37.55 -1.86
CA GLY A 25 -22.81 38.52 -1.01
C GLY A 25 -23.81 39.59 -0.53
N ALA A 26 -23.29 40.79 -0.34
CA ALA A 26 -24.10 41.91 0.11
C ALA A 26 -23.34 43.22 -0.10
N THR A 27 -24.10 44.29 -0.25
CA THR A 27 -23.51 45.60 -0.46
C THR A 27 -23.91 46.54 0.67
N LEU A 28 -23.54 47.81 0.49
CA LEU A 28 -23.85 48.82 1.50
C LEU A 28 -24.00 50.18 0.81
N PRO A 29 -25.16 50.85 1.09
CA PRO A 29 -25.43 52.14 0.51
C PRO A 29 -24.59 53.24 1.18
N LYS A 30 -24.91 54.48 0.83
CA LYS A 30 -24.20 55.61 1.39
C LYS A 30 -25.20 56.61 1.96
N SER A 31 -24.67 57.60 2.67
CA SER A 31 -25.51 58.63 3.27
C SER A 31 -25.11 60.00 2.74
N PRO A 32 -26.16 60.82 2.42
CA PRO A 32 -25.93 62.16 1.90
C PRO A 32 -25.48 63.11 3.01
N SER A 33 -24.81 64.17 2.60
CA SER A 33 -24.33 65.16 3.55
C SER A 33 -24.84 66.55 3.15
N GLN A 34 -25.74 67.07 3.98
CA GLN A 34 -26.30 68.39 3.73
C GLN A 34 -25.59 69.44 4.56
N LEU A 35 -25.72 70.69 4.14
CA LEU A 35 -25.10 71.79 4.84
C LEU A 35 -23.58 71.71 4.66
N ARG A 36 -23.06 72.57 3.80
CA ARG A 36 -21.63 72.60 3.54
C ARG A 36 -20.99 73.78 4.25
N LYS A 37 -19.72 73.61 4.58
CA LYS A 37 -18.97 74.66 5.27
C LYS A 37 -17.85 75.16 4.36
N GLY A 38 -17.29 76.30 4.75
CA GLY A 38 -16.21 76.90 3.98
C GLY A 38 -15.59 78.07 4.74
N PRO A 39 -14.27 78.28 4.48
CA PRO A 39 -13.54 79.37 5.13
C PRO A 39 -13.91 80.72 4.52
N PRO A 40 -13.91 81.76 5.39
CA PRO A 40 -14.24 83.11 4.95
C PRO A 40 -13.09 83.72 4.16
N VAL A 41 -13.44 84.74 3.38
CA VAL A 41 -12.45 85.42 2.56
C VAL A 41 -12.14 86.79 3.17
N PRO A 42 -10.95 86.87 3.83
CA PRO A 42 -10.52 88.11 4.46
C PRO A 42 -10.06 89.13 3.42
N PRO A 43 -10.34 90.43 3.73
CA PRO A 43 -9.96 91.50 2.82
C PRO A 43 -8.45 91.75 2.88
N PRO A 44 -7.92 92.34 1.77
CA PRO A 44 -6.50 92.64 1.69
C PRO A 44 -6.15 93.87 2.53
N PRO A 45 -4.89 93.87 3.05
CA PRO A 45 -4.42 94.97 3.88
C PRO A 45 -4.11 96.20 3.01
N LYS A 46 -5.16 96.75 2.42
CA LYS A 46 -5.01 97.92 1.58
C LYS A 46 -6.33 98.69 1.55
N HIS A 47 -6.43 99.66 2.45
CA HIS A 47 -7.63 100.48 2.54
C HIS A 47 -7.62 101.52 1.41
N THR A 48 -7.61 101.03 0.19
CA THR A 48 -7.61 101.89 -0.98
C THR A 48 -8.64 103.00 -0.81
N PRO A 49 -8.13 104.27 -0.78
CA PRO A 49 -9.00 105.42 -0.63
C PRO A 49 -9.75 105.71 -1.93
N SER A 50 -10.89 106.38 -1.78
CA SER A 50 -11.71 106.73 -2.92
C SER A 50 -12.47 108.03 -2.65
N LYS A 51 -12.98 108.61 -3.72
CA LYS A 51 -13.74 109.85 -3.61
C LYS A 51 -15.23 109.53 -3.57
N GLU A 52 -15.78 109.60 -2.37
CA GLU A 52 -17.20 109.31 -2.18
C GLU A 52 -17.76 110.16 -1.03
N VAL A 53 -19.08 110.17 -0.94
CA VAL A 53 -19.74 110.92 0.11
C VAL A 53 -19.44 112.42 -0.06
N LYS A 54 -20.49 113.20 -0.21
CA LYS A 54 -20.34 114.63 -0.37
C LYS A 54 -21.53 115.34 0.27
N GLN A 55 -21.30 116.60 0.64
CA GLN A 55 -22.35 117.39 1.27
C GLN A 55 -21.98 118.88 1.21
N GLU A 56 -22.99 119.72 1.44
CA GLU A 56 -22.79 121.15 1.41
C GLU A 56 -22.46 121.62 -0.01
N GLN A 57 -23.18 122.64 -0.45
CA GLN A 57 -22.98 123.19 -1.77
C GLN A 57 -23.93 124.35 -2.03
N ILE A 58 -23.36 125.55 -2.05
CA ILE A 58 -24.14 126.75 -2.28
C ILE A 58 -23.21 127.93 -2.51
N LEU A 59 -23.78 129.02 -3.02
CA LEU A 59 -23.01 130.22 -3.29
C LEU A 59 -23.87 131.45 -2.99
N SER A 60 -23.19 132.52 -2.62
CA SER A 60 -23.89 133.77 -2.30
C SER A 60 -23.46 134.86 -3.28
N LEU A 61 -24.18 135.97 -3.22
CA LEU A 61 -23.89 137.09 -4.10
C LEU A 61 -24.29 138.40 -3.40
N PHE A 62 -23.93 139.50 -4.03
CA PHE A 62 -24.24 140.81 -3.48
C PHE A 62 -24.04 141.90 -4.54
N GLU A 63 -24.40 143.12 -4.14
CA GLU A 63 -24.27 144.26 -5.04
C GLU A 63 -24.66 145.55 -4.32
N ASP A 64 -24.31 146.67 -4.94
CA ASP A 64 -24.61 147.97 -4.37
C ASP A 64 -24.02 149.06 -5.25
N THR A 65 -24.40 150.29 -4.96
CA THR A 65 -23.92 151.44 -5.72
C THR A 65 -24.02 152.72 -4.89
N PHE A 66 -23.23 153.70 -5.28
CA PHE A 66 -23.23 154.98 -4.58
C PHE A 66 -22.86 156.12 -5.54
N VAL A 67 -22.82 157.32 -4.97
CA VAL A 67 -22.49 158.50 -5.76
C VAL A 67 -21.57 159.41 -4.94
N PRO A 68 -20.70 160.16 -5.66
CA PRO A 68 -19.77 161.07 -5.02
C PRO A 68 -20.49 162.32 -4.53
N GLU A 69 -19.69 163.33 -4.19
CA GLU A 69 -20.23 164.59 -3.72
C GLU A 69 -19.27 165.74 -4.03
N ILE A 70 -19.85 166.90 -4.27
CA ILE A 70 -19.07 168.08 -4.59
C ILE A 70 -18.85 168.90 -3.32
N SER A 71 -17.58 169.20 -3.05
CA SER A 71 -17.23 169.97 -1.87
C SER A 71 -16.85 171.41 -2.27
N VAL A 72 -16.46 172.18 -1.28
CA VAL A 72 -16.07 173.56 -1.52
C VAL A 72 -14.70 173.82 -0.90
N THR A 73 -14.06 174.87 -1.38
CA THR A 73 -12.73 175.23 -0.89
C THR A 73 -12.84 175.88 0.49
N THR A 74 -11.70 176.31 1.01
CA THR A 74 -11.65 176.94 2.31
C THR A 74 -10.51 177.96 2.35
N PRO A 75 -10.83 179.14 2.97
CA PRO A 75 -9.84 180.21 3.10
C PRO A 75 -8.81 179.87 4.17
N SER A 76 -7.69 180.59 4.11
CA SER A 76 -6.62 180.37 5.06
C SER A 76 -6.48 181.60 5.97
N GLN A 77 -5.90 181.38 7.15
CA GLN A 77 -5.70 182.44 8.10
C GLN A 77 -4.21 182.80 8.19
N PRO A 78 -3.95 184.04 8.71
CA PRO A 78 -2.59 184.51 8.86
C PRO A 78 -1.89 183.83 10.04
N ALA A 79 -0.61 184.12 10.18
CA ALA A 79 0.17 183.56 11.27
C ALA A 79 1.52 184.28 11.36
N GLU A 80 2.35 183.80 12.26
CA GLU A 80 3.66 184.39 12.46
C GLU A 80 3.53 185.80 13.07
N ALA A 81 4.65 186.31 13.54
CA ALA A 81 4.67 187.64 14.13
C ALA A 81 3.97 187.59 15.50
N SER A 82 4.65 186.98 16.46
CA SER A 82 4.10 186.86 17.80
C SER A 82 5.03 186.03 18.67
N GLU A 83 6.03 186.69 19.24
CA GLU A 83 6.99 186.02 20.09
C GLU A 83 7.03 186.68 21.47
N VAL A 84 6.50 185.96 22.45
CA VAL A 84 6.46 186.47 23.81
C VAL A 84 5.61 187.74 23.85
N ALA A 85 4.88 187.88 24.95
CA ALA A 85 4.02 189.03 25.14
C ALA A 85 4.80 190.14 25.86
N GLY A 86 5.20 189.82 27.08
CA GLY A 86 5.96 190.77 27.88
C GLY A 86 5.14 191.25 29.09
N GLY A 87 5.82 191.93 29.99
CA GLY A 87 5.16 192.45 31.19
C GLY A 87 4.57 193.84 30.92
N THR A 88 3.32 193.85 30.52
CA THR A 88 2.63 195.10 30.24
C THR A 88 1.20 195.06 30.77
N GLN A 89 0.92 195.95 31.71
CA GLN A 89 -0.40 196.02 32.31
C GLN A 89 -1.46 196.28 31.24
N PRO A 90 -1.18 197.29 30.38
CA PRO A 90 -2.09 197.65 29.31
C PRO A 90 -2.02 196.63 28.17
N ALA A 91 -0.90 196.66 27.46
CA ALA A 91 -0.69 195.76 26.35
C ALA A 91 -1.21 194.37 26.72
N ALA A 92 -1.73 193.68 25.72
CA ALA A 92 -2.28 192.34 25.93
C ALA A 92 -1.51 191.35 25.05
N GLY A 93 -2.00 190.12 25.05
CA GLY A 93 -1.38 189.06 24.27
C GLY A 93 -1.84 189.12 22.81
N ALA A 94 -3.08 188.69 22.61
CA ALA A 94 -3.65 188.69 21.27
C ALA A 94 -2.88 187.70 20.38
N GLN A 95 -3.62 186.77 19.79
CA GLN A 95 -3.02 185.78 18.93
C GLN A 95 -3.85 185.60 17.66
N GLU A 96 -3.24 185.00 16.66
CA GLU A 96 -3.91 184.76 15.39
C GLU A 96 -3.87 183.28 15.03
N PRO A 97 -5.09 182.68 14.93
CA PRO A 97 -5.20 181.27 14.60
C PRO A 97 -4.91 181.03 13.12
N GLY A 98 -4.94 179.76 12.74
CA GLY A 98 -4.69 179.38 11.35
C GLY A 98 -5.95 178.80 10.71
N GLU A 99 -5.73 177.91 9.76
CA GLU A 99 -6.83 177.27 9.05
C GLU A 99 -6.30 176.19 8.11
N THR A 100 -7.04 175.09 8.06
CA THR A 100 -6.65 173.98 7.20
C THR A 100 -7.86 173.50 6.38
N ALA A 101 -7.70 173.59 5.07
CA ALA A 101 -8.76 173.17 4.16
C ALA A 101 -8.98 171.66 4.31
N ALA A 102 -7.98 170.91 3.87
CA ALA A 102 -8.04 169.46 3.94
C ALA A 102 -9.11 168.95 2.97
N SER A 103 -8.84 167.81 2.38
CA SER A 103 -9.77 167.20 1.43
C SER A 103 -9.11 166.00 0.75
N GLU A 104 -9.85 164.90 0.74
CA GLU A 104 -9.36 163.68 0.12
C GLU A 104 -10.47 162.63 0.08
N ALA A 105 -10.45 161.83 -0.98
CA ALA A 105 -11.44 160.78 -1.13
C ALA A 105 -10.97 159.80 -2.21
N ALA A 106 -11.70 158.71 -2.33
CA ALA A 106 -11.37 157.69 -3.32
C ALA A 106 -12.44 156.60 -3.29
N SER A 107 -12.30 155.67 -4.23
CA SER A 107 -13.25 154.57 -4.33
C SER A 107 -12.74 153.53 -5.34
N SER A 108 -13.36 152.35 -5.28
CA SER A 108 -12.98 151.28 -6.18
C SER A 108 -14.05 150.19 -6.17
N SER A 109 -14.32 149.65 -7.35
CA SER A 109 -15.32 148.61 -7.49
C SER A 109 -15.48 148.21 -8.96
N LEU A 110 -15.39 146.92 -9.21
CA LEU A 110 -15.52 146.40 -10.56
C LEU A 110 -15.51 144.88 -10.52
N PRO A 111 -16.74 144.29 -10.38
CA PRO A 111 -16.88 142.85 -10.32
C PRO A 111 -16.71 142.23 -11.71
N ALA A 112 -16.54 140.91 -11.72
CA ALA A 112 -16.36 140.19 -12.97
C ALA A 112 -16.45 138.70 -12.71
N VAL A 113 -17.42 138.06 -13.36
CA VAL A 113 -17.61 136.64 -13.20
C VAL A 113 -18.69 136.16 -14.19
N VAL A 114 -18.52 134.93 -14.65
CA VAL A 114 -19.47 134.35 -15.59
C VAL A 114 -19.14 132.87 -15.80
N VAL A 115 -20.18 132.05 -15.76
CA VAL A 115 -20.00 130.62 -15.94
C VAL A 115 -21.38 129.96 -16.06
N GLU A 116 -21.43 128.94 -16.91
CA GLU A 116 -22.68 128.22 -17.14
C GLU A 116 -22.40 126.88 -17.82
N THR A 117 -22.74 125.81 -17.12
CA THR A 117 -22.53 124.47 -17.65
C THR A 117 -23.57 123.51 -17.08
N PHE A 118 -23.95 122.55 -17.90
CA PHE A 118 -24.94 121.56 -17.49
C PHE A 118 -25.07 120.44 -18.53
N PRO A 119 -24.28 119.35 -18.31
CA PRO A 119 -24.31 118.22 -19.22
C PRO A 119 -25.59 117.40 -19.03
N ALA A 120 -26.00 116.78 -20.13
CA ALA A 120 -27.21 115.96 -20.10
C ALA A 120 -26.99 114.70 -20.96
N THR A 121 -26.63 113.62 -20.29
CA THR A 121 -26.39 112.36 -20.97
C THR A 121 -26.74 111.18 -20.05
N VAL A 122 -27.44 110.22 -20.63
CA VAL A 122 -27.84 109.04 -19.88
C VAL A 122 -28.36 107.98 -20.85
N ASN A 123 -27.69 106.84 -20.85
CA ASN A 123 -28.07 105.74 -21.72
C ASN A 123 -27.82 104.42 -21.01
N GLY A 124 -28.42 103.36 -21.54
CA GLY A 124 -28.28 102.03 -20.97
C GLY A 124 -29.61 101.27 -21.00
N THR A 125 -29.80 100.53 -22.08
CA THR A 125 -31.02 99.76 -22.24
C THR A 125 -30.75 98.28 -21.96
N VAL A 126 -30.86 97.92 -20.68
CA VAL A 126 -30.64 96.55 -20.26
C VAL A 126 -31.21 96.35 -18.86
N GLU A 127 -31.50 95.10 -18.55
CA GLU A 127 -32.06 94.76 -17.25
C GLU A 127 -32.10 93.24 -17.08
N GLY A 128 -32.85 92.59 -17.96
CA GLY A 128 -32.98 91.14 -17.92
C GLY A 128 -34.27 90.74 -17.20
N GLY A 129 -34.09 90.04 -16.09
CA GLY A 129 -35.23 89.58 -15.31
C GLY A 129 -35.81 88.29 -15.88
N SER A 130 -36.47 87.54 -15.00
CA SER A 130 -37.08 86.28 -15.41
C SER A 130 -38.50 86.52 -15.92
N GLY A 131 -39.32 87.09 -15.05
CA GLY A 131 -40.70 87.38 -15.41
C GLY A 131 -41.53 87.68 -14.16
N ALA A 132 -42.13 88.86 -14.15
CA ALA A 132 -42.96 89.28 -13.04
C ALA A 132 -42.11 89.29 -11.76
N GLY A 133 -42.57 90.07 -10.79
CA GLY A 133 -41.87 90.18 -9.53
C GLY A 133 -42.85 90.10 -8.35
N ARG A 134 -42.32 90.36 -7.16
CA ARG A 134 -43.12 90.32 -5.95
C ARG A 134 -43.94 91.61 -5.83
N LEU A 135 -44.73 91.67 -4.76
CA LEU A 135 -45.55 92.83 -4.51
C LEU A 135 -45.14 93.48 -3.18
N ASP A 136 -44.82 92.62 -2.22
CA ASP A 136 -44.42 93.10 -0.91
C ASP A 136 -42.93 92.77 -0.70
N LEU A 137 -42.30 93.57 0.15
CA LEU A 137 -40.89 93.37 0.45
C LEU A 137 -40.74 92.30 1.54
N PRO A 138 -39.51 91.74 1.62
CA PRO A 138 -39.23 90.71 2.62
C PRO A 138 -39.07 91.32 4.01
N PRO A 139 -39.70 90.65 5.00
CA PRO A 139 -39.64 91.13 6.38
C PRO A 139 -38.27 90.83 6.99
N GLY A 140 -37.81 91.75 7.83
CA GLY A 140 -36.53 91.61 8.48
C GLY A 140 -35.40 92.14 7.61
N PHE A 141 -35.65 92.16 6.31
CA PHE A 141 -34.67 92.65 5.36
C PHE A 141 -33.88 93.82 5.94
N MET A 142 -32.67 93.99 5.43
CA MET A 142 -31.80 95.06 5.89
C MET A 142 -31.49 96.04 4.75
N PHE A 143 -30.75 95.55 3.77
CA PHE A 143 -30.38 96.37 2.63
C PHE A 143 -29.94 95.49 1.45
N LYS A 144 -29.63 96.16 0.34
CA LYS A 144 -29.19 95.45 -0.85
C LYS A 144 -27.67 95.47 -0.92
N VAL A 145 -27.12 94.45 -1.54
CA VAL A 145 -25.67 94.33 -1.69
C VAL A 145 -25.34 93.98 -3.14
N GLN A 146 -24.06 94.12 -3.47
CA GLN A 146 -23.59 93.83 -4.81
C GLN A 146 -22.31 93.00 -4.76
N ALA A 147 -22.41 91.80 -5.33
CA ALA A 147 -21.27 90.90 -5.35
C ALA A 147 -20.15 91.51 -6.18
N GLN A 148 -18.93 91.06 -5.91
CA GLN A 148 -17.77 91.57 -6.62
C GLN A 148 -16.99 90.41 -7.27
N HIS A 149 -17.47 89.20 -7.00
CA HIS A 149 -16.84 88.01 -7.54
C HIS A 149 -17.91 86.97 -7.86
N ASP A 150 -17.48 85.91 -8.53
CA ASP A 150 -18.39 84.84 -8.91
C ASP A 150 -18.06 83.59 -8.08
N TYR A 151 -18.89 83.36 -7.07
CA TYR A 151 -18.69 82.22 -6.20
C TYR A 151 -19.87 81.25 -6.30
N THR A 152 -19.60 80.10 -6.93
CA THR A 152 -20.62 79.09 -7.11
C THR A 152 -20.87 78.35 -5.79
N ALA A 153 -22.07 78.54 -5.25
CA ALA A 153 -22.44 77.91 -4.01
C ALA A 153 -23.55 76.89 -4.28
N THR A 154 -23.21 75.63 -4.05
CA THR A 154 -24.17 74.55 -4.26
C THR A 154 -24.39 73.77 -2.97
N ASP A 155 -25.42 74.17 -2.23
CA ASP A 155 -25.73 73.52 -0.98
C ASP A 155 -27.26 73.42 -0.83
N THR A 156 -27.68 72.88 0.30
CA THR A 156 -29.11 72.72 0.57
C THR A 156 -29.71 74.05 0.99
N ASP A 157 -28.85 75.04 1.14
CA ASP A 157 -29.29 76.37 1.55
C ASP A 157 -28.17 77.38 1.27
N GLU A 158 -27.57 77.25 0.09
CA GLU A 158 -26.50 78.13 -0.32
C GLU A 158 -27.04 79.25 -1.21
N LEU A 159 -26.21 80.26 -1.39
CA LEU A 159 -26.59 81.40 -2.22
C LEU A 159 -25.50 81.64 -3.27
N GLN A 160 -25.86 81.42 -4.52
CA GLN A 160 -24.93 81.61 -5.62
C GLN A 160 -24.77 83.10 -5.92
N LEU A 161 -23.53 83.50 -6.14
CA LEU A 161 -23.22 84.89 -6.44
C LEU A 161 -22.33 84.95 -7.68
N LYS A 162 -22.59 85.98 -8.49
CA LYS A 162 -21.82 86.16 -9.72
C LYS A 162 -21.21 87.57 -9.72
N ALA A 163 -19.92 87.62 -10.03
CA ALA A 163 -19.21 88.88 -10.06
C ALA A 163 -20.12 89.96 -10.66
N GLY A 164 -20.72 90.73 -9.77
CA GLY A 164 -21.62 91.80 -10.19
C GLY A 164 -23.08 91.35 -10.09
N ASP A 165 -23.41 90.75 -8.95
CA ASP A 165 -24.76 90.28 -8.71
C ASP A 165 -25.44 91.17 -7.66
N VAL A 166 -26.74 91.02 -7.56
CA VAL A 166 -27.52 91.79 -6.60
C VAL A 166 -28.15 90.86 -5.58
N VAL A 167 -27.82 91.12 -4.32
CA VAL A 167 -28.36 90.30 -3.23
C VAL A 167 -28.85 91.21 -2.11
N LEU A 168 -29.90 90.77 -1.45
CA LEU A 168 -30.47 91.53 -0.35
C LEU A 168 -30.12 90.86 0.98
N VAL A 169 -29.65 91.67 1.91
CA VAL A 169 -29.29 91.17 3.23
C VAL A 169 -30.54 91.03 4.09
N ILE A 170 -30.85 89.78 4.42
CA ILE A 170 -32.02 89.50 5.24
C ILE A 170 -31.58 88.73 6.48
N PRO A 171 -32.39 88.88 7.57
CA PRO A 171 -32.11 88.20 8.82
C PRO A 171 -32.45 86.71 8.73
N PHE A 172 -31.42 85.89 8.85
CA PHE A 172 -31.61 84.45 8.78
C PHE A 172 -32.61 83.97 9.84
N GLN A 173 -32.79 82.66 9.90
CA GLN A 173 -33.70 82.08 10.86
C GLN A 173 -33.03 81.96 12.23
N ASN A 174 -31.73 81.71 12.20
CA ASN A 174 -30.97 81.57 13.44
C ASN A 174 -29.51 81.92 13.16
N PRO A 175 -28.87 82.55 14.18
CA PRO A 175 -27.47 82.94 14.06
C PRO A 175 -26.56 81.73 14.19
N GLU A 176 -27.10 80.67 14.78
CA GLU A 176 -26.35 79.44 14.97
C GLU A 176 -26.10 78.75 13.62
N GLU A 177 -26.90 79.13 12.64
CA GLU A 177 -26.78 78.55 11.32
C GLU A 177 -25.88 79.42 10.45
N GLN A 178 -25.67 80.65 10.90
CA GLN A 178 -24.82 81.58 10.18
C GLN A 178 -23.35 81.17 10.29
N ASP A 179 -22.62 81.40 9.22
CA ASP A 179 -21.20 81.06 9.19
C ASP A 179 -20.38 82.30 9.55
N GLU A 180 -19.09 82.07 9.74
CA GLU A 180 -18.18 83.15 10.09
C GLU A 180 -17.69 83.87 8.83
N GLY A 181 -18.32 84.99 8.54
CA GLY A 181 -17.97 85.78 7.37
C GLY A 181 -19.04 85.66 6.29
N TRP A 182 -20.04 84.84 6.57
CA TRP A 182 -21.13 84.64 5.63
C TRP A 182 -22.44 84.95 6.35
N LEU A 183 -23.38 85.48 5.59
CA LEU A 183 -24.68 85.84 6.14
C LEU A 183 -25.78 85.34 5.21
N MET A 184 -27.01 85.40 5.70
CA MET A 184 -28.15 84.97 4.92
C MET A 184 -28.69 86.10 4.05
N GLY A 185 -28.54 85.93 2.74
CA GLY A 185 -28.99 86.93 1.80
C GLY A 185 -29.78 86.28 0.66
N VAL A 186 -30.49 87.12 -0.09
CA VAL A 186 -31.29 86.64 -1.20
C VAL A 186 -30.96 87.47 -2.45
N LYS A 187 -30.97 86.80 -3.58
CA LYS A 187 -30.68 87.46 -4.85
C LYS A 187 -31.91 88.26 -5.30
N GLU A 188 -31.67 89.22 -6.18
CA GLU A 188 -32.74 90.05 -6.68
C GLU A 188 -33.81 89.19 -7.36
N SER A 189 -33.35 88.19 -8.09
CA SER A 189 -34.26 87.29 -8.79
C SER A 189 -35.14 86.56 -7.78
N ASP A 190 -34.52 86.17 -6.67
CA ASP A 190 -35.25 85.46 -5.63
C ASP A 190 -36.29 86.39 -5.02
N TRP A 191 -35.97 87.68 -5.00
CA TRP A 191 -36.87 88.67 -4.46
C TRP A 191 -38.24 88.48 -5.10
N ASN A 192 -38.22 88.36 -6.42
CA ASN A 192 -39.45 88.17 -7.17
C ASN A 192 -40.20 86.96 -6.62
N GLN A 193 -39.44 86.06 -6.01
CA GLN A 193 -40.01 84.86 -5.43
C GLN A 193 -40.38 85.10 -3.97
N HIS A 194 -40.45 86.37 -3.61
CA HIS A 194 -40.79 86.75 -2.24
C HIS A 194 -41.99 85.92 -1.77
N LYS A 195 -42.74 85.40 -2.72
CA LYS A 195 -43.91 84.60 -2.42
C LYS A 195 -43.48 83.40 -1.57
N LYS A 196 -42.28 82.90 -1.86
CA LYS A 196 -41.75 81.77 -1.13
C LYS A 196 -40.22 81.82 -1.15
N LEU A 197 -39.70 82.96 -0.73
CA LEU A 197 -38.26 83.15 -0.70
C LEU A 197 -37.65 82.30 0.43
N GLU A 198 -38.45 82.12 1.48
CA GLU A 198 -38.01 81.33 2.62
C GLU A 198 -37.55 79.94 2.17
N LYS A 199 -38.02 79.56 0.99
CA LYS A 199 -37.67 78.27 0.44
C LYS A 199 -36.56 78.44 -0.61
N CYS A 200 -36.04 79.67 -0.67
CA CYS A 200 -34.98 79.98 -1.60
C CYS A 200 -33.86 80.70 -0.85
N ARG A 201 -33.98 80.68 0.47
CA ARG A 201 -33.00 81.33 1.32
C ARG A 201 -31.62 80.70 1.10
N GLY A 202 -30.59 81.47 1.42
CA GLY A 202 -29.22 81.01 1.28
C GLY A 202 -28.25 81.91 2.02
N VAL A 203 -26.98 81.56 1.96
CA VAL A 203 -25.94 82.32 2.63
C VAL A 203 -24.85 82.67 1.63
N PHE A 204 -24.05 83.67 1.99
CA PHE A 204 -22.96 84.11 1.13
C PHE A 204 -21.95 84.95 1.92
N PRO A 205 -20.69 84.96 1.40
CA PRO A 205 -19.63 85.72 2.04
C PRO A 205 -19.79 87.21 1.79
N GLU A 206 -19.94 87.95 2.89
CA GLU A 206 -20.10 89.39 2.79
C GLU A 206 -18.80 90.04 2.31
N ASN A 207 -17.69 89.47 2.75
CA ASN A 207 -16.38 89.99 2.37
C ASN A 207 -16.21 89.84 0.85
N PHE A 208 -16.91 88.87 0.29
CA PHE A 208 -16.84 88.62 -1.14
C PHE A 208 -17.87 89.47 -1.89
N THR A 209 -18.58 90.29 -1.13
CA THR A 209 -19.59 91.16 -1.71
C THR A 209 -19.44 92.59 -1.18
N GLU A 210 -20.29 93.46 -1.69
CA GLU A 210 -20.27 94.86 -1.27
C GLU A 210 -21.68 95.35 -0.98
N ARG A 211 -21.77 96.23 0.02
CA ARG A 211 -23.05 96.78 0.42
C ARG A 211 -23.48 97.87 -0.58
N VAL A 212 -24.78 97.88 -0.86
CA VAL A 212 -25.33 98.86 -1.78
C VAL A 212 -26.26 99.82 -1.01
N PRO A 213 -25.85 101.12 -1.00
CA PRO A 213 -26.62 102.13 -0.31
C PRO A 213 -27.88 102.50 -1.10
N ASP A 1 -14.21 -38.12 -16.16
CA ASP A 1 -14.63 -39.46 -16.53
C ASP A 1 -14.91 -40.27 -15.26
N GLY A 2 -15.64 -39.65 -14.34
CA GLY A 2 -15.98 -40.30 -13.09
C GLY A 2 -15.29 -39.60 -11.91
N SER A 3 -16.10 -39.31 -10.89
CA SER A 3 -15.57 -38.65 -9.71
C SER A 3 -16.67 -38.55 -8.64
N PRO A 4 -16.51 -39.37 -7.57
CA PRO A 4 -17.47 -39.39 -6.48
C PRO A 4 -17.32 -38.14 -5.61
N ALA A 5 -17.89 -38.23 -4.42
CA ALA A 5 -17.83 -37.13 -3.47
C ALA A 5 -18.41 -37.57 -2.13
N ALA A 6 -18.25 -36.71 -1.14
CA ALA A 6 -18.77 -37.00 0.20
C ALA A 6 -18.73 -35.73 1.04
N THR A 7 -19.62 -35.68 2.02
CA THR A 7 -19.71 -34.53 2.91
C THR A 7 -20.15 -34.96 4.30
N PRO A 8 -19.20 -34.88 5.26
CA PRO A 8 -19.49 -35.26 6.64
C PRO A 8 -20.34 -34.19 7.34
N GLU A 9 -20.35 -34.27 8.65
CA GLU A 9 -21.11 -33.32 9.45
C GLU A 9 -20.74 -33.44 10.93
N ILE A 10 -20.70 -32.30 11.59
CA ILE A 10 -20.38 -32.27 13.01
C ILE A 10 -21.59 -31.81 13.82
N ARG A 11 -21.37 -31.58 15.10
CA ARG A 11 -22.43 -31.14 15.98
C ARG A 11 -21.94 -31.10 17.43
N VAL A 12 -22.52 -30.18 18.18
CA VAL A 12 -22.14 -30.02 19.58
C VAL A 12 -23.19 -29.14 20.29
N ASN A 13 -23.62 -29.62 21.44
CA ASN A 13 -24.61 -28.88 22.22
C ASN A 13 -24.28 -29.01 23.71
N HIS A 14 -24.90 -28.15 24.50
CA HIS A 14 -24.69 -28.17 25.94
C HIS A 14 -25.64 -27.17 26.61
N GLU A 15 -25.54 -27.10 27.92
CA GLU A 15 -26.39 -26.20 28.69
C GLU A 15 -26.08 -26.33 30.18
N PRO A 16 -25.60 -25.20 30.77
CA PRO A 16 -25.27 -25.19 32.19
C PRO A 16 -26.53 -25.14 33.05
N GLU A 17 -26.32 -24.88 34.34
CA GLU A 17 -27.43 -24.80 35.27
C GLU A 17 -26.99 -24.12 36.57
N PRO A 18 -27.54 -22.89 36.77
CA PRO A 18 -27.20 -22.12 37.96
C PRO A 18 -27.91 -22.68 39.19
N ALA A 19 -27.79 -21.96 40.30
CA ALA A 19 -28.42 -22.38 41.54
C ALA A 19 -28.10 -21.35 42.64
N GLY A 20 -28.77 -21.51 43.76
CA GLY A 20 -28.57 -20.62 44.89
C GLY A 20 -29.45 -21.00 46.07
N GLY A 21 -29.36 -20.22 47.14
CA GLY A 21 -30.14 -20.48 48.33
C GLY A 21 -29.91 -19.38 49.37
N ALA A 22 -30.54 -19.57 50.52
CA ALA A 22 -30.42 -18.61 51.60
C ALA A 22 -31.18 -19.13 52.84
N THR A 23 -31.09 -18.36 53.91
CA THR A 23 -31.75 -18.74 55.15
C THR A 23 -31.66 -17.60 56.17
N PRO A 24 -32.84 -16.97 56.44
CA PRO A 24 -32.89 -15.88 57.39
C PRO A 24 -32.79 -16.39 58.83
N GLY A 25 -32.94 -15.46 59.76
CA GLY A 25 -32.87 -15.81 61.18
C GLY A 25 -33.21 -14.60 62.05
N ALA A 26 -33.29 -14.86 63.35
CA ALA A 26 -33.62 -13.80 64.30
C ALA A 26 -33.56 -14.37 65.72
N THR A 27 -33.74 -13.48 66.68
CA THR A 27 -33.70 -13.88 68.08
C THR A 27 -34.12 -12.71 68.98
N LEU A 28 -34.27 -13.02 70.25
CA LEU A 28 -34.66 -12.00 71.23
C LEU A 28 -34.60 -12.60 72.64
N PRO A 29 -33.69 -12.01 73.46
CA PRO A 29 -33.51 -12.47 74.83
C PRO A 29 -34.67 -12.01 75.72
N LYS A 30 -34.63 -10.74 76.07
CA LYS A 30 -35.66 -10.16 76.92
C LYS A 30 -35.37 -10.49 78.38
N SER A 31 -34.91 -9.48 79.11
CA SER A 31 -34.59 -9.65 80.51
C SER A 31 -35.43 -8.71 81.36
N PRO A 32 -36.41 -9.31 82.10
CA PRO A 32 -37.28 -8.52 82.96
C PRO A 32 -36.56 -8.07 84.22
N SER A 33 -37.08 -7.00 84.81
CA SER A 33 -36.49 -6.45 86.02
C SER A 33 -37.57 -6.26 87.09
N GLN A 34 -38.61 -5.54 86.71
CA GLN A 34 -39.71 -5.27 87.61
C GLN A 34 -40.35 -6.59 88.07
N LEU A 35 -40.36 -6.77 89.38
CA LEU A 35 -40.93 -7.98 89.96
C LEU A 35 -40.96 -7.84 91.49
N ARG A 36 -42.01 -7.20 91.97
CA ARG A 36 -42.18 -6.98 93.40
C ARG A 36 -43.02 -8.11 94.00
N LYS A 37 -42.41 -8.85 94.91
CA LYS A 37 -43.08 -9.95 95.57
C LYS A 37 -42.09 -10.68 96.48
N GLY A 38 -42.61 -11.64 97.23
CA GLY A 38 -41.80 -12.41 98.15
C GLY A 38 -42.63 -12.92 99.33
N PRO A 39 -42.14 -14.04 99.93
CA PRO A 39 -42.82 -14.63 101.06
C PRO A 39 -42.59 -13.81 102.33
N PRO A 40 -43.64 -13.77 103.20
CA PRO A 40 -43.57 -13.03 104.44
C PRO A 40 -42.71 -13.77 105.47
N VAL A 41 -42.27 -13.02 106.47
CA VAL A 41 -41.44 -13.59 107.52
C VAL A 41 -42.21 -13.55 108.84
N PRO A 42 -42.70 -14.75 109.26
CA PRO A 42 -43.45 -14.87 110.49
C PRO A 42 -42.52 -14.81 111.71
N PRO A 43 -43.03 -14.16 112.78
CA PRO A 43 -42.25 -14.00 114.01
C PRO A 43 -42.20 -15.33 114.78
N PRO A 44 -40.97 -15.67 115.24
CA PRO A 44 -40.76 -16.90 116.00
C PRO A 44 -41.30 -16.76 117.42
N PRO A 45 -41.35 -17.92 118.13
CA PRO A 45 -41.83 -17.93 119.50
C PRO A 45 -40.80 -17.35 120.46
N LYS A 46 -40.60 -16.04 120.34
CA LYS A 46 -39.63 -15.36 121.19
C LYS A 46 -40.03 -13.89 121.32
N HIS A 47 -40.49 -13.53 122.51
CA HIS A 47 -40.91 -12.17 122.78
C HIS A 47 -40.84 -11.90 124.28
N THR A 48 -39.74 -12.32 124.88
CA THR A 48 -39.53 -12.12 126.30
C THR A 48 -39.80 -10.66 126.69
N PRO A 49 -39.14 -9.74 125.94
CA PRO A 49 -39.30 -8.32 126.19
C PRO A 49 -40.65 -7.82 125.68
N SER A 50 -40.83 -6.52 125.76
CA SER A 50 -42.07 -5.90 125.31
C SER A 50 -43.24 -6.35 126.21
N LYS A 51 -43.88 -5.37 126.83
CA LYS A 51 -44.99 -5.65 127.71
C LYS A 51 -45.97 -4.47 127.66
N GLU A 52 -45.60 -3.41 128.35
CA GLU A 52 -46.43 -2.21 128.40
C GLU A 52 -45.78 -1.14 129.27
N VAL A 53 -46.42 0.02 129.29
CA VAL A 53 -45.91 1.13 130.08
C VAL A 53 -47.06 2.09 130.40
N LYS A 54 -46.96 2.69 131.58
CA LYS A 54 -47.99 3.63 132.03
C LYS A 54 -47.48 4.38 133.26
N GLN A 55 -48.37 5.19 133.82
CA GLN A 55 -48.03 5.97 134.99
C GLN A 55 -46.97 7.03 134.64
N GLU A 56 -47.33 8.27 134.90
CA GLU A 56 -46.43 9.38 134.62
C GLU A 56 -47.09 10.71 134.97
N GLN A 57 -46.44 11.44 135.87
CA GLN A 57 -46.95 12.73 136.31
C GLN A 57 -45.91 13.45 137.16
N ILE A 58 -45.42 14.57 136.63
CA ILE A 58 -44.42 15.36 137.34
C ILE A 58 -45.08 16.59 137.93
N LEU A 59 -44.39 17.20 138.88
CA LEU A 59 -44.91 18.39 139.54
C LEU A 59 -43.86 18.93 140.52
N SER A 60 -44.03 20.18 140.89
CA SER A 60 -43.11 20.81 141.83
C SER A 60 -43.56 22.25 142.10
N LEU A 61 -43.27 22.70 143.32
CA LEU A 61 -43.63 24.05 143.72
C LEU A 61 -42.63 24.56 144.75
N PHE A 62 -42.16 25.78 144.53
CA PHE A 62 -41.21 26.39 145.43
C PHE A 62 -41.77 27.65 146.06
N GLU A 63 -41.02 28.21 147.00
CA GLU A 63 -41.43 29.41 147.70
C GLU A 63 -40.43 29.77 148.79
N ASP A 64 -40.45 31.04 149.19
CA ASP A 64 -39.55 31.53 150.21
C ASP A 64 -40.23 32.65 150.98
N THR A 65 -39.69 32.93 152.17
CA THR A 65 -40.23 33.99 153.00
C THR A 65 -39.26 34.30 154.15
N PHE A 66 -39.37 35.52 154.66
CA PHE A 66 -38.51 35.95 155.75
C PHE A 66 -39.32 36.70 156.81
N VAL A 67 -38.87 36.56 158.05
CA VAL A 67 -39.54 37.22 159.16
C VAL A 67 -38.51 37.94 160.03
N PRO A 68 -38.77 39.25 160.28
CA PRO A 68 -37.88 40.06 161.09
C PRO A 68 -38.02 39.71 162.57
N GLU A 69 -37.52 40.60 163.41
CA GLU A 69 -37.57 40.40 164.84
C GLU A 69 -37.44 41.75 165.57
N ILE A 70 -37.91 41.76 166.81
CA ILE A 70 -37.86 42.96 167.62
C ILE A 70 -38.11 42.60 169.09
N SER A 71 -37.14 42.93 169.92
CA SER A 71 -37.25 42.65 171.34
C SER A 71 -37.00 43.91 172.15
N VAL A 72 -37.44 43.88 173.40
CA VAL A 72 -37.29 45.03 174.28
C VAL A 72 -37.55 44.58 175.72
N THR A 73 -36.93 45.30 176.65
CA THR A 73 -37.09 45.00 178.06
C THR A 73 -36.50 46.12 178.92
N THR A 74 -36.90 46.13 180.18
CA THR A 74 -36.42 47.14 181.11
C THR A 74 -36.62 46.67 182.56
N PRO A 75 -35.65 47.08 183.43
CA PRO A 75 -35.70 46.71 184.83
C PRO A 75 -36.77 47.52 185.57
N SER A 76 -36.79 47.33 186.88
CA SER A 76 -37.75 48.04 187.71
C SER A 76 -37.63 47.58 189.17
N GLN A 77 -37.82 48.52 190.08
CA GLN A 77 -37.73 48.22 191.49
C GLN A 77 -38.73 49.07 192.28
N PRO A 78 -39.33 48.45 193.33
CA PRO A 78 -40.30 49.15 194.17
C PRO A 78 -39.61 50.13 195.11
N ALA A 79 -40.34 50.55 196.12
CA ALA A 79 -39.81 51.49 197.10
C ALA A 79 -40.80 51.62 198.26
N GLU A 80 -40.29 52.13 199.37
CA GLU A 80 -41.11 52.31 200.56
C GLU A 80 -40.57 53.47 201.41
N ALA A 81 -41.34 53.83 202.41
CA ALA A 81 -40.95 54.91 203.30
C ALA A 81 -41.91 54.96 204.49
N SER A 82 -41.62 55.86 205.41
CA SER A 82 -42.44 56.02 206.60
C SER A 82 -42.12 57.34 207.30
N GLU A 83 -42.97 57.70 208.25
CA GLU A 83 -42.78 58.93 208.99
C GLU A 83 -43.47 58.85 210.35
N VAL A 84 -43.11 59.77 211.22
CA VAL A 84 -43.69 59.81 212.55
C VAL A 84 -44.04 61.25 212.93
N ALA A 85 -45.08 61.39 213.72
CA ALA A 85 -45.52 62.71 214.15
C ALA A 85 -46.35 62.57 215.44
N GLY A 86 -46.04 63.44 216.39
CA GLY A 86 -46.74 63.43 217.66
C GLY A 86 -47.54 64.72 217.85
N GLY A 87 -48.73 64.72 217.28
CA GLY A 87 -49.60 65.88 217.40
C GLY A 87 -50.99 65.58 216.80
N THR A 88 -51.51 66.56 216.09
CA THR A 88 -52.82 66.42 215.48
C THR A 88 -52.96 65.03 214.85
N GLN A 89 -54.11 64.42 215.09
CA GLN A 89 -54.39 63.10 214.56
C GLN A 89 -54.15 63.08 213.05
N PRO A 90 -53.75 61.89 212.54
CA PRO A 90 -53.49 61.72 211.12
C PRO A 90 -54.80 61.65 210.33
N ALA A 91 -54.65 61.34 209.05
CA ALA A 91 -55.81 61.24 208.18
C ALA A 91 -55.36 60.76 206.80
N ALA A 92 -54.64 59.66 206.79
CA ALA A 92 -54.13 59.09 205.55
C ALA A 92 -54.35 57.58 205.56
N GLY A 93 -55.46 57.17 204.96
CA GLY A 93 -55.80 55.76 204.91
C GLY A 93 -56.42 55.40 203.54
N ALA A 94 -55.63 54.73 202.73
CA ALA A 94 -56.08 54.32 201.40
C ALA A 94 -55.05 53.36 200.79
N GLN A 95 -55.55 52.50 199.92
CA GLN A 95 -54.69 51.54 199.25
C GLN A 95 -55.13 51.35 197.80
N GLU A 96 -56.35 50.86 197.65
CA GLU A 96 -56.90 50.63 196.32
C GLU A 96 -55.98 49.70 195.52
N PRO A 97 -56.05 48.38 195.85
CA PRO A 97 -55.24 47.39 195.18
C PRO A 97 -55.78 47.10 193.78
N GLY A 98 -55.09 46.20 193.09
CA GLY A 98 -55.50 45.82 191.74
C GLY A 98 -54.30 45.32 190.94
N GLU A 99 -54.05 45.99 189.83
CA GLU A 99 -52.94 45.63 188.96
C GLU A 99 -53.21 44.27 188.31
N THR A 100 -53.27 43.25 189.14
CA THR A 100 -53.52 41.89 188.65
C THR A 100 -52.72 41.63 187.37
N ALA A 101 -53.13 40.59 186.67
CA ALA A 101 -52.47 40.23 185.42
C ALA A 101 -53.14 38.98 184.85
N ALA A 102 -52.86 38.73 183.57
CA ALA A 102 -53.41 37.58 182.89
C ALA A 102 -52.85 37.50 181.47
N SER A 103 -52.54 36.28 181.06
CA SER A 103 -52.00 36.05 179.73
C SER A 103 -51.91 34.55 179.45
N GLU A 104 -51.55 34.24 178.21
CA GLU A 104 -51.43 32.85 177.81
C GLU A 104 -50.82 32.76 176.40
N ALA A 105 -50.41 31.55 176.04
CA ALA A 105 -49.82 31.33 174.74
C ALA A 105 -50.03 29.87 174.33
N ALA A 106 -49.68 29.57 173.09
CA ALA A 106 -49.83 28.22 172.57
C ALA A 106 -49.19 28.14 171.18
N SER A 107 -48.85 26.92 170.78
CA SER A 107 -48.24 26.70 169.50
C SER A 107 -48.15 25.20 169.21
N SER A 108 -47.98 24.87 167.94
CA SER A 108 -47.87 23.49 167.52
C SER A 108 -47.61 23.40 166.02
N SER A 109 -46.59 22.64 165.66
CA SER A 109 -46.23 22.48 164.26
C SER A 109 -45.04 21.52 164.14
N LEU A 110 -45.07 20.72 163.09
CA LEU A 110 -44.01 19.76 162.84
C LEU A 110 -44.23 19.09 161.48
N PRO A 111 -43.63 19.72 160.43
CA PRO A 111 -43.76 19.20 159.08
C PRO A 111 -42.88 17.96 158.89
N ALA A 112 -42.80 17.52 157.64
CA ALA A 112 -42.00 16.36 157.31
C ALA A 112 -41.42 16.53 155.90
N VAL A 113 -40.13 16.22 155.79
CA VAL A 113 -39.45 16.33 154.50
C VAL A 113 -38.69 15.03 154.23
N VAL A 114 -38.66 14.67 152.95
CA VAL A 114 -37.98 13.46 152.54
C VAL A 114 -37.34 13.68 151.17
N VAL A 115 -36.24 12.98 150.93
CA VAL A 115 -35.52 13.09 149.68
C VAL A 115 -34.53 11.93 149.55
N GLU A 116 -34.32 11.50 148.32
CA GLU A 116 -33.41 10.41 148.05
C GLU A 116 -33.06 10.36 146.56
N THR A 117 -32.01 9.61 146.25
CA THR A 117 -31.58 9.46 144.88
C THR A 117 -31.11 10.81 144.32
N PHE A 118 -30.21 10.73 143.35
CA PHE A 118 -29.68 11.94 142.73
C PHE A 118 -29.05 11.62 141.37
N PRO A 119 -29.84 11.89 140.29
CA PRO A 119 -29.37 11.64 138.94
C PRO A 119 -28.36 12.69 138.51
N ALA A 120 -27.71 12.43 137.37
CA ALA A 120 -26.73 13.35 136.85
C ALA A 120 -26.30 12.88 135.45
N THR A 121 -26.78 13.60 134.44
CA THR A 121 -26.46 13.27 133.07
C THR A 121 -26.53 14.52 132.19
N VAL A 122 -25.39 14.87 131.63
CA VAL A 122 -25.30 16.03 130.76
C VAL A 122 -25.56 15.61 129.31
N ASN A 123 -26.24 16.49 128.59
CA ASN A 123 -26.56 16.22 127.19
C ASN A 123 -26.55 17.54 126.41
N GLY A 124 -26.09 17.45 125.17
CA GLY A 124 -26.01 18.62 124.32
C GLY A 124 -27.40 19.05 123.86
N THR A 125 -27.46 20.21 123.22
CA THR A 125 -28.71 20.74 122.72
C THR A 125 -28.84 20.48 121.21
N VAL A 126 -29.86 19.71 120.87
CA VAL A 126 -30.11 19.38 119.48
C VAL A 126 -30.64 20.62 118.75
N GLU A 127 -29.71 21.47 118.35
CA GLU A 127 -30.07 22.69 117.64
C GLU A 127 -30.42 22.39 116.19
N GLY A 128 -29.43 21.84 115.48
CA GLY A 128 -29.61 21.50 114.08
C GLY A 128 -28.75 22.40 113.19
N GLY A 129 -29.08 23.68 113.20
CA GLY A 129 -28.36 24.65 112.40
C GLY A 129 -28.54 24.38 110.91
N SER A 130 -27.44 24.43 110.18
CA SER A 130 -27.46 24.19 108.75
C SER A 130 -27.16 22.73 108.45
N GLY A 131 -28.16 21.88 108.65
CA GLY A 131 -28.00 20.46 108.42
C GLY A 131 -28.33 20.11 106.97
N ALA A 132 -29.11 19.05 106.81
CA ALA A 132 -29.50 18.59 105.49
C ALA A 132 -30.67 17.61 105.62
N GLY A 133 -31.87 18.12 105.40
CA GLY A 133 -33.06 17.30 105.49
C GLY A 133 -34.28 18.04 104.92
N ARG A 134 -35.43 17.39 105.02
CA ARG A 134 -36.66 17.96 104.53
C ARG A 134 -37.13 19.07 105.47
N LEU A 135 -38.27 19.66 105.10
CA LEU A 135 -38.84 20.74 105.90
C LEU A 135 -40.21 20.32 106.40
N ASP A 136 -40.94 19.62 105.54
CA ASP A 136 -42.27 19.15 105.88
C ASP A 136 -42.27 17.61 105.92
N LEU A 137 -43.21 17.08 106.69
CA LEU A 137 -43.33 15.64 106.83
C LEU A 137 -44.17 15.09 105.67
N PRO A 138 -44.03 13.75 105.44
CA PRO A 138 -44.76 13.10 104.38
C PRO A 138 -46.24 12.92 104.76
N PRO A 139 -47.13 13.21 103.77
CA PRO A 139 -48.55 13.09 103.99
C PRO A 139 -48.98 11.61 103.99
N GLY A 140 -49.93 11.30 104.86
CA GLY A 140 -50.44 9.95 104.98
C GLY A 140 -49.59 9.13 105.95
N PHE A 141 -48.36 9.58 106.15
CA PHE A 141 -47.45 8.90 107.05
C PHE A 141 -48.20 8.33 108.27
N MET A 142 -47.70 7.21 108.75
CA MET A 142 -48.31 6.57 109.90
C MET A 142 -47.46 6.75 111.17
N PHE A 143 -46.30 6.10 111.16
CA PHE A 143 -45.39 6.20 112.29
C PHE A 143 -43.97 5.79 111.88
N LYS A 144 -43.06 5.91 112.83
CA LYS A 144 -41.67 5.58 112.60
C LYS A 144 -41.44 4.11 112.96
N VAL A 145 -40.57 3.46 112.20
CA VAL A 145 -40.25 2.07 112.43
C VAL A 145 -38.74 1.88 112.42
N GLN A 146 -38.30 0.77 112.99
CA GLN A 146 -36.88 0.46 113.05
C GLN A 146 -36.64 -1.00 112.66
N ALA A 147 -35.75 -1.18 111.69
CA ALA A 147 -35.41 -2.51 111.23
C ALA A 147 -34.68 -3.27 112.33
N GLN A 148 -34.77 -4.58 112.26
CA GLN A 148 -34.12 -5.44 113.25
C GLN A 148 -33.20 -6.44 112.55
N HIS A 149 -33.20 -6.39 111.23
CA HIS A 149 -32.37 -7.29 110.44
C HIS A 149 -31.93 -6.58 109.16
N ASP A 150 -31.00 -7.23 108.45
CA ASP A 150 -30.49 -6.67 107.21
C ASP A 150 -31.02 -7.50 106.05
N TYR A 151 -32.03 -6.95 105.38
CA TYR A 151 -32.63 -7.63 104.24
C TYR A 151 -32.38 -6.85 102.95
N THR A 152 -31.64 -7.48 102.04
CA THR A 152 -31.31 -6.87 100.77
C THR A 152 -32.46 -7.05 99.78
N ALA A 153 -33.07 -5.94 99.40
CA ALA A 153 -34.18 -5.97 98.47
C ALA A 153 -33.74 -5.35 97.14
N THR A 154 -33.76 -6.17 96.10
CA THR A 154 -33.37 -5.72 94.78
C THR A 154 -34.53 -5.85 93.81
N ASP A 155 -35.27 -4.76 93.66
CA ASP A 155 -36.41 -4.75 92.76
C ASP A 155 -36.48 -3.39 92.05
N THR A 156 -37.54 -3.22 91.27
CA THR A 156 -37.73 -1.98 90.53
C THR A 156 -38.25 -0.88 91.47
N ASP A 157 -38.70 -1.31 92.64
CA ASP A 157 -39.22 -0.38 93.62
C ASP A 157 -39.27 -1.05 94.99
N GLU A 158 -38.12 -1.59 95.38
CA GLU A 158 -38.02 -2.28 96.66
C GLU A 158 -37.43 -1.33 97.71
N LEU A 159 -37.45 -1.80 98.96
CA LEU A 159 -36.93 -1.01 100.06
C LEU A 159 -35.91 -1.84 100.83
N GLN A 160 -34.67 -1.39 100.78
CA GLN A 160 -33.59 -2.08 101.47
C GLN A 160 -33.57 -1.69 102.95
N LEU A 161 -33.33 -2.68 103.80
CA LEU A 161 -33.29 -2.46 105.23
C LEU A 161 -32.01 -3.09 105.79
N LYS A 162 -31.44 -2.40 106.77
CA LYS A 162 -30.22 -2.87 107.41
C LYS A 162 -30.45 -3.00 108.92
N ALA A 163 -30.09 -4.16 109.45
CA ALA A 163 -30.26 -4.41 110.87
C ALA A 163 -29.95 -3.13 111.66
N GLY A 164 -31.01 -2.44 112.03
CA GLY A 164 -30.88 -1.20 112.78
C GLY A 164 -31.03 0.01 111.87
N ASP A 165 -32.10 -0.01 111.08
CA ASP A 165 -32.38 1.08 110.17
C ASP A 165 -33.64 1.82 110.62
N VAL A 166 -33.87 2.98 110.01
CA VAL A 166 -35.03 3.78 110.35
C VAL A 166 -35.92 3.93 109.11
N VAL A 167 -37.18 3.56 109.28
CA VAL A 167 -38.13 3.64 108.19
C VAL A 167 -39.45 4.22 108.72
N LEU A 168 -40.11 4.98 107.86
CA LEU A 168 -41.39 5.58 108.22
C LEU A 168 -42.51 4.92 107.44
N VAL A 169 -43.52 4.46 108.17
CA VAL A 169 -44.67 3.81 107.56
C VAL A 169 -45.54 4.86 106.87
N ILE A 170 -45.71 4.68 105.57
CA ILE A 170 -46.52 5.60 104.80
C ILE A 170 -47.54 4.81 103.97
N PRO A 171 -48.69 5.48 103.66
CA PRO A 171 -49.73 4.85 102.88
C PRO A 171 -49.35 4.76 101.40
N PHE A 172 -49.23 3.53 100.93
CA PHE A 172 -48.87 3.29 99.54
C PHE A 172 -49.91 3.90 98.59
N GLN A 173 -49.73 3.62 97.31
CA GLN A 173 -50.63 4.13 96.30
C GLN A 173 -51.91 3.28 96.25
N ASN A 174 -51.74 2.00 96.53
CA ASN A 174 -52.86 1.07 96.53
C ASN A 174 -52.51 -0.16 97.36
N PRO A 175 -53.56 -0.72 98.01
CA PRO A 175 -53.37 -1.90 98.85
C PRO A 175 -53.18 -3.15 98.00
N GLU A 176 -53.65 -3.07 96.76
CA GLU A 176 -53.54 -4.20 95.84
C GLU A 176 -52.08 -4.34 95.37
N GLU A 177 -51.32 -3.29 95.58
CA GLU A 177 -49.92 -3.28 95.18
C GLU A 177 -49.03 -3.78 96.33
N GLN A 178 -49.63 -3.82 97.51
CA GLN A 178 -48.92 -4.27 98.69
C GLN A 178 -48.98 -5.80 98.80
N ASP A 179 -47.94 -6.37 99.39
CA ASP A 179 -47.86 -7.80 99.55
C ASP A 179 -48.27 -8.17 100.99
N GLU A 180 -48.40 -9.47 101.22
CA GLU A 180 -48.77 -9.95 102.53
C GLU A 180 -47.55 -10.02 103.45
N GLY A 181 -47.58 -9.18 104.47
CA GLY A 181 -46.49 -9.14 105.43
C GLY A 181 -45.52 -7.99 105.11
N TRP A 182 -45.73 -7.40 103.95
CA TRP A 182 -44.89 -6.29 103.50
C TRP A 182 -45.78 -5.06 103.35
N LEU A 183 -45.17 -3.91 103.57
CA LEU A 183 -45.89 -2.65 103.46
C LEU A 183 -45.00 -1.60 102.80
N MET A 184 -45.60 -0.48 102.45
CA MET A 184 -44.87 0.60 101.82
C MET A 184 -44.33 1.57 102.86
N GLY A 185 -43.01 1.60 102.98
CA GLY A 185 -42.35 2.47 103.93
C GLY A 185 -41.13 3.16 103.30
N VAL A 186 -40.74 4.27 103.91
CA VAL A 186 -39.60 5.02 103.42
C VAL A 186 -38.55 5.13 104.54
N LYS A 187 -37.29 5.04 104.13
CA LYS A 187 -36.18 5.13 105.08
C LYS A 187 -36.04 6.58 105.55
N GLU A 188 -35.28 6.75 106.62
CA GLU A 188 -35.04 8.07 107.17
C GLU A 188 -34.35 8.96 106.14
N SER A 189 -33.36 8.38 105.47
CA SER A 189 -32.61 9.11 104.46
C SER A 189 -33.56 9.64 103.38
N ASP A 190 -34.52 8.80 103.01
CA ASP A 190 -35.49 9.17 102.01
C ASP A 190 -36.39 10.29 102.55
N TRP A 191 -36.59 10.25 103.86
CA TRP A 191 -37.41 11.25 104.52
C TRP A 191 -36.93 12.63 104.07
N ASN A 192 -35.63 12.82 104.13
CA ASN A 192 -35.03 14.08 103.74
C ASN A 192 -35.42 14.39 102.29
N GLN A 193 -35.72 13.33 101.55
CA GLN A 193 -36.11 13.48 100.16
C GLN A 193 -37.61 13.70 100.04
N HIS A 194 -38.21 14.07 101.16
CA HIS A 194 -39.63 14.32 101.21
C HIS A 194 -40.06 15.11 99.97
N LYS A 195 -39.10 15.84 99.41
CA LYS A 195 -39.36 16.63 98.23
C LYS A 195 -39.83 15.72 97.09
N LYS A 196 -39.11 14.63 96.92
CA LYS A 196 -39.44 13.67 95.88
C LYS A 196 -39.28 12.25 96.43
N LEU A 197 -39.75 12.07 97.66
CA LEU A 197 -39.66 10.77 98.31
C LEU A 197 -40.61 9.80 97.61
N GLU A 198 -41.68 10.35 97.07
CA GLU A 198 -42.68 9.54 96.37
C GLU A 198 -42.00 8.70 95.29
N LYS A 199 -40.82 9.13 94.91
CA LYS A 199 -40.06 8.42 93.88
C LYS A 199 -38.95 7.62 94.53
N CYS A 200 -38.97 7.58 95.86
CA CYS A 200 -37.98 6.84 96.62
C CYS A 200 -38.70 5.82 97.49
N ARG A 201 -40.02 5.77 97.32
CA ARG A 201 -40.83 4.83 98.09
C ARG A 201 -40.44 3.39 97.75
N GLY A 202 -40.75 2.50 98.68
CA GLY A 202 -40.43 1.09 98.50
C GLY A 202 -41.26 0.23 99.45
N VAL A 203 -41.08 -1.08 99.31
CA VAL A 203 -41.79 -2.03 100.16
C VAL A 203 -40.79 -2.75 101.06
N PHE A 204 -41.31 -3.26 102.18
CA PHE A 204 -40.48 -3.97 103.13
C PHE A 204 -41.33 -4.79 104.10
N PRO A 205 -40.72 -5.89 104.61
CA PRO A 205 -41.41 -6.76 105.54
C PRO A 205 -41.50 -6.13 106.93
N GLU A 206 -42.74 -5.88 107.36
CA GLU A 206 -42.98 -5.28 108.66
C GLU A 206 -42.59 -6.24 109.77
N ASN A 207 -42.74 -7.53 109.48
CA ASN A 207 -42.40 -8.56 110.45
C ASN A 207 -40.88 -8.57 110.67
N PHE A 208 -40.16 -8.13 109.66
CA PHE A 208 -38.72 -8.08 109.73
C PHE A 208 -38.25 -6.75 110.31
N THR A 209 -39.20 -5.93 110.71
CA THR A 209 -38.90 -4.64 111.29
C THR A 209 -39.68 -4.44 112.59
N GLU A 210 -39.47 -3.28 113.20
CA GLU A 210 -40.15 -2.96 114.44
C GLU A 210 -40.66 -1.51 114.41
N ARG A 211 -41.65 -1.25 115.26
CA ARG A 211 -42.25 0.07 115.33
C ARG A 211 -41.41 0.97 116.25
N VAL A 212 -41.27 2.22 115.83
CA VAL A 212 -40.51 3.19 116.60
C VAL A 212 -41.46 4.27 117.13
N PRO A 213 -41.56 4.32 118.49
CA PRO A 213 -42.42 5.29 119.13
C PRO A 213 -41.80 6.69 119.09
N ASP A 1 -14.21 -38.12 -16.16
CA ASP A 1 -14.63 -39.46 -16.53
C ASP A 1 -16.13 -39.44 -16.87
N GLY A 2 -16.87 -38.64 -16.13
CA GLY A 2 -18.31 -38.52 -16.34
C GLY A 2 -18.65 -37.19 -17.01
N SER A 3 -19.18 -36.28 -16.21
CA SER A 3 -19.55 -34.97 -16.69
C SER A 3 -19.94 -34.06 -15.53
N PRO A 4 -19.16 -32.96 -15.36
CA PRO A 4 -19.42 -32.01 -14.30
C PRO A 4 -20.64 -31.14 -14.61
N ALA A 5 -20.77 -30.06 -13.85
CA ALA A 5 -21.88 -29.15 -14.05
C ALA A 5 -21.48 -27.76 -13.53
N ALA A 6 -22.42 -26.84 -13.63
CA ALA A 6 -22.18 -25.47 -13.19
C ALA A 6 -23.52 -24.78 -12.93
N THR A 7 -23.44 -23.52 -12.53
CA THR A 7 -24.62 -22.74 -12.25
C THR A 7 -24.27 -21.27 -12.03
N PRO A 8 -24.82 -20.40 -12.91
CA PRO A 8 -24.56 -18.97 -12.82
C PRO A 8 -25.35 -18.35 -11.66
N GLU A 9 -25.40 -17.03 -11.67
CA GLU A 9 -26.11 -16.30 -10.63
C GLU A 9 -26.55 -14.93 -11.15
N ILE A 10 -27.69 -14.48 -10.65
CA ILE A 10 -28.22 -13.19 -11.05
C ILE A 10 -28.32 -12.28 -9.83
N ARG A 11 -28.17 -10.98 -10.09
CA ARG A 11 -28.24 -10.00 -9.02
C ARG A 11 -28.85 -8.70 -9.52
N VAL A 12 -29.75 -8.15 -8.72
CA VAL A 12 -30.42 -6.91 -9.08
C VAL A 12 -30.19 -5.88 -7.97
N ASN A 13 -30.35 -4.62 -8.36
CA ASN A 13 -30.16 -3.52 -7.42
C ASN A 13 -31.11 -2.38 -7.77
N HIS A 14 -31.05 -1.33 -6.97
CA HIS A 14 -31.89 -0.17 -7.20
C HIS A 14 -31.34 1.03 -6.40
N GLU A 15 -32.08 2.13 -6.47
CA GLU A 15 -31.68 3.33 -5.76
C GLU A 15 -32.87 4.29 -5.63
N PRO A 16 -32.99 4.90 -4.43
CA PRO A 16 -34.07 5.83 -4.16
C PRO A 16 -33.81 7.18 -4.84
N GLU A 17 -34.54 8.18 -4.38
CA GLU A 17 -34.40 9.52 -4.94
C GLU A 17 -34.67 10.58 -3.86
N PRO A 18 -33.81 11.63 -3.86
CA PRO A 18 -33.95 12.71 -2.90
C PRO A 18 -35.12 13.62 -3.26
N ALA A 19 -35.16 14.77 -2.61
CA ALA A 19 -36.22 15.74 -2.86
C ALA A 19 -35.82 17.09 -2.27
N GLY A 20 -36.70 18.06 -2.46
CA GLY A 20 -36.45 19.41 -1.95
C GLY A 20 -37.75 20.20 -1.84
N GLY A 21 -37.60 21.46 -1.47
CA GLY A 21 -38.75 22.34 -1.32
C GLY A 21 -38.34 23.80 -1.35
N ALA A 22 -39.23 24.66 -0.89
CA ALA A 22 -38.98 26.08 -0.86
C ALA A 22 -40.08 26.79 -0.08
N THR A 23 -39.79 28.02 0.33
CA THR A 23 -40.76 28.80 1.09
C THR A 23 -40.69 30.27 0.66
N PRO A 24 -41.90 30.85 0.42
CA PRO A 24 -42.00 32.23 0.01
C PRO A 24 -41.74 33.18 1.19
N GLY A 25 -42.15 34.43 1.02
CA GLY A 25 -41.97 35.43 2.04
C GLY A 25 -43.06 36.50 1.97
N ALA A 26 -42.84 37.58 2.70
CA ALA A 26 -43.79 38.68 2.72
C ALA A 26 -43.09 39.93 3.25
N THR A 27 -43.05 40.96 2.41
CA THR A 27 -42.42 42.21 2.79
C THR A 27 -43.42 43.12 3.49
N LEU A 28 -42.95 44.30 3.85
CA LEU A 28 -43.80 45.28 4.52
C LEU A 28 -43.00 46.56 4.77
N PRO A 29 -43.20 47.55 3.87
CA PRO A 29 -42.50 48.82 3.98
C PRO A 29 -43.11 49.67 5.10
N LYS A 30 -44.31 50.16 4.86
CA LYS A 30 -45.00 50.98 5.82
C LYS A 30 -44.59 52.45 5.63
N SER A 31 -45.58 53.32 5.68
CA SER A 31 -45.34 54.74 5.51
C SER A 31 -45.82 55.51 6.74
N PRO A 32 -44.84 56.06 7.50
CA PRO A 32 -45.16 56.82 8.71
C PRO A 32 -45.71 58.20 8.35
N SER A 33 -46.58 58.68 9.23
CA SER A 33 -47.18 59.99 9.03
C SER A 33 -46.61 61.00 10.02
N GLN A 34 -45.60 61.73 9.54
CA GLN A 34 -44.94 62.72 10.38
C GLN A 34 -45.50 64.11 10.07
N LEU A 35 -45.42 64.99 11.06
CA LEU A 35 -45.91 66.35 10.91
C LEU A 35 -47.44 66.35 11.00
N ARG A 36 -47.93 66.00 12.18
CA ARG A 36 -49.36 65.96 12.40
C ARG A 36 -49.84 67.28 13.00
N LYS A 37 -51.09 67.61 12.72
CA LYS A 37 -51.67 68.84 13.21
C LYS A 37 -53.18 68.64 13.43
N GLY A 38 -53.74 69.48 14.28
CA GLY A 38 -55.16 69.41 14.58
C GLY A 38 -55.78 70.81 14.70
N PRO A 39 -57.08 70.83 15.07
CA PRO A 39 -57.79 72.08 15.22
C PRO A 39 -57.38 72.79 16.51
N PRO A 40 -57.48 74.15 16.48
CA PRO A 40 -57.14 74.96 17.64
C PRO A 40 -58.21 74.86 18.72
N VAL A 41 -57.82 75.24 19.93
CA VAL A 41 -58.74 75.20 21.06
C VAL A 41 -59.15 76.62 21.43
N PRO A 42 -60.42 76.96 21.06
CA PRO A 42 -60.95 78.28 21.34
C PRO A 42 -61.30 78.43 22.82
N PRO A 43 -61.01 79.64 23.36
CA PRO A 43 -61.30 79.93 24.77
C PRO A 43 -62.79 80.14 24.99
N PRO A 44 -63.27 79.63 26.16
CA PRO A 44 -64.67 79.75 26.51
C PRO A 44 -65.01 81.18 26.96
N PRO A 45 -66.33 81.47 27.00
CA PRO A 45 -66.79 82.79 27.40
C PRO A 45 -66.67 82.97 28.91
N LYS A 46 -65.43 83.07 29.37
CA LYS A 46 -65.17 83.25 30.79
C LYS A 46 -66.09 84.34 31.35
N HIS A 47 -65.91 85.54 30.82
CA HIS A 47 -66.71 86.68 31.25
C HIS A 47 -66.41 86.98 32.72
N THR A 48 -66.93 88.12 33.17
CA THR A 48 -66.72 88.55 34.54
C THR A 48 -65.23 88.71 34.83
N PRO A 49 -64.65 89.81 34.29
CA PRO A 49 -63.23 90.08 34.49
C PRO A 49 -62.97 90.60 35.90
N SER A 50 -61.70 90.90 36.15
CA SER A 50 -61.30 91.40 37.46
C SER A 50 -60.46 92.67 37.31
N LYS A 51 -60.67 93.59 38.23
CA LYS A 51 -59.94 94.85 38.21
C LYS A 51 -60.05 95.53 39.57
N GLU A 52 -59.42 96.68 39.67
CA GLU A 52 -59.44 97.44 40.92
C GLU A 52 -58.87 98.85 40.70
N VAL A 53 -59.00 99.66 41.73
CA VAL A 53 -58.52 101.03 41.65
C VAL A 53 -58.25 101.55 43.07
N LYS A 54 -57.29 102.46 43.17
CA LYS A 54 -56.93 103.03 44.45
C LYS A 54 -56.19 104.35 44.23
N GLN A 55 -56.77 105.42 44.75
CA GLN A 55 -56.17 106.74 44.61
C GLN A 55 -56.43 107.58 45.86
N GLU A 56 -55.66 108.65 46.00
CA GLU A 56 -55.80 109.53 47.13
C GLU A 56 -54.84 110.71 47.01
N GLN A 57 -55.03 111.69 47.88
CA GLN A 57 -54.20 112.88 47.87
C GLN A 57 -54.66 113.86 48.96
N ILE A 58 -53.69 114.36 49.70
CA ILE A 58 -53.97 115.31 50.77
C ILE A 58 -52.67 115.88 51.31
N LEU A 59 -52.76 117.11 51.80
CA LEU A 59 -51.59 117.77 52.35
C LEU A 59 -51.99 119.17 52.85
N SER A 60 -51.56 119.48 54.07
CA SER A 60 -51.87 120.76 54.67
C SER A 60 -50.74 121.18 55.61
N LEU A 61 -50.72 122.47 55.92
CA LEU A 61 -49.70 123.02 56.80
C LEU A 61 -50.00 124.49 57.08
N PHE A 62 -49.61 124.92 58.27
CA PHE A 62 -49.83 126.30 58.67
C PHE A 62 -49.04 126.63 59.94
N GLU A 63 -48.95 127.93 60.21
CA GLU A 63 -48.24 128.40 61.39
C GLU A 63 -48.48 129.89 61.61
N ASP A 64 -47.98 130.38 62.72
CA ASP A 64 -48.14 131.79 63.06
C ASP A 64 -47.59 132.03 64.47
N THR A 65 -47.25 133.29 64.72
CA THR A 65 -46.72 133.68 66.02
C THR A 65 -46.64 135.20 66.13
N PHE A 66 -46.67 135.68 67.37
CA PHE A 66 -46.60 137.10 67.63
C PHE A 66 -45.92 137.38 68.98
N VAL A 67 -45.81 138.66 69.28
CA VAL A 67 -45.17 139.08 70.53
C VAL A 67 -45.31 140.60 70.67
N PRO A 68 -46.21 141.00 71.61
CA PRO A 68 -46.44 142.42 71.86
C PRO A 68 -45.28 143.03 72.66
N GLU A 69 -45.55 144.20 73.22
CA GLU A 69 -44.55 144.90 73.99
C GLU A 69 -45.14 146.17 74.61
N ILE A 70 -44.56 146.58 75.72
CA ILE A 70 -45.02 147.76 76.43
C ILE A 70 -44.00 148.15 77.50
N SER A 71 -43.30 149.25 77.25
CA SER A 71 -42.31 149.74 78.18
C SER A 71 -42.66 151.15 78.65
N VAL A 72 -42.78 151.29 79.96
CA VAL A 72 -43.12 152.59 80.54
C VAL A 72 -42.02 152.99 81.53
N THR A 73 -42.08 154.25 81.93
CA THR A 73 -41.09 154.77 82.87
C THR A 73 -41.53 156.15 83.37
N THR A 74 -40.93 156.56 84.49
CA THR A 74 -41.24 157.84 85.08
C THR A 74 -40.01 158.42 85.79
N PRO A 75 -39.83 159.76 85.62
CA PRO A 75 -38.71 160.45 86.23
C PRO A 75 -38.92 160.61 87.73
N SER A 76 -38.14 161.52 88.31
CA SER A 76 -38.23 161.79 89.73
C SER A 76 -37.62 163.16 90.05
N GLN A 77 -37.95 163.66 91.23
CA GLN A 77 -37.44 164.95 91.67
C GLN A 77 -37.02 164.89 93.13
N PRO A 78 -35.72 165.25 93.38
CA PRO A 78 -35.19 165.24 94.73
C PRO A 78 -35.70 166.43 95.54
N ALA A 79 -35.11 166.62 96.71
CA ALA A 79 -35.51 167.71 97.58
C ALA A 79 -34.24 168.33 98.20
N GLU A 80 -34.39 169.58 98.61
CA GLU A 80 -33.29 170.29 99.23
C GLU A 80 -33.76 171.02 100.49
N ALA A 81 -32.79 171.43 101.30
CA ALA A 81 -33.09 172.14 102.53
C ALA A 81 -31.88 172.97 102.95
N SER A 82 -32.08 173.78 103.97
CA SER A 82 -31.01 174.62 104.48
C SER A 82 -31.46 175.31 105.78
N GLU A 83 -30.50 175.96 106.42
CA GLU A 83 -30.78 176.67 107.67
C GLU A 83 -29.61 177.57 108.03
N VAL A 84 -29.93 178.67 108.71
CA VAL A 84 -28.93 179.63 109.12
C VAL A 84 -29.12 179.96 110.61
N ALA A 85 -28.17 180.70 111.16
CA ALA A 85 -28.23 181.08 112.55
C ALA A 85 -28.14 179.84 113.43
N GLY A 86 -27.37 179.96 114.49
CA GLY A 86 -27.20 178.86 115.42
C GLY A 86 -27.23 179.34 116.87
N GLY A 87 -26.11 179.19 117.55
CA GLY A 87 -26.01 179.60 118.94
C GLY A 87 -25.08 178.68 119.73
N THR A 88 -23.80 178.79 119.44
CA THR A 88 -22.81 177.98 120.11
C THR A 88 -23.29 176.54 120.22
N GLN A 89 -22.62 175.78 121.09
CA GLN A 89 -22.97 174.40 121.30
C GLN A 89 -22.93 173.63 119.98
N PRO A 90 -21.74 173.02 119.70
CA PRO A 90 -21.56 172.26 118.47
C PRO A 90 -22.27 170.90 118.57
N ALA A 91 -22.59 170.37 117.40
CA ALA A 91 -23.27 169.09 117.32
C ALA A 91 -22.24 167.99 117.07
N ALA A 92 -22.66 166.76 117.32
CA ALA A 92 -21.79 165.61 117.12
C ALA A 92 -22.56 164.51 116.37
N GLY A 93 -21.85 163.86 115.47
CA GLY A 93 -22.45 162.79 114.68
C GLY A 93 -21.91 161.42 115.12
N ALA A 94 -22.43 160.38 114.47
CA ALA A 94 -22.01 159.03 114.78
C ALA A 94 -22.13 158.16 113.53
N GLN A 95 -21.35 157.10 113.50
CA GLN A 95 -21.35 156.19 112.37
C GLN A 95 -21.57 154.76 112.85
N GLU A 96 -21.88 153.88 111.89
CA GLU A 96 -22.12 152.48 112.20
C GLU A 96 -22.16 151.65 110.92
N PRO A 97 -20.98 151.09 110.56
CA PRO A 97 -20.87 150.27 109.36
C PRO A 97 -21.51 148.91 109.57
N GLY A 98 -22.19 148.44 108.53
CA GLY A 98 -22.85 147.14 108.60
C GLY A 98 -23.01 146.55 107.20
N GLU A 99 -22.21 145.53 106.92
CA GLU A 99 -22.25 144.86 105.63
C GLU A 99 -22.16 143.34 105.82
N THR A 100 -23.02 142.64 105.09
CA THR A 100 -23.05 141.19 105.16
C THR A 100 -23.61 140.60 103.87
N ALA A 101 -22.92 139.59 103.36
CA ALA A 101 -23.34 138.93 102.14
C ALA A 101 -23.59 137.45 102.41
N ALA A 102 -24.25 136.80 101.47
CA ALA A 102 -24.55 135.39 101.59
C ALA A 102 -24.37 134.71 100.23
N SER A 103 -23.50 133.71 100.21
CA SER A 103 -23.23 132.98 98.99
C SER A 103 -23.40 131.47 99.24
N GLU A 104 -24.18 130.85 98.37
CA GLU A 104 -24.43 129.42 98.48
C GLU A 104 -25.39 128.96 97.39
N ALA A 105 -24.85 128.23 96.44
CA ALA A 105 -25.65 127.71 95.34
C ALA A 105 -25.12 126.34 94.92
N ALA A 106 -26.01 125.55 94.32
CA ALA A 106 -25.65 124.22 93.87
C ALA A 106 -26.80 123.64 93.04
N SER A 107 -26.43 123.10 91.89
CA SER A 107 -27.42 122.51 91.00
C SER A 107 -26.79 121.35 90.22
N SER A 108 -27.62 120.37 89.90
CA SER A 108 -27.17 119.20 89.17
C SER A 108 -28.36 118.38 88.69
N SER A 109 -28.14 117.64 87.61
CA SER A 109 -29.19 116.82 87.04
C SER A 109 -28.62 115.96 85.91
N LEU A 110 -28.82 114.66 86.03
CA LEU A 110 -28.34 113.73 85.03
C LEU A 110 -29.29 112.54 84.93
N PRO A 111 -30.22 112.61 83.94
CA PRO A 111 -31.18 111.55 83.74
C PRO A 111 -30.54 110.32 83.10
N ALA A 112 -31.37 109.35 82.76
CA ALA A 112 -30.89 108.13 82.13
C ALA A 112 -31.97 107.58 81.20
N VAL A 113 -31.54 107.08 80.06
CA VAL A 113 -32.45 106.52 79.08
C VAL A 113 -31.89 105.19 78.57
N VAL A 114 -32.80 104.34 78.12
CA VAL A 114 -32.41 103.04 77.60
C VAL A 114 -33.62 102.40 76.90
N VAL A 115 -33.31 101.62 75.87
CA VAL A 115 -34.36 100.94 75.11
C VAL A 115 -33.75 99.71 74.43
N GLU A 116 -34.63 98.77 74.11
CA GLU A 116 -34.21 97.55 73.45
C GLU A 116 -35.13 97.23 72.27
N THR A 117 -34.55 96.59 71.26
CA THR A 117 -35.30 96.23 70.08
C THR A 117 -34.82 94.89 69.52
N PHE A 118 -35.78 94.05 69.17
CA PHE A 118 -35.46 92.74 68.62
C PHE A 118 -35.92 92.62 67.18
N PRO A 119 -34.93 92.32 66.28
CA PRO A 119 -35.23 92.17 64.87
C PRO A 119 -35.95 90.85 64.58
N ALA A 120 -36.38 90.70 63.34
CA ALA A 120 -37.08 89.49 62.93
C ALA A 120 -36.29 88.81 61.81
N THR A 121 -36.49 87.51 61.69
CA THR A 121 -35.81 86.73 60.67
C THR A 121 -36.80 86.30 59.58
N VAL A 122 -36.33 86.34 58.34
CA VAL A 122 -37.16 85.97 57.22
C VAL A 122 -36.82 84.53 56.81
N ASN A 123 -37.74 83.62 57.12
CA ASN A 123 -37.56 82.22 56.80
C ASN A 123 -37.98 81.98 55.34
N GLY A 124 -37.03 81.50 54.56
CA GLY A 124 -37.28 81.23 53.15
C GLY A 124 -37.28 79.72 52.87
N THR A 125 -36.08 79.16 52.85
CA THR A 125 -35.92 77.75 52.60
C THR A 125 -34.73 77.19 53.38
N VAL A 126 -34.96 76.10 54.08
CA VAL A 126 -33.91 75.46 54.87
C VAL A 126 -33.28 74.33 54.05
N GLU A 127 -33.97 73.98 52.96
CA GLU A 127 -33.49 72.92 52.09
C GLU A 127 -34.42 72.76 50.90
N GLY A 128 -33.88 73.06 49.72
CA GLY A 128 -34.65 72.95 48.49
C GLY A 128 -33.87 73.53 47.31
N GLY A 129 -34.62 73.97 46.31
CA GLY A 129 -34.01 74.53 45.11
C GLY A 129 -34.88 74.29 43.88
N SER A 130 -34.30 74.53 42.72
CA SER A 130 -35.01 74.33 41.46
C SER A 130 -34.09 73.67 40.44
N GLY A 131 -32.95 74.32 40.21
CA GLY A 131 -31.98 73.81 39.26
C GLY A 131 -31.16 74.95 38.65
N ALA A 132 -29.99 74.58 38.12
CA ALA A 132 -29.11 75.56 37.52
C ALA A 132 -29.53 75.78 36.06
N GLY A 133 -29.42 74.71 35.28
CA GLY A 133 -29.79 74.77 33.87
C GLY A 133 -28.84 75.70 33.10
N ARG A 134 -28.87 75.56 31.79
CA ARG A 134 -28.02 76.37 30.93
C ARG A 134 -27.91 77.80 31.48
N LEU A 135 -26.76 78.40 31.24
CA LEU A 135 -26.52 79.76 31.70
C LEU A 135 -26.91 80.75 30.60
N ASP A 136 -27.05 80.22 29.40
CA ASP A 136 -27.42 81.05 28.26
C ASP A 136 -28.92 80.90 27.99
N LEU A 137 -29.51 81.97 27.49
CA LEU A 137 -30.93 81.97 27.19
C LEU A 137 -31.12 81.95 25.67
N PRO A 138 -32.35 81.53 25.25
CA PRO A 138 -32.67 81.45 23.84
C PRO A 138 -32.92 82.85 23.25
N PRO A 139 -32.31 83.09 22.06
CA PRO A 139 -32.45 84.37 21.39
C PRO A 139 -33.84 84.51 20.76
N GLY A 140 -34.36 85.72 20.81
CA GLY A 140 -35.68 85.99 20.24
C GLY A 140 -36.78 85.75 21.28
N PHE A 141 -36.43 84.97 22.29
CA PHE A 141 -37.37 84.65 23.34
C PHE A 141 -38.28 85.86 23.66
N MET A 142 -39.50 85.55 24.05
CA MET A 142 -40.46 86.59 24.38
C MET A 142 -40.73 86.63 25.89
N PHE A 143 -41.40 85.60 26.36
CA PHE A 143 -41.73 85.50 27.78
C PHE A 143 -42.03 84.06 28.18
N LYS A 144 -42.34 83.88 29.45
CA LYS A 144 -42.64 82.56 29.98
C LYS A 144 -44.15 82.40 30.10
N VAL A 145 -44.61 81.19 29.81
CA VAL A 145 -46.02 80.88 29.89
C VAL A 145 -46.25 79.70 30.84
N GLN A 146 -47.51 79.51 31.19
CA GLN A 146 -47.86 78.42 32.09
C GLN A 146 -49.09 77.67 31.56
N ALA A 147 -48.91 76.38 31.35
CA ALA A 147 -49.99 75.54 30.84
C ALA A 147 -51.11 75.48 31.88
N GLN A 148 -52.31 75.23 31.40
CA GLN A 148 -53.47 75.15 32.26
C GLN A 148 -54.19 73.82 32.07
N HIS A 149 -53.65 73.02 31.15
CA HIS A 149 -54.23 71.72 30.86
C HIS A 149 -53.11 70.75 30.43
N ASP A 150 -53.48 69.48 30.34
CA ASP A 150 -52.53 68.46 29.95
C ASP A 150 -52.86 67.98 28.53
N TYR A 151 -52.04 68.44 27.59
CA TYR A 151 -52.23 68.07 26.19
C TYR A 151 -51.06 67.22 25.69
N THR A 152 -51.36 65.95 25.46
CA THR A 152 -50.35 65.02 24.97
C THR A 152 -50.16 65.19 23.46
N ALA A 153 -48.97 65.65 23.10
CA ALA A 153 -48.65 65.86 21.70
C ALA A 153 -47.68 64.78 21.24
N THR A 154 -48.14 63.99 20.27
CA THR A 154 -47.32 62.91 19.73
C THR A 154 -47.02 63.17 18.25
N ASP A 155 -45.88 63.81 18.02
CA ASP A 155 -45.46 64.12 16.67
C ASP A 155 -43.94 63.99 16.57
N THR A 156 -43.42 64.36 15.40
CA THR A 156 -41.99 64.29 15.16
C THR A 156 -41.33 65.63 15.53
N ASP A 157 -42.13 66.51 16.12
CA ASP A 157 -41.63 67.82 16.52
C ASP A 157 -42.76 68.59 17.20
N GLU A 158 -43.26 68.02 18.29
CA GLU A 158 -44.33 68.64 19.04
C GLU A 158 -43.85 69.00 20.44
N LEU A 159 -44.70 69.73 21.16
CA LEU A 159 -44.38 70.15 22.52
C LEU A 159 -45.46 69.65 23.47
N GLN A 160 -45.07 68.73 24.33
CA GLN A 160 -46.00 68.16 25.30
C GLN A 160 -46.16 69.10 26.49
N LEU A 161 -47.41 69.27 26.91
CA LEU A 161 -47.72 70.14 28.03
C LEU A 161 -48.57 69.38 29.04
N LYS A 162 -48.35 69.70 30.31
CA LYS A 162 -49.09 69.05 31.38
C LYS A 162 -49.68 70.12 32.30
N ALA A 163 -50.99 70.03 32.49
CA ALA A 163 -51.69 70.98 33.34
C ALA A 163 -50.74 71.47 34.44
N GLY A 164 -50.23 72.67 34.24
CA GLY A 164 -49.31 73.26 35.19
C GLY A 164 -47.86 73.09 34.74
N ASP A 165 -47.60 73.47 33.50
CA ASP A 165 -46.27 73.36 32.93
C ASP A 165 -45.71 74.75 32.68
N VAL A 166 -44.41 74.81 32.43
CA VAL A 166 -43.75 76.07 32.15
C VAL A 166 -43.13 76.03 30.76
N VAL A 167 -43.55 76.98 29.93
CA VAL A 167 -43.05 77.07 28.57
C VAL A 167 -42.62 78.50 28.28
N LEU A 168 -41.59 78.63 27.45
CA LEU A 168 -41.09 79.93 27.08
C LEU A 168 -41.44 80.23 25.62
N VAL A 169 -42.12 81.35 25.42
CA VAL A 169 -42.52 81.74 24.09
C VAL A 169 -41.30 82.27 23.32
N ILE A 170 -40.98 81.56 22.24
CA ILE A 170 -39.84 81.94 21.42
C ILE A 170 -40.29 82.05 19.96
N PRO A 171 -39.57 82.93 19.21
CA PRO A 171 -39.88 83.14 17.81
C PRO A 171 -39.41 81.97 16.95
N PHE A 172 -40.38 81.30 16.33
CA PHE A 172 -40.07 80.16 15.48
C PHE A 172 -39.16 80.55 14.34
N GLN A 173 -38.94 79.61 13.44
CA GLN A 173 -38.08 79.84 12.28
C GLN A 173 -38.88 80.54 11.17
N ASN A 174 -40.19 80.51 11.33
CA ASN A 174 -41.07 81.14 10.34
C ASN A 174 -42.52 80.98 10.79
N PRO A 175 -43.35 81.98 10.39
CA PRO A 175 -44.77 81.95 10.75
C PRO A 175 -45.53 80.93 9.90
N GLU A 176 -44.94 80.61 8.75
CA GLU A 176 -45.55 79.65 7.85
C GLU A 176 -45.45 78.23 8.43
N GLU A 177 -44.52 78.07 9.36
CA GLU A 177 -44.32 76.78 10.00
C GLU A 177 -45.20 76.66 11.24
N GLN A 178 -45.78 77.79 11.63
CA GLN A 178 -46.63 77.82 12.81
C GLN A 178 -48.08 77.50 12.41
N ASP A 179 -48.79 76.88 13.35
CA ASP A 179 -50.17 76.51 13.12
C ASP A 179 -51.09 77.59 13.69
N GLU A 180 -52.36 77.49 13.32
CA GLU A 180 -53.35 78.45 13.79
C GLU A 180 -53.81 78.08 15.20
N GLY A 181 -53.42 78.91 16.15
CA GLY A 181 -53.79 78.68 17.54
C GLY A 181 -52.65 78.03 18.32
N TRP A 182 -51.58 77.75 17.59
CA TRP A 182 -50.41 77.12 18.20
C TRP A 182 -49.18 77.93 17.80
N LEU A 183 -48.25 78.04 18.75
CA LEU A 183 -47.02 78.79 18.51
C LEU A 183 -45.83 77.92 18.92
N MET A 184 -44.65 78.42 18.58
CA MET A 184 -43.42 77.71 18.91
C MET A 184 -42.88 78.15 20.27
N GLY A 185 -42.90 77.22 21.21
CA GLY A 185 -42.43 77.50 22.55
C GLY A 185 -41.54 76.35 23.07
N VAL A 186 -40.82 76.64 24.15
CA VAL A 186 -39.94 75.66 24.74
C VAL A 186 -40.29 75.49 26.22
N LYS A 187 -40.18 74.26 26.70
CA LYS A 187 -40.48 73.96 28.08
C LYS A 187 -39.31 74.39 28.96
N GLU A 188 -39.60 74.55 30.25
CA GLU A 188 -38.58 74.97 31.20
C GLU A 188 -37.42 73.97 31.19
N SER A 189 -37.77 72.69 31.18
CA SER A 189 -36.77 71.64 31.18
C SER A 189 -35.88 71.76 29.94
N ASP A 190 -36.52 72.11 28.83
CA ASP A 190 -35.81 72.27 27.57
C ASP A 190 -34.79 73.41 27.71
N TRP A 191 -35.17 74.41 28.50
CA TRP A 191 -34.32 75.56 28.72
C TRP A 191 -32.95 75.05 29.19
N ASN A 192 -33.00 74.15 30.17
CA ASN A 192 -31.79 73.58 30.72
C ASN A 192 -30.95 72.98 29.58
N GLN A 193 -31.64 72.60 28.52
CA GLN A 193 -30.98 72.02 27.37
C GLN A 193 -30.98 73.00 26.20
N HIS A 194 -31.18 74.27 26.53
CA HIS A 194 -31.21 75.31 25.52
C HIS A 194 -30.03 75.14 24.56
N LYS A 195 -29.02 74.42 25.04
CA LYS A 195 -27.84 74.18 24.24
C LYS A 195 -28.25 73.47 22.94
N LYS A 196 -29.32 72.69 23.04
CA LYS A 196 -29.82 71.97 21.89
C LYS A 196 -31.27 72.37 21.62
N LEU A 197 -31.52 73.67 21.72
CA LEU A 197 -32.85 74.20 21.50
C LEU A 197 -33.35 73.76 20.12
N GLU A 198 -32.40 73.60 19.21
CA GLU A 198 -32.72 73.18 17.86
C GLU A 198 -33.44 71.84 17.88
N LYS A 199 -33.29 71.14 18.99
CA LYS A 199 -33.93 69.83 19.15
C LYS A 199 -34.97 69.91 20.26
N CYS A 200 -35.18 71.12 20.77
CA CYS A 200 -36.14 71.35 21.83
C CYS A 200 -37.32 72.11 21.25
N ARG A 201 -37.08 72.76 20.13
CA ARG A 201 -38.11 73.54 19.46
C ARG A 201 -39.36 72.68 19.24
N GLY A 202 -40.50 73.21 19.67
CA GLY A 202 -41.75 72.51 19.52
C GLY A 202 -42.92 73.49 19.36
N VAL A 203 -44.10 72.93 19.22
CA VAL A 203 -45.30 73.73 19.05
C VAL A 203 -46.32 73.36 20.14
N PHE A 204 -47.17 74.33 20.45
CA PHE A 204 -48.18 74.12 21.47
C PHE A 204 -49.30 75.17 21.35
N PRO A 205 -50.52 74.75 21.78
CA PRO A 205 -51.67 75.64 21.73
C PRO A 205 -51.60 76.70 22.83
N GLU A 206 -51.58 77.95 22.42
CA GLU A 206 -51.52 79.06 23.35
C GLU A 206 -52.82 79.15 24.15
N ASN A 207 -53.92 78.91 23.46
CA ASN A 207 -55.23 78.97 24.09
C ASN A 207 -55.29 77.92 25.20
N PHE A 208 -54.47 76.89 25.06
CA PHE A 208 -54.44 75.83 26.05
C PHE A 208 -53.43 76.14 27.16
N THR A 209 -52.83 77.32 27.04
CA THR A 209 -51.85 77.76 28.03
C THR A 209 -52.15 79.19 28.48
N GLU A 210 -51.32 79.65 29.41
CA GLU A 210 -51.48 81.00 29.93
C GLU A 210 -50.14 81.72 29.97
N ARG A 211 -50.20 83.03 29.76
CA ARG A 211 -48.99 83.85 29.76
C ARG A 211 -48.62 84.23 31.19
N VAL A 212 -47.32 84.16 31.46
CA VAL A 212 -46.81 84.49 32.78
C VAL A 212 -46.04 85.81 32.71
N PRO A 213 -46.50 86.79 33.54
CA PRO A 213 -45.87 88.09 33.59
C PRO A 213 -44.53 88.03 34.33
N ASP A 1 -14.21 -38.12 -16.16
CA ASP A 1 -14.63 -39.46 -16.53
C ASP A 1 -13.41 -40.35 -16.70
N GLY A 2 -13.66 -41.62 -16.98
CA GLY A 2 -12.59 -42.57 -17.18
C GLY A 2 -12.98 -43.96 -16.64
N SER A 3 -12.76 -44.96 -17.46
CA SER A 3 -13.08 -46.33 -17.08
C SER A 3 -12.70 -47.29 -18.21
N PRO A 4 -11.63 -48.08 -17.96
CA PRO A 4 -11.16 -49.05 -18.93
C PRO A 4 -12.09 -50.26 -19.00
N ALA A 5 -11.60 -51.30 -19.66
CA ALA A 5 -12.38 -52.52 -19.81
C ALA A 5 -11.42 -53.70 -20.07
N ALA A 6 -12.02 -54.84 -20.36
CA ALA A 6 -11.24 -56.03 -20.64
C ALA A 6 -12.14 -57.09 -21.29
N THR A 7 -11.55 -58.24 -21.57
CA THR A 7 -12.28 -59.33 -22.18
C THR A 7 -11.54 -60.65 -21.98
N PRO A 8 -12.11 -61.51 -21.09
CA PRO A 8 -11.51 -62.80 -20.80
C PRO A 8 -11.76 -63.79 -21.95
N GLU A 9 -11.38 -65.03 -21.70
CA GLU A 9 -11.56 -66.07 -22.69
C GLU A 9 -11.11 -67.42 -22.14
N ILE A 10 -11.62 -68.48 -22.74
CA ILE A 10 -11.27 -69.83 -22.32
C ILE A 10 -11.81 -70.83 -23.34
N ARG A 11 -11.03 -71.88 -23.56
CA ARG A 11 -11.42 -72.91 -24.51
C ARG A 11 -10.92 -74.28 -24.02
N VAL A 12 -11.41 -75.32 -24.68
CA VAL A 12 -11.04 -76.67 -24.34
C VAL A 12 -11.65 -77.65 -25.35
N ASN A 13 -10.90 -78.70 -25.65
CA ASN A 13 -11.36 -79.70 -26.59
C ASN A 13 -10.73 -81.05 -26.25
N HIS A 14 -11.33 -82.10 -26.77
CA HIS A 14 -10.84 -83.44 -26.53
C HIS A 14 -11.68 -84.46 -27.30
N GLU A 15 -11.14 -85.65 -27.46
CA GLU A 15 -11.83 -86.71 -28.17
C GLU A 15 -11.34 -88.08 -27.69
N PRO A 16 -12.31 -89.04 -27.64
CA PRO A 16 -11.99 -90.39 -27.20
C PRO A 16 -11.24 -91.16 -28.29
N GLU A 17 -11.19 -92.47 -28.12
CA GLU A 17 -10.51 -93.32 -29.07
C GLU A 17 -10.68 -94.79 -28.69
N PRO A 18 -11.67 -95.45 -29.33
CA PRO A 18 -11.95 -96.85 -29.07
C PRO A 18 -10.90 -97.75 -29.71
N ALA A 19 -11.13 -99.05 -29.64
CA ALA A 19 -10.22 -100.02 -30.21
C ALA A 19 -10.73 -101.43 -29.90
N GLY A 20 -10.04 -102.40 -30.48
CA GLY A 20 -10.41 -103.80 -30.29
C GLY A 20 -9.51 -104.72 -31.10
N GLY A 21 -9.79 -106.02 -30.99
CA GLY A 21 -9.01 -107.01 -31.71
C GLY A 21 -9.49 -108.42 -31.38
N ALA A 22 -8.94 -109.39 -32.10
CA ALA A 22 -9.30 -110.78 -31.89
C ALA A 22 -8.53 -111.66 -32.88
N THR A 23 -7.94 -112.72 -32.36
CA THR A 23 -7.19 -113.64 -33.18
C THR A 23 -7.87 -115.01 -33.23
N PRO A 24 -8.05 -115.51 -34.48
CA PRO A 24 -8.69 -116.80 -34.68
C PRO A 24 -7.74 -117.95 -34.30
N GLY A 25 -8.17 -119.16 -34.64
CA GLY A 25 -7.37 -120.34 -34.35
C GLY A 25 -8.25 -121.60 -34.31
N ALA A 26 -7.66 -122.71 -34.73
CA ALA A 26 -8.38 -123.97 -34.75
C ALA A 26 -7.43 -125.08 -35.21
N THR A 27 -7.40 -126.15 -34.45
CA THR A 27 -6.55 -127.28 -34.77
C THR A 27 -7.38 -128.44 -35.31
N LEU A 28 -6.69 -129.53 -35.62
CA LEU A 28 -7.35 -130.71 -36.15
C LEU A 28 -6.31 -131.79 -36.44
N PRO A 29 -5.95 -132.54 -35.37
CA PRO A 29 -4.97 -133.61 -35.49
C PRO A 29 -5.56 -134.83 -36.20
N LYS A 30 -4.73 -135.84 -36.37
CA LYS A 30 -5.16 -137.07 -37.03
C LYS A 30 -3.99 -138.05 -37.09
N SER A 31 -4.32 -139.31 -36.86
CA SER A 31 -3.31 -140.36 -36.89
C SER A 31 -3.63 -141.38 -37.97
N PRO A 32 -2.84 -141.33 -39.08
CA PRO A 32 -3.05 -142.23 -40.19
C PRO A 32 -2.53 -143.63 -39.86
N SER A 33 -3.11 -144.62 -40.52
CA SER A 33 -2.71 -146.00 -40.30
C SER A 33 -3.32 -146.90 -41.38
N GLN A 34 -3.42 -146.33 -42.58
CA GLN A 34 -3.98 -147.07 -43.71
C GLN A 34 -2.90 -147.95 -44.35
N LEU A 35 -3.37 -148.93 -45.11
CA LEU A 35 -2.47 -149.86 -45.78
C LEU A 35 -1.73 -150.71 -44.75
N ARG A 36 -2.38 -151.80 -44.36
CA ARG A 36 -1.81 -152.70 -43.38
C ARG A 36 -1.22 -153.93 -44.07
N LYS A 37 -0.20 -154.49 -43.43
CA LYS A 37 0.46 -155.67 -43.98
C LYS A 37 0.80 -156.63 -42.83
N GLY A 38 1.04 -157.88 -43.20
CA GLY A 38 1.38 -158.90 -42.22
C GLY A 38 2.25 -159.99 -42.84
N PRO A 39 2.47 -161.07 -42.05
CA PRO A 39 3.28 -162.19 -42.51
C PRO A 39 2.52 -163.03 -43.53
N PRO A 40 3.27 -163.54 -44.54
CA PRO A 40 2.68 -164.37 -45.58
C PRO A 40 2.37 -165.78 -45.06
N VAL A 41 1.52 -166.47 -45.80
CA VAL A 41 1.15 -167.82 -45.42
C VAL A 41 1.88 -168.83 -46.31
N PRO A 42 2.90 -169.50 -45.70
CA PRO A 42 3.68 -170.48 -46.42
C PRO A 42 2.89 -171.78 -46.63
N PRO A 43 2.95 -172.30 -47.89
CA PRO A 43 2.24 -173.52 -48.23
C PRO A 43 2.96 -174.74 -47.65
N PRO A 44 2.15 -175.78 -47.32
CA PRO A 44 2.70 -177.01 -46.76
C PRO A 44 3.38 -177.84 -47.84
N PRO A 45 4.18 -178.85 -47.37
CA PRO A 45 4.89 -179.73 -48.28
C PRO A 45 3.95 -180.73 -48.94
N LYS A 46 3.08 -181.31 -48.12
CA LYS A 46 2.13 -182.29 -48.60
C LYS A 46 0.82 -182.16 -47.81
N HIS A 47 -0.28 -182.11 -48.54
CA HIS A 47 -1.59 -181.99 -47.93
C HIS A 47 -2.65 -182.53 -48.87
N THR A 48 -2.81 -181.86 -50.00
CA THR A 48 -3.79 -182.27 -51.00
C THR A 48 -3.21 -183.37 -51.89
N PRO A 49 -4.14 -184.16 -52.50
CA PRO A 49 -3.73 -185.24 -53.38
C PRO A 49 -3.25 -184.70 -54.72
N SER A 50 -3.12 -185.62 -55.68
CA SER A 50 -2.68 -185.25 -57.02
C SER A 50 -3.00 -186.36 -58.00
N LYS A 51 -3.19 -185.97 -59.25
CA LYS A 51 -3.50 -186.92 -60.30
C LYS A 51 -4.93 -187.43 -60.10
N GLU A 52 -5.83 -186.95 -60.95
CA GLU A 52 -7.23 -187.35 -60.87
C GLU A 52 -7.99 -186.85 -62.10
N VAL A 53 -8.28 -187.78 -62.99
CA VAL A 53 -9.01 -187.46 -64.20
C VAL A 53 -9.45 -188.75 -64.90
N LYS A 54 -10.65 -188.70 -65.46
CA LYS A 54 -11.19 -189.85 -66.16
C LYS A 54 -10.62 -189.92 -67.57
N GLN A 55 -11.08 -190.91 -68.32
CA GLN A 55 -10.63 -191.08 -69.69
C GLN A 55 -11.47 -192.15 -70.40
N GLU A 56 -11.19 -192.32 -71.68
CA GLU A 56 -11.91 -193.29 -72.48
C GLU A 56 -11.01 -193.86 -73.57
N GLN A 57 -11.35 -195.07 -74.01
CA GLN A 57 -10.57 -195.74 -75.04
C GLN A 57 -11.44 -196.00 -76.27
N ILE A 58 -10.84 -196.67 -77.25
CA ILE A 58 -11.55 -196.99 -78.47
C ILE A 58 -10.90 -198.21 -79.13
N LEU A 59 -11.57 -198.72 -80.15
CA LEU A 59 -11.07 -199.89 -80.87
C LEU A 59 -11.04 -199.58 -82.37
N SER A 60 -10.48 -200.51 -83.13
CA SER A 60 -10.39 -200.35 -84.56
C SER A 60 -10.06 -201.70 -85.22
N LEU A 61 -11.09 -202.31 -85.80
CA LEU A 61 -10.92 -203.59 -86.45
C LEU A 61 -10.44 -203.37 -87.88
N PHE A 62 -9.91 -204.43 -88.48
CA PHE A 62 -9.41 -204.36 -89.84
C PHE A 62 -9.32 -205.75 -90.46
N GLU A 63 -9.12 -205.78 -91.77
CA GLU A 63 -9.01 -207.03 -92.50
C GLU A 63 -8.66 -206.77 -93.96
N ASP A 64 -7.80 -207.62 -94.49
CA ASP A 64 -7.37 -207.49 -95.87
C ASP A 64 -6.81 -208.83 -96.35
N THR A 65 -6.70 -208.96 -97.67
CA THR A 65 -6.18 -210.17 -98.26
C THR A 65 -6.02 -210.00 -99.78
N PHE A 66 -5.39 -210.98 -100.38
CA PHE A 66 -5.15 -210.95 -101.82
C PHE A 66 -4.59 -212.29 -102.32
N VAL A 67 -4.88 -212.58 -103.58
CA VAL A 67 -4.41 -213.82 -104.18
C VAL A 67 -4.64 -213.77 -105.69
N PRO A 68 -3.56 -213.38 -106.43
CA PRO A 68 -3.64 -213.28 -107.88
C PRO A 68 -3.62 -214.67 -108.52
N GLU A 69 -3.58 -214.68 -109.84
CA GLU A 69 -3.56 -215.92 -110.59
C GLU A 69 -3.38 -215.64 -112.09
N ILE A 70 -3.27 -216.73 -112.84
CA ILE A 70 -3.09 -216.61 -114.28
C ILE A 70 -1.62 -216.30 -114.58
N SER A 71 -0.97 -217.25 -115.24
CA SER A 71 0.43 -217.08 -115.60
C SER A 71 0.57 -216.92 -117.11
N VAL A 72 1.82 -216.75 -117.54
CA VAL A 72 2.10 -216.58 -118.96
C VAL A 72 3.18 -217.58 -119.38
N THR A 73 3.44 -217.60 -120.68
CA THR A 73 4.45 -218.50 -121.22
C THR A 73 5.49 -217.72 -122.01
N THR A 74 6.75 -218.07 -121.80
CA THR A 74 7.84 -217.41 -122.49
C THR A 74 7.82 -217.76 -123.98
N PRO A 75 8.22 -216.76 -124.81
CA PRO A 75 8.26 -216.96 -126.25
C PRO A 75 9.46 -217.82 -126.66
N SER A 76 9.68 -217.89 -127.96
CA SER A 76 10.78 -218.67 -128.49
C SER A 76 11.34 -218.00 -129.75
N GLN A 77 12.45 -218.55 -130.22
CA GLN A 77 13.10 -218.01 -131.41
C GLN A 77 13.64 -216.61 -131.14
N PRO A 78 14.94 -216.56 -130.73
CA PRO A 78 15.58 -215.29 -130.42
C PRO A 78 15.93 -214.54 -131.71
N ALA A 79 16.58 -215.25 -132.62
CA ALA A 79 16.97 -214.67 -133.89
C ALA A 79 18.17 -213.75 -133.67
N GLU A 80 18.88 -213.49 -134.76
CA GLU A 80 20.05 -212.63 -134.70
C GLU A 80 19.68 -211.19 -135.09
N ALA A 81 20.65 -210.30 -134.98
CA ALA A 81 20.43 -208.91 -135.32
C ALA A 81 21.74 -208.13 -135.15
N SER A 82 21.64 -206.82 -135.30
CA SER A 82 22.81 -205.97 -135.16
C SER A 82 23.46 -206.19 -133.80
N GLU A 83 24.79 -206.18 -133.81
CA GLU A 83 25.54 -206.38 -132.58
C GLU A 83 25.09 -205.38 -131.51
N VAL A 84 24.61 -204.24 -131.97
CA VAL A 84 24.14 -203.20 -131.07
C VAL A 84 25.29 -202.75 -130.18
N ALA A 85 25.10 -201.60 -129.55
CA ALA A 85 26.12 -201.04 -128.67
C ALA A 85 25.44 -200.50 -127.42
N GLY A 86 26.20 -200.51 -126.33
CA GLY A 86 25.69 -200.01 -125.06
C GLY A 86 26.72 -200.19 -123.94
N GLY A 87 26.29 -199.90 -122.72
CA GLY A 87 27.16 -200.02 -121.57
C GLY A 87 26.37 -199.92 -120.27
N THR A 88 26.98 -200.41 -119.20
CA THR A 88 26.34 -200.37 -117.90
C THR A 88 27.38 -200.12 -116.80
N GLN A 89 27.13 -200.72 -115.65
CA GLN A 89 28.04 -200.57 -114.52
C GLN A 89 27.39 -201.11 -113.24
N PRO A 90 26.17 -200.57 -112.95
CA PRO A 90 25.43 -200.98 -111.76
C PRO A 90 24.81 -202.37 -111.96
N ALA A 91 24.31 -202.93 -110.86
CA ALA A 91 23.69 -204.24 -110.90
C ALA A 91 22.51 -204.27 -109.94
N ALA A 92 22.83 -204.19 -108.65
CA ALA A 92 21.80 -204.21 -107.63
C ALA A 92 22.40 -203.67 -106.32
N GLY A 93 21.52 -203.45 -105.36
CA GLY A 93 21.93 -202.95 -104.06
C GLY A 93 20.73 -202.68 -103.16
N ALA A 94 21.02 -202.22 -101.95
CA ALA A 94 19.97 -201.91 -100.99
C ALA A 94 19.27 -203.22 -100.60
N GLN A 95 19.27 -203.49 -99.30
CA GLN A 95 18.65 -204.69 -98.78
C GLN A 95 18.63 -204.65 -97.24
N GLU A 96 17.43 -204.79 -96.70
CA GLU A 96 17.26 -204.78 -95.25
C GLU A 96 15.81 -205.07 -94.88
N PRO A 97 15.56 -206.36 -94.48
CA PRO A 97 14.23 -206.78 -94.11
C PRO A 97 13.85 -206.24 -92.72
N GLY A 98 12.66 -206.61 -92.28
CA GLY A 98 12.18 -206.17 -90.98
C GLY A 98 10.83 -206.83 -90.65
N GLU A 99 10.35 -206.55 -89.46
CA GLU A 99 9.08 -207.10 -89.00
C GLU A 99 8.46 -206.20 -87.93
N THR A 100 9.28 -205.84 -86.96
CA THR A 100 8.83 -204.98 -85.87
C THR A 100 7.44 -205.41 -85.40
N ALA A 101 7.42 -206.36 -84.48
CA ALA A 101 6.17 -206.87 -83.94
C ALA A 101 5.34 -205.70 -83.42
N ALA A 102 4.13 -206.03 -82.99
CA ALA A 102 3.22 -205.02 -82.47
C ALA A 102 2.29 -205.66 -81.44
N SER A 103 1.73 -204.82 -80.58
CA SER A 103 0.82 -205.28 -79.56
C SER A 103 -0.07 -204.13 -79.08
N GLU A 104 -1.07 -204.49 -78.29
CA GLU A 104 -2.00 -203.50 -77.76
C GLU A 104 -2.16 -203.68 -76.25
N ALA A 105 -2.64 -204.86 -75.87
CA ALA A 105 -2.85 -205.17 -74.47
C ALA A 105 -3.84 -204.17 -73.87
N ALA A 106 -5.08 -204.62 -73.75
CA ALA A 106 -6.12 -203.78 -73.19
C ALA A 106 -6.43 -204.23 -71.76
N SER A 107 -7.20 -203.41 -71.07
CA SER A 107 -7.57 -203.69 -69.69
C SER A 107 -8.89 -203.01 -69.34
N SER A 108 -9.65 -203.66 -68.48
CA SER A 108 -10.94 -203.12 -68.06
C SER A 108 -10.76 -202.31 -66.77
N SER A 109 -11.81 -201.58 -66.43
CA SER A 109 -11.79 -200.75 -65.24
C SER A 109 -13.11 -200.90 -64.47
N LEU A 110 -14.18 -200.47 -65.12
CA LEU A 110 -15.50 -200.55 -64.52
C LEU A 110 -15.60 -199.53 -63.38
N PRO A 111 -16.10 -198.32 -63.73
CA PRO A 111 -16.24 -197.27 -62.74
C PRO A 111 -17.44 -197.53 -61.84
N ALA A 112 -18.47 -198.15 -62.42
CA ALA A 112 -19.67 -198.46 -61.67
C ALA A 112 -20.29 -197.16 -61.13
N VAL A 113 -21.49 -196.87 -61.62
CA VAL A 113 -22.19 -195.68 -61.21
C VAL A 113 -23.69 -195.98 -61.09
N VAL A 114 -24.30 -195.46 -60.04
CA VAL A 114 -25.72 -195.66 -59.81
C VAL A 114 -26.47 -194.37 -60.11
N VAL A 115 -26.44 -193.99 -61.38
CA VAL A 115 -27.12 -192.77 -61.81
C VAL A 115 -26.89 -191.67 -60.77
N GLU A 116 -27.75 -190.66 -60.84
CA GLU A 116 -27.65 -189.54 -59.91
C GLU A 116 -28.93 -188.71 -59.95
N THR A 117 -29.02 -187.77 -59.01
CA THR A 117 -30.18 -186.91 -58.93
C THR A 117 -29.86 -185.53 -59.49
N PHE A 118 -30.91 -184.72 -59.62
CA PHE A 118 -30.75 -183.37 -60.13
C PHE A 118 -32.10 -182.66 -60.23
N PRO A 119 -32.36 -181.78 -59.22
CA PRO A 119 -33.60 -181.04 -59.19
C PRO A 119 -33.60 -179.90 -60.21
N ALA A 120 -34.76 -179.28 -60.36
CA ALA A 120 -34.89 -178.18 -61.31
C ALA A 120 -35.49 -176.97 -60.59
N THR A 121 -35.54 -175.86 -61.32
CA THR A 121 -36.09 -174.63 -60.76
C THR A 121 -36.67 -173.76 -61.87
N VAL A 122 -37.36 -172.71 -61.46
CA VAL A 122 -37.97 -171.80 -62.41
C VAL A 122 -37.33 -170.41 -62.27
N ASN A 123 -37.24 -169.72 -63.39
CA ASN A 123 -36.65 -168.39 -63.40
C ASN A 123 -37.65 -167.39 -62.84
N GLY A 124 -38.83 -167.36 -63.45
CA GLY A 124 -39.88 -166.45 -63.02
C GLY A 124 -39.48 -165.00 -63.28
N THR A 125 -40.39 -164.10 -62.94
CA THR A 125 -40.15 -162.68 -63.13
C THR A 125 -39.99 -162.36 -64.61
N VAL A 126 -41.11 -162.35 -65.32
CA VAL A 126 -41.10 -162.07 -66.74
C VAL A 126 -40.81 -160.59 -66.96
N GLU A 127 -39.55 -160.22 -66.73
CA GLU A 127 -39.13 -158.83 -66.90
C GLU A 127 -37.62 -158.71 -66.66
N GLY A 128 -36.95 -158.16 -67.66
CA GLY A 128 -35.52 -157.98 -67.58
C GLY A 128 -35.13 -157.24 -66.29
N GLY A 129 -33.89 -157.47 -65.87
CA GLY A 129 -33.39 -156.85 -64.66
C GLY A 129 -32.31 -155.81 -64.99
N SER A 130 -31.55 -155.44 -63.96
CA SER A 130 -30.50 -154.46 -64.13
C SER A 130 -29.19 -154.99 -63.51
N GLY A 131 -28.42 -155.69 -64.33
CA GLY A 131 -27.16 -156.25 -63.87
C GLY A 131 -26.35 -156.81 -65.04
N ALA A 132 -26.27 -158.14 -65.07
CA ALA A 132 -25.53 -158.81 -66.12
C ALA A 132 -24.05 -158.84 -65.76
N GLY A 133 -23.46 -157.67 -65.72
CA GLY A 133 -22.05 -157.54 -65.39
C GLY A 133 -21.40 -156.39 -66.16
N ARG A 134 -20.08 -156.33 -66.08
CA ARG A 134 -19.33 -155.29 -66.77
C ARG A 134 -19.53 -155.41 -68.28
N LEU A 135 -18.75 -154.62 -69.01
CA LEU A 135 -18.83 -154.62 -70.46
C LEU A 135 -17.44 -154.91 -71.04
N ASP A 136 -16.44 -154.28 -70.44
CA ASP A 136 -15.07 -154.45 -70.89
C ASP A 136 -14.26 -155.10 -69.77
N LEU A 137 -13.18 -155.76 -70.17
CA LEU A 137 -12.31 -156.43 -69.22
C LEU A 137 -11.26 -155.45 -68.72
N PRO A 138 -10.67 -155.79 -67.54
CA PRO A 138 -9.64 -154.95 -66.94
C PRO A 138 -8.32 -155.07 -67.69
N PRO A 139 -7.69 -153.90 -67.95
CA PRO A 139 -6.42 -153.86 -68.66
C PRO A 139 -5.28 -154.31 -67.75
N GLY A 140 -4.40 -155.12 -68.31
CA GLY A 140 -3.25 -155.63 -67.56
C GLY A 140 -3.59 -156.96 -66.89
N PHE A 141 -4.88 -157.22 -66.74
CA PHE A 141 -5.34 -158.45 -66.13
C PHE A 141 -4.43 -159.61 -66.50
N MET A 142 -4.41 -160.61 -65.62
CA MET A 142 -3.59 -161.79 -65.85
C MET A 142 -4.46 -163.03 -66.08
N PHE A 143 -5.05 -163.51 -65.00
CA PHE A 143 -5.91 -164.68 -65.07
C PHE A 143 -6.83 -164.75 -63.86
N LYS A 144 -7.66 -165.80 -63.84
CA LYS A 144 -8.59 -166.00 -62.76
C LYS A 144 -8.00 -167.00 -61.75
N VAL A 145 -8.29 -166.77 -60.49
CA VAL A 145 -7.79 -167.64 -59.43
C VAL A 145 -8.97 -168.13 -58.59
N GLN A 146 -8.69 -169.13 -57.77
CA GLN A 146 -9.71 -169.70 -56.91
C GLN A 146 -9.20 -169.81 -55.47
N ALA A 147 -9.93 -169.17 -54.57
CA ALA A 147 -9.56 -169.20 -53.17
C ALA A 147 -9.79 -170.59 -52.59
N GLN A 148 -9.00 -170.94 -51.58
CA GLN A 148 -9.12 -172.23 -50.95
C GLN A 148 -9.44 -172.08 -49.46
N HIS A 149 -9.47 -170.83 -49.03
CA HIS A 149 -9.76 -170.52 -47.64
C HIS A 149 -10.45 -169.16 -47.54
N ASP A 150 -10.96 -168.88 -46.36
CA ASP A 150 -11.66 -167.61 -46.12
C ASP A 150 -10.74 -166.68 -45.33
N TYR A 151 -10.15 -165.73 -46.05
CA TYR A 151 -9.25 -164.77 -45.43
C TYR A 151 -9.91 -163.39 -45.36
N THR A 152 -10.36 -163.04 -44.16
CA THR A 152 -11.00 -161.76 -43.95
C THR A 152 -9.95 -160.64 -43.91
N ALA A 153 -10.01 -159.79 -44.92
CA ALA A 153 -9.08 -158.67 -45.02
C ALA A 153 -9.84 -157.36 -44.85
N THR A 154 -9.48 -156.64 -43.79
CA THR A 154 -10.12 -155.37 -43.50
C THR A 154 -9.09 -154.25 -43.51
N ASP A 155 -8.96 -153.63 -44.68
CA ASP A 155 -8.01 -152.53 -44.83
C ASP A 155 -8.65 -151.44 -45.69
N THR A 156 -7.85 -150.41 -45.96
CA THR A 156 -8.33 -149.29 -46.76
C THR A 156 -8.42 -149.69 -48.24
N ASP A 157 -7.86 -150.85 -48.53
CA ASP A 157 -7.86 -151.36 -49.89
C ASP A 157 -7.45 -152.83 -49.88
N GLU A 158 -8.13 -153.61 -49.06
CA GLU A 158 -7.84 -155.03 -48.95
C GLU A 158 -8.82 -155.84 -49.81
N LEU A 159 -8.44 -157.08 -50.07
CA LEU A 159 -9.27 -157.96 -50.88
C LEU A 159 -9.71 -159.15 -50.02
N GLN A 160 -11.00 -159.23 -49.79
CA GLN A 160 -11.56 -160.31 -49.00
C GLN A 160 -11.82 -161.54 -49.87
N LEU A 161 -11.43 -162.70 -49.36
CA LEU A 161 -11.61 -163.94 -50.08
C LEU A 161 -12.31 -164.96 -49.17
N LYS A 162 -13.16 -165.76 -49.79
CA LYS A 162 -13.89 -166.78 -49.05
C LYS A 162 -13.58 -168.16 -49.65
N ALA A 163 -13.35 -169.10 -48.75
CA ALA A 163 -13.03 -170.46 -49.17
C ALA A 163 -13.92 -170.84 -50.36
N GLY A 164 -13.29 -170.91 -51.53
CA GLY A 164 -14.01 -171.27 -52.74
C GLY A 164 -14.54 -170.02 -53.44
N ASP A 165 -13.69 -169.00 -53.50
CA ASP A 165 -14.05 -167.74 -54.14
C ASP A 165 -13.28 -167.61 -55.45
N VAL A 166 -13.68 -166.61 -56.22
CA VAL A 166 -13.03 -166.35 -57.51
C VAL A 166 -12.40 -164.95 -57.49
N VAL A 167 -11.12 -164.92 -57.83
CA VAL A 167 -10.39 -163.66 -57.85
C VAL A 167 -9.53 -163.60 -59.11
N LEU A 168 -9.51 -162.43 -59.72
CA LEU A 168 -8.74 -162.22 -60.93
C LEU A 168 -7.42 -161.50 -60.59
N VAL A 169 -6.34 -162.03 -61.13
CA VAL A 169 -5.03 -161.45 -60.89
C VAL A 169 -4.79 -160.29 -61.86
N ILE A 170 -4.74 -159.09 -61.31
CA ILE A 170 -4.52 -157.90 -62.11
C ILE A 170 -3.26 -157.20 -61.64
N PRO A 171 -2.63 -156.44 -62.59
CA PRO A 171 -1.41 -155.72 -62.28
C PRO A 171 -1.71 -154.48 -61.44
N PHE A 172 -1.18 -154.48 -60.23
CA PHE A 172 -1.38 -153.36 -59.31
C PHE A 172 -0.90 -152.04 -59.94
N GLN A 173 -1.02 -150.98 -59.17
CA GLN A 173 -0.61 -149.66 -59.63
C GLN A 173 0.90 -149.48 -59.42
N ASN A 174 1.48 -150.43 -58.70
CA ASN A 174 2.91 -150.38 -58.42
C ASN A 174 3.30 -151.61 -57.58
N PRO A 175 4.56 -152.07 -57.80
CA PRO A 175 5.06 -153.23 -57.06
C PRO A 175 5.40 -152.85 -55.62
N GLU A 176 5.53 -151.56 -55.39
CA GLU A 176 5.86 -151.06 -54.07
C GLU A 176 4.67 -151.24 -53.12
N GLU A 177 3.48 -151.22 -53.72
CA GLU A 177 2.26 -151.38 -52.94
C GLU A 177 1.95 -152.86 -52.72
N GLN A 178 2.72 -153.70 -53.41
CA GLN A 178 2.53 -155.14 -53.31
C GLN A 178 3.22 -155.66 -52.04
N ASP A 179 2.65 -156.72 -51.50
CA ASP A 179 3.20 -157.33 -50.29
C ASP A 179 4.02 -158.57 -50.67
N GLU A 180 4.67 -159.14 -49.67
CA GLU A 180 5.49 -160.32 -49.89
C GLU A 180 4.63 -161.58 -49.75
N GLY A 181 4.12 -162.04 -50.88
CA GLY A 181 3.30 -163.24 -50.90
C GLY A 181 1.84 -162.90 -51.24
N TRP A 182 1.57 -161.60 -51.29
CA TRP A 182 0.24 -161.13 -51.61
C TRP A 182 0.33 -160.26 -52.87
N LEU A 183 -0.58 -160.53 -53.79
CA LEU A 183 -0.62 -159.79 -55.04
C LEU A 183 -1.94 -159.03 -55.13
N MET A 184 -2.00 -158.12 -56.11
CA MET A 184 -3.20 -157.33 -56.31
C MET A 184 -4.19 -158.05 -57.22
N GLY A 185 -5.32 -158.41 -56.65
CA GLY A 185 -6.36 -159.11 -57.39
C GLY A 185 -7.74 -158.57 -57.02
N VAL A 186 -8.73 -159.03 -57.78
CA VAL A 186 -10.10 -158.61 -57.55
C VAL A 186 -11.03 -159.81 -57.68
N LYS A 187 -12.08 -159.80 -56.87
CA LYS A 187 -13.05 -160.88 -56.88
C LYS A 187 -13.87 -160.82 -58.16
N GLU A 188 -14.55 -161.92 -58.46
CA GLU A 188 -15.37 -162.00 -59.65
C GLU A 188 -16.51 -160.97 -59.59
N SER A 189 -17.16 -160.92 -58.43
CA SER A 189 -18.25 -160.00 -58.22
C SER A 189 -17.78 -158.57 -58.47
N ASP A 190 -16.53 -158.32 -58.08
CA ASP A 190 -15.94 -157.00 -58.26
C ASP A 190 -15.76 -156.71 -59.75
N TRP A 191 -15.47 -157.77 -60.49
CA TRP A 191 -15.27 -157.66 -61.91
C TRP A 191 -16.48 -156.92 -62.51
N ASN A 192 -17.66 -157.35 -62.10
CA ASN A 192 -18.89 -156.73 -62.58
C ASN A 192 -18.83 -155.22 -62.32
N GLN A 193 -18.05 -154.87 -61.30
CA GLN A 193 -17.91 -153.47 -60.93
C GLN A 193 -16.72 -152.84 -61.67
N HIS A 194 -16.29 -153.53 -62.71
CA HIS A 194 -15.17 -153.05 -63.50
C HIS A 194 -15.34 -151.56 -63.79
N LYS A 195 -16.58 -151.11 -63.70
CA LYS A 195 -16.88 -149.71 -63.95
C LYS A 195 -16.07 -148.84 -62.98
N LYS A 196 -15.80 -149.40 -61.81
CA LYS A 196 -15.03 -148.69 -60.80
C LYS A 196 -14.18 -149.68 -60.01
N LEU A 197 -13.37 -150.42 -60.75
CA LEU A 197 -12.50 -151.41 -60.13
C LEU A 197 -11.41 -150.70 -59.32
N GLU A 198 -11.05 -149.52 -59.80
CA GLU A 198 -10.03 -148.73 -59.14
C GLU A 198 -10.39 -148.51 -57.67
N LYS A 199 -11.67 -148.69 -57.39
CA LYS A 199 -12.17 -148.51 -56.03
C LYS A 199 -12.48 -149.88 -55.43
N CYS A 200 -12.09 -150.91 -56.14
CA CYS A 200 -12.32 -152.28 -55.69
C CYS A 200 -10.97 -153.01 -55.66
N ARG A 201 -9.92 -152.26 -55.93
CA ARG A 201 -8.59 -152.83 -55.93
C ARG A 201 -8.20 -153.31 -54.53
N GLY A 202 -7.35 -154.32 -54.50
CA GLY A 202 -6.90 -154.88 -53.24
C GLY A 202 -5.83 -155.95 -53.46
N VAL A 203 -5.33 -156.49 -52.36
CA VAL A 203 -4.31 -157.51 -52.42
C VAL A 203 -4.77 -158.74 -51.66
N PHE A 204 -4.11 -159.86 -51.91
CA PHE A 204 -4.44 -161.11 -51.25
C PHE A 204 -3.29 -162.11 -51.33
N PRO A 205 -3.27 -163.04 -50.35
CA PRO A 205 -2.22 -164.06 -50.30
C PRO A 205 -2.45 -165.13 -51.36
N GLU A 206 -1.49 -165.21 -52.28
CA GLU A 206 -1.58 -166.18 -53.35
C GLU A 206 -1.44 -167.60 -52.81
N ASN A 207 -0.68 -167.71 -51.72
CA ASN A 207 -0.46 -168.99 -51.08
C ASN A 207 -1.77 -169.49 -50.48
N PHE A 208 -2.66 -168.54 -50.19
CA PHE A 208 -3.95 -168.86 -49.61
C PHE A 208 -5.00 -169.05 -50.70
N THR A 209 -4.55 -168.98 -51.95
CA THR A 209 -5.44 -169.14 -53.08
C THR A 209 -4.83 -170.11 -54.10
N GLU A 210 -5.60 -170.36 -55.16
CA GLU A 210 -5.14 -171.25 -56.21
C GLU A 210 -5.38 -170.62 -57.58
N ARG A 211 -4.55 -171.02 -58.53
CA ARG A 211 -4.65 -170.50 -59.88
C ARG A 211 -5.63 -171.34 -60.70
N VAL A 212 -6.51 -170.65 -61.40
CA VAL A 212 -7.50 -171.32 -62.23
C VAL A 212 -7.03 -171.32 -63.68
N PRO A 213 -6.79 -172.55 -64.20
CA PRO A 213 -6.34 -172.72 -65.58
C PRO A 213 -7.48 -172.49 -66.56
N ASP A 1 -14.21 -38.12 -16.16
CA ASP A 1 -14.63 -39.46 -16.53
C ASP A 1 -14.99 -40.24 -15.26
N GLY A 2 -16.26 -40.16 -14.89
CA GLY A 2 -16.74 -40.85 -13.70
C GLY A 2 -18.07 -40.28 -13.23
N SER A 3 -18.80 -41.09 -12.49
CA SER A 3 -20.09 -40.67 -11.96
C SER A 3 -20.66 -41.76 -11.04
N PRO A 4 -20.42 -41.58 -9.72
CA PRO A 4 -20.91 -42.53 -8.73
C PRO A 4 -22.41 -42.38 -8.52
N ALA A 5 -22.92 -43.12 -7.55
CA ALA A 5 -24.34 -43.08 -7.23
C ALA A 5 -24.62 -43.98 -6.03
N ALA A 6 -25.81 -43.84 -5.48
CA ALA A 6 -26.21 -44.63 -4.33
C ALA A 6 -27.70 -44.39 -4.04
N THR A 7 -28.26 -45.26 -3.22
CA THR A 7 -29.65 -45.15 -2.84
C THR A 7 -29.91 -45.85 -1.52
N PRO A 8 -30.15 -45.02 -0.46
CA PRO A 8 -30.40 -45.55 0.87
C PRO A 8 -31.82 -46.12 0.96
N GLU A 9 -32.17 -46.56 2.17
CA GLU A 9 -33.48 -47.13 2.41
C GLU A 9 -33.59 -47.62 3.84
N ILE A 10 -34.78 -47.47 4.41
CA ILE A 10 -35.02 -47.90 5.77
C ILE A 10 -36.52 -48.19 5.95
N ARG A 11 -36.87 -48.58 7.17
CA ARG A 11 -38.26 -48.89 7.48
C ARG A 11 -38.40 -49.19 8.97
N VAL A 12 -39.65 -49.11 9.44
CA VAL A 12 -39.94 -49.38 10.84
C VAL A 12 -41.45 -49.44 11.03
N ASN A 13 -41.89 -50.46 11.75
CA ASN A 13 -43.30 -50.65 12.02
C ASN A 13 -43.48 -51.23 13.43
N HIS A 14 -44.66 -51.00 13.99
CA HIS A 14 -44.96 -51.49 15.32
C HIS A 14 -46.48 -51.65 15.47
N GLU A 15 -46.88 -52.04 16.66
CA GLU A 15 -48.29 -52.23 16.95
C GLU A 15 -48.48 -52.69 18.40
N PRO A 16 -48.97 -51.75 19.25
CA PRO A 16 -49.20 -52.04 20.65
C PRO A 16 -50.45 -52.90 20.84
N GLU A 17 -50.72 -53.25 22.08
CA GLU A 17 -51.88 -54.07 22.40
C GLU A 17 -52.57 -53.54 23.67
N PRO A 18 -53.91 -53.69 23.69
CA PRO A 18 -54.70 -53.24 24.83
C PRO A 18 -54.53 -54.18 26.02
N ALA A 19 -55.43 -54.02 26.99
CA ALA A 19 -55.39 -54.85 28.18
C ALA A 19 -56.77 -54.84 28.85
N GLY A 20 -56.92 -55.72 29.82
CA GLY A 20 -58.18 -55.83 30.55
C GLY A 20 -58.00 -56.59 31.86
N GLY A 21 -59.08 -56.66 32.61
CA GLY A 21 -59.06 -57.35 33.89
C GLY A 21 -60.43 -57.33 34.55
N ALA A 22 -60.51 -57.96 35.72
CA ALA A 22 -61.75 -58.02 36.46
C ALA A 22 -61.47 -58.50 37.89
N THR A 23 -62.51 -58.46 38.72
CA THR A 23 -62.38 -58.88 40.09
C THR A 23 -63.71 -59.42 40.60
N PRO A 24 -63.74 -60.77 40.83
CA PRO A 24 -64.94 -61.42 41.33
C PRO A 24 -65.16 -61.13 42.81
N GLY A 25 -66.33 -61.52 43.29
CA GLY A 25 -66.67 -61.30 44.69
C GLY A 25 -67.16 -62.60 45.34
N ALA A 26 -67.89 -62.44 46.44
CA ALA A 26 -68.40 -63.58 47.16
C ALA A 26 -69.36 -63.09 48.25
N THR A 27 -70.55 -62.70 47.82
CA THR A 27 -71.56 -62.21 48.75
C THR A 27 -72.97 -62.48 48.20
N LEU A 28 -73.89 -62.71 49.12
CA LEU A 28 -75.28 -62.98 48.73
C LEU A 28 -76.00 -63.63 49.91
N PRO A 29 -75.37 -64.71 50.45
CA PRO A 29 -75.94 -65.43 51.58
C PRO A 29 -75.79 -64.63 52.87
N LYS A 30 -76.92 -64.22 53.41
CA LYS A 30 -76.93 -63.45 54.65
C LYS A 30 -78.29 -63.60 55.32
N SER A 31 -78.56 -64.81 55.79
CA SER A 31 -79.83 -65.08 56.46
C SER A 31 -79.57 -65.44 57.93
N PRO A 32 -80.42 -64.85 58.82
CA PRO A 32 -80.29 -65.09 60.25
C PRO A 32 -80.83 -66.48 60.61
N SER A 33 -80.11 -67.12 61.53
CA SER A 33 -80.51 -68.45 61.98
C SER A 33 -81.40 -68.34 63.21
N GLN A 34 -82.64 -67.93 62.97
CA GLN A 34 -83.60 -67.79 64.05
C GLN A 34 -84.51 -69.01 64.13
N LEU A 35 -84.57 -69.59 65.32
CA LEU A 35 -85.39 -70.77 65.55
C LEU A 35 -85.32 -71.16 67.02
N ARG A 36 -86.34 -70.73 67.76
CA ARG A 36 -86.41 -71.04 69.17
C ARG A 36 -87.33 -72.22 69.42
N LYS A 37 -86.73 -73.33 69.81
CA LYS A 37 -87.49 -74.55 70.09
C LYS A 37 -86.53 -75.73 70.17
N GLY A 38 -87.11 -76.92 70.25
CA GLY A 38 -86.32 -78.14 70.33
C GLY A 38 -87.01 -79.18 71.23
N PRO A 39 -86.96 -80.45 70.77
CA PRO A 39 -87.58 -81.54 71.52
C PRO A 39 -86.73 -81.91 72.74
N PRO A 40 -87.43 -82.27 73.84
CA PRO A 40 -86.76 -82.64 75.07
C PRO A 40 -86.15 -84.04 74.97
N VAL A 41 -85.22 -84.32 75.86
CA VAL A 41 -84.56 -85.61 75.88
C VAL A 41 -84.86 -86.31 77.20
N PRO A 42 -85.79 -87.32 77.12
CA PRO A 42 -86.17 -88.08 78.29
C PRO A 42 -85.07 -89.07 78.69
N PRO A 43 -85.03 -89.38 80.01
CA PRO A 43 -84.04 -90.31 80.54
C PRO A 43 -84.40 -91.75 80.17
N PRO A 44 -83.35 -92.62 80.18
CA PRO A 44 -83.54 -94.02 79.86
C PRO A 44 -84.22 -94.76 81.01
N PRO A 45 -85.02 -95.80 80.64
CA PRO A 45 -85.73 -96.59 81.63
C PRO A 45 -84.78 -97.55 82.35
N LYS A 46 -83.90 -96.97 83.16
CA LYS A 46 -82.93 -97.75 83.91
C LYS A 46 -82.56 -97.00 85.19
N HIS A 47 -82.14 -95.75 85.00
CA HIS A 47 -81.74 -94.93 86.13
C HIS A 47 -82.97 -94.17 86.66
N THR A 48 -82.77 -93.53 87.80
CA THR A 48 -83.84 -92.78 88.43
C THR A 48 -83.38 -91.34 88.74
N PRO A 49 -84.28 -90.38 88.47
CA PRO A 49 -83.98 -88.97 88.72
C PRO A 49 -84.03 -88.66 90.21
N SER A 50 -83.03 -87.92 90.66
CA SER A 50 -82.95 -87.54 92.06
C SER A 50 -83.86 -86.35 92.33
N LYS A 51 -84.05 -86.07 93.61
CA LYS A 51 -84.89 -84.95 94.02
C LYS A 51 -84.80 -84.78 95.55
N GLU A 52 -83.79 -84.04 95.97
CA GLU A 52 -83.59 -83.80 97.38
C GLU A 52 -82.74 -82.53 97.58
N VAL A 53 -83.33 -81.57 98.28
CA VAL A 53 -82.65 -80.32 98.55
C VAL A 53 -81.80 -80.46 99.82
N LYS A 54 -81.06 -79.41 100.11
CA LYS A 54 -80.20 -79.41 101.29
C LYS A 54 -80.09 -77.98 101.84
N GLN A 55 -79.43 -77.87 102.98
CA GLN A 55 -79.25 -76.57 103.61
C GLN A 55 -77.92 -76.53 104.37
N GLU A 56 -77.59 -75.35 104.87
CA GLU A 56 -76.36 -75.16 105.61
C GLU A 56 -76.63 -74.41 106.91
N GLN A 57 -75.55 -74.12 107.62
CA GLN A 57 -75.66 -73.39 108.87
C GLN A 57 -74.47 -72.43 109.03
N ILE A 58 -74.53 -71.65 110.10
CA ILE A 58 -73.49 -70.67 110.38
C ILE A 58 -73.59 -70.22 111.84
N LEU A 59 -72.53 -70.49 112.59
CA LEU A 59 -72.50 -70.11 113.98
C LEU A 59 -71.47 -68.99 114.18
N SER A 60 -71.87 -68.00 114.98
CA SER A 60 -71.01 -66.87 115.25
C SER A 60 -71.43 -66.19 116.56
N LEU A 61 -70.44 -65.66 117.26
CA LEU A 61 -70.70 -64.98 118.52
C LEU A 61 -69.40 -64.33 119.01
N PHE A 62 -69.56 -63.42 119.96
CA PHE A 62 -68.43 -62.71 120.53
C PHE A 62 -68.84 -61.91 121.76
N GLU A 63 -67.83 -61.37 122.43
CA GLU A 63 -68.07 -60.58 123.63
C GLU A 63 -66.75 -59.98 124.14
N ASP A 64 -66.88 -59.19 125.19
CA ASP A 64 -65.71 -58.54 125.79
C ASP A 64 -66.07 -58.07 127.19
N THR A 65 -65.03 -57.93 128.01
CA THR A 65 -65.22 -57.48 129.38
C THR A 65 -63.96 -56.79 129.90
N PHE A 66 -64.15 -55.66 130.55
CA PHE A 66 -63.04 -54.90 131.08
C PHE A 66 -63.18 -54.73 132.61
N VAL A 67 -62.21 -54.03 133.19
CA VAL A 67 -62.21 -53.78 134.61
C VAL A 67 -61.29 -52.60 134.93
N PRO A 68 -61.89 -51.56 135.55
CA PRO A 68 -61.13 -50.37 135.91
C PRO A 68 -60.24 -50.64 137.13
N GLU A 69 -59.73 -49.55 137.70
CA GLU A 69 -58.86 -49.66 138.87
C GLU A 69 -58.50 -48.26 139.37
N ILE A 70 -58.09 -48.21 140.64
CA ILE A 70 -57.70 -46.96 141.26
C ILE A 70 -57.09 -47.24 142.62
N SER A 71 -56.24 -46.31 143.05
CA SER A 71 -55.58 -46.44 144.34
C SER A 71 -56.59 -46.25 145.47
N VAL A 72 -56.60 -47.22 146.38
CA VAL A 72 -57.51 -47.17 147.51
C VAL A 72 -56.72 -47.37 148.80
N THR A 73 -56.89 -46.41 149.71
CA THR A 73 -56.20 -46.47 150.99
C THR A 73 -54.69 -46.41 150.78
N THR A 74 -54.01 -45.74 151.71
CA THR A 74 -52.57 -45.60 151.64
C THR A 74 -52.03 -44.98 152.92
N PRO A 75 -52.02 -45.81 154.01
CA PRO A 75 -51.54 -45.36 155.30
C PRO A 75 -50.01 -45.28 155.31
N SER A 76 -49.49 -44.79 156.42
CA SER A 76 -48.05 -44.66 156.58
C SER A 76 -47.73 -43.71 157.74
N GLN A 77 -48.32 -44.03 158.89
CA GLN A 77 -48.10 -43.22 160.08
C GLN A 77 -46.68 -43.41 160.60
N PRO A 78 -46.27 -44.70 160.73
CA PRO A 78 -44.94 -45.03 161.21
C PRO A 78 -43.89 -44.77 160.12
N ALA A 79 -42.63 -44.86 160.53
CA ALA A 79 -41.53 -44.64 159.61
C ALA A 79 -40.21 -44.94 160.32
N GLU A 80 -39.91 -44.10 161.30
CA GLU A 80 -38.67 -44.27 162.07
C GLU A 80 -38.97 -44.88 163.43
N ALA A 81 -37.92 -45.33 164.09
CA ALA A 81 -38.06 -45.93 165.40
C ALA A 81 -36.67 -46.22 165.98
N SER A 82 -36.63 -46.42 167.29
CA SER A 82 -35.38 -46.71 167.96
C SER A 82 -35.45 -48.09 168.63
N GLU A 83 -34.28 -48.67 168.83
CA GLU A 83 -34.19 -49.98 169.45
C GLU A 83 -32.73 -50.42 169.56
N VAL A 84 -32.05 -50.40 168.41
CA VAL A 84 -30.66 -50.79 168.37
C VAL A 84 -30.42 -51.96 169.32
N ALA A 85 -31.24 -52.99 169.17
CA ALA A 85 -31.14 -54.16 170.03
C ALA A 85 -30.79 -55.37 169.16
N GLY A 86 -29.99 -56.27 169.74
CA GLY A 86 -29.58 -57.47 169.03
C GLY A 86 -29.73 -58.69 169.93
N GLY A 87 -29.22 -59.82 169.42
CA GLY A 87 -29.29 -61.06 170.16
C GLY A 87 -30.09 -62.12 169.39
N THR A 88 -29.60 -63.35 169.46
CA THR A 88 -30.26 -64.45 168.78
C THR A 88 -30.07 -65.75 169.55
N GLN A 89 -28.81 -66.05 169.85
CA GLN A 89 -28.48 -67.25 170.57
C GLN A 89 -27.62 -66.91 171.80
N PRO A 90 -27.91 -67.62 172.93
CA PRO A 90 -27.18 -67.39 174.16
C PRO A 90 -25.79 -68.03 174.09
N ALA A 91 -25.77 -69.31 173.77
CA ALA A 91 -24.52 -70.05 173.67
C ALA A 91 -24.66 -71.11 172.58
N ALA A 92 -23.57 -71.85 172.39
CA ALA A 92 -23.55 -72.90 171.37
C ALA A 92 -22.44 -73.90 171.71
N GLY A 93 -22.39 -74.96 170.93
CA GLY A 93 -21.39 -75.99 171.14
C GLY A 93 -21.89 -77.35 170.63
N ALA A 94 -21.27 -77.81 169.55
CA ALA A 94 -21.64 -79.09 168.97
C ALA A 94 -20.65 -79.44 167.86
N GLN A 95 -20.55 -80.74 167.59
CA GLN A 95 -19.64 -81.21 166.57
C GLN A 95 -20.14 -82.55 166.00
N GLU A 96 -20.08 -82.65 164.68
CA GLU A 96 -20.52 -83.87 164.01
C GLU A 96 -20.26 -83.77 162.51
N PRO A 97 -19.67 -84.86 161.95
CA PRO A 97 -19.36 -84.89 160.54
C PRO A 97 -20.63 -85.12 159.70
N GLY A 98 -21.31 -86.21 160.01
CA GLY A 98 -22.53 -86.56 159.31
C GLY A 98 -22.31 -87.76 158.38
N GLU A 99 -23.34 -88.06 157.61
CA GLU A 99 -23.28 -89.18 156.69
C GLU A 99 -24.00 -88.82 155.38
N THR A 100 -23.79 -89.66 154.38
CA THR A 100 -24.41 -89.45 153.08
C THR A 100 -25.19 -90.70 152.64
N ALA A 101 -26.45 -90.49 152.31
CA ALA A 101 -27.30 -91.58 151.88
C ALA A 101 -26.74 -92.19 150.59
N ALA A 102 -26.76 -91.39 149.54
CA ALA A 102 -26.26 -91.83 148.25
C ALA A 102 -27.06 -93.05 147.78
N SER A 103 -26.66 -93.58 146.64
CA SER A 103 -27.34 -94.74 146.07
C SER A 103 -28.80 -94.40 145.77
N GLU A 104 -29.11 -94.38 144.48
CA GLU A 104 -30.47 -94.07 144.05
C GLU A 104 -30.64 -94.39 142.57
N ALA A 105 -31.86 -94.76 142.20
CA ALA A 105 -32.17 -95.09 140.82
C ALA A 105 -33.67 -95.30 140.68
N ALA A 106 -34.10 -95.45 139.43
CA ALA A 106 -35.51 -95.66 139.15
C ALA A 106 -35.67 -96.10 137.68
N SER A 107 -36.90 -96.37 137.31
CA SER A 107 -37.20 -96.80 135.96
C SER A 107 -38.71 -96.70 135.70
N SER A 108 -39.05 -95.89 134.70
CA SER A 108 -40.45 -95.70 134.34
C SER A 108 -40.54 -94.90 133.03
N SER A 109 -40.90 -95.61 131.97
CA SER A 109 -41.03 -94.99 130.67
C SER A 109 -41.47 -96.03 129.63
N LEU A 110 -41.97 -95.53 128.51
CA LEU A 110 -42.42 -96.39 127.44
C LEU A 110 -41.70 -96.03 126.14
N PRO A 111 -41.77 -96.96 125.15
CA PRO A 111 -41.14 -96.75 123.88
C PRO A 111 -41.92 -95.73 123.03
N ALA A 112 -42.97 -96.23 122.38
CA ALA A 112 -43.81 -95.39 121.55
C ALA A 112 -43.13 -95.19 120.19
N VAL A 113 -43.75 -95.76 119.17
CA VAL A 113 -43.22 -95.66 117.82
C VAL A 113 -44.38 -95.67 116.82
N VAL A 114 -44.11 -95.15 115.63
CA VAL A 114 -45.11 -95.10 114.59
C VAL A 114 -44.42 -95.04 113.23
N VAL A 115 -44.74 -96.02 112.39
CA VAL A 115 -44.15 -96.10 111.07
C VAL A 115 -44.90 -95.14 110.14
N GLU A 116 -44.14 -94.53 109.23
CA GLU A 116 -44.72 -93.60 108.28
C GLU A 116 -44.61 -94.15 106.85
N THR A 117 -45.20 -93.43 105.92
CA THR A 117 -45.18 -93.83 104.53
C THR A 117 -44.76 -92.66 103.64
N PHE A 118 -44.36 -92.98 102.42
CA PHE A 118 -43.95 -91.97 101.47
C PHE A 118 -45.05 -91.72 100.44
N PRO A 119 -45.33 -90.40 100.23
CA PRO A 119 -46.36 -90.00 99.28
C PRO A 119 -45.86 -90.15 97.84
N ALA A 120 -46.61 -89.55 96.92
CA ALA A 120 -46.24 -89.59 95.52
C ALA A 120 -45.90 -88.19 95.03
N THR A 121 -45.58 -88.10 93.75
CA THR A 121 -45.23 -86.83 93.15
C THR A 121 -45.90 -86.68 91.77
N VAL A 122 -46.93 -85.85 91.74
CA VAL A 122 -47.65 -85.61 90.50
C VAL A 122 -47.61 -84.12 90.17
N ASN A 123 -47.31 -83.84 88.91
CA ASN A 123 -47.23 -82.46 88.45
C ASN A 123 -48.63 -81.98 88.07
N GLY A 124 -49.33 -82.82 87.32
CA GLY A 124 -50.67 -82.49 86.89
C GLY A 124 -50.72 -81.09 86.26
N THR A 125 -51.92 -80.55 86.21
CA THR A 125 -52.12 -79.23 85.65
C THR A 125 -52.72 -78.28 86.70
N VAL A 126 -52.42 -77.00 86.54
CA VAL A 126 -52.91 -75.99 87.46
C VAL A 126 -52.59 -74.60 86.91
N GLU A 127 -53.64 -73.86 86.60
CA GLU A 127 -53.48 -72.52 86.07
C GLU A 127 -52.74 -71.64 87.08
N GLY A 128 -51.86 -70.80 86.54
CA GLY A 128 -51.07 -69.91 87.37
C GLY A 128 -51.80 -68.57 87.58
N GLY A 129 -52.94 -68.65 88.24
CA GLY A 129 -53.74 -67.46 88.51
C GLY A 129 -53.97 -66.66 87.24
N SER A 130 -54.50 -65.46 87.41
CA SER A 130 -54.77 -64.59 86.28
C SER A 130 -55.83 -65.22 85.37
N GLY A 131 -56.91 -64.48 85.18
CA GLY A 131 -58.00 -64.96 84.33
C GLY A 131 -59.03 -63.86 84.09
N ALA A 132 -59.82 -64.05 83.04
CA ALA A 132 -60.84 -63.08 82.69
C ALA A 132 -62.20 -63.60 83.18
N GLY A 133 -62.51 -63.26 84.42
CA GLY A 133 -63.77 -63.67 85.02
C GLY A 133 -64.48 -62.50 85.70
N ARG A 134 -65.73 -62.74 86.07
CA ARG A 134 -66.52 -61.70 86.73
C ARG A 134 -66.09 -61.55 88.18
N LEU A 135 -66.78 -60.67 88.88
CA LEU A 135 -66.48 -60.41 90.28
C LEU A 135 -67.72 -60.75 91.14
N ASP A 136 -68.87 -60.38 90.61
CA ASP A 136 -70.13 -60.63 91.31
C ASP A 136 -70.87 -61.77 90.61
N LEU A 137 -71.70 -62.47 91.40
CA LEU A 137 -72.46 -63.58 90.86
C LEU A 137 -73.80 -63.05 90.32
N PRO A 138 -74.43 -63.89 89.45
CA PRO A 138 -75.70 -63.52 88.84
C PRO A 138 -76.84 -63.65 89.85
N PRO A 139 -77.75 -62.64 89.81
CA PRO A 139 -78.90 -62.63 90.72
C PRO A 139 -79.95 -63.66 90.28
N GLY A 140 -80.40 -64.44 91.25
CA GLY A 140 -81.40 -65.46 90.98
C GLY A 140 -80.74 -66.82 90.72
N PHE A 141 -79.46 -66.77 90.39
CA PHE A 141 -78.72 -67.98 90.11
C PHE A 141 -79.14 -69.11 91.06
N MET A 142 -78.93 -70.34 90.59
CA MET A 142 -79.30 -71.50 91.37
C MET A 142 -78.06 -72.32 91.74
N PHE A 143 -77.46 -72.93 90.74
CA PHE A 143 -76.28 -73.74 90.95
C PHE A 143 -75.55 -74.01 89.63
N LYS A 144 -74.42 -74.69 89.73
CA LYS A 144 -73.63 -75.00 88.56
C LYS A 144 -73.97 -76.42 88.09
N VAL A 145 -74.07 -76.57 86.78
CA VAL A 145 -74.39 -77.85 86.19
C VAL A 145 -73.26 -78.29 85.27
N GLN A 146 -73.30 -79.56 84.89
CA GLN A 146 -72.28 -80.11 84.01
C GLN A 146 -72.92 -80.95 82.90
N ALA A 147 -72.61 -80.58 81.67
CA ALA A 147 -73.14 -81.29 80.52
C ALA A 147 -72.55 -82.70 80.46
N GLN A 148 -73.31 -83.60 79.87
CA GLN A 148 -72.86 -84.98 79.74
C GLN A 148 -72.84 -85.40 78.27
N HIS A 149 -73.26 -84.47 77.41
CA HIS A 149 -73.29 -84.73 75.98
C HIS A 149 -72.95 -83.44 75.22
N ASP A 150 -72.75 -83.59 73.92
CA ASP A 150 -72.41 -82.47 73.08
C ASP A 150 -73.59 -82.17 72.14
N TYR A 151 -74.31 -81.12 72.49
CA TYR A 151 -75.46 -80.71 71.69
C TYR A 151 -75.23 -79.34 71.05
N THR A 152 -75.35 -79.31 69.73
CA THR A 152 -75.17 -78.07 68.99
C THR A 152 -76.48 -77.29 68.91
N ALA A 153 -76.49 -76.13 69.54
CA ALA A 153 -77.67 -75.28 69.54
C ALA A 153 -77.39 -74.02 68.73
N THR A 154 -78.15 -73.87 67.65
CA THR A 154 -77.99 -72.71 66.79
C THR A 154 -79.30 -71.92 66.71
N ASP A 155 -79.39 -70.93 67.59
CA ASP A 155 -80.59 -70.09 67.64
C ASP A 155 -80.17 -68.65 67.94
N THR A 156 -81.17 -67.77 67.98
CA THR A 156 -80.92 -66.37 68.25
C THR A 156 -80.61 -66.16 69.74
N ASP A 157 -80.89 -67.20 70.52
CA ASP A 157 -80.65 -67.15 71.95
C ASP A 157 -80.57 -68.57 72.50
N GLU A 158 -79.76 -69.39 71.84
CA GLU A 158 -79.59 -70.77 72.26
C GLU A 158 -78.34 -70.91 73.12
N LEU A 159 -78.20 -72.09 73.71
CA LEU A 159 -77.06 -72.36 74.57
C LEU A 159 -76.39 -73.66 74.10
N GLN A 160 -75.17 -73.51 73.60
CA GLN A 160 -74.42 -74.65 73.12
C GLN A 160 -73.77 -75.40 74.30
N LEU A 161 -73.84 -76.72 74.23
CA LEU A 161 -73.28 -77.55 75.29
C LEU A 161 -72.36 -78.60 74.66
N LYS A 162 -71.28 -78.88 75.37
CA LYS A 162 -70.31 -79.85 74.89
C LYS A 162 -70.07 -80.90 75.98
N ALA A 163 -70.25 -82.16 75.60
CA ALA A 163 -70.06 -83.26 76.52
C ALA A 163 -68.94 -82.91 77.51
N GLY A 164 -69.37 -82.54 78.71
CA GLY A 164 -68.42 -82.17 79.76
C GLY A 164 -68.22 -80.65 79.81
N ASP A 165 -69.33 -79.94 79.81
CA ASP A 165 -69.30 -78.50 79.85
C ASP A 165 -69.79 -78.01 81.22
N VAL A 166 -69.59 -76.73 81.46
CA VAL A 166 -70.01 -76.14 82.72
C VAL A 166 -71.04 -75.03 82.45
N VAL A 167 -72.21 -75.20 83.04
CA VAL A 167 -73.28 -74.23 82.86
C VAL A 167 -73.96 -73.99 84.21
N LEU A 168 -74.26 -72.72 84.46
CA LEU A 168 -74.92 -72.34 85.70
C LEU A 168 -76.41 -72.14 85.45
N VAL A 169 -77.20 -72.71 86.34
CA VAL A 169 -78.65 -72.61 86.24
C VAL A 169 -79.11 -71.28 86.83
N ILE A 170 -79.74 -70.47 85.99
CA ILE A 170 -80.23 -69.17 86.42
C ILE A 170 -81.70 -69.04 86.04
N PRO A 171 -82.43 -68.20 86.83
CA PRO A 171 -83.84 -67.97 86.58
C PRO A 171 -84.05 -67.05 85.38
N PHE A 172 -84.68 -67.61 84.36
CA PHE A 172 -84.95 -66.85 83.14
C PHE A 172 -85.80 -65.62 83.44
N GLN A 173 -86.16 -64.91 82.37
CA GLN A 173 -86.97 -63.72 82.50
C GLN A 173 -88.45 -64.10 82.58
N ASN A 174 -88.74 -65.32 82.16
CA ASN A 174 -90.11 -65.81 82.18
C ASN A 174 -90.13 -67.29 81.80
N PRO A 175 -91.09 -68.03 82.38
CA PRO A 175 -91.22 -69.46 82.11
C PRO A 175 -91.84 -69.69 80.72
N GLU A 176 -92.52 -68.67 80.23
CA GLU A 176 -93.15 -68.75 78.93
C GLU A 176 -92.10 -68.76 77.83
N GLU A 177 -90.90 -68.32 78.19
CA GLU A 177 -89.79 -68.27 77.24
C GLU A 177 -88.99 -69.57 77.31
N GLN A 178 -89.21 -70.31 78.38
CA GLN A 178 -88.51 -71.58 78.57
C GLN A 178 -89.25 -72.71 77.87
N ASP A 179 -88.48 -73.62 77.29
CA ASP A 179 -89.06 -74.75 76.58
C ASP A 179 -89.24 -75.91 77.56
N GLU A 180 -89.92 -76.94 77.08
CA GLU A 180 -90.17 -78.12 77.90
C GLU A 180 -88.95 -79.04 77.90
N GLY A 181 -88.33 -79.15 79.05
CA GLY A 181 -87.15 -80.00 79.20
C GLY A 181 -85.86 -79.17 79.11
N TRP A 182 -86.04 -77.90 78.75
CA TRP A 182 -84.92 -77.00 78.63
C TRP A 182 -85.10 -75.86 79.64
N LEU A 183 -83.97 -75.35 80.10
CA LEU A 183 -83.99 -74.26 81.07
C LEU A 183 -82.97 -73.20 80.66
N MET A 184 -83.07 -72.05 81.31
CA MET A 184 -82.17 -70.95 81.02
C MET A 184 -80.91 -71.02 81.90
N GLY A 185 -79.79 -71.28 81.25
CA GLY A 185 -78.52 -71.39 81.94
C GLY A 185 -77.43 -70.61 81.21
N VAL A 186 -76.27 -70.54 81.85
CA VAL A 186 -75.13 -69.84 81.27
C VAL A 186 -73.85 -70.65 81.51
N LYS A 187 -72.97 -70.60 80.52
CA LYS A 187 -71.72 -71.33 80.61
C LYS A 187 -70.78 -70.60 81.57
N GLU A 188 -69.78 -71.34 82.04
CA GLU A 188 -68.81 -70.79 82.95
C GLU A 188 -68.11 -69.57 82.32
N SER A 189 -67.78 -69.73 81.05
CA SER A 189 -67.12 -68.66 80.32
C SER A 189 -68.01 -67.43 80.26
N ASP A 190 -69.26 -67.66 79.90
CA ASP A 190 -70.23 -66.57 79.82
C ASP A 190 -70.33 -65.88 81.18
N TRP A 191 -70.18 -66.67 82.22
CA TRP A 191 -70.25 -66.14 83.57
C TRP A 191 -69.30 -64.95 83.68
N ASN A 192 -68.13 -65.12 83.08
CA ASN A 192 -67.12 -64.07 83.09
C ASN A 192 -67.74 -62.77 82.57
N GLN A 193 -68.76 -62.93 81.75
CA GLN A 193 -69.45 -61.79 81.17
C GLN A 193 -70.64 -61.39 82.05
N HIS A 194 -70.61 -61.85 83.29
CA HIS A 194 -71.67 -61.54 84.24
C HIS A 194 -72.02 -60.06 84.15
N LYS A 195 -71.07 -59.29 83.64
CA LYS A 195 -71.27 -57.85 83.50
C LYS A 195 -72.50 -57.60 82.63
N LYS A 196 -72.75 -58.52 81.72
CA LYS A 196 -73.88 -58.41 80.81
C LYS A 196 -74.24 -59.79 80.26
N LEU A 197 -74.40 -60.73 81.18
CA LEU A 197 -74.73 -62.10 80.80
C LEU A 197 -76.18 -62.13 80.27
N GLU A 198 -76.99 -61.23 80.81
CA GLU A 198 -78.38 -61.15 80.40
C GLU A 198 -78.49 -61.00 78.89
N LYS A 199 -77.38 -60.60 78.28
CA LYS A 199 -77.33 -60.41 76.84
C LYS A 199 -76.63 -61.61 76.20
N CYS A 200 -76.34 -62.60 77.03
CA CYS A 200 -75.66 -63.79 76.55
C CYS A 200 -76.45 -65.01 77.04
N ARG A 201 -77.62 -64.73 77.61
CA ARG A 201 -78.47 -65.79 78.11
C ARG A 201 -78.79 -66.80 77.01
N GLY A 202 -79.08 -68.02 77.43
CA GLY A 202 -79.39 -69.09 76.49
C GLY A 202 -80.24 -70.17 77.15
N VAL A 203 -80.58 -71.17 76.36
CA VAL A 203 -81.38 -72.28 76.85
C VAL A 203 -80.67 -73.60 76.56
N PHE A 204 -80.98 -74.60 77.38
CA PHE A 204 -80.37 -75.91 77.21
C PHE A 204 -81.19 -76.98 77.93
N PRO A 205 -81.11 -78.23 77.39
CA PRO A 205 -81.83 -79.35 77.97
C PRO A 205 -81.16 -79.82 79.27
N GLU A 206 -81.92 -79.74 80.35
CA GLU A 206 -81.42 -80.16 81.65
C GLU A 206 -81.24 -81.67 81.69
N ASN A 207 -82.11 -82.37 80.96
CA ASN A 207 -82.07 -83.81 80.91
C ASN A 207 -80.78 -84.25 80.21
N PHE A 208 -80.27 -83.36 79.37
CA PHE A 208 -79.05 -83.63 78.63
C PHE A 208 -77.82 -83.19 79.42
N THR A 209 -78.07 -82.69 80.63
CA THR A 209 -76.99 -82.23 81.49
C THR A 209 -77.13 -82.84 82.88
N GLU A 210 -76.19 -82.48 83.75
CA GLU A 210 -76.20 -82.98 85.11
C GLU A 210 -75.94 -81.84 86.10
N ARG A 211 -76.58 -81.94 87.25
CA ARG A 211 -76.42 -80.93 88.29
C ARG A 211 -75.16 -81.20 89.10
N VAL A 212 -74.43 -80.13 89.37
CA VAL A 212 -73.20 -80.23 90.14
C VAL A 212 -73.42 -79.64 91.53
N PRO A 213 -72.93 -80.37 92.55
CA PRO A 213 -73.06 -79.92 93.93
C PRO A 213 -72.09 -78.78 94.24
#